data_6HK6
#
_entry.id   6HK6
#
_cell.length_a   92.010
_cell.length_b   92.860
_cell.length_c   237.650
_cell.angle_alpha   90.00
_cell.angle_beta   99.10
_cell.angle_gamma   90.00
#
_symmetry.space_group_name_H-M   'P 1 21 1'
#
loop_
_entity.id
_entity.type
_entity.pdbx_description
1 polymer 'Serine/threonine-protein kinase RIO2'
2 non-polymer 2-naphthalen-2-yl-~{N}-pyridin-2-yl-ethanamide
3 non-polymer 'CHLORIDE ION'
4 non-polymer 1,2-ETHANEDIOL
5 non-polymer '4-(2-HYDROXYETHYL)-1-PIPERAZINE ETHANESULFONIC ACID'
6 water water
#
_entity_poly.entity_id   1
_entity_poly.type   'polypeptide(L)'
_entity_poly.pdbx_seq_one_letter_code
;SMGKVNVAKLRYMSRDDFRVLTAVEMGMKNHEIVPGSLIASIASLKHGGCNKVLRELVKHKLIAWERTKTVQGYRLTNAG
YDYLALKTLSSRQVVESVGNQMGVGKESDIYIVANEEGQQFALKLHRLGRTSFRNLKNKRDYHKYRHNVSWLYLSRLSAM
KEFAYMKALYERKFPVPKPIDYNRHAVVMELINGYPLCQIHHVEDPASVYDEAMELIVKLANHGLIHGDFNEFNLILDES
DHITMIDFPQMVSTSHPNAEWYFDRDVKCIKDFFMKRFSYESELFPTFKDIRREDTLDVEVSASGYTKEMQADDELLHPL
GPDDKNIETK
;
_entity_poly.pdbx_strand_id   A,B,C,D,E,F,G,H,I,J
#
# COMPACT_ATOMS: atom_id res chain seq x y z
N GLY A 3 22.47 0.86 2.81
CA GLY A 3 22.88 1.25 1.44
C GLY A 3 22.29 2.60 1.01
N LYS A 4 22.86 3.17 -0.05
CA LYS A 4 22.44 4.48 -0.65
C LYS A 4 21.68 4.19 -1.96
N VAL A 5 21.42 5.22 -2.77
CA VAL A 5 20.61 5.11 -4.02
C VAL A 5 21.40 4.29 -5.05
N ASN A 6 20.71 3.41 -5.78
CA ASN A 6 21.29 2.59 -6.88
C ASN A 6 21.60 3.51 -8.06
N VAL A 7 22.76 3.27 -8.68
CA VAL A 7 23.25 4.02 -9.89
C VAL A 7 23.74 2.98 -10.90
N ALA A 8 23.48 3.20 -12.18
CA ALA A 8 23.88 2.35 -13.32
C ALA A 8 24.95 3.08 -14.16
N LYS A 9 26.06 2.41 -14.47
CA LYS A 9 27.11 2.88 -15.42
C LYS A 9 26.43 3.23 -16.75
N LEU A 10 26.90 4.26 -17.45
CA LEU A 10 26.36 4.66 -18.78
C LEU A 10 26.65 3.55 -19.79
N ARG A 11 25.74 3.26 -20.71
CA ARG A 11 25.95 2.36 -21.90
C ARG A 11 27.26 2.79 -22.59
N TYR A 12 28.11 1.85 -22.97
CA TYR A 12 29.32 2.05 -23.80
C TYR A 12 28.94 2.69 -25.14
N MET A 13 29.76 3.64 -25.59
CA MET A 13 29.61 4.33 -26.89
C MET A 13 30.92 4.35 -27.70
N SER A 14 30.77 3.72 -28.85
CA SER A 14 31.81 3.55 -29.89
C SER A 14 31.98 4.91 -30.56
N ARG A 15 33.11 5.13 -31.26
CA ARG A 15 33.34 6.37 -32.04
C ARG A 15 32.26 6.47 -33.12
N ASP A 16 31.89 5.33 -33.72
CA ASP A 16 30.81 5.21 -34.74
C ASP A 16 29.49 5.75 -34.19
N ASP A 17 29.03 5.18 -33.07
CA ASP A 17 27.75 5.59 -32.40
C ASP A 17 27.81 7.09 -32.12
N PHE A 18 28.93 7.59 -31.57
CA PHE A 18 29.10 9.01 -31.19
C PHE A 18 29.06 9.90 -32.45
N ARG A 19 29.64 9.42 -33.55
CA ARG A 19 29.70 10.20 -34.81
C ARG A 19 28.29 10.34 -35.39
N VAL A 20 27.54 9.22 -35.43
CA VAL A 20 26.18 9.19 -36.06
C VAL A 20 25.25 10.01 -35.19
N LEU A 21 25.43 9.86 -33.88
CA LEU A 21 24.58 10.52 -32.87
C LEU A 21 24.77 12.04 -32.92
N THR A 22 26.01 12.45 -33.07
CA THR A 22 26.49 13.85 -33.24
C THR A 22 25.97 14.36 -34.58
N ALA A 23 26.02 13.55 -35.63
CA ALA A 23 25.53 13.92 -36.97
C ALA A 23 24.05 14.25 -36.89
N VAL A 24 23.27 13.44 -36.18
CA VAL A 24 21.81 13.67 -36.03
C VAL A 24 21.61 15.01 -35.32
N GLU A 25 22.35 15.25 -34.25
CA GLU A 25 22.33 16.53 -33.47
C GLU A 25 22.63 17.70 -34.42
N MET A 26 23.73 17.65 -35.16
CA MET A 26 24.10 18.74 -36.11
C MET A 26 22.98 18.93 -37.13
N GLY A 27 22.48 17.82 -37.69
CA GLY A 27 21.41 17.83 -38.71
C GLY A 27 20.20 18.59 -38.22
N MET A 28 19.92 18.58 -36.93
CA MET A 28 18.68 19.17 -36.36
C MET A 28 18.81 20.71 -36.25
N LYS A 29 19.97 21.31 -36.49
CA LYS A 29 20.10 22.79 -36.62
C LYS A 29 19.19 23.28 -37.77
N ASN A 30 19.06 22.49 -38.85
CA ASN A 30 18.42 22.91 -40.12
C ASN A 30 17.25 22.02 -40.54
N HIS A 31 16.94 20.95 -39.80
CA HIS A 31 15.90 19.96 -40.19
C HIS A 31 15.20 19.43 -38.94
N GLU A 32 13.87 19.40 -38.95
CA GLU A 32 13.07 18.82 -37.83
C GLU A 32 13.27 17.29 -37.88
N ILE A 33 13.31 16.72 -39.08
CA ILE A 33 13.63 15.29 -39.36
C ILE A 33 14.83 15.26 -40.31
N VAL A 34 15.92 14.62 -39.86
CA VAL A 34 17.23 14.62 -40.57
C VAL A 34 17.25 13.43 -41.53
N PRO A 35 17.35 13.66 -42.86
CA PRO A 35 17.40 12.57 -43.83
C PRO A 35 18.61 11.67 -43.57
N GLY A 36 18.46 10.37 -43.84
CA GLY A 36 19.52 9.36 -43.62
C GLY A 36 20.76 9.64 -44.44
N SER A 37 20.60 10.22 -45.63
CA SER A 37 21.72 10.60 -46.55
C SER A 37 22.55 11.72 -45.91
N LEU A 38 21.89 12.71 -45.31
CA LEU A 38 22.57 13.87 -44.67
C LEU A 38 23.35 13.36 -43.46
N ILE A 39 22.75 12.46 -42.66
CA ILE A 39 23.40 11.86 -41.45
C ILE A 39 24.66 11.12 -41.90
N ALA A 40 24.58 10.35 -42.97
CA ALA A 40 25.69 9.53 -43.49
C ALA A 40 26.86 10.41 -43.91
N SER A 41 26.57 11.53 -44.60
CA SER A 41 27.62 12.44 -45.14
C SER A 41 28.24 13.26 -44.01
N ILE A 42 27.44 13.64 -42.99
CA ILE A 42 27.96 14.40 -41.82
C ILE A 42 28.78 13.46 -40.93
N ALA A 43 28.30 12.25 -40.69
CA ALA A 43 28.95 11.24 -39.81
C ALA A 43 30.21 10.74 -40.49
N SER A 44 30.18 10.57 -41.82
CA SER A 44 31.25 10.04 -42.69
C SER A 44 32.04 8.95 -41.94
N LEU A 45 31.40 7.80 -41.75
CA LEU A 45 32.02 6.62 -41.11
C LEU A 45 33.05 6.04 -42.09
N LYS A 46 34.13 5.48 -41.54
CA LYS A 46 35.23 4.86 -42.33
C LYS A 46 34.66 3.72 -43.18
N HIS A 47 33.72 2.93 -42.66
CA HIS A 47 33.18 1.70 -43.30
C HIS A 47 31.82 1.94 -43.98
N GLY A 48 31.12 3.03 -43.64
CA GLY A 48 29.83 3.39 -44.27
C GLY A 48 28.78 2.27 -44.15
N GLY A 49 28.62 1.71 -42.97
CA GLY A 49 27.44 0.96 -42.49
C GLY A 49 26.67 1.86 -41.54
N CYS A 50 26.42 3.10 -41.98
CA CYS A 50 25.73 4.16 -41.22
C CYS A 50 24.29 3.74 -40.88
N ASN A 51 23.61 3.06 -41.80
CA ASN A 51 22.19 2.63 -41.63
C ASN A 51 22.11 1.58 -40.52
N LYS A 52 23.05 0.63 -40.45
CA LYS A 52 23.14 -0.40 -39.39
C LYS A 52 23.24 0.32 -38.03
N VAL A 53 24.16 1.30 -37.91
CA VAL A 53 24.41 2.07 -36.66
C VAL A 53 23.14 2.82 -36.25
N LEU A 54 22.41 3.41 -37.22
CA LEU A 54 21.16 4.17 -36.95
C LEU A 54 20.09 3.22 -36.39
N ARG A 55 19.88 2.07 -37.01
CA ARG A 55 18.91 1.04 -36.54
C ARG A 55 19.25 0.65 -35.11
N GLU A 56 20.53 0.51 -34.78
CA GLU A 56 21.02 0.15 -33.42
C GLU A 56 20.72 1.27 -32.42
N LEU A 57 20.82 2.53 -32.86
CA LEU A 57 20.52 3.72 -32.01
C LEU A 57 19.01 3.84 -31.80
N VAL A 58 18.19 3.46 -32.77
CA VAL A 58 16.70 3.36 -32.62
C VAL A 58 16.39 2.31 -31.55
N LYS A 59 16.98 1.12 -31.66
CA LYS A 59 16.79 -0.03 -30.73
C LYS A 59 17.10 0.42 -29.29
N HIS A 60 18.08 1.27 -29.08
CA HIS A 60 18.49 1.77 -27.74
C HIS A 60 17.77 3.08 -27.38
N LYS A 61 16.84 3.54 -28.24
CA LYS A 61 15.88 4.64 -27.93
C LYS A 61 16.59 6.01 -27.94
N LEU A 62 17.74 6.11 -28.59
CA LEU A 62 18.58 7.34 -28.58
C LEU A 62 18.18 8.26 -29.74
N ILE A 63 17.63 7.69 -30.80
CA ILE A 63 17.01 8.43 -31.94
C ILE A 63 15.69 7.76 -32.29
N ALA A 64 14.83 8.44 -33.03
CA ALA A 64 13.50 7.94 -33.44
C ALA A 64 13.35 8.19 -34.94
N TRP A 65 12.66 7.27 -35.61
CA TRP A 65 12.27 7.38 -37.03
C TRP A 65 10.94 8.14 -37.13
N GLU A 66 10.80 9.00 -38.15
CA GLU A 66 9.54 9.71 -38.48
C GLU A 66 9.43 9.86 -40.00
N ARG A 67 8.20 9.82 -40.54
CA ARG A 67 7.82 10.11 -41.95
C ARG A 67 6.68 11.14 -41.96
N THR A 68 6.87 12.28 -42.64
CA THR A 68 5.79 13.25 -43.02
C THR A 68 5.37 12.98 -44.47
N LYS A 69 4.65 13.92 -45.09
CA LYS A 69 4.35 13.90 -46.55
C LYS A 69 5.58 14.50 -47.25
N THR A 70 6.50 13.68 -47.75
CA THR A 70 7.63 14.09 -48.64
C THR A 70 8.89 14.51 -47.84
N VAL A 71 9.00 14.13 -46.55
CA VAL A 71 10.31 13.95 -45.85
C VAL A 71 10.21 12.77 -44.87
N GLN A 72 11.28 11.97 -44.76
CA GLN A 72 11.35 10.83 -43.81
C GLN A 72 12.81 10.55 -43.42
N GLY A 73 13.07 10.39 -42.12
CA GLY A 73 14.41 10.25 -41.54
C GLY A 73 14.35 10.17 -40.02
N TYR A 74 15.32 10.82 -39.33
CA TYR A 74 15.61 10.56 -37.90
C TYR A 74 15.68 11.86 -37.13
N ARG A 75 15.46 11.78 -35.82
CA ARG A 75 15.61 12.89 -34.86
C ARG A 75 16.15 12.32 -33.54
N LEU A 76 16.88 13.15 -32.79
CA LEU A 76 17.37 12.86 -31.44
C LEU A 76 16.13 12.72 -30.55
N THR A 77 16.12 11.75 -29.63
CA THR A 77 15.11 11.63 -28.56
C THR A 77 15.64 12.35 -27.33
N ASN A 78 14.81 12.53 -26.32
CA ASN A 78 15.24 13.09 -25.02
C ASN A 78 16.35 12.18 -24.50
N ALA A 79 16.21 10.86 -24.58
CA ALA A 79 17.20 9.88 -24.08
C ALA A 79 18.53 10.06 -24.84
N GLY A 80 18.48 10.36 -26.15
CA GLY A 80 19.67 10.61 -27.00
C GLY A 80 20.43 11.83 -26.58
N TYR A 81 19.72 12.93 -26.39
CA TYR A 81 20.29 14.22 -25.93
C TYR A 81 20.90 14.00 -24.54
N ASP A 82 20.14 13.39 -23.63
CA ASP A 82 20.62 13.03 -22.26
C ASP A 82 21.95 12.28 -22.37
N TYR A 83 22.01 11.28 -23.24
CA TYR A 83 23.19 10.39 -23.39
C TYR A 83 24.39 11.19 -23.88
N LEU A 84 24.21 12.05 -24.89
CA LEU A 84 25.31 12.91 -25.40
C LEU A 84 25.90 13.72 -24.26
N ALA A 85 25.05 14.38 -23.47
CA ALA A 85 25.45 15.25 -22.34
C ALA A 85 26.20 14.41 -21.30
N LEU A 86 25.64 13.27 -20.91
CA LEU A 86 26.18 12.42 -19.81
C LEU A 86 27.48 11.75 -20.26
N LYS A 87 27.58 11.31 -21.52
CA LYS A 87 28.83 10.71 -22.07
C LYS A 87 29.93 11.78 -22.08
N THR A 88 29.60 13.02 -22.47
CA THR A 88 30.55 14.16 -22.48
C THR A 88 31.06 14.39 -21.04
N LEU A 89 30.15 14.48 -20.07
CA LEU A 89 30.49 14.66 -18.64
C LEU A 89 31.31 13.47 -18.13
N SER A 90 31.01 12.27 -18.64
CA SER A 90 31.73 11.02 -18.27
C SER A 90 33.19 11.11 -18.72
N SER A 91 33.46 11.62 -19.92
CA SER A 91 34.83 11.73 -20.47
C SER A 91 35.62 12.79 -19.68
N ARG A 92 34.97 13.69 -18.94
CA ARG A 92 35.66 14.68 -18.06
C ARG A 92 35.74 14.16 -16.63
N GLN A 93 35.38 12.90 -16.37
CA GLN A 93 35.41 12.23 -15.04
C GLN A 93 34.47 12.91 -14.03
N VAL A 94 33.43 13.57 -14.50
CA VAL A 94 32.41 14.24 -13.63
C VAL A 94 31.33 13.23 -13.24
N VAL A 95 30.90 12.39 -14.17
CA VAL A 95 29.80 11.40 -13.98
C VAL A 95 30.27 10.05 -14.50
N GLU A 96 30.07 8.97 -13.74
CA GLU A 96 30.28 7.59 -14.22
C GLU A 96 28.91 6.87 -14.28
N SER A 97 28.02 7.13 -13.31
CA SER A 97 26.79 6.36 -13.08
C SER A 97 25.60 7.30 -12.82
N VAL A 98 24.42 6.87 -13.25
CA VAL A 98 23.15 7.65 -13.13
C VAL A 98 22.11 6.84 -12.35
N GLY A 99 21.50 7.47 -11.34
CA GLY A 99 20.41 6.91 -10.54
C GLY A 99 19.06 7.34 -11.10
N ASN A 100 18.01 7.10 -10.34
CA ASN A 100 16.61 7.39 -10.72
C ASN A 100 16.32 8.86 -10.45
N GLN A 101 15.34 9.42 -11.17
CA GLN A 101 14.81 10.77 -10.92
C GLN A 101 14.38 10.83 -9.47
N MET A 102 14.73 11.90 -8.76
CA MET A 102 14.30 12.06 -7.36
C MET A 102 13.85 13.51 -7.08
N GLY A 103 13.55 14.29 -8.12
CA GLY A 103 12.91 15.60 -7.99
C GLY A 103 12.69 16.27 -9.33
N VAL A 104 12.07 17.45 -9.32
CA VAL A 104 11.83 18.32 -10.50
C VAL A 104 12.14 19.77 -10.12
N GLY A 105 12.66 20.55 -11.06
CA GLY A 105 12.56 22.02 -11.05
C GLY A 105 11.34 22.43 -11.84
N LYS A 106 11.16 23.71 -12.10
CA LYS A 106 10.01 24.19 -12.90
C LYS A 106 10.09 23.60 -14.32
N GLU A 107 11.29 23.47 -14.88
CA GLU A 107 11.53 23.08 -16.30
C GLU A 107 12.70 22.10 -16.39
N SER A 108 12.93 21.29 -15.36
CA SER A 108 14.09 20.38 -15.27
C SER A 108 13.74 19.13 -14.46
N ASP A 109 14.43 18.04 -14.75
CA ASP A 109 14.35 16.76 -14.02
C ASP A 109 15.64 16.61 -13.23
N ILE A 110 15.54 16.15 -11.99
CA ILE A 110 16.68 16.06 -11.03
C ILE A 110 16.94 14.59 -10.76
N TYR A 111 18.20 14.17 -10.91
CA TYR A 111 18.65 12.77 -10.72
C TYR A 111 19.85 12.78 -9.79
N ILE A 112 20.09 11.68 -9.10
CA ILE A 112 21.37 11.43 -8.40
C ILE A 112 22.31 10.75 -9.39
N VAL A 113 23.56 11.20 -9.43
CA VAL A 113 24.67 10.60 -10.23
C VAL A 113 25.83 10.35 -9.28
N ALA A 114 26.79 9.55 -9.71
CA ALA A 114 28.02 9.24 -8.94
C ALA A 114 29.22 9.30 -9.89
N ASN A 115 30.38 9.71 -9.38
CA ASN A 115 31.68 9.65 -10.09
C ASN A 115 32.24 8.23 -9.91
N GLU A 116 33.45 7.99 -10.40
CA GLU A 116 34.09 6.64 -10.40
C GLU A 116 34.31 6.16 -8.96
N GLU A 117 34.54 7.07 -8.02
CA GLU A 117 34.83 6.76 -6.58
C GLU A 117 33.52 6.50 -5.81
N GLY A 118 32.36 6.74 -6.43
CA GLY A 118 31.04 6.46 -5.82
C GLY A 118 30.52 7.62 -4.99
N GLN A 119 31.15 8.80 -5.05
CA GLN A 119 30.62 10.06 -4.44
C GLN A 119 29.39 10.51 -5.23
N GLN A 120 28.31 10.84 -4.53
CA GLN A 120 27.01 11.20 -5.14
C GLN A 120 26.97 12.71 -5.39
N PHE A 121 26.32 13.10 -6.48
CA PHE A 121 26.08 14.51 -6.87
C PHE A 121 24.66 14.62 -7.39
N ALA A 122 24.18 15.83 -7.57
CA ALA A 122 22.87 16.10 -8.21
C ALA A 122 23.10 16.42 -9.68
N LEU A 123 22.25 15.87 -10.54
CA LEU A 123 22.20 16.19 -11.98
C LEU A 123 20.85 16.84 -12.27
N LYS A 124 20.85 17.97 -12.95
CA LYS A 124 19.63 18.60 -13.50
C LYS A 124 19.70 18.54 -15.02
N LEU A 125 18.68 17.94 -15.63
CA LEU A 125 18.48 17.90 -17.10
C LEU A 125 17.37 18.88 -17.43
N HIS A 126 17.68 19.94 -18.16
CA HIS A 126 16.74 21.03 -18.53
C HIS A 126 15.91 20.54 -19.74
N ARG A 127 14.59 20.73 -19.68
CA ARG A 127 13.60 20.27 -20.68
C ARG A 127 12.70 21.44 -21.07
N LEU A 128 13.10 22.24 -22.03
CA LEU A 128 12.29 23.37 -22.55
C LEU A 128 11.82 23.03 -23.96
N GLY A 129 10.97 23.87 -24.55
CA GLY A 129 10.43 23.67 -25.90
C GLY A 129 9.53 22.45 -25.98
N ARG A 130 8.81 22.13 -24.91
CA ARG A 130 7.93 20.93 -24.84
C ARG A 130 6.72 21.13 -25.74
N THR A 131 6.18 22.34 -25.82
CA THR A 131 4.96 22.67 -26.59
C THR A 131 5.30 22.69 -28.09
N SER A 132 4.44 22.11 -28.89
CA SER A 132 4.51 22.02 -30.36
C SER A 132 3.57 23.06 -30.97
N PHE A 133 3.99 23.79 -32.00
CA PHE A 133 3.21 24.87 -32.65
C PHE A 133 2.89 24.48 -34.09
N ARG A 134 1.61 24.39 -34.45
CA ARG A 134 1.15 23.78 -35.74
C ARG A 134 0.07 24.64 -36.42
N ASN A 135 -0.32 25.80 -35.87
CA ASN A 135 -1.48 26.60 -36.35
C ASN A 135 -1.01 27.78 -37.22
N LEU A 136 0.22 27.76 -37.75
CA LEU A 136 0.88 28.91 -38.43
C LEU A 136 0.73 28.75 -39.95
N HIS A 147 12.09 24.36 -36.88
CA HIS A 147 11.24 25.29 -36.07
C HIS A 147 10.98 24.72 -34.68
N ASN A 148 10.40 23.49 -34.55
CA ASN A 148 10.13 22.83 -33.24
C ASN A 148 11.34 21.98 -32.80
N VAL A 149 12.55 22.38 -33.18
CA VAL A 149 13.88 21.89 -32.73
C VAL A 149 14.47 22.93 -31.75
N SER A 150 13.62 23.89 -31.36
CA SER A 150 13.94 24.89 -30.32
C SER A 150 14.35 24.18 -29.03
N TRP A 151 13.86 22.95 -28.78
CA TRP A 151 14.09 22.24 -27.49
C TRP A 151 15.57 21.97 -27.25
N LEU A 152 16.35 21.68 -28.27
CA LEU A 152 17.82 21.49 -28.14
C LEU A 152 18.45 22.80 -27.63
N TYR A 153 18.22 23.90 -28.37
CA TYR A 153 18.85 25.22 -28.07
C TYR A 153 18.37 25.76 -26.72
N LEU A 154 17.05 25.82 -26.49
CA LEU A 154 16.46 26.39 -25.26
C LEU A 154 16.96 25.63 -24.03
N SER A 155 17.05 24.30 -24.12
CA SER A 155 17.43 23.44 -22.98
C SER A 155 18.92 23.68 -22.66
N ARG A 156 19.74 23.77 -23.69
CA ARG A 156 21.18 24.07 -23.61
C ARG A 156 21.36 25.43 -22.92
N LEU A 157 20.54 26.41 -23.33
CA LEU A 157 20.61 27.79 -22.81
C LEU A 157 20.20 27.83 -21.33
N SER A 158 19.13 27.15 -20.92
CA SER A 158 18.72 27.07 -19.49
C SER A 158 19.88 26.53 -18.67
N ALA A 159 20.48 25.41 -19.11
CA ALA A 159 21.55 24.74 -18.34
C ALA A 159 22.72 25.70 -18.18
N MET A 160 23.10 26.40 -19.25
CA MET A 160 24.22 27.37 -19.27
C MET A 160 23.93 28.48 -18.25
N LYS A 161 22.71 29.03 -18.27
CA LYS A 161 22.29 30.15 -17.41
C LYS A 161 22.28 29.67 -15.95
N GLU A 162 21.78 28.46 -15.70
CA GLU A 162 21.74 27.90 -14.34
C GLU A 162 23.17 27.76 -13.82
N PHE A 163 24.08 27.20 -14.61
CA PHE A 163 25.48 27.00 -14.18
C PHE A 163 26.11 28.36 -13.84
N ALA A 164 25.92 29.35 -14.72
CA ALA A 164 26.52 30.69 -14.58
C ALA A 164 25.99 31.38 -13.31
N TYR A 165 24.68 31.39 -13.12
CA TYR A 165 24.02 32.01 -11.94
C TYR A 165 24.46 31.26 -10.69
N MET A 166 24.46 29.94 -10.74
CA MET A 166 24.82 29.10 -9.55
C MET A 166 26.26 29.44 -9.14
N LYS A 167 27.16 29.57 -10.10
CA LYS A 167 28.57 29.91 -9.83
C LYS A 167 28.65 31.31 -9.19
N ALA A 168 28.01 32.31 -9.80
CA ALA A 168 28.02 33.72 -9.35
C ALA A 168 27.44 33.80 -7.94
N LEU A 169 26.31 33.13 -7.71
CA LEU A 169 25.62 33.15 -6.40
C LEU A 169 26.48 32.42 -5.36
N TYR A 170 27.06 31.27 -5.72
CA TYR A 170 27.89 30.48 -4.78
C TYR A 170 29.10 31.32 -4.33
N GLU A 171 29.76 32.00 -5.27
CA GLU A 171 30.97 32.82 -4.98
C GLU A 171 30.59 34.02 -4.11
N ARG A 172 29.33 34.47 -4.16
CA ARG A 172 28.82 35.60 -3.34
C ARG A 172 28.16 35.08 -2.07
N LYS A 173 28.42 33.81 -1.70
CA LYS A 173 28.09 33.21 -0.38
C LYS A 173 26.56 33.07 -0.24
N PHE A 174 25.83 32.91 -1.35
CA PHE A 174 24.38 32.56 -1.34
C PHE A 174 24.22 31.08 -1.01
N PRO A 175 23.09 30.67 -0.39
CA PRO A 175 22.85 29.26 -0.07
C PRO A 175 22.33 28.52 -1.30
N VAL A 176 23.26 28.14 -2.19
CA VAL A 176 23.00 27.35 -3.43
C VAL A 176 24.01 26.22 -3.45
N PRO A 177 23.78 25.14 -4.22
CA PRO A 177 24.74 24.05 -4.34
C PRO A 177 26.00 24.57 -5.06
N LYS A 178 27.16 24.01 -4.71
CA LYS A 178 28.40 24.25 -5.48
C LYS A 178 28.23 23.64 -6.87
N PRO A 179 28.27 24.44 -7.95
CA PRO A 179 28.14 23.90 -9.30
C PRO A 179 29.47 23.24 -9.67
N ILE A 180 29.44 22.13 -10.41
CA ILE A 180 30.66 21.34 -10.71
C ILE A 180 30.97 21.44 -12.21
N ASP A 181 30.00 21.16 -13.07
CA ASP A 181 30.22 21.22 -14.54
C ASP A 181 28.86 21.20 -15.23
N TYR A 182 28.84 21.51 -16.52
CA TYR A 182 27.65 21.45 -17.37
C TYR A 182 28.05 21.07 -18.80
N ASN A 183 27.11 20.50 -19.54
CA ASN A 183 27.21 20.24 -20.99
C ASN A 183 25.80 20.15 -21.55
N ARG A 184 25.58 20.79 -22.70
CA ARG A 184 24.26 20.80 -23.35
C ARG A 184 23.24 21.19 -22.29
N HIS A 185 22.25 20.35 -22.03
CA HIS A 185 21.11 20.65 -21.13
C HIS A 185 21.37 20.10 -19.72
N ALA A 186 22.58 19.61 -19.44
CA ALA A 186 22.93 18.92 -18.19
C ALA A 186 23.79 19.83 -17.30
N VAL A 187 23.42 19.96 -16.03
CA VAL A 187 24.24 20.64 -14.98
C VAL A 187 24.47 19.63 -13.85
N VAL A 188 25.72 19.45 -13.45
CA VAL A 188 26.10 18.63 -12.26
C VAL A 188 26.52 19.58 -11.15
N MET A 189 26.09 19.29 -9.92
CA MET A 189 26.28 20.18 -8.74
C MET A 189 26.26 19.34 -7.46
N GLU A 190 26.83 19.90 -6.38
CA GLU A 190 26.74 19.36 -5.01
C GLU A 190 25.32 18.81 -4.76
N LEU A 191 25.20 17.56 -4.30
CA LEU A 191 23.93 17.00 -3.79
C LEU A 191 23.69 17.59 -2.39
N ILE A 192 22.52 18.19 -2.17
CA ILE A 192 22.14 18.70 -0.83
C ILE A 192 21.29 17.65 -0.14
N ASN A 193 21.79 17.15 0.99
CA ASN A 193 21.16 16.09 1.81
C ASN A 193 20.11 16.79 2.68
N GLY A 194 18.85 16.48 2.46
CA GLY A 194 17.72 17.04 3.20
C GLY A 194 16.44 16.87 2.43
N TYR A 195 15.40 17.58 2.82
CA TYR A 195 14.04 17.42 2.26
C TYR A 195 13.63 18.77 1.69
N PRO A 196 12.93 18.80 0.53
CA PRO A 196 12.27 20.02 0.11
C PRO A 196 11.31 20.41 1.24
N LEU A 197 11.20 21.69 1.50
CA LEU A 197 10.38 22.28 2.59
C LEU A 197 8.96 21.72 2.51
N CYS A 198 8.46 21.49 1.29
CA CYS A 198 7.08 20.99 1.03
C CYS A 198 6.86 19.64 1.70
N GLN A 199 7.90 18.84 1.94
CA GLN A 199 7.68 17.54 2.63
C GLN A 199 8.29 17.57 4.05
N ILE A 200 8.42 18.74 4.67
CA ILE A 200 8.79 18.88 6.12
C ILE A 200 7.49 19.04 6.91
N HIS A 201 7.28 18.23 7.95
CA HIS A 201 6.01 18.19 8.72
C HIS A 201 6.10 19.04 9.99
N HIS A 202 7.26 19.07 10.63
CA HIS A 202 7.54 19.81 11.89
C HIS A 202 8.94 20.41 11.80
N VAL A 203 9.14 21.53 12.47
CA VAL A 203 10.48 22.16 12.69
C VAL A 203 10.49 22.64 14.15
N GLU A 204 11.61 22.48 14.84
CA GLU A 204 11.75 22.93 16.27
C GLU A 204 11.56 24.46 16.30
N ASP A 205 12.13 25.19 15.33
CA ASP A 205 12.15 26.67 15.30
C ASP A 205 11.73 27.21 13.93
N PRO A 206 10.42 27.33 13.64
CA PRO A 206 9.96 27.88 12.37
C PRO A 206 10.45 29.32 12.07
N ALA A 207 10.49 30.19 13.07
CA ALA A 207 10.94 31.60 12.96
C ALA A 207 12.30 31.64 12.26
N SER A 208 13.19 30.72 12.62
CA SER A 208 14.58 30.66 12.14
C SER A 208 14.60 30.31 10.65
N VAL A 209 13.79 29.34 10.21
CA VAL A 209 13.75 28.91 8.79
C VAL A 209 13.07 30.00 7.95
N TYR A 210 11.98 30.59 8.48
CA TYR A 210 11.28 31.75 7.87
C TYR A 210 12.29 32.89 7.63
N ASP A 211 13.12 33.20 8.64
CA ASP A 211 14.11 34.30 8.57
C ASP A 211 15.12 34.01 7.48
N GLU A 212 15.64 32.79 7.38
CA GLU A 212 16.60 32.43 6.30
C GLU A 212 15.97 32.67 4.93
N ALA A 213 14.72 32.24 4.76
CA ALA A 213 13.97 32.38 3.49
C ALA A 213 13.84 33.87 3.14
N MET A 214 13.41 34.68 4.10
CA MET A 214 13.18 36.14 3.89
C MET A 214 14.51 36.84 3.61
N GLU A 215 15.58 36.49 4.33
CA GLU A 215 16.94 37.08 4.13
C GLU A 215 17.44 36.71 2.73
N LEU A 216 17.09 35.53 2.22
CA LEU A 216 17.49 35.09 0.86
C LEU A 216 16.79 35.95 -0.20
N ILE A 217 15.50 36.25 -0.04
CA ILE A 217 14.75 37.13 -0.97
C ILE A 217 15.42 38.51 -0.99
N VAL A 218 15.79 39.04 0.18
CA VAL A 218 16.38 40.40 0.32
C VAL A 218 17.76 40.40 -0.37
N LYS A 219 18.58 39.37 -0.09
CA LYS A 219 19.94 39.30 -0.63
C LYS A 219 19.88 39.19 -2.16
N LEU A 220 18.96 38.40 -2.71
CA LEU A 220 18.77 38.29 -4.18
C LEU A 220 18.44 39.68 -4.74
N ALA A 221 17.48 40.38 -4.14
CA ALA A 221 17.02 41.71 -4.61
C ALA A 221 18.18 42.71 -4.52
N ASN A 222 18.98 42.64 -3.46
CA ASN A 222 20.16 43.53 -3.28
C ASN A 222 21.17 43.29 -4.42
N HIS A 223 21.13 42.11 -5.04
CA HIS A 223 22.04 41.73 -6.16
C HIS A 223 21.36 41.94 -7.51
N GLY A 224 20.12 42.44 -7.51
CA GLY A 224 19.38 42.83 -8.74
C GLY A 224 18.37 41.77 -9.17
N LEU A 225 18.13 40.73 -8.36
CA LEU A 225 17.36 39.53 -8.78
C LEU A 225 16.12 39.35 -7.90
N ILE A 226 15.00 39.04 -8.55
CA ILE A 226 13.78 38.48 -7.88
C ILE A 226 13.60 37.07 -8.42
N HIS A 227 13.50 36.09 -7.51
CA HIS A 227 13.43 34.66 -7.87
C HIS A 227 12.28 34.41 -8.85
N GLY A 228 11.07 34.82 -8.50
CA GLY A 228 9.87 34.71 -9.37
C GLY A 228 9.05 33.44 -9.12
N ASP A 229 9.67 32.40 -8.57
CA ASP A 229 9.01 31.08 -8.28
C ASP A 229 9.46 30.60 -6.88
N PHE A 230 9.70 31.50 -5.94
CA PHE A 230 10.28 31.19 -4.61
C PHE A 230 9.25 30.39 -3.81
N ASN A 231 9.52 29.13 -3.51
CA ASN A 231 8.49 28.28 -2.86
C ASN A 231 9.10 27.07 -2.14
N GLU A 232 8.21 26.29 -1.52
CA GLU A 232 8.51 25.09 -0.70
C GLU A 232 9.00 23.94 -1.59
N PHE A 233 8.96 24.05 -2.92
CA PHE A 233 9.43 23.00 -3.86
C PHE A 233 10.88 23.25 -4.31
N ASN A 234 11.39 24.47 -4.12
CA ASN A 234 12.71 24.98 -4.60
C ASN A 234 13.74 25.07 -3.46
N LEU A 235 13.27 24.99 -2.22
CA LEU A 235 14.11 25.20 -1.01
C LEU A 235 14.26 23.86 -0.30
N ILE A 236 15.49 23.42 -0.11
CA ILE A 236 15.79 22.18 0.63
C ILE A 236 16.31 22.52 2.03
N LEU A 237 15.74 21.88 3.04
CA LEU A 237 16.13 22.00 4.45
C LEU A 237 17.06 20.84 4.79
N ASP A 238 18.29 21.13 5.23
CA ASP A 238 19.32 20.10 5.53
C ASP A 238 19.20 19.68 7.00
N GLU A 239 20.07 18.77 7.44
CA GLU A 239 20.06 18.11 8.78
C GLU A 239 20.11 19.16 9.90
N SER A 240 20.69 20.34 9.66
CA SER A 240 20.81 21.42 10.69
C SER A 240 19.88 22.59 10.36
N ASP A 241 18.77 22.35 9.66
CA ASP A 241 17.64 23.30 9.47
C ASP A 241 18.07 24.56 8.71
N HIS A 242 19.11 24.49 7.85
CA HIS A 242 19.49 25.58 6.92
C HIS A 242 18.87 25.31 5.55
N ILE A 243 18.48 26.34 4.82
CA ILE A 243 17.83 26.18 3.48
C ILE A 243 18.88 26.38 2.38
N THR A 244 18.76 25.58 1.32
CA THR A 244 19.49 25.74 0.05
C THR A 244 18.47 25.89 -1.08
N MET A 245 18.68 26.88 -1.94
CA MET A 245 17.90 27.13 -3.17
C MET A 245 18.45 26.22 -4.29
N ILE A 246 17.61 25.43 -4.98
CA ILE A 246 18.09 24.42 -5.97
C ILE A 246 17.47 24.64 -7.36
N ASP A 247 16.72 25.72 -7.60
CA ASP A 247 16.05 26.00 -8.89
C ASP A 247 15.70 27.48 -8.97
N PHE A 248 16.14 28.18 -10.01
CA PHE A 248 15.88 29.64 -10.23
C PHE A 248 15.80 29.93 -11.71
N PRO A 249 14.78 29.37 -12.40
CA PRO A 249 14.76 29.37 -13.86
C PRO A 249 14.33 30.67 -14.54
N GLN A 250 13.47 31.49 -13.92
CA GLN A 250 12.81 32.63 -14.61
C GLN A 250 12.91 33.89 -13.73
N MET A 251 14.12 34.17 -13.24
CA MET A 251 14.37 35.32 -12.35
C MET A 251 14.08 36.63 -13.10
N VAL A 252 13.62 37.62 -12.36
CA VAL A 252 13.18 38.96 -12.86
C VAL A 252 14.18 39.99 -12.35
N SER A 253 14.48 41.01 -13.15
CA SER A 253 15.31 42.18 -12.74
C SER A 253 14.53 43.03 -11.73
N THR A 254 15.20 43.54 -10.69
CA THR A 254 14.61 44.56 -9.76
C THR A 254 14.30 45.85 -10.51
N SER A 255 14.79 46.01 -11.75
CA SER A 255 14.54 47.18 -12.62
C SER A 255 13.25 47.02 -13.43
N HIS A 256 12.65 45.84 -13.44
CA HIS A 256 11.37 45.60 -14.16
C HIS A 256 10.36 46.62 -13.65
N PRO A 257 9.53 47.24 -14.52
CA PRO A 257 8.53 48.20 -14.05
C PRO A 257 7.58 47.63 -12.97
N ASN A 258 7.35 46.32 -12.95
CA ASN A 258 6.45 45.66 -11.97
C ASN A 258 7.28 44.80 -11.02
N ALA A 259 8.56 45.12 -10.85
CA ALA A 259 9.49 44.39 -9.95
C ALA A 259 8.84 44.21 -8.58
N GLU A 260 8.26 45.28 -8.02
CA GLU A 260 7.70 45.27 -6.66
C GLU A 260 6.64 44.16 -6.54
N TRP A 261 5.80 43.99 -7.55
CA TRP A 261 4.75 42.94 -7.53
C TRP A 261 5.41 41.55 -7.46
N TYR A 262 6.48 41.31 -8.22
CA TYR A 262 7.17 39.99 -8.24
C TYR A 262 7.80 39.73 -6.88
N PHE A 263 8.43 40.76 -6.30
CA PHE A 263 9.09 40.70 -4.98
C PHE A 263 8.05 40.34 -3.92
N ASP A 264 6.94 41.07 -3.90
CA ASP A 264 5.84 40.85 -2.94
C ASP A 264 5.26 39.45 -3.09
N ARG A 265 5.13 38.95 -4.33
CA ARG A 265 4.54 37.62 -4.61
C ARG A 265 5.42 36.55 -3.98
N ASP A 266 6.75 36.62 -4.15
CA ASP A 266 7.69 35.67 -3.53
C ASP A 266 7.55 35.72 -2.01
N VAL A 267 7.47 36.91 -1.41
CA VAL A 267 7.32 37.09 0.06
C VAL A 267 6.00 36.45 0.50
N LYS A 268 4.89 36.75 -0.17
CA LYS A 268 3.54 36.24 0.22
C LYS A 268 3.53 34.71 0.13
N CYS A 269 4.22 34.10 -0.84
CA CYS A 269 4.24 32.64 -1.04
C CYS A 269 4.90 31.95 0.15
N ILE A 270 6.04 32.48 0.62
CA ILE A 270 6.72 31.98 1.85
C ILE A 270 5.80 32.16 3.06
N LYS A 271 5.20 33.33 3.24
CA LYS A 271 4.29 33.58 4.39
C LYS A 271 3.17 32.54 4.39
N ASP A 272 2.54 32.33 3.22
CA ASP A 272 1.36 31.44 3.08
C ASP A 272 1.79 30.03 3.50
N PHE A 273 2.95 29.56 3.04
CA PHE A 273 3.43 28.20 3.35
C PHE A 273 3.69 28.05 4.86
N PHE A 274 4.37 29.01 5.47
CA PHE A 274 4.74 28.95 6.91
C PHE A 274 3.48 28.97 7.78
N MET A 275 2.44 29.70 7.37
CA MET A 275 1.14 29.72 8.07
C MET A 275 0.45 28.35 7.91
N LYS A 276 0.37 27.82 6.68
CA LYS A 276 -0.35 26.56 6.38
C LYS A 276 0.31 25.39 7.11
N ARG A 277 1.64 25.27 7.02
CA ARG A 277 2.37 24.05 7.47
C ARG A 277 2.75 24.14 8.95
N PHE A 278 3.17 25.30 9.46
CA PHE A 278 3.75 25.44 10.82
C PHE A 278 2.94 26.36 11.72
N SER A 279 1.86 26.97 11.22
CA SER A 279 1.01 27.95 11.95
C SER A 279 1.89 29.12 12.40
N TYR A 280 2.91 29.47 11.60
CA TYR A 280 3.88 30.54 11.92
C TYR A 280 3.61 31.76 11.05
N GLU A 281 3.59 32.92 11.72
CA GLU A 281 3.28 34.27 11.18
C GLU A 281 4.27 35.25 11.79
N SER A 282 4.63 36.33 11.10
CA SER A 282 5.66 37.30 11.57
C SER A 282 5.49 38.63 10.86
N GLU A 283 6.03 39.71 11.43
CA GLU A 283 6.11 41.07 10.84
C GLU A 283 7.52 41.31 10.28
N LEU A 284 8.48 40.39 10.49
CA LEU A 284 9.88 40.49 9.99
C LEU A 284 9.95 40.00 8.54
N PHE A 285 9.22 40.67 7.64
CA PHE A 285 9.23 40.36 6.19
C PHE A 285 9.56 41.64 5.44
N PRO A 286 10.37 41.54 4.36
CA PRO A 286 10.84 42.73 3.65
C PRO A 286 9.75 43.36 2.79
N THR A 287 9.88 44.66 2.54
CA THR A 287 9.18 45.40 1.46
C THR A 287 10.22 45.83 0.43
N PHE A 288 9.78 46.07 -0.79
CA PHE A 288 10.68 46.45 -1.92
C PHE A 288 11.47 47.70 -1.58
N LYS A 289 10.89 48.63 -0.81
CA LYS A 289 11.53 49.93 -0.43
C LYS A 289 12.81 49.69 0.40
N ASP A 290 12.92 48.55 1.11
CA ASP A 290 14.10 48.18 1.94
C ASP A 290 15.32 47.87 1.07
N ILE A 291 15.12 47.46 -0.20
CA ILE A 291 16.21 46.93 -1.05
C ILE A 291 17.19 48.05 -1.38
N ARG A 292 18.49 47.80 -1.17
CA ARG A 292 19.58 48.72 -1.56
C ARG A 292 20.50 47.95 -2.50
N ARG A 293 20.44 48.31 -3.79
CA ARG A 293 21.18 47.58 -4.84
C ARG A 293 22.68 47.73 -4.59
N GLU A 294 23.36 46.60 -4.69
CA GLU A 294 24.77 46.33 -4.30
C GLU A 294 25.50 45.68 -5.46
N ASP A 295 24.78 45.10 -6.41
CA ASP A 295 25.33 44.30 -7.54
C ASP A 295 24.38 44.39 -8.74
N THR A 296 24.80 43.84 -9.87
CA THR A 296 24.13 43.99 -11.19
C THR A 296 24.00 42.63 -11.88
N LEU A 297 23.67 41.58 -11.11
CA LEU A 297 23.61 40.18 -11.62
C LEU A 297 22.44 40.04 -12.60
N ASP A 298 21.47 40.96 -12.58
CA ASP A 298 20.35 40.99 -13.57
C ASP A 298 20.88 41.45 -14.94
N VAL A 299 22.01 42.15 -15.00
CA VAL A 299 22.51 42.76 -16.26
C VAL A 299 23.64 41.87 -16.81
N GLU A 300 24.57 41.46 -15.96
CA GLU A 300 25.80 40.75 -16.35
C GLU A 300 26.17 39.79 -15.22
N VAL A 301 26.45 38.54 -15.57
CA VAL A 301 26.89 37.49 -14.62
C VAL A 301 28.41 37.31 -14.80
N SER A 302 29.17 37.68 -13.77
CA SER A 302 30.66 37.70 -13.71
C SER A 302 31.13 37.36 -12.29
N GLY B 3 -8.46 64.65 -31.01
CA GLY B 3 -7.37 63.81 -31.61
C GLY B 3 -7.02 62.61 -30.73
N LYS B 4 -6.38 61.61 -31.34
CA LYS B 4 -5.93 60.33 -30.74
C LYS B 4 -4.40 60.39 -30.60
N VAL B 5 -3.73 59.25 -30.38
CA VAL B 5 -2.26 59.19 -30.14
C VAL B 5 -1.52 59.53 -31.44
N ASN B 6 -0.43 60.27 -31.33
CA ASN B 6 0.47 60.62 -32.48
C ASN B 6 1.18 59.36 -32.97
N VAL B 7 1.24 59.21 -34.29
CA VAL B 7 1.96 58.11 -34.99
C VAL B 7 2.78 58.74 -36.10
N ALA B 8 4.01 58.26 -36.30
CA ALA B 8 4.95 58.70 -37.35
C ALA B 8 5.13 57.59 -38.39
N LYS B 9 5.01 57.91 -39.69
CA LYS B 9 5.34 57.01 -40.82
C LYS B 9 6.75 56.44 -40.60
N LEU B 10 6.99 55.17 -40.98
CA LEU B 10 8.30 54.51 -40.90
C LEU B 10 9.29 55.23 -41.80
N ARG B 11 10.53 55.39 -41.34
CA ARG B 11 11.66 55.96 -42.10
C ARG B 11 11.71 55.26 -43.48
N TYR B 12 11.87 56.04 -44.56
CA TYR B 12 12.10 55.49 -45.92
C TYR B 12 13.44 54.77 -45.91
N MET B 13 13.54 53.63 -46.60
CA MET B 13 14.83 52.95 -46.86
C MET B 13 14.81 52.40 -48.28
N SER B 14 15.92 52.61 -49.03
CA SER B 14 16.13 52.03 -50.39
C SER B 14 16.26 50.51 -50.27
N ARG B 15 16.03 49.78 -51.36
CA ARG B 15 16.17 48.30 -51.42
C ARG B 15 17.63 47.94 -51.07
N ASP B 16 18.59 48.75 -51.53
CA ASP B 16 20.05 48.59 -51.26
C ASP B 16 20.29 48.63 -49.75
N ASP B 17 19.90 49.74 -49.10
CA ASP B 17 20.08 49.96 -47.64
C ASP B 17 19.44 48.79 -46.89
N PHE B 18 18.22 48.38 -47.28
CA PHE B 18 17.44 47.32 -46.60
C PHE B 18 18.11 45.96 -46.80
N ARG B 19 18.75 45.74 -47.96
CA ARG B 19 19.47 44.48 -48.25
C ARG B 19 20.69 44.37 -47.35
N VAL B 20 21.44 45.44 -47.16
CA VAL B 20 22.66 45.47 -46.29
C VAL B 20 22.22 45.21 -44.83
N LEU B 21 21.11 45.79 -44.39
CA LEU B 21 20.59 45.63 -43.00
C LEU B 21 20.17 44.16 -42.81
N THR B 22 19.53 43.56 -43.82
CA THR B 22 19.15 42.12 -43.85
C THR B 22 20.41 41.25 -43.88
N ALA B 23 21.43 41.65 -44.62
CA ALA B 23 22.74 40.95 -44.70
C ALA B 23 23.37 40.89 -43.31
N VAL B 24 23.34 42.00 -42.55
CA VAL B 24 23.91 42.04 -41.17
C VAL B 24 23.14 41.02 -40.33
N GLU B 25 21.81 41.01 -40.41
CA GLU B 25 20.93 40.05 -39.70
C GLU B 25 21.32 38.62 -40.06
N MET B 26 21.40 38.29 -41.36
CA MET B 26 21.80 36.94 -41.83
C MET B 26 23.17 36.60 -41.26
N GLY B 27 24.13 37.52 -41.34
CA GLY B 27 25.50 37.33 -40.82
C GLY B 27 25.51 36.90 -39.36
N MET B 28 24.53 37.36 -38.57
CA MET B 28 24.48 37.13 -37.11
C MET B 28 23.98 35.72 -36.77
N LYS B 29 23.52 34.93 -37.76
CA LYS B 29 23.24 33.48 -37.57
C LYS B 29 24.53 32.78 -37.12
N ASN B 30 25.69 33.20 -37.60
CA ASN B 30 26.99 32.48 -37.47
C ASN B 30 28.07 33.34 -36.81
N HIS B 31 27.81 34.62 -36.50
CA HIS B 31 28.83 35.57 -35.98
C HIS B 31 28.19 36.55 -34.99
N GLU B 32 28.81 36.77 -33.83
CA GLU B 32 28.37 37.80 -32.87
C GLU B 32 28.64 39.18 -33.49
N ILE B 33 29.80 39.32 -34.16
CA ILE B 33 30.23 40.53 -34.90
C ILE B 33 30.49 40.15 -36.36
N VAL B 34 29.74 40.72 -37.29
CA VAL B 34 29.74 40.33 -38.74
C VAL B 34 30.78 41.17 -39.46
N PRO B 35 31.85 40.56 -40.02
CA PRO B 35 32.84 41.33 -40.79
C PRO B 35 32.21 42.06 -41.98
N GLY B 36 32.72 43.25 -42.32
CA GLY B 36 32.20 44.08 -43.44
C GLY B 36 32.31 43.37 -44.77
N SER B 37 33.33 42.53 -44.97
CA SER B 37 33.55 41.73 -46.20
C SER B 37 32.44 40.68 -46.34
N LEU B 38 32.06 40.02 -45.23
CA LEU B 38 30.99 38.99 -45.25
C LEU B 38 29.64 39.67 -45.58
N ILE B 39 29.39 40.84 -45.02
CA ILE B 39 28.14 41.63 -45.25
C ILE B 39 28.07 41.97 -46.75
N ALA B 40 29.18 42.42 -47.33
CA ALA B 40 29.27 42.83 -48.75
C ALA B 40 28.95 41.64 -49.68
N SER B 41 29.49 40.45 -49.37
CA SER B 41 29.30 39.23 -50.20
C SER B 41 27.88 38.67 -50.01
N ILE B 42 27.29 38.79 -48.82
CA ILE B 42 25.88 38.35 -48.55
C ILE B 42 24.92 39.33 -49.24
N ALA B 43 25.16 40.63 -49.13
CA ALA B 43 24.30 41.69 -49.72
C ALA B 43 24.42 41.65 -51.24
N SER B 44 25.64 41.42 -51.74
CA SER B 44 26.05 41.47 -53.17
C SER B 44 25.26 42.56 -53.92
N LEU B 45 25.54 43.81 -53.62
CA LEU B 45 24.93 44.98 -54.31
C LEU B 45 25.46 45.05 -55.75
N LYS B 46 24.63 45.49 -56.69
CA LYS B 46 24.97 45.60 -58.12
C LYS B 46 26.13 46.58 -58.27
N HIS B 47 26.15 47.68 -57.50
CA HIS B 47 27.13 48.81 -57.68
C HIS B 47 28.17 48.82 -56.55
N GLY B 48 28.04 47.96 -55.53
CA GLY B 48 29.10 47.68 -54.55
C GLY B 48 29.58 48.92 -53.80
N GLY B 49 28.63 49.71 -53.29
CA GLY B 49 28.92 50.83 -52.38
C GLY B 49 28.54 50.46 -50.96
N CYS B 50 28.84 49.22 -50.57
CA CYS B 50 28.35 48.57 -49.33
C CYS B 50 28.87 49.31 -48.08
N ASN B 51 30.12 49.78 -48.12
CA ASN B 51 30.77 50.46 -46.97
C ASN B 51 30.09 51.81 -46.71
N LYS B 52 29.72 52.55 -47.75
CA LYS B 52 28.97 53.83 -47.65
C LYS B 52 27.64 53.56 -46.93
N VAL B 53 26.91 52.53 -47.38
CA VAL B 53 25.57 52.13 -46.85
C VAL B 53 25.72 51.75 -45.36
N LEU B 54 26.79 51.04 -44.98
CA LEU B 54 27.01 50.61 -43.58
C LEU B 54 27.23 51.82 -42.68
N ARG B 55 28.09 52.76 -43.10
CA ARG B 55 28.35 54.02 -42.36
C ARG B 55 27.01 54.75 -42.13
N GLU B 56 26.15 54.78 -43.14
CA GLU B 56 24.83 55.46 -43.09
C GLU B 56 23.89 54.74 -42.12
N LEU B 57 23.97 53.41 -42.02
CA LEU B 57 23.13 52.59 -41.09
C LEU B 57 23.63 52.79 -39.65
N VAL B 58 24.94 52.97 -39.45
CA VAL B 58 25.53 53.36 -38.12
C VAL B 58 24.96 54.74 -37.72
N LYS B 59 25.03 55.72 -38.62
CA LYS B 59 24.57 57.12 -38.39
C LYS B 59 23.10 57.11 -37.94
N HIS B 60 22.26 56.21 -38.48
CA HIS B 60 20.82 56.13 -38.15
C HIS B 60 20.57 55.11 -37.04
N LYS B 61 21.62 54.55 -36.43
CA LYS B 61 21.55 53.78 -35.16
C LYS B 61 20.93 52.40 -35.39
N LEU B 62 20.93 51.90 -36.62
CA LEU B 62 20.28 50.61 -37.00
C LEU B 62 21.28 49.46 -36.83
N ILE B 63 22.57 49.75 -36.93
CA ILE B 63 23.67 48.79 -36.64
C ILE B 63 24.74 49.54 -35.84
N ALA B 64 25.64 48.81 -35.19
CA ALA B 64 26.76 49.36 -34.41
C ALA B 64 28.06 48.69 -34.84
N TRP B 65 29.15 49.45 -34.88
CA TRP B 65 30.53 48.95 -35.17
C TRP B 65 31.17 48.54 -33.85
N GLU B 66 31.91 47.43 -33.84
CA GLU B 66 32.69 46.92 -32.67
C GLU B 66 34.00 46.30 -33.16
N ARG B 67 35.08 46.49 -32.39
CA ARG B 67 36.41 45.80 -32.54
C ARG B 67 36.77 45.15 -31.20
N THR B 68 37.00 43.82 -31.20
CA THR B 68 37.58 43.04 -30.06
C THR B 68 39.07 42.82 -30.35
N LYS B 69 39.72 41.87 -29.66
CA LYS B 69 41.08 41.39 -29.99
C LYS B 69 41.04 40.49 -31.25
N THR B 70 40.06 39.58 -31.38
CA THR B 70 40.05 38.51 -32.42
C THR B 70 39.39 38.97 -33.74
N VAL B 71 38.60 40.05 -33.75
CA VAL B 71 37.46 40.28 -34.70
C VAL B 71 37.10 41.78 -34.69
N GLN B 72 36.66 42.33 -35.84
CA GLN B 72 36.03 43.67 -35.95
C GLN B 72 35.03 43.70 -37.10
N GLY B 73 33.84 44.27 -36.86
CA GLY B 73 32.74 44.41 -37.83
C GLY B 73 31.48 45.01 -37.21
N TYR B 74 30.30 44.52 -37.56
CA TYR B 74 28.99 45.16 -37.31
C TYR B 74 28.01 44.16 -36.66
N ARG B 75 27.04 44.71 -35.92
CA ARG B 75 25.92 43.95 -35.34
C ARG B 75 24.65 44.81 -35.40
N LEU B 76 23.51 44.15 -35.49
CA LEU B 76 22.15 44.76 -35.41
C LEU B 76 22.00 45.41 -34.03
N THR B 77 21.40 46.60 -33.96
CA THR B 77 20.93 47.23 -32.70
C THR B 77 19.46 46.85 -32.49
N ASN B 78 18.90 47.16 -31.33
CA ASN B 78 17.46 46.96 -31.05
C ASN B 78 16.68 47.75 -32.11
N ALA B 79 17.10 48.98 -32.41
CA ALA B 79 16.41 49.86 -33.37
C ALA B 79 16.44 49.20 -34.77
N GLY B 80 17.55 48.55 -35.13
CA GLY B 80 17.72 47.84 -36.41
C GLY B 80 16.77 46.67 -36.56
N TYR B 81 16.70 45.82 -35.52
CA TYR B 81 15.81 44.65 -35.46
C TYR B 81 14.36 45.15 -35.54
N ASP B 82 14.00 46.13 -34.72
CA ASP B 82 12.66 46.78 -34.74
C ASP B 82 12.31 47.20 -36.16
N TYR B 83 13.24 47.87 -36.84
CA TYR B 83 13.01 48.42 -38.19
C TYR B 83 12.76 47.27 -39.19
N LEU B 84 13.58 46.22 -39.16
CA LEU B 84 13.41 45.04 -40.05
C LEU B 84 12.00 44.48 -39.91
N ALA B 85 11.55 44.27 -38.66
CA ALA B 85 10.21 43.71 -38.35
C ALA B 85 9.12 44.63 -38.88
N LEU B 86 9.23 45.91 -38.57
CA LEU B 86 8.17 46.91 -38.89
C LEU B 86 8.12 47.17 -40.40
N LYS B 87 9.27 47.21 -41.08
CA LYS B 87 9.32 47.40 -42.56
C LYS B 87 8.69 46.17 -43.23
N THR B 88 8.95 44.96 -42.73
CA THR B 88 8.35 43.71 -43.26
C THR B 88 6.82 43.79 -43.10
N LEU B 89 6.34 44.16 -41.91
CA LEU B 89 4.89 44.30 -41.63
C LEU B 89 4.31 45.41 -42.51
N SER B 90 5.08 46.46 -42.78
CA SER B 90 4.66 47.59 -43.64
C SER B 90 4.41 47.09 -45.07
N SER B 91 5.27 46.23 -45.61
CA SER B 91 5.14 45.70 -46.98
C SER B 91 3.90 44.78 -47.08
N ARG B 92 3.39 44.26 -45.97
CA ARG B 92 2.14 43.44 -45.95
C ARG B 92 0.92 44.33 -45.63
N GLN B 93 1.08 45.65 -45.61
CA GLN B 93 0.01 46.66 -45.35
C GLN B 93 -0.56 46.54 -43.93
N VAL B 94 0.18 45.98 -42.98
CA VAL B 94 -0.28 45.78 -41.58
C VAL B 94 0.03 47.03 -40.75
N VAL B 95 1.21 47.62 -40.96
CA VAL B 95 1.69 48.80 -40.20
C VAL B 95 2.17 49.86 -41.20
N GLU B 96 1.70 51.09 -41.05
CA GLU B 96 2.26 52.24 -41.82
C GLU B 96 2.98 53.19 -40.85
N SER B 97 2.46 53.36 -39.63
CA SER B 97 2.89 54.40 -38.67
C SER B 97 3.04 53.81 -37.27
N VAL B 98 4.00 54.33 -36.51
CA VAL B 98 4.34 53.85 -35.13
C VAL B 98 4.22 55.03 -34.15
N GLY B 99 3.52 54.80 -33.05
CA GLY B 99 3.37 55.76 -31.95
C GLY B 99 4.38 55.47 -30.86
N ASN B 100 4.21 56.12 -29.72
CA ASN B 100 5.11 55.99 -28.55
C ASN B 100 4.70 54.73 -27.77
N GLN B 101 5.65 54.18 -27.02
CA GLN B 101 5.40 53.08 -26.06
C GLN B 101 4.30 53.53 -25.12
N MET B 102 3.32 52.67 -24.86
CA MET B 102 2.23 53.00 -23.93
C MET B 102 1.91 51.79 -23.02
N GLY B 103 2.82 50.82 -22.90
CA GLY B 103 2.70 49.73 -21.92
C GLY B 103 3.89 48.78 -22.00
N VAL B 104 3.92 47.79 -21.10
CA VAL B 104 4.93 46.68 -21.07
C VAL B 104 4.19 45.37 -20.78
N GLY B 105 4.65 44.26 -21.37
CA GLY B 105 4.42 42.91 -20.84
C GLY B 105 5.57 42.53 -19.94
N LYS B 106 5.64 41.29 -19.49
CA LYS B 106 6.76 40.84 -18.64
C LYS B 106 8.08 40.96 -19.41
N GLU B 107 8.09 40.70 -20.72
CA GLU B 107 9.32 40.63 -21.56
C GLU B 107 9.11 41.33 -22.91
N SER B 108 8.25 42.34 -22.95
CA SER B 108 7.85 42.99 -24.21
C SER B 108 7.48 44.46 -23.97
N ASP B 109 7.67 45.27 -25.01
CA ASP B 109 7.27 46.70 -25.04
C ASP B 109 6.04 46.80 -25.93
N ILE B 110 5.06 47.60 -25.52
CA ILE B 110 3.75 47.73 -26.20
C ILE B 110 3.66 49.15 -26.77
N TYR B 111 3.35 49.27 -28.05
CA TYR B 111 3.23 50.54 -28.80
C TYR B 111 1.88 50.56 -29.50
N ILE B 112 1.37 51.75 -29.78
CA ILE B 112 0.23 51.93 -30.72
C ILE B 112 0.84 52.10 -32.10
N VAL B 113 0.27 51.42 -33.09
CA VAL B 113 0.61 51.56 -34.54
C VAL B 113 -0.69 51.82 -35.29
N ALA B 114 -0.58 52.27 -36.54
CA ALA B 114 -1.73 52.54 -37.42
C ALA B 114 -1.42 52.01 -38.81
N ASN B 115 -2.45 51.55 -39.52
CA ASN B 115 -2.36 51.16 -40.96
C ASN B 115 -2.52 52.44 -41.79
N GLU B 116 -2.56 52.31 -43.12
CA GLU B 116 -2.59 53.45 -44.06
C GLU B 116 -3.89 54.26 -43.87
N GLU B 117 -4.98 53.61 -43.47
CA GLU B 117 -6.31 54.25 -43.29
C GLU B 117 -6.41 54.95 -41.92
N GLY B 118 -5.41 54.79 -41.05
CA GLY B 118 -5.35 55.48 -39.75
C GLY B 118 -6.07 54.71 -38.64
N GLN B 119 -6.47 53.47 -38.87
CA GLN B 119 -7.00 52.55 -37.81
C GLN B 119 -5.85 52.16 -36.89
N GLN B 120 -6.07 52.25 -35.58
CA GLN B 120 -5.03 51.99 -34.56
C GLN B 120 -5.05 50.51 -34.16
N PHE B 121 -3.88 49.96 -33.89
CA PHE B 121 -3.67 48.57 -33.42
C PHE B 121 -2.61 48.60 -32.33
N ALA B 122 -2.45 47.49 -31.60
CA ALA B 122 -1.38 47.32 -30.60
C ALA B 122 -0.23 46.55 -31.25
N LEU B 123 0.99 46.99 -30.98
CA LEU B 123 2.24 46.32 -31.38
C LEU B 123 2.95 45.89 -30.11
N LYS B 124 3.35 44.62 -30.04
CA LYS B 124 4.24 44.12 -28.98
C LYS B 124 5.58 43.74 -29.62
N LEU B 125 6.66 44.34 -29.12
CA LEU B 125 8.05 44.00 -29.50
C LEU B 125 8.65 43.20 -28.33
N HIS B 126 8.98 41.94 -28.59
CA HIS B 126 9.52 41.00 -27.57
C HIS B 126 11.01 41.28 -27.41
N ARG B 127 11.48 41.36 -26.17
CA ARG B 127 12.87 41.73 -25.78
C ARG B 127 13.40 40.67 -24.80
N LEU B 128 13.97 39.58 -25.29
CA LEU B 128 14.59 38.54 -24.44
C LEU B 128 16.10 38.56 -24.66
N GLY B 129 16.83 37.77 -23.89
CA GLY B 129 18.30 37.69 -23.95
C GLY B 129 18.94 38.98 -23.48
N ARG B 130 18.32 39.67 -22.52
CA ARG B 130 18.83 40.98 -22.02
C ARG B 130 20.11 40.75 -21.20
N THR B 131 20.16 39.68 -20.43
CA THR B 131 21.29 39.38 -19.52
C THR B 131 22.48 38.87 -20.33
N SER B 132 23.66 39.36 -20.01
CA SER B 132 24.96 39.01 -20.60
C SER B 132 25.67 38.04 -19.67
N PHE B 133 26.32 37.00 -20.21
CA PHE B 133 27.01 35.94 -19.42
C PHE B 133 28.50 35.99 -19.73
N ARG B 134 29.35 36.26 -18.73
CA ARG B 134 30.80 36.53 -18.95
C ARG B 134 31.65 35.80 -17.89
N ASN B 135 31.10 34.92 -17.05
CA ASN B 135 31.85 34.23 -15.95
C ASN B 135 32.27 32.80 -16.35
N LEU B 136 32.28 32.47 -17.66
CA LEU B 136 32.48 31.09 -18.17
C LEU B 136 33.95 30.89 -18.58
N HIS B 147 27.04 33.32 -29.59
CA HIS B 147 26.54 32.90 -28.26
C HIS B 147 25.56 33.93 -27.68
N ASN B 148 25.95 35.21 -27.54
CA ASN B 148 25.09 36.36 -27.08
C ASN B 148 24.36 37.00 -28.28
N VAL B 149 24.03 36.20 -29.31
CA VAL B 149 23.08 36.47 -30.44
C VAL B 149 21.75 35.76 -30.12
N SER B 150 21.63 35.25 -28.89
CA SER B 150 20.42 34.56 -28.39
C SER B 150 19.26 35.55 -28.47
N TRP B 151 19.50 36.86 -28.37
CA TRP B 151 18.40 37.87 -28.21
C TRP B 151 17.56 37.92 -29.49
N LEU B 152 18.17 37.75 -30.66
CA LEU B 152 17.44 37.67 -31.95
C LEU B 152 16.48 36.46 -31.93
N TYR B 153 17.00 35.27 -31.67
CA TYR B 153 16.28 33.97 -31.74
C TYR B 153 15.20 33.93 -30.65
N LEU B 154 15.55 34.21 -29.39
CA LEU B 154 14.61 34.12 -28.24
C LEU B 154 13.46 35.11 -28.46
N SER B 155 13.74 36.31 -28.95
CA SER B 155 12.71 37.37 -29.12
C SER B 155 11.75 36.96 -30.24
N ARG B 156 12.29 36.41 -31.32
CA ARG B 156 11.54 35.87 -32.47
C ARG B 156 10.62 34.74 -31.97
N LEU B 157 11.15 33.89 -31.11
CA LEU B 157 10.43 32.71 -30.60
C LEU B 157 9.29 33.16 -29.67
N SER B 158 9.51 34.12 -28.77
CA SER B 158 8.42 34.67 -27.90
C SER B 158 7.29 35.19 -28.78
N ALA B 159 7.62 35.99 -29.79
CA ALA B 159 6.60 36.63 -30.66
C ALA B 159 5.79 35.54 -31.34
N MET B 160 6.45 34.53 -31.88
CA MET B 160 5.82 33.39 -32.61
C MET B 160 4.84 32.69 -31.66
N LYS B 161 5.29 32.39 -30.43
CA LYS B 161 4.49 31.66 -29.42
C LYS B 161 3.29 32.51 -29.01
N GLU B 162 3.50 33.82 -28.83
CA GLU B 162 2.41 34.74 -28.44
C GLU B 162 1.37 34.75 -29.56
N PHE B 163 1.78 34.88 -30.82
CA PHE B 163 0.83 34.94 -31.96
C PHE B 163 0.03 33.63 -31.99
N ALA B 164 0.71 32.49 -31.86
CA ALA B 164 0.10 31.14 -31.97
C ALA B 164 -0.93 30.96 -30.84
N TYR B 165 -0.55 31.25 -29.60
CA TYR B 165 -1.44 31.12 -28.42
C TYR B 165 -2.59 32.10 -28.56
N MET B 166 -2.31 33.33 -28.97
CA MET B 166 -3.36 34.37 -29.09
C MET B 166 -4.40 33.91 -30.13
N LYS B 167 -3.96 33.34 -31.25
CA LYS B 167 -4.86 32.82 -32.30
C LYS B 167 -5.70 31.66 -31.74
N ALA B 168 -5.07 30.68 -31.10
CA ALA B 168 -5.72 29.47 -30.54
C ALA B 168 -6.74 29.92 -29.49
N LEU B 169 -6.37 30.82 -28.59
CA LEU B 169 -7.24 31.29 -27.50
C LEU B 169 -8.40 32.11 -28.10
N TYR B 170 -8.12 32.98 -29.07
CA TYR B 170 -9.15 33.82 -29.71
C TYR B 170 -10.20 32.93 -30.38
N GLU B 171 -9.78 31.91 -31.11
CA GLU B 171 -10.69 30.98 -31.83
C GLU B 171 -11.52 30.18 -30.83
N ARG B 172 -11.03 29.97 -29.61
CA ARG B 172 -11.74 29.24 -28.53
C ARG B 172 -12.50 30.22 -27.65
N LYS B 173 -12.72 31.46 -28.12
CA LYS B 173 -13.66 32.45 -27.52
C LYS B 173 -13.10 32.95 -26.17
N PHE B 174 -11.78 32.92 -25.95
CA PHE B 174 -11.12 33.53 -24.77
C PHE B 174 -11.09 35.05 -24.91
N PRO B 175 -11.07 35.80 -23.79
CA PRO B 175 -10.98 37.25 -23.84
C PRO B 175 -9.51 37.69 -24.04
N VAL B 176 -9.05 37.63 -25.29
CA VAL B 176 -7.70 38.08 -25.74
C VAL B 176 -7.91 38.95 -26.97
N PRO B 177 -6.92 39.78 -27.35
CA PRO B 177 -7.02 40.59 -28.56
C PRO B 177 -7.02 39.68 -29.79
N LYS B 178 -7.72 40.08 -30.85
CA LYS B 178 -7.62 39.41 -32.16
C LYS B 178 -6.22 39.62 -32.71
N PRO B 179 -5.41 38.56 -32.92
CA PRO B 179 -4.06 38.72 -33.45
C PRO B 179 -4.18 38.98 -34.95
N ILE B 180 -3.31 39.82 -35.51
CA ILE B 180 -3.43 40.25 -36.93
C ILE B 180 -2.26 39.68 -37.72
N ASP B 181 -1.02 39.89 -37.27
CA ASP B 181 0.17 39.38 -37.98
C ASP B 181 1.36 39.43 -37.03
N TYR B 182 2.45 38.78 -37.41
CA TYR B 182 3.73 38.82 -36.67
C TYR B 182 4.88 38.71 -37.67
N ASN B 183 6.03 39.22 -37.26
CA ASN B 183 7.32 39.03 -37.97
C ASN B 183 8.44 39.23 -36.96
N ARG B 184 9.43 38.36 -37.01
CA ARG B 184 10.58 38.39 -36.08
C ARG B 184 10.01 38.54 -34.67
N HIS B 185 10.37 39.60 -33.94
CA HIS B 185 10.02 39.78 -32.51
C HIS B 185 8.75 40.64 -32.37
N ALA B 186 8.08 40.94 -33.48
CA ALA B 186 6.93 41.89 -33.52
C ALA B 186 5.62 41.12 -33.70
N VAL B 187 4.63 41.42 -32.87
CA VAL B 187 3.23 40.93 -33.00
C VAL B 187 2.31 42.14 -33.08
N VAL B 188 1.46 42.17 -34.11
CA VAL B 188 0.39 43.21 -34.24
C VAL B 188 -0.96 42.55 -33.94
N MET B 189 -1.82 43.25 -33.19
CA MET B 189 -3.09 42.72 -32.67
C MET B 189 -4.08 43.86 -32.44
N GLU B 190 -5.36 43.54 -32.36
CA GLU B 190 -6.46 44.43 -31.91
C GLU B 190 -5.97 45.28 -30.73
N LEU B 191 -6.10 46.60 -30.81
CA LEU B 191 -5.92 47.50 -29.65
C LEU B 191 -7.16 47.37 -28.75
N ILE B 192 -6.98 47.10 -27.47
CA ILE B 192 -8.12 47.07 -26.51
C ILE B 192 -8.19 48.42 -25.80
N ASN B 193 -9.31 49.11 -26.00
CA ASN B 193 -9.58 50.46 -25.44
C ASN B 193 -10.05 50.25 -24.00
N GLY B 194 -9.26 50.72 -23.05
CA GLY B 194 -9.53 50.55 -21.62
C GLY B 194 -8.28 50.77 -20.81
N TYR B 195 -8.32 50.42 -19.54
CA TYR B 195 -7.24 50.68 -18.56
C TYR B 195 -6.80 49.35 -18.00
N PRO B 196 -5.48 49.14 -17.77
CA PRO B 196 -5.04 48.01 -16.99
C PRO B 196 -5.73 48.12 -15.62
N LEU B 197 -6.14 47.00 -15.06
CA LEU B 197 -6.85 46.90 -13.77
C LEU B 197 -6.07 47.68 -12.71
N CYS B 198 -4.73 47.65 -12.78
CA CYS B 198 -3.84 48.30 -11.80
C CYS B 198 -4.09 49.82 -11.76
N GLN B 199 -4.63 50.44 -12.81
CA GLN B 199 -4.89 51.90 -12.78
C GLN B 199 -6.43 52.16 -12.70
N ILE B 200 -7.24 51.20 -12.26
CA ILE B 200 -8.69 51.40 -12.00
C ILE B 200 -8.89 51.70 -10.51
N HIS B 201 -9.58 52.78 -10.15
CA HIS B 201 -9.72 53.24 -8.75
C HIS B 201 -11.04 52.75 -8.13
N HIS B 202 -12.11 52.74 -8.92
CA HIS B 202 -13.47 52.30 -8.52
C HIS B 202 -14.08 51.50 -9.65
N VAL B 203 -14.96 50.56 -9.31
CA VAL B 203 -15.84 49.82 -10.25
C VAL B 203 -17.23 49.78 -9.63
N GLU B 204 -18.29 49.90 -10.44
CA GLU B 204 -19.70 49.86 -9.93
C GLU B 204 -19.94 48.49 -9.27
N ASP B 205 -19.45 47.41 -9.89
CA ASP B 205 -19.70 46.01 -9.45
C ASP B 205 -18.41 45.21 -9.41
N PRO B 206 -17.61 45.27 -8.32
CA PRO B 206 -16.38 44.47 -8.22
C PRO B 206 -16.60 42.96 -8.35
N ALA B 207 -17.64 42.40 -7.74
CA ALA B 207 -17.99 40.96 -7.78
C ALA B 207 -17.97 40.46 -9.24
N SER B 208 -18.51 41.26 -10.15
CA SER B 208 -18.66 40.91 -11.58
C SER B 208 -17.29 40.81 -12.25
N VAL B 209 -16.38 41.76 -11.97
CA VAL B 209 -15.02 41.78 -12.59
C VAL B 209 -14.19 40.64 -11.97
N TYR B 210 -14.30 40.44 -10.66
CA TYR B 210 -13.68 39.31 -9.93
C TYR B 210 -14.09 37.98 -10.58
N ASP B 211 -15.40 37.81 -10.84
CA ASP B 211 -15.96 36.57 -11.44
C ASP B 211 -15.36 36.35 -12.84
N GLU B 212 -15.27 37.38 -13.67
CA GLU B 212 -14.66 37.26 -15.02
C GLU B 212 -13.22 36.76 -14.89
N ALA B 213 -12.46 37.33 -13.96
CA ALA B 213 -11.03 36.99 -13.73
C ALA B 213 -10.94 35.52 -13.33
N MET B 214 -11.75 35.09 -12.37
CA MET B 214 -11.72 33.70 -11.83
C MET B 214 -12.18 32.72 -12.91
N GLU B 215 -13.20 33.06 -13.71
CA GLU B 215 -13.69 32.20 -14.82
C GLU B 215 -12.59 32.06 -15.88
N LEU B 216 -11.77 33.10 -16.08
CA LEU B 216 -10.67 33.07 -17.06
C LEU B 216 -9.59 32.09 -16.58
N ILE B 217 -9.23 32.11 -15.30
CA ILE B 217 -8.26 31.15 -14.71
C ILE B 217 -8.76 29.72 -14.94
N VAL B 218 -10.06 29.47 -14.70
CA VAL B 218 -10.68 28.12 -14.80
C VAL B 218 -10.66 27.67 -16.26
N LYS B 219 -11.05 28.56 -17.17
CA LYS B 219 -11.14 28.22 -18.61
C LYS B 219 -9.73 27.90 -19.15
N LEU B 220 -8.72 28.67 -18.75
CA LEU B 220 -7.32 28.40 -19.13
C LEU B 220 -6.93 26.99 -18.66
N ALA B 221 -7.19 26.68 -17.38
CA ALA B 221 -6.83 25.39 -16.76
C ALA B 221 -7.59 24.25 -17.47
N ASN B 222 -8.85 24.46 -17.84
CA ASN B 222 -9.66 23.46 -18.57
C ASN B 222 -9.03 23.18 -19.94
N HIS B 223 -8.23 24.12 -20.47
CA HIS B 223 -7.56 24.00 -21.78
C HIS B 223 -6.11 23.54 -21.60
N GLY B 224 -5.68 23.29 -20.36
CA GLY B 224 -4.34 22.73 -20.04
C GLY B 224 -3.34 23.78 -19.58
N LEU B 225 -3.77 25.03 -19.39
CA LEU B 225 -2.87 26.19 -19.19
C LEU B 225 -3.09 26.84 -17.82
N ILE B 226 -1.98 27.13 -17.14
CA ILE B 226 -1.96 28.08 -15.99
C ILE B 226 -1.13 29.30 -16.43
N HIS B 227 -1.70 30.48 -16.29
CA HIS B 227 -1.09 31.74 -16.77
C HIS B 227 0.30 31.91 -16.17
N GLY B 228 0.42 31.87 -14.84
CA GLY B 228 1.70 31.93 -14.13
C GLY B 228 2.07 33.33 -13.68
N ASP B 229 1.52 34.37 -14.31
CA ASP B 229 1.78 35.80 -14.02
C ASP B 229 0.45 36.57 -14.05
N PHE B 230 -0.66 35.93 -13.66
CA PHE B 230 -2.02 36.51 -13.77
C PHE B 230 -2.14 37.67 -12.79
N ASN B 231 -2.30 38.90 -13.27
CA ASN B 231 -2.29 40.08 -12.36
C ASN B 231 -2.97 41.30 -12.98
N GLU B 232 -3.00 42.38 -12.20
CA GLU B 232 -3.65 43.67 -12.52
C GLU B 232 -2.86 44.44 -13.60
N PHE B 233 -1.68 43.95 -14.03
CA PHE B 233 -0.84 44.60 -15.09
C PHE B 233 -1.10 43.96 -16.46
N ASN B 234 -1.70 42.76 -16.48
CA ASN B 234 -1.93 41.90 -17.68
C ASN B 234 -3.38 41.95 -18.16
N LEU B 235 -4.27 42.47 -17.30
CA LEU B 235 -5.72 42.46 -17.55
C LEU B 235 -6.18 43.88 -17.82
N ILE B 236 -6.80 44.11 -18.97
CA ILE B 236 -7.36 45.43 -19.32
C ILE B 236 -8.88 45.39 -19.18
N LEU B 237 -9.43 46.38 -18.50
CA LEU B 237 -10.88 46.59 -18.29
C LEU B 237 -11.36 47.60 -19.33
N ASP B 238 -12.32 47.23 -20.18
CA ASP B 238 -12.84 48.09 -21.27
C ASP B 238 -14.02 48.92 -20.75
N GLU B 239 -14.63 49.73 -21.62
CA GLU B 239 -15.70 50.72 -21.29
C GLU B 239 -16.91 50.03 -20.63
N SER B 240 -17.15 48.74 -20.91
CA SER B 240 -18.29 47.98 -20.35
C SER B 240 -17.81 46.95 -19.31
N ASP B 241 -16.68 47.20 -18.65
CA ASP B 241 -16.19 46.47 -17.45
C ASP B 241 -15.92 44.98 -17.75
N HIS B 242 -15.58 44.63 -19.00
CA HIS B 242 -15.11 43.27 -19.37
C HIS B 242 -13.58 43.27 -19.39
N ILE B 243 -12.95 42.16 -19.01
CA ILE B 243 -11.47 42.06 -18.95
C ILE B 243 -10.95 41.37 -20.20
N THR B 244 -9.81 41.83 -20.71
CA THR B 244 -9.03 41.20 -21.79
C THR B 244 -7.62 40.94 -21.26
N MET B 245 -7.12 39.73 -21.50
CA MET B 245 -5.73 39.30 -21.19
C MET B 245 -4.81 39.76 -22.33
N ILE B 246 -3.71 40.46 -22.05
CA ILE B 246 -2.85 41.04 -23.13
C ILE B 246 -1.39 40.57 -23.04
N ASP B 247 -1.06 39.63 -22.16
CA ASP B 247 0.32 39.12 -21.96
C ASP B 247 0.25 37.76 -21.24
N PHE B 248 0.86 36.72 -21.81
CA PHE B 248 0.89 35.35 -21.24
C PHE B 248 2.19 34.67 -21.67
N PRO B 249 3.35 35.19 -21.20
CA PRO B 249 4.64 34.75 -21.71
C PRO B 249 5.17 33.41 -21.17
N GLN B 250 4.81 33.00 -19.93
CA GLN B 250 5.48 31.87 -19.25
C GLN B 250 4.44 30.90 -18.69
N MET B 251 3.45 30.53 -19.49
CA MET B 251 2.33 29.66 -19.06
C MET B 251 2.88 28.28 -18.69
N VAL B 252 2.25 27.65 -17.70
CA VAL B 252 2.63 26.34 -17.11
C VAL B 252 1.55 25.32 -17.49
N SER B 253 1.97 24.09 -17.74
CA SER B 253 1.03 22.96 -18.02
C SER B 253 0.29 22.59 -16.74
N THR B 254 -1.01 22.28 -16.81
CA THR B 254 -1.78 21.70 -15.68
C THR B 254 -1.23 20.32 -15.31
N SER B 255 -0.37 19.73 -16.15
CA SER B 255 0.30 18.43 -15.90
C SER B 255 1.58 18.59 -15.10
N HIS B 256 2.07 19.81 -14.88
CA HIS B 256 3.27 20.05 -14.07
C HIS B 256 3.04 19.41 -12.69
N PRO B 257 4.03 18.72 -12.10
CA PRO B 257 3.85 18.13 -10.77
C PRO B 257 3.40 19.13 -9.70
N ASN B 258 3.72 20.41 -9.83
CA ASN B 258 3.35 21.48 -8.87
C ASN B 258 2.34 22.43 -9.52
N ALA B 259 1.60 21.95 -10.50
CA ALA B 259 0.55 22.72 -11.20
C ALA B 259 -0.38 23.40 -10.19
N GLU B 260 -0.81 22.65 -9.17
CA GLU B 260 -1.78 23.15 -8.17
C GLU B 260 -1.24 24.44 -7.51
N TRP B 261 0.04 24.46 -7.18
CA TRP B 261 0.67 25.64 -6.53
C TRP B 261 0.59 26.85 -7.49
N TYR B 262 0.86 26.65 -8.79
CA TYR B 262 0.84 27.75 -9.79
C TYR B 262 -0.58 28.27 -9.94
N PHE B 263 -1.54 27.36 -9.99
CA PHE B 263 -2.99 27.69 -10.14
C PHE B 263 -3.43 28.52 -8.93
N ASP B 264 -3.12 28.05 -7.73
CA ASP B 264 -3.48 28.73 -6.46
C ASP B 264 -2.82 30.12 -6.41
N ARG B 265 -1.58 30.25 -6.89
CA ARG B 265 -0.83 31.53 -6.84
C ARG B 265 -1.56 32.56 -7.71
N ASP B 266 -1.98 32.19 -8.92
CA ASP B 266 -2.76 33.09 -9.82
C ASP B 266 -4.06 33.50 -9.12
N VAL B 267 -4.76 32.56 -8.49
CA VAL B 267 -6.05 32.84 -7.76
C VAL B 267 -5.76 33.82 -6.60
N LYS B 268 -4.72 33.55 -5.79
CA LYS B 268 -4.40 34.40 -4.60
C LYS B 268 -4.04 35.81 -5.05
N CYS B 269 -3.37 35.96 -6.19
CA CYS B 269 -2.93 37.29 -6.71
C CYS B 269 -4.15 38.14 -7.04
N ILE B 270 -5.16 37.57 -7.73
CA ILE B 270 -6.44 38.26 -8.03
C ILE B 270 -7.16 38.61 -6.72
N LYS B 271 -7.28 37.67 -5.79
CA LYS B 271 -7.95 37.93 -4.49
C LYS B 271 -7.27 39.11 -3.78
N ASP B 272 -5.94 39.10 -3.71
CA ASP B 272 -5.15 40.10 -2.98
C ASP B 272 -5.43 41.47 -3.61
N PHE B 273 -5.44 41.57 -4.93
CA PHE B 273 -5.66 42.85 -5.64
C PHE B 273 -7.08 43.36 -5.37
N PHE B 274 -8.09 42.51 -5.48
CA PHE B 274 -9.52 42.90 -5.29
C PHE B 274 -9.76 43.36 -3.85
N MET B 275 -9.08 42.76 -2.88
CA MET B 275 -9.15 43.18 -1.45
C MET B 275 -8.47 44.54 -1.29
N LYS B 276 -7.25 44.72 -1.83
CA LYS B 276 -6.44 45.95 -1.64
C LYS B 276 -7.15 47.14 -2.31
N ARG B 277 -7.60 46.98 -3.54
CA ARG B 277 -8.08 48.11 -4.38
C ARG B 277 -9.58 48.37 -4.16
N PHE B 278 -10.41 47.35 -4.01
CA PHE B 278 -11.90 47.50 -3.98
C PHE B 278 -12.52 47.04 -2.67
N SER B 279 -11.73 46.53 -1.72
CA SER B 279 -12.19 45.97 -0.43
C SER B 279 -13.18 44.83 -0.70
N TYR B 280 -13.00 44.11 -1.80
CA TYR B 280 -13.88 42.99 -2.23
C TYR B 280 -13.21 41.64 -1.97
N GLU B 281 -13.97 40.74 -1.38
CA GLU B 281 -13.60 39.39 -0.89
C GLU B 281 -14.77 38.46 -1.23
N SER B 282 -14.52 37.18 -1.47
CA SER B 282 -15.55 36.20 -1.92
C SER B 282 -15.07 34.79 -1.65
N GLU B 283 -15.99 33.83 -1.59
CA GLU B 283 -15.72 32.37 -1.47
C GLU B 283 -15.87 31.70 -2.85
N LEU B 284 -16.33 32.45 -3.88
CA LEU B 284 -16.51 31.94 -5.28
C LEU B 284 -15.17 32.01 -6.03
N PHE B 285 -14.17 31.28 -5.53
CA PHE B 285 -12.83 31.15 -6.16
C PHE B 285 -12.55 29.66 -6.39
N PRO B 286 -11.95 29.32 -7.54
CA PRO B 286 -11.78 27.92 -7.90
C PRO B 286 -10.67 27.24 -7.11
N THR B 287 -10.76 25.92 -6.95
CA THR B 287 -9.63 25.04 -6.54
C THR B 287 -9.23 24.19 -7.73
N PHE B 288 -8.01 23.69 -7.72
CA PHE B 288 -7.44 22.86 -8.81
C PHE B 288 -8.32 21.62 -9.03
N LYS B 289 -8.92 21.07 -7.98
CA LYS B 289 -9.77 19.84 -8.06
C LYS B 289 -11.00 20.07 -8.95
N ASP B 290 -11.46 21.31 -9.12
CA ASP B 290 -12.63 21.67 -9.97
C ASP B 290 -12.30 21.50 -11.47
N ILE B 291 -11.03 21.56 -11.86
CA ILE B 291 -10.60 21.61 -13.28
C ILE B 291 -10.93 20.28 -13.95
N ARG B 292 -11.61 20.34 -15.10
CA ARG B 292 -11.87 19.16 -15.96
C ARG B 292 -11.30 19.44 -17.34
N ARG B 293 -10.18 18.78 -17.65
CA ARG B 293 -9.43 19.00 -18.90
C ARG B 293 -10.32 18.65 -20.09
N GLU B 294 -10.32 19.56 -21.05
CA GLU B 294 -11.21 19.68 -22.23
C GLU B 294 -10.35 19.82 -23.50
N ASP B 295 -9.08 20.25 -23.35
CA ASP B 295 -8.17 20.57 -24.48
C ASP B 295 -6.72 20.33 -24.04
N THR B 296 -5.80 20.44 -24.99
CA THR B 296 -4.36 20.06 -24.83
C THR B 296 -3.45 21.18 -25.35
N LEU B 297 -3.80 22.44 -25.08
CA LEU B 297 -3.07 23.62 -25.59
C LEU B 297 -1.69 23.72 -24.94
N ASP B 298 -1.46 23.03 -23.81
CA ASP B 298 -0.13 22.92 -23.16
C ASP B 298 0.79 22.01 -24.01
N VAL B 299 0.24 21.12 -24.84
CA VAL B 299 1.03 20.10 -25.57
C VAL B 299 1.22 20.57 -27.02
N GLU B 300 0.14 21.03 -27.65
CA GLU B 300 0.11 21.34 -29.09
C GLU B 300 -0.86 22.50 -29.32
N VAL B 301 -0.43 23.52 -30.03
CA VAL B 301 -1.25 24.72 -30.35
C VAL B 301 -1.66 24.61 -31.82
N SER B 302 -2.97 24.40 -32.06
CA SER B 302 -3.61 24.18 -33.37
C SER B 302 -5.06 24.71 -33.32
N GLY C 3 -16.76 -29.08 -36.29
CA GLY C 3 -17.65 -27.96 -35.91
C GLY C 3 -16.98 -26.98 -34.96
N LYS C 4 -17.77 -26.01 -34.49
CA LYS C 4 -17.35 -24.89 -33.59
C LYS C 4 -17.91 -25.16 -32.19
N VAL C 5 -17.89 -24.16 -31.30
CA VAL C 5 -18.30 -24.30 -29.87
C VAL C 5 -19.82 -24.52 -29.81
N ASN C 6 -20.28 -25.40 -28.91
CA ASN C 6 -21.70 -25.65 -28.63
C ASN C 6 -22.33 -24.43 -27.94
N VAL C 7 -23.52 -24.07 -28.38
CA VAL C 7 -24.34 -22.94 -27.84
C VAL C 7 -25.77 -23.46 -27.63
N ALA C 8 -26.42 -23.05 -26.55
CA ALA C 8 -27.83 -23.40 -26.21
C ALA C 8 -28.71 -22.15 -26.32
N LYS C 9 -29.85 -22.27 -27.02
CA LYS C 9 -30.91 -21.22 -27.08
C LYS C 9 -31.32 -20.84 -25.66
N LEU C 10 -31.63 -19.58 -25.40
CA LEU C 10 -32.12 -19.09 -24.08
C LEU C 10 -33.48 -19.72 -23.77
N ARG C 11 -33.71 -20.10 -22.52
CA ARG C 11 -35.01 -20.56 -21.97
C ARG C 11 -36.11 -19.58 -22.43
N TYR C 12 -37.24 -20.08 -22.93
CA TYR C 12 -38.44 -19.27 -23.23
C TYR C 12 -39.00 -18.71 -21.92
N MET C 13 -39.46 -17.46 -21.92
CA MET C 13 -40.21 -16.86 -20.79
C MET C 13 -41.34 -15.99 -21.35
N SER C 14 -42.54 -16.09 -20.78
CA SER C 14 -43.71 -15.22 -21.11
C SER C 14 -43.42 -13.77 -20.69
N ARG C 15 -44.14 -12.80 -21.27
CA ARG C 15 -44.01 -11.37 -20.91
C ARG C 15 -44.37 -11.20 -19.43
N ASP C 16 -45.37 -11.93 -18.94
CA ASP C 16 -45.82 -11.93 -17.52
C ASP C 16 -44.64 -12.34 -16.62
N ASP C 17 -44.08 -13.53 -16.85
CA ASP C 17 -42.95 -14.07 -16.06
C ASP C 17 -41.81 -13.05 -16.07
N PHE C 18 -41.48 -12.50 -17.23
CA PHE C 18 -40.37 -11.54 -17.42
C PHE C 18 -40.65 -10.21 -16.68
N ARG C 19 -41.91 -9.80 -16.64
CA ARG C 19 -42.33 -8.55 -15.93
C ARG C 19 -42.12 -8.73 -14.42
N VAL C 20 -42.47 -9.88 -13.86
CA VAL C 20 -42.30 -10.18 -12.42
C VAL C 20 -40.80 -10.21 -12.08
N LEU C 21 -39.99 -10.78 -12.95
CA LEU C 21 -38.51 -10.89 -12.75
C LEU C 21 -37.91 -9.47 -12.78
N THR C 22 -38.39 -8.62 -13.70
CA THR C 22 -38.00 -7.19 -13.80
C THR C 22 -38.47 -6.42 -12.56
N ALA C 23 -39.67 -6.73 -12.07
CA ALA C 23 -40.24 -6.13 -10.85
C ALA C 23 -39.34 -6.44 -9.65
N VAL C 24 -38.85 -7.67 -9.52
CA VAL C 24 -37.94 -8.06 -8.41
C VAL C 24 -36.67 -7.19 -8.51
N GLU C 25 -36.12 -7.06 -9.72
CA GLU C 25 -34.91 -6.23 -9.99
C GLU C 25 -35.19 -4.79 -9.56
N MET C 26 -36.30 -4.18 -10.01
CA MET C 26 -36.65 -2.78 -9.64
C MET C 26 -36.77 -2.68 -8.12
N GLY C 27 -37.45 -3.65 -7.49
CA GLY C 27 -37.63 -3.69 -6.03
C GLY C 27 -36.31 -3.59 -5.28
N MET C 28 -35.24 -4.12 -5.86
CA MET C 28 -33.91 -4.22 -5.20
C MET C 28 -33.17 -2.87 -5.23
N LYS C 29 -33.67 -1.85 -5.94
CA LYS C 29 -33.14 -0.46 -5.85
C LYS C 29 -33.26 0.02 -4.39
N ASN C 30 -34.33 -0.38 -3.68
CA ASN C 30 -34.70 0.19 -2.34
C ASN C 30 -34.77 -0.89 -1.24
N HIS C 31 -34.56 -2.18 -1.56
CA HIS C 31 -34.73 -3.30 -0.59
C HIS C 31 -33.72 -4.40 -0.88
N GLU C 32 -33.05 -4.93 0.14
CA GLU C 32 -32.16 -6.12 0.01
C GLU C 32 -33.05 -7.34 -0.27
N ILE C 33 -34.19 -7.43 0.41
CA ILE C 33 -35.22 -8.49 0.22
C ILE C 33 -36.56 -7.82 -0.13
N VAL C 34 -37.09 -8.09 -1.32
CA VAL C 34 -38.28 -7.41 -1.89
C VAL C 34 -39.54 -8.15 -1.46
N PRO C 35 -40.44 -7.52 -0.68
CA PRO C 35 -41.71 -8.14 -0.30
C PRO C 35 -42.55 -8.52 -1.54
N GLY C 36 -43.29 -9.63 -1.45
CA GLY C 36 -44.15 -10.15 -2.54
C GLY C 36 -45.23 -9.14 -2.94
N SER C 37 -45.74 -8.34 -1.99
CA SER C 37 -46.76 -7.29 -2.23
C SER C 37 -46.15 -6.17 -3.07
N LEU C 38 -44.91 -5.76 -2.79
CA LEU C 38 -44.22 -4.69 -3.57
C LEU C 38 -43.99 -5.18 -5.01
N ILE C 39 -43.57 -6.43 -5.18
CA ILE C 39 -43.32 -7.05 -6.52
C ILE C 39 -44.63 -7.03 -7.31
N ALA C 40 -45.75 -7.39 -6.68
CA ALA C 40 -47.09 -7.46 -7.32
C ALA C 40 -47.52 -6.06 -7.80
N SER C 41 -47.30 -5.02 -6.99
CA SER C 41 -47.73 -3.63 -7.30
C SER C 41 -46.79 -3.02 -8.36
N ILE C 42 -45.51 -3.38 -8.37
CA ILE C 42 -44.56 -2.93 -9.43
C ILE C 42 -44.88 -3.65 -10.75
N ALA C 43 -45.11 -4.95 -10.71
CA ALA C 43 -45.43 -5.78 -11.89
C ALA C 43 -46.82 -5.41 -12.44
N SER C 44 -47.72 -4.94 -11.58
CA SER C 44 -49.18 -4.78 -11.77
C SER C 44 -49.71 -6.03 -12.48
N LEU C 45 -49.70 -7.14 -11.74
CA LEU C 45 -50.60 -8.32 -11.82
C LEU C 45 -51.30 -8.45 -10.45
N LYS C 46 -52.52 -9.01 -10.42
CA LYS C 46 -53.21 -9.36 -9.15
C LYS C 46 -52.33 -10.35 -8.33
N HIS C 47 -52.20 -10.05 -7.04
CA HIS C 47 -51.27 -10.76 -6.11
C HIS C 47 -51.26 -12.28 -6.36
N GLY C 48 -52.45 -12.85 -6.57
CA GLY C 48 -52.63 -14.31 -6.73
C GLY C 48 -51.77 -14.88 -7.86
N GLY C 49 -51.89 -14.24 -9.02
CA GLY C 49 -51.25 -14.67 -10.28
C GLY C 49 -49.76 -14.46 -10.22
N CYS C 50 -49.36 -13.33 -9.62
CA CYS C 50 -47.95 -12.93 -9.37
C CYS C 50 -47.24 -13.95 -8.46
N ASN C 51 -47.93 -14.49 -7.45
CA ASN C 51 -47.32 -15.42 -6.47
C ASN C 51 -47.02 -16.76 -7.15
N LYS C 52 -47.89 -17.23 -8.05
CA LYS C 52 -47.67 -18.46 -8.88
C LYS C 52 -46.37 -18.27 -9.68
N VAL C 53 -46.24 -17.13 -10.36
CA VAL C 53 -45.07 -16.79 -11.23
C VAL C 53 -43.80 -16.74 -10.36
N LEU C 54 -43.87 -16.20 -9.15
CA LEU C 54 -42.69 -16.10 -8.23
C LEU C 54 -42.21 -17.50 -7.84
N ARG C 55 -43.12 -18.39 -7.44
CA ARG C 55 -42.81 -19.79 -7.08
C ARG C 55 -42.09 -20.46 -8.27
N GLU C 56 -42.56 -20.21 -9.50
CA GLU C 56 -42.00 -20.77 -10.75
C GLU C 56 -40.59 -20.21 -11.01
N LEU C 57 -40.34 -18.94 -10.67
CA LEU C 57 -39.01 -18.28 -10.84
C LEU C 57 -38.03 -18.84 -9.80
N VAL C 58 -38.50 -19.17 -8.59
CA VAL C 58 -37.69 -19.86 -7.55
C VAL C 58 -37.29 -21.25 -8.10
N LYS C 59 -38.24 -22.01 -8.61
CA LYS C 59 -38.05 -23.39 -9.15
C LYS C 59 -36.95 -23.37 -10.23
N HIS C 60 -36.88 -22.31 -11.04
CA HIS C 60 -35.89 -22.18 -12.16
C HIS C 60 -34.65 -21.42 -11.68
N LYS C 61 -34.55 -21.09 -10.40
CA LYS C 61 -33.30 -20.59 -9.74
C LYS C 61 -32.97 -19.14 -10.19
N LEU C 62 -33.97 -18.40 -10.66
CA LEU C 62 -33.80 -17.03 -11.19
C LEU C 62 -33.97 -16.01 -10.05
N ILE C 63 -34.71 -16.38 -9.01
CA ILE C 63 -34.82 -15.59 -7.74
C ILE C 63 -34.72 -16.58 -6.58
N ALA C 64 -34.48 -16.08 -5.38
CA ALA C 64 -34.39 -16.88 -4.14
C ALA C 64 -35.29 -16.25 -3.09
N TRP C 65 -35.99 -17.10 -2.32
CA TRP C 65 -36.84 -16.68 -1.20
C TRP C 65 -36.00 -16.62 0.08
N GLU C 66 -36.19 -15.63 0.94
CA GLU C 66 -35.71 -15.75 2.35
C GLU C 66 -36.54 -14.93 3.31
N ARG C 67 -36.39 -15.30 4.58
CA ARG C 67 -37.05 -14.71 5.78
C ARG C 67 -35.97 -14.41 6.83
N THR C 68 -35.89 -13.15 7.28
CA THR C 68 -35.11 -12.69 8.47
C THR C 68 -36.09 -12.52 9.65
N LYS C 69 -35.70 -11.79 10.70
CA LYS C 69 -36.61 -11.44 11.83
C LYS C 69 -37.53 -10.28 11.42
N THR C 70 -37.02 -9.26 10.73
CA THR C 70 -37.74 -7.99 10.39
C THR C 70 -38.49 -8.09 9.06
N VAL C 71 -38.20 -9.06 8.18
CA VAL C 71 -38.47 -8.94 6.70
C VAL C 71 -38.53 -10.34 6.08
N GLN C 72 -39.39 -10.56 5.08
CA GLN C 72 -39.41 -11.81 4.26
C GLN C 72 -39.93 -11.52 2.84
N GLY C 73 -39.23 -12.06 1.83
CA GLY C 73 -39.55 -11.86 0.40
C GLY C 73 -38.50 -12.47 -0.51
N TYR C 74 -38.17 -11.79 -1.62
CA TYR C 74 -37.42 -12.35 -2.76
C TYR C 74 -36.25 -11.45 -3.15
N ARG C 75 -35.23 -12.04 -3.76
CA ARG C 75 -34.09 -11.33 -4.37
C ARG C 75 -33.68 -12.05 -5.66
N LEU C 76 -33.14 -11.29 -6.60
CA LEU C 76 -32.53 -11.78 -7.85
C LEU C 76 -31.32 -12.66 -7.49
N THR C 77 -31.14 -13.78 -8.18
CA THR C 77 -29.90 -14.60 -8.15
C THR C 77 -28.99 -14.13 -9.29
N ASN C 78 -27.74 -14.59 -9.31
CA ASN C 78 -26.81 -14.34 -10.42
C ASN C 78 -27.44 -14.85 -11.71
N ALA C 79 -28.06 -16.03 -11.66
CA ALA C 79 -28.71 -16.66 -12.84
C ALA C 79 -29.85 -15.77 -13.33
N GLY C 80 -30.59 -15.15 -12.42
CA GLY C 80 -31.71 -14.22 -12.73
C GLY C 80 -31.24 -12.98 -13.43
N TYR C 81 -30.22 -12.34 -12.90
CA TYR C 81 -29.60 -11.12 -13.49
C TYR C 81 -29.06 -11.45 -14.88
N ASP C 82 -28.28 -12.54 -14.98
CA ASP C 82 -27.74 -13.05 -16.26
C ASP C 82 -28.90 -13.18 -17.28
N TYR C 83 -29.99 -13.82 -16.87
CA TYR C 83 -31.15 -14.10 -17.74
C TYR C 83 -31.78 -12.79 -18.22
N LEU C 84 -32.01 -11.82 -17.31
CA LEU C 84 -32.60 -10.50 -17.68
C LEU C 84 -31.75 -9.86 -18.77
N ALA C 85 -30.43 -9.82 -18.61
CA ALA C 85 -29.49 -9.18 -19.55
C ALA C 85 -29.56 -9.90 -20.90
N LEU C 86 -29.47 -11.23 -20.87
CA LEU C 86 -29.36 -12.05 -22.11
C LEU C 86 -30.71 -12.05 -22.85
N LYS C 87 -31.83 -12.11 -22.13
CA LYS C 87 -33.18 -12.07 -22.75
C LYS C 87 -33.37 -10.70 -23.41
N THR C 88 -32.93 -9.61 -22.76
CA THR C 88 -33.02 -8.24 -23.32
C THR C 88 -32.22 -8.19 -24.63
N LEU C 89 -30.98 -8.67 -24.61
CA LEU C 89 -30.10 -8.70 -25.81
C LEU C 89 -30.73 -9.60 -26.88
N SER C 90 -31.41 -10.66 -26.47
CA SER C 90 -32.10 -11.59 -27.40
C SER C 90 -33.22 -10.86 -28.15
N SER C 91 -34.00 -10.03 -27.47
CA SER C 91 -35.12 -9.29 -28.08
C SER C 91 -34.59 -8.23 -29.07
N ARG C 92 -33.32 -7.83 -28.97
CA ARG C 92 -32.69 -6.88 -29.93
C ARG C 92 -31.94 -7.64 -31.03
N GLN C 93 -32.10 -8.97 -31.11
CA GLN C 93 -31.47 -9.87 -32.13
C GLN C 93 -29.94 -9.86 -32.03
N VAL C 94 -29.37 -9.56 -30.87
CA VAL C 94 -27.90 -9.52 -30.65
C VAL C 94 -27.41 -10.91 -30.25
N VAL C 95 -28.17 -11.60 -29.40
CA VAL C 95 -27.82 -12.95 -28.86
C VAL C 95 -29.03 -13.86 -29.02
N GLU C 96 -28.85 -15.06 -29.55
CA GLU C 96 -29.90 -16.11 -29.57
C GLU C 96 -29.47 -17.26 -28.64
N SER C 97 -28.17 -17.58 -28.60
CA SER C 97 -27.62 -18.79 -27.95
C SER C 97 -26.36 -18.44 -27.15
N VAL C 98 -26.16 -19.17 -26.05
CA VAL C 98 -25.02 -18.97 -25.10
C VAL C 98 -24.22 -20.27 -24.99
N GLY C 99 -22.89 -20.16 -25.14
CA GLY C 99 -21.95 -21.26 -24.97
C GLY C 99 -21.37 -21.28 -23.57
N ASN C 100 -20.33 -22.07 -23.36
CA ASN C 100 -19.66 -22.23 -22.06
C ASN C 100 -18.67 -21.09 -21.87
N GLN C 101 -18.36 -20.80 -20.60
CA GLN C 101 -17.30 -19.84 -20.22
C GLN C 101 -16.01 -20.29 -20.90
N MET C 102 -15.27 -19.37 -21.49
CA MET C 102 -13.98 -19.71 -22.13
C MET C 102 -12.92 -18.64 -21.80
N GLY C 103 -13.12 -17.83 -20.77
CA GLY C 103 -12.11 -16.91 -20.23
C GLY C 103 -12.63 -16.09 -19.06
N VAL C 104 -11.77 -15.27 -18.47
CA VAL C 104 -12.09 -14.31 -17.37
C VAL C 104 -11.40 -12.99 -17.65
N GLY C 105 -12.02 -11.87 -17.29
CA GLY C 105 -11.34 -10.58 -17.06
C GLY C 105 -11.01 -10.49 -15.59
N LYS C 106 -10.53 -9.34 -15.12
CA LYS C 106 -10.22 -9.18 -13.68
C LYS C 106 -11.51 -9.35 -12.85
N GLU C 107 -12.65 -8.86 -13.36
CA GLU C 107 -13.93 -8.81 -12.63
C GLU C 107 -15.09 -9.23 -13.54
N SER C 108 -14.85 -10.10 -14.50
CA SER C 108 -15.84 -10.51 -15.52
C SER C 108 -15.62 -11.95 -15.95
N ASP C 109 -16.69 -12.61 -16.38
CA ASP C 109 -16.67 -13.95 -16.99
C ASP C 109 -16.92 -13.78 -18.49
N ILE C 110 -16.19 -14.51 -19.32
CA ILE C 110 -16.22 -14.38 -20.80
C ILE C 110 -16.81 -15.66 -21.37
N TYR C 111 -17.83 -15.53 -22.21
CA TYR C 111 -18.55 -16.65 -22.86
C TYR C 111 -18.59 -16.39 -24.36
N ILE C 112 -18.71 -17.45 -25.14
CA ILE C 112 -19.09 -17.36 -26.57
C ILE C 112 -20.60 -17.39 -26.65
N VAL C 113 -21.17 -16.51 -27.47
CA VAL C 113 -22.61 -16.44 -27.81
C VAL C 113 -22.73 -16.44 -29.34
N ALA C 114 -23.93 -16.70 -29.85
CA ALA C 114 -24.23 -16.71 -31.29
C ALA C 114 -25.57 -16.01 -31.52
N ASN C 115 -25.70 -15.31 -32.66
CA ASN C 115 -26.97 -14.69 -33.11
C ASN C 115 -27.76 -15.79 -33.84
N GLU C 116 -28.92 -15.44 -34.41
CA GLU C 116 -29.85 -16.39 -35.05
C GLU C 116 -29.18 -17.06 -36.27
N GLU C 117 -28.27 -16.37 -36.95
CA GLU C 117 -27.57 -16.85 -38.17
C GLU C 117 -26.39 -17.76 -37.79
N GLY C 118 -26.05 -17.87 -36.51
CA GLY C 118 -24.98 -18.77 -36.02
C GLY C 118 -23.61 -18.12 -36.01
N GLN C 119 -23.51 -16.81 -36.25
CA GLN C 119 -22.25 -16.03 -36.12
C GLN C 119 -21.89 -15.92 -34.64
N GLN C 120 -20.64 -16.20 -34.29
CA GLN C 120 -20.16 -16.23 -32.90
C GLN C 120 -19.66 -14.84 -32.50
N PHE C 121 -19.88 -14.47 -31.24
CA PHE C 121 -19.42 -13.21 -30.63
C PHE C 121 -18.92 -13.53 -29.22
N ALA C 122 -18.23 -12.58 -28.59
CA ALA C 122 -17.81 -12.68 -27.18
C ALA C 122 -18.84 -11.95 -26.31
N LEU C 123 -19.17 -12.56 -25.18
CA LEU C 123 -20.02 -11.98 -24.11
C LEU C 123 -19.16 -11.84 -22.86
N LYS C 124 -19.16 -10.66 -22.25
CA LYS C 124 -18.57 -10.43 -20.91
C LYS C 124 -19.73 -10.13 -19.95
N LEU C 125 -19.81 -10.91 -18.88
CA LEU C 125 -20.73 -10.67 -17.74
C LEU C 125 -19.89 -10.13 -16.58
N HIS C 126 -20.13 -8.89 -16.19
CA HIS C 126 -19.40 -8.18 -15.11
C HIS C 126 -19.95 -8.64 -13.76
N ARG C 127 -19.05 -8.98 -12.83
CA ARG C 127 -19.36 -9.54 -11.50
C ARG C 127 -18.64 -8.74 -10.41
N LEU C 128 -19.22 -7.65 -9.95
CA LEU C 128 -18.62 -6.82 -8.87
C LEU C 128 -19.49 -6.95 -7.61
N GLY C 129 -19.01 -6.40 -6.50
CA GLY C 129 -19.70 -6.45 -5.20
C GLY C 129 -19.79 -7.85 -4.66
N ARG C 130 -18.77 -8.66 -4.90
CA ARG C 130 -18.69 -10.08 -4.45
C ARG C 130 -18.55 -10.12 -2.93
N THR C 131 -17.79 -9.20 -2.33
CA THR C 131 -17.50 -9.17 -0.88
C THR C 131 -18.72 -8.67 -0.13
N SER C 132 -19.02 -9.34 0.98
CA SER C 132 -20.12 -9.02 1.92
C SER C 132 -19.53 -8.29 3.12
N PHE C 133 -20.19 -7.24 3.61
CA PHE C 133 -19.73 -6.40 4.76
C PHE C 133 -20.72 -6.54 5.90
N ARG C 134 -20.30 -7.06 7.06
CA ARG C 134 -21.22 -7.40 8.18
C ARG C 134 -20.69 -6.89 9.53
N ASN C 135 -19.58 -6.14 9.58
CA ASN C 135 -18.90 -5.77 10.86
C ASN C 135 -19.24 -4.33 11.30
N LEU C 136 -20.35 -3.75 10.78
CA LEU C 136 -20.67 -2.31 10.90
C LEU C 136 -21.65 -2.06 12.07
N HIS C 147 -27.86 -2.12 1.26
CA HIS C 147 -26.38 -2.00 1.35
C HIS C 147 -25.70 -3.04 0.43
N ASN C 148 -25.99 -4.35 0.59
CA ASN C 148 -25.33 -5.46 -0.16
C ASN C 148 -26.11 -5.79 -1.45
N VAL C 149 -26.79 -4.79 -2.04
CA VAL C 149 -27.40 -4.80 -3.40
C VAL C 149 -26.49 -4.01 -4.34
N SER C 150 -25.29 -3.67 -3.86
CA SER C 150 -24.28 -2.94 -4.64
C SER C 150 -23.95 -3.74 -5.90
N TRP C 151 -24.07 -5.08 -5.86
CA TRP C 151 -23.60 -5.96 -6.96
C TRP C 151 -24.38 -5.70 -8.25
N LEU C 152 -25.68 -5.39 -8.17
CA LEU C 152 -26.50 -5.03 -9.36
C LEU C 152 -25.93 -3.76 -9.98
N TYR C 153 -25.82 -2.68 -9.19
CA TYR C 153 -25.42 -1.33 -9.66
C TYR C 153 -23.98 -1.35 -10.17
N LEU C 154 -23.04 -1.86 -9.36
CA LEU C 154 -21.58 -1.87 -9.70
C LEU C 154 -21.37 -2.68 -10.97
N SER C 155 -22.05 -3.82 -11.13
CA SER C 155 -21.85 -4.71 -12.30
C SER C 155 -22.37 -4.02 -13.56
N ARG C 156 -23.52 -3.37 -13.44
CA ARG C 156 -24.17 -2.56 -14.51
C ARG C 156 -23.20 -1.45 -14.92
N LEU C 157 -22.57 -0.81 -13.95
CA LEU C 157 -21.68 0.35 -14.16
C LEU C 157 -20.40 -0.11 -14.85
N SER C 158 -19.78 -1.23 -14.44
CA SER C 158 -18.59 -1.79 -15.13
C SER C 158 -18.91 -2.03 -16.60
N ALA C 159 -20.04 -2.69 -16.88
CA ALA C 159 -20.42 -3.07 -18.25
C ALA C 159 -20.57 -1.80 -19.09
N MET C 160 -21.25 -0.79 -18.55
CA MET C 160 -21.50 0.50 -19.22
C MET C 160 -20.16 1.16 -19.55
N LYS C 161 -19.23 1.21 -18.59
CA LYS C 161 -17.90 1.86 -18.74
C LYS C 161 -17.09 1.08 -19.79
N GLU C 162 -17.14 -0.26 -19.75
CA GLU C 162 -16.41 -1.10 -20.71
C GLU C 162 -16.93 -0.82 -22.12
N PHE C 163 -18.25 -0.80 -22.31
CA PHE C 163 -18.85 -0.56 -23.64
C PHE C 163 -18.41 0.81 -24.15
N ALA C 164 -18.49 1.84 -23.30
CA ALA C 164 -18.19 3.26 -23.65
C ALA C 164 -16.72 3.37 -24.06
N TYR C 165 -15.81 2.84 -23.24
CA TYR C 165 -14.35 2.90 -23.49
C TYR C 165 -14.05 2.08 -24.76
N MET C 166 -14.65 0.91 -24.90
CA MET C 166 -14.39 0.01 -26.06
C MET C 166 -14.80 0.76 -27.34
N LYS C 167 -15.95 1.43 -27.32
CA LYS C 167 -16.44 2.21 -28.48
C LYS C 167 -15.47 3.34 -28.80
N ALA C 168 -15.10 4.14 -27.79
CA ALA C 168 -14.21 5.31 -27.94
C ALA C 168 -12.85 4.85 -28.47
N LEU C 169 -12.29 3.78 -27.90
CA LEU C 169 -10.98 3.24 -28.29
C LEU C 169 -11.06 2.66 -29.71
N TYR C 170 -12.12 1.93 -30.03
CA TYR C 170 -12.29 1.32 -31.37
C TYR C 170 -12.34 2.42 -32.43
N GLU C 171 -13.11 3.48 -32.19
CA GLU C 171 -13.26 4.61 -33.15
C GLU C 171 -11.92 5.34 -33.32
N ARG C 172 -11.04 5.30 -32.32
CA ARG C 172 -9.71 5.95 -32.35
C ARG C 172 -8.65 4.95 -32.81
N LYS C 173 -9.07 3.82 -33.42
CA LYS C 173 -8.18 2.87 -34.15
C LYS C 173 -7.26 2.12 -33.15
N PHE C 174 -7.68 1.96 -31.89
CA PHE C 174 -6.98 1.10 -30.90
C PHE C 174 -7.25 -0.37 -31.20
N PRO C 175 -6.33 -1.29 -30.86
CA PRO C 175 -6.56 -2.72 -31.07
C PRO C 175 -7.43 -3.31 -29.95
N VAL C 176 -8.74 -3.10 -30.06
CA VAL C 176 -9.79 -3.63 -29.13
C VAL C 176 -10.87 -4.26 -29.98
N PRO C 177 -11.73 -5.13 -29.41
CA PRO C 177 -12.83 -5.72 -30.15
C PRO C 177 -13.84 -4.63 -30.54
N LYS C 178 -14.50 -4.79 -31.68
CA LYS C 178 -15.66 -3.94 -32.04
C LYS C 178 -16.78 -4.23 -31.05
N PRO C 179 -17.23 -3.24 -30.24
CA PRO C 179 -18.32 -3.48 -29.29
C PRO C 179 -19.62 -3.48 -30.08
N ILE C 180 -20.59 -4.32 -29.69
CA ILE C 180 -21.84 -4.50 -30.47
C ILE C 180 -23.02 -3.94 -29.67
N ASP C 181 -23.18 -4.37 -28.42
CA ASP C 181 -24.30 -3.89 -27.58
C ASP C 181 -24.01 -4.24 -26.12
N TYR C 182 -24.76 -3.65 -25.21
CA TYR C 182 -24.68 -3.97 -23.77
C TYR C 182 -26.06 -3.81 -23.16
N ASN C 183 -26.27 -4.51 -22.06
CA ASN C 183 -27.44 -4.34 -21.18
C ASN C 183 -27.05 -4.78 -19.78
N ARG C 184 -27.46 -4.01 -18.78
CA ARG C 184 -27.16 -4.35 -17.36
C ARG C 184 -25.67 -4.67 -17.26
N HIS C 185 -25.30 -5.88 -16.83
CA HIS C 185 -23.89 -6.26 -16.56
C HIS C 185 -23.28 -6.98 -17.76
N ALA C 186 -23.99 -7.03 -18.90
CA ALA C 186 -23.60 -7.81 -20.09
C ALA C 186 -23.11 -6.89 -21.20
N VAL C 187 -21.96 -7.21 -21.78
CA VAL C 187 -21.40 -6.55 -22.99
C VAL C 187 -21.18 -7.62 -24.06
N VAL C 188 -21.71 -7.40 -25.26
CA VAL C 188 -21.43 -8.26 -26.44
C VAL C 188 -20.49 -7.52 -27.39
N MET C 189 -19.51 -8.21 -27.94
CA MET C 189 -18.44 -7.63 -28.78
C MET C 189 -17.90 -8.69 -29.75
N GLU C 190 -17.23 -8.22 -30.81
CA GLU C 190 -16.45 -9.06 -31.76
C GLU C 190 -15.68 -10.12 -30.97
N LEU C 191 -15.83 -11.40 -31.35
CA LEU C 191 -14.96 -12.49 -30.85
C LEU C 191 -13.59 -12.35 -31.54
N ILE C 192 -12.50 -12.31 -30.78
CA ILE C 192 -11.14 -12.30 -31.37
C ILE C 192 -10.59 -13.72 -31.35
N ASN C 193 -10.33 -14.26 -32.54
CA ASN C 193 -9.75 -15.60 -32.75
C ASN C 193 -8.26 -15.52 -32.50
N GLY C 194 -7.80 -16.21 -31.47
CA GLY C 194 -6.39 -16.29 -31.09
C GLY C 194 -6.27 -16.76 -29.66
N TYR C 195 -5.08 -16.62 -29.08
CA TYR C 195 -4.74 -17.14 -27.75
C TYR C 195 -4.35 -15.97 -26.88
N PRO C 196 -4.75 -15.93 -25.60
CA PRO C 196 -4.16 -15.00 -24.66
C PRO C 196 -2.65 -15.27 -24.68
N LEU C 197 -1.87 -14.21 -24.59
CA LEU C 197 -0.39 -14.22 -24.66
C LEU C 197 0.15 -15.24 -23.65
N CYS C 198 -0.52 -15.36 -22.49
CA CYS C 198 -0.12 -16.27 -21.38
C CYS C 198 -0.07 -17.72 -21.86
N GLN C 199 -0.84 -18.11 -22.88
CA GLN C 199 -0.77 -19.51 -23.37
C GLN C 199 -0.12 -19.58 -24.75
N ILE C 200 0.73 -18.61 -25.12
CA ILE C 200 1.60 -18.67 -26.33
C ILE C 200 2.96 -19.20 -25.91
N HIS C 201 3.48 -20.23 -26.57
CA HIS C 201 4.74 -20.92 -26.17
C HIS C 201 5.94 -20.39 -26.98
N HIS C 202 5.74 -20.10 -28.27
CA HIS C 202 6.78 -19.60 -29.20
C HIS C 202 6.13 -18.54 -30.09
N VAL C 203 6.95 -17.58 -30.54
CA VAL C 203 6.58 -16.58 -31.58
C VAL C 203 7.79 -16.47 -32.52
N GLU C 204 7.56 -16.32 -33.82
CA GLU C 204 8.66 -16.20 -34.82
C GLU C 204 9.46 -14.93 -34.49
N ASP C 205 8.79 -13.83 -34.14
CA ASP C 205 9.42 -12.50 -33.95
C ASP C 205 8.92 -11.86 -32.65
N PRO C 206 9.52 -12.19 -31.48
CA PRO C 206 9.10 -11.57 -30.22
C PRO C 206 9.22 -10.04 -30.18
N ALA C 207 10.28 -9.48 -30.75
CA ALA C 207 10.53 -8.02 -30.82
C ALA C 207 9.28 -7.30 -31.34
N SER C 208 8.65 -7.88 -32.35
CA SER C 208 7.49 -7.28 -33.05
C SER C 208 6.28 -7.24 -32.12
N VAL C 209 6.02 -8.32 -31.36
CA VAL C 209 4.85 -8.41 -30.45
C VAL C 209 5.11 -7.49 -29.24
N TYR C 210 6.34 -7.49 -28.72
CA TYR C 210 6.81 -6.58 -27.64
C TYR C 210 6.55 -5.12 -28.06
N ASP C 211 6.93 -4.76 -29.29
CA ASP C 211 6.77 -3.38 -29.82
C ASP C 211 5.29 -3.01 -29.87
N GLU C 212 4.42 -3.90 -30.35
CA GLU C 212 2.94 -3.62 -30.39
C GLU C 212 2.45 -3.34 -28.97
N ALA C 213 2.86 -4.15 -28.00
CA ALA C 213 2.44 -4.02 -26.59
C ALA C 213 2.88 -2.65 -26.06
N MET C 214 4.14 -2.29 -26.26
CA MET C 214 4.72 -1.02 -25.76
C MET C 214 4.07 0.17 -26.46
N GLU C 215 3.81 0.09 -27.76
CA GLU C 215 3.14 1.18 -28.53
C GLU C 215 1.70 1.34 -28.02
N LEU C 216 1.06 0.26 -27.57
CA LEU C 216 -0.31 0.32 -27.03
C LEU C 216 -0.30 1.07 -25.70
N ILE C 217 0.66 0.81 -24.83
CA ILE C 217 0.79 1.54 -23.53
C ILE C 217 0.96 3.04 -23.82
N VAL C 218 1.79 3.39 -24.80
CA VAL C 218 2.09 4.80 -25.16
C VAL C 218 0.83 5.47 -25.70
N LYS C 219 0.14 4.80 -26.60
CA LYS C 219 -1.07 5.35 -27.27
C LYS C 219 -2.18 5.58 -26.21
N LEU C 220 -2.34 4.64 -25.28
CA LEU C 220 -3.32 4.81 -24.16
C LEU C 220 -2.95 6.07 -23.35
N ALA C 221 -1.68 6.20 -22.96
CA ALA C 221 -1.19 7.34 -22.15
C ALA C 221 -1.37 8.64 -22.92
N ASN C 222 -1.12 8.64 -24.23
CA ASN C 222 -1.31 9.82 -25.10
C ASN C 222 -2.79 10.25 -25.09
N HIS C 223 -3.71 9.32 -24.80
CA HIS C 223 -5.17 9.57 -24.75
C HIS C 223 -5.63 9.81 -23.31
N GLY C 224 -4.70 9.81 -22.34
CA GLY C 224 -4.96 10.17 -20.93
C GLY C 224 -5.11 8.94 -20.03
N LEU C 225 -4.86 7.73 -20.54
CA LEU C 225 -5.19 6.47 -19.85
C LEU C 225 -3.94 5.63 -19.56
N ILE C 226 -3.88 5.10 -18.34
CA ILE C 226 -2.96 4.00 -17.98
C ILE C 226 -3.82 2.78 -17.66
N HIS C 227 -3.53 1.65 -18.31
CA HIS C 227 -4.34 0.42 -18.22
C HIS C 227 -4.45 -0.01 -16.74
N GLY C 228 -3.33 -0.19 -16.06
CA GLY C 228 -3.28 -0.52 -14.63
C GLY C 228 -3.17 -2.02 -14.35
N ASP C 229 -3.57 -2.86 -15.31
CA ASP C 229 -3.55 -4.34 -15.22
C ASP C 229 -3.05 -4.92 -16.54
N PHE C 230 -2.15 -4.23 -17.24
CA PHE C 230 -1.69 -4.61 -18.60
C PHE C 230 -0.86 -5.88 -18.49
N ASN C 231 -1.33 -7.00 -19.05
CA ASN C 231 -0.63 -8.30 -18.84
C ASN C 231 -0.97 -9.33 -19.92
N GLU C 232 -0.35 -10.51 -19.78
CA GLU C 232 -0.46 -11.65 -20.71
C GLU C 232 -1.85 -12.31 -20.62
N PHE C 233 -2.71 -11.92 -19.68
CA PHE C 233 -4.09 -12.48 -19.53
C PHE C 233 -5.13 -11.59 -20.25
N ASN C 234 -4.78 -10.35 -20.57
CA ASN C 234 -5.66 -9.28 -21.15
C ASN C 234 -5.40 -9.07 -22.64
N LEU C 235 -4.30 -9.62 -23.14
CA LEU C 235 -3.85 -9.40 -24.54
C LEU C 235 -4.01 -10.70 -25.30
N ILE C 236 -4.76 -10.68 -26.39
CA ILE C 236 -4.91 -11.85 -27.28
C ILE C 236 -4.08 -11.66 -28.54
N LEU C 237 -3.31 -12.67 -28.89
CA LEU C 237 -2.50 -12.74 -30.13
C LEU C 237 -3.29 -13.51 -31.18
N ASP C 238 -3.59 -12.90 -32.33
CA ASP C 238 -4.39 -13.50 -33.41
C ASP C 238 -3.48 -14.27 -34.37
N GLU C 239 -4.05 -14.86 -35.42
CA GLU C 239 -3.35 -15.78 -36.39
C GLU C 239 -2.17 -15.06 -37.06
N SER C 240 -2.19 -13.72 -37.17
CA SER C 240 -1.10 -12.93 -37.80
C SER C 240 -0.31 -12.14 -36.75
N ASP C 241 -0.25 -12.63 -35.51
CA ASP C 241 0.66 -12.15 -34.43
C ASP C 241 0.41 -10.68 -34.07
N HIS C 242 -0.81 -10.16 -34.25
CA HIS C 242 -1.24 -8.81 -33.77
C HIS C 242 -1.96 -8.99 -32.43
N ILE C 243 -1.82 -8.03 -31.51
CA ILE C 243 -2.44 -8.11 -30.17
C ILE C 243 -3.74 -7.31 -30.14
N THR C 244 -4.74 -7.84 -29.44
CA THR C 244 -6.01 -7.17 -29.12
C THR C 244 -6.15 -7.14 -27.59
N MET C 245 -6.47 -5.97 -27.05
CA MET C 245 -6.77 -5.74 -25.62
C MET C 245 -8.24 -6.11 -25.36
N ILE C 246 -8.56 -6.97 -24.38
CA ILE C 246 -9.94 -7.48 -24.18
C ILE C 246 -10.46 -7.21 -22.77
N ASP C 247 -9.74 -6.48 -21.92
CA ASP C 247 -10.16 -6.19 -20.52
C ASP C 247 -9.38 -4.96 -20.03
N PHE C 248 -10.09 -3.92 -19.57
CA PHE C 248 -9.51 -2.67 -19.04
C PHE C 248 -10.43 -2.12 -17.96
N PRO C 249 -10.53 -2.83 -16.82
CA PRO C 249 -11.51 -2.49 -15.79
C PRO C 249 -11.16 -1.31 -14.87
N GLN C 250 -9.90 -1.04 -14.59
CA GLN C 250 -9.50 -0.13 -13.47
C GLN C 250 -8.44 0.88 -13.96
N MET C 251 -8.68 1.48 -15.11
CA MET C 251 -7.73 2.40 -15.76
C MET C 251 -7.53 3.64 -14.88
N VAL C 252 -6.32 4.19 -14.93
CA VAL C 252 -5.86 5.34 -14.11
C VAL C 252 -5.65 6.52 -15.06
N SER C 253 -5.98 7.73 -14.61
CA SER C 253 -5.69 9.00 -15.34
C SER C 253 -4.17 9.25 -15.36
N THR C 254 -3.61 9.70 -16.48
CA THR C 254 -2.20 10.18 -16.55
C THR C 254 -2.01 11.41 -15.65
N SER C 255 -3.10 12.03 -15.17
CA SER C 255 -3.08 13.19 -14.24
C SER C 255 -2.98 12.77 -12.79
N HIS C 256 -3.11 11.47 -12.49
CA HIS C 256 -2.94 10.97 -11.09
C HIS C 256 -1.57 11.39 -10.60
N PRO C 257 -1.41 11.86 -9.35
CA PRO C 257 -0.09 12.24 -8.84
C PRO C 257 0.97 11.13 -8.93
N ASN C 258 0.56 9.87 -8.93
CA ASN C 258 1.48 8.70 -9.00
C ASN C 258 1.29 7.98 -10.33
N ALA C 259 0.78 8.69 -11.35
CA ALA C 259 0.58 8.16 -12.71
C ALA C 259 1.84 7.44 -13.19
N GLU C 260 3.01 8.06 -13.00
CA GLU C 260 4.29 7.53 -13.51
C GLU C 260 4.54 6.12 -12.97
N TRP C 261 4.24 5.87 -11.71
CA TRP C 261 4.42 4.54 -11.09
C TRP C 261 3.51 3.52 -11.80
N TYR C 262 2.25 3.88 -12.07
CA TYR C 262 1.27 2.96 -12.71
C TYR C 262 1.74 2.65 -14.14
N PHE C 263 2.22 3.67 -14.84
CA PHE C 263 2.72 3.55 -16.23
C PHE C 263 3.92 2.58 -16.24
N ASP C 264 4.88 2.82 -15.37
CA ASP C 264 6.11 1.99 -15.26
C ASP C 264 5.73 0.54 -14.90
N ARG C 265 4.73 0.34 -14.04
CA ARG C 265 4.30 -1.01 -13.59
C ARG C 265 3.78 -1.80 -14.80
N ASP C 266 2.94 -1.19 -15.62
CA ASP C 266 2.43 -1.83 -16.88
C ASP C 266 3.61 -2.19 -17.78
N VAL C 267 4.57 -1.28 -17.96
CA VAL C 267 5.78 -1.52 -18.81
C VAL C 267 6.59 -2.69 -18.22
N LYS C 268 6.86 -2.70 -16.91
CA LYS C 268 7.68 -3.75 -16.26
C LYS C 268 6.99 -5.11 -16.39
N CYS C 269 5.65 -5.15 -16.32
CA CYS C 269 4.89 -6.43 -16.41
C CYS C 269 5.09 -7.06 -17.79
N ILE C 270 4.99 -6.27 -18.86
CA ILE C 270 5.26 -6.72 -20.26
C ILE C 270 6.71 -7.19 -20.38
N LYS C 271 7.68 -6.41 -19.89
CA LYS C 271 9.11 -6.79 -19.97
C LYS C 271 9.32 -8.15 -19.28
N ASP C 272 8.76 -8.30 -18.08
CA ASP C 272 8.97 -9.51 -17.23
C ASP C 272 8.44 -10.72 -18.01
N PHE C 273 7.25 -10.60 -18.61
CA PHE C 273 6.62 -11.72 -19.34
C PHE C 273 7.46 -12.10 -20.56
N PHE C 274 7.90 -11.11 -21.35
CA PHE C 274 8.68 -11.37 -22.60
C PHE C 274 10.03 -12.01 -22.27
N MET C 275 10.62 -11.67 -21.13
CA MET C 275 11.89 -12.29 -20.66
C MET C 275 11.60 -13.73 -20.23
N LYS C 276 10.56 -13.97 -19.42
CA LYS C 276 10.24 -15.31 -18.85
C LYS C 276 9.88 -16.27 -19.99
N ARG C 277 9.01 -15.85 -20.92
CA ARG C 277 8.39 -16.77 -21.91
C ARG C 277 9.24 -16.89 -23.18
N PHE C 278 9.85 -15.81 -23.67
CA PHE C 278 10.53 -15.78 -25.00
C PHE C 278 12.03 -15.47 -24.87
N SER C 279 12.54 -15.22 -23.66
CA SER C 279 13.95 -14.83 -23.39
C SER C 279 14.26 -13.55 -24.18
N TYR C 280 13.27 -12.68 -24.35
CA TYR C 280 13.38 -11.42 -25.13
C TYR C 280 13.43 -10.22 -24.18
N GLU C 281 14.39 -9.35 -24.43
CA GLU C 281 14.75 -8.14 -23.65
C GLU C 281 15.05 -7.03 -24.64
N SER C 282 14.79 -5.77 -24.28
CA SER C 282 14.95 -4.62 -25.22
C SER C 282 15.09 -3.33 -24.42
N GLU C 283 15.66 -2.29 -25.05
CA GLU C 283 15.76 -0.91 -24.52
C GLU C 283 14.66 -0.04 -25.15
N LEU C 284 13.90 -0.54 -26.15
CA LEU C 284 12.75 0.17 -26.77
C LEU C 284 11.49 0.04 -25.89
N PHE C 285 11.56 0.61 -24.69
CA PHE C 285 10.42 0.68 -23.75
C PHE C 285 10.22 2.13 -23.35
N PRO C 286 8.96 2.59 -23.26
CA PRO C 286 8.68 4.00 -23.00
C PRO C 286 8.93 4.36 -21.54
N THR C 287 9.22 5.64 -21.31
CA THR C 287 9.16 6.28 -19.97
C THR C 287 8.01 7.30 -20.00
N PHE C 288 7.50 7.64 -18.84
CA PHE C 288 6.36 8.58 -18.70
C PHE C 288 6.67 9.93 -19.37
N LYS C 289 7.94 10.36 -19.36
CA LYS C 289 8.39 11.66 -19.93
C LYS C 289 8.13 11.71 -21.45
N ASP C 290 8.06 10.56 -22.12
CA ASP C 290 7.81 10.45 -23.59
C ASP C 290 6.36 10.83 -23.94
N ILE C 291 5.42 10.72 -23.00
CA ILE C 291 3.96 10.87 -23.26
C ILE C 291 3.67 12.32 -23.66
N ARG C 292 2.95 12.52 -24.76
CA ARG C 292 2.42 13.85 -25.20
C ARG C 292 0.90 13.71 -25.33
N ARG C 293 0.17 14.31 -24.40
CA ARG C 293 -1.30 14.21 -24.32
C ARG C 293 -1.93 14.83 -25.57
N GLU C 294 -2.86 14.09 -26.14
CA GLU C 294 -3.51 14.25 -27.45
C GLU C 294 -5.03 14.21 -27.28
N ASP C 295 -5.52 13.62 -26.18
CA ASP C 295 -6.96 13.40 -25.91
C ASP C 295 -7.22 13.40 -24.41
N THR C 296 -8.49 13.35 -24.02
CA THR C 296 -8.98 13.53 -22.63
C THR C 296 -9.94 12.40 -22.24
N LEU C 297 -9.64 11.17 -22.63
CA LEU C 297 -10.54 10.00 -22.40
C LEU C 297 -10.60 9.65 -20.91
N ASP C 298 -9.65 10.14 -20.10
CA ASP C 298 -9.69 10.01 -18.62
C ASP C 298 -10.74 10.95 -18.04
N VAL C 299 -11.14 12.00 -18.75
CA VAL C 299 -12.06 13.04 -18.21
C VAL C 299 -13.48 12.78 -18.75
N GLU C 300 -13.59 12.52 -20.05
CA GLU C 300 -14.88 12.44 -20.77
C GLU C 300 -14.73 11.42 -21.89
N VAL C 301 -15.67 10.48 -21.99
CA VAL C 301 -15.66 9.44 -23.05
C VAL C 301 -16.75 9.81 -24.06
N SER C 302 -16.32 10.18 -25.28
CA SER C 302 -17.18 10.61 -26.42
C SER C 302 -16.56 10.13 -27.75
N GLY D 3 13.12 -16.85 -30.01
CA GLY D 3 13.67 -17.33 -28.70
C GLY D 3 12.68 -18.24 -27.97
N LYS D 4 13.21 -19.10 -27.09
CA LYS D 4 12.43 -20.12 -26.33
C LYS D 4 12.32 -19.65 -24.87
N VAL D 5 11.86 -20.52 -23.97
CA VAL D 5 11.58 -20.16 -22.54
C VAL D 5 12.91 -19.87 -21.83
N ASN D 6 12.93 -18.84 -20.97
CA ASN D 6 14.10 -18.47 -20.13
C ASN D 6 14.28 -19.52 -19.05
N VAL D 7 15.52 -19.92 -18.80
CA VAL D 7 15.93 -20.92 -17.77
C VAL D 7 17.10 -20.34 -17.00
N ALA D 8 17.14 -20.56 -15.69
CA ALA D 8 18.21 -20.11 -14.76
C ALA D 8 18.99 -21.34 -14.26
N LYS D 9 20.33 -21.29 -14.35
CA LYS D 9 21.25 -22.29 -13.74
C LYS D 9 20.90 -22.43 -12.25
N LEU D 10 21.01 -23.63 -11.68
CA LEU D 10 20.77 -23.89 -10.24
C LEU D 10 21.84 -23.14 -9.43
N ARG D 11 21.44 -22.55 -8.30
CA ARG D 11 22.34 -21.87 -7.32
C ARG D 11 23.50 -22.82 -7.00
N TYR D 12 24.73 -22.31 -6.98
CA TYR D 12 25.93 -23.04 -6.50
C TYR D 12 25.74 -23.36 -5.01
N MET D 13 26.17 -24.55 -4.58
CA MET D 13 26.23 -24.92 -3.14
C MET D 13 27.49 -25.74 -2.90
N SER D 14 28.24 -25.44 -1.82
CA SER D 14 29.41 -26.22 -1.37
C SER D 14 28.95 -27.61 -0.90
N ARG D 15 29.87 -28.58 -0.85
CA ARG D 15 29.58 -29.95 -0.34
C ARG D 15 29.13 -29.84 1.14
N ASP D 16 29.75 -28.94 1.91
CA ASP D 16 29.39 -28.66 3.33
C ASP D 16 27.93 -28.24 3.43
N ASP D 17 27.56 -27.16 2.72
CA ASP D 17 26.19 -26.60 2.71
C ASP D 17 25.21 -27.72 2.32
N PHE D 18 25.52 -28.50 1.29
CA PHE D 18 24.65 -29.58 0.75
C PHE D 18 24.53 -30.72 1.77
N ARG D 19 25.59 -30.99 2.52
CA ARG D 19 25.58 -32.05 3.56
C ARG D 19 24.63 -31.65 4.69
N VAL D 20 24.67 -30.39 5.13
CA VAL D 20 23.80 -29.87 6.21
C VAL D 20 22.34 -29.93 5.75
N LEU D 21 22.06 -29.58 4.49
CA LEU D 21 20.70 -29.57 3.92
C LEU D 21 20.18 -31.02 3.87
N THR D 22 21.04 -31.97 3.49
CA THR D 22 20.74 -33.42 3.48
C THR D 22 20.54 -33.92 4.91
N ALA D 23 21.33 -33.43 5.86
CA ALA D 23 21.22 -33.78 7.29
C ALA D 23 19.83 -33.36 7.81
N VAL D 24 19.36 -32.16 7.45
CA VAL D 24 18.02 -31.67 7.87
C VAL D 24 16.97 -32.63 7.32
N GLU D 25 17.08 -33.01 6.05
CA GLU D 25 16.16 -33.97 5.38
C GLU D 25 16.18 -35.30 6.15
N MET D 26 17.35 -35.88 6.41
CA MET D 26 17.47 -37.17 7.17
C MET D 26 16.81 -36.99 8.54
N GLY D 27 17.09 -35.89 9.23
CA GLY D 27 16.53 -35.58 10.57
C GLY D 27 15.01 -35.66 10.57
N MET D 28 14.37 -35.30 9.45
CA MET D 28 12.89 -35.19 9.36
C MET D 28 12.23 -36.58 9.19
N LYS D 29 13.00 -37.66 9.02
CA LYS D 29 12.47 -39.05 9.09
C LYS D 29 11.83 -39.26 10.48
N ASN D 30 12.40 -38.69 11.54
CA ASN D 30 12.06 -38.99 12.95
C ASN D 30 11.61 -37.75 13.73
N HIS D 31 11.62 -36.55 13.14
CA HIS D 31 11.33 -35.27 13.86
C HIS D 31 10.61 -34.29 12.92
N GLU D 32 9.53 -33.66 13.38
CA GLU D 32 8.83 -32.59 12.62
C GLU D 32 9.76 -31.37 12.58
N ILE D 33 10.42 -31.07 13.69
CA ILE D 33 11.42 -29.98 13.85
C ILE D 33 12.75 -30.62 14.32
N VAL D 34 13.80 -30.49 13.53
CA VAL D 34 15.11 -31.18 13.74
C VAL D 34 16.00 -30.28 14.60
N PRO D 35 16.37 -30.71 15.83
CA PRO D 35 17.27 -29.92 16.67
C PRO D 35 18.62 -29.68 15.97
N GLY D 36 19.24 -28.51 16.21
CA GLY D 36 20.52 -28.10 15.62
C GLY D 36 21.65 -29.07 15.98
N SER D 37 21.61 -29.66 17.18
CA SER D 37 22.61 -30.64 17.68
C SER D 37 22.51 -31.93 16.85
N LEU D 38 21.29 -32.40 16.55
CA LEU D 38 21.07 -33.63 15.75
C LEU D 38 21.59 -33.41 14.33
N ILE D 39 21.32 -32.24 13.74
CA ILE D 39 21.77 -31.86 12.38
C ILE D 39 23.30 -31.89 12.33
N ALA D 40 23.96 -31.33 13.36
CA ALA D 40 25.43 -31.25 13.45
C ALA D 40 26.04 -32.65 13.50
N SER D 41 25.45 -33.57 14.29
CA SER D 41 25.98 -34.95 14.48
C SER D 41 25.69 -35.80 13.22
N ILE D 42 24.58 -35.57 12.52
CA ILE D 42 24.25 -36.28 11.25
C ILE D 42 25.17 -35.76 10.14
N ALA D 43 25.36 -34.44 10.04
CA ALA D 43 26.20 -33.80 9.02
C ALA D 43 27.67 -34.14 9.25
N SER D 44 28.06 -34.17 10.53
CA SER D 44 29.45 -34.36 11.04
C SER D 44 30.46 -33.69 10.10
N LEU D 45 30.45 -32.36 10.04
CA LEU D 45 31.44 -31.57 9.26
C LEU D 45 32.79 -31.68 9.97
N LYS D 46 33.88 -31.71 9.19
CA LYS D 46 35.26 -31.84 9.73
C LYS D 46 35.56 -30.62 10.60
N HIS D 47 35.07 -29.43 10.23
CA HIS D 47 35.39 -28.11 10.84
C HIS D 47 34.30 -27.65 11.81
N GLY D 48 33.10 -28.23 11.78
CA GLY D 48 32.04 -27.99 12.77
C GLY D 48 31.65 -26.52 12.86
N GLY D 49 31.43 -25.86 11.72
CA GLY D 49 30.77 -24.56 11.60
C GLY D 49 29.37 -24.74 11.08
N CYS D 50 28.68 -25.75 11.61
CA CYS D 50 27.32 -26.20 11.19
C CYS D 50 26.30 -25.08 11.40
N ASN D 51 26.41 -24.33 12.49
CA ASN D 51 25.45 -23.25 12.86
C ASN D 51 25.54 -22.10 11.84
N LYS D 52 26.75 -21.74 11.39
CA LYS D 52 26.98 -20.70 10.35
C LYS D 52 26.24 -21.15 9.07
N VAL D 53 26.44 -22.40 8.65
CA VAL D 53 25.84 -22.99 7.42
C VAL D 53 24.31 -22.97 7.53
N LEU D 54 23.75 -23.27 8.71
CA LEU D 54 22.28 -23.30 8.94
C LEU D 54 21.71 -21.90 8.75
N ARG D 55 22.32 -20.89 9.39
CA ARG D 55 21.90 -19.47 9.27
C ARG D 55 21.86 -19.08 7.78
N GLU D 56 22.88 -19.51 7.01
CA GLU D 56 23.02 -19.20 5.56
C GLU D 56 21.90 -19.90 4.76
N LEU D 57 21.49 -21.11 5.16
CA LEU D 57 20.41 -21.88 4.49
C LEU D 57 19.06 -21.24 4.80
N VAL D 58 18.88 -20.68 6.01
CA VAL D 58 17.67 -19.89 6.37
C VAL D 58 17.60 -18.66 5.45
N LYS D 59 18.71 -17.91 5.35
CA LYS D 59 18.81 -16.66 4.55
C LYS D 59 18.38 -16.95 3.09
N HIS D 60 18.72 -18.12 2.55
CA HIS D 60 18.40 -18.50 1.15
C HIS D 60 17.09 -19.29 1.08
N LYS D 61 16.35 -19.41 2.19
CA LYS D 61 14.94 -19.87 2.23
C LYS D 61 14.84 -21.39 1.96
N LEU D 62 15.93 -22.13 2.18
CA LEU D 62 15.99 -23.60 1.89
C LEU D 62 15.57 -24.38 3.14
N ILE D 63 15.72 -23.79 4.32
CA ILE D 63 15.18 -24.35 5.59
C ILE D 63 14.54 -23.19 6.36
N ALA D 64 13.73 -23.51 7.37
CA ALA D 64 13.05 -22.51 8.23
C ALA D 64 13.30 -22.89 9.69
N TRP D 65 13.49 -21.88 10.53
CA TRP D 65 13.64 -22.04 12.00
C TRP D 65 12.25 -21.99 12.64
N GLU D 66 11.99 -22.82 13.65
CA GLU D 66 10.71 -22.82 14.43
C GLU D 66 11.02 -23.16 15.88
N ARG D 67 10.30 -22.51 16.82
CA ARG D 67 10.31 -22.82 18.28
C ARG D 67 8.85 -23.03 18.76
N THR D 68 8.55 -24.21 19.31
CA THR D 68 7.25 -24.55 19.96
C THR D 68 7.44 -24.44 21.49
N LYS D 69 6.50 -24.97 22.27
CA LYS D 69 6.66 -25.11 23.75
C LYS D 69 7.47 -26.38 24.00
N THR D 70 8.79 -26.24 24.21
CA THR D 70 9.71 -27.33 24.65
C THR D 70 10.29 -28.14 23.48
N VAL D 71 10.23 -27.62 22.23
CA VAL D 71 11.14 -28.07 21.12
C VAL D 71 11.45 -26.87 20.20
N GLN D 72 12.68 -26.78 19.68
CA GLN D 72 13.11 -25.70 18.75
C GLN D 72 14.27 -26.19 17.86
N GLY D 73 14.17 -25.92 16.55
CA GLY D 73 15.16 -26.33 15.53
C GLY D 73 14.72 -25.95 14.13
N TYR D 74 14.97 -26.83 13.15
CA TYR D 74 14.90 -26.51 11.69
C TYR D 74 14.05 -27.55 10.96
N ARG D 75 13.48 -27.15 9.83
CA ARG D 75 12.76 -28.03 8.88
C ARG D 75 13.06 -27.57 7.45
N LEU D 76 13.03 -28.52 6.52
CA LEU D 76 13.13 -28.28 5.06
C LEU D 76 11.93 -27.43 4.63
N THR D 77 12.13 -26.46 3.74
CA THR D 77 11.05 -25.73 3.03
C THR D 77 10.79 -26.43 1.71
N ASN D 78 9.72 -26.05 1.01
CA ASN D 78 9.44 -26.56 -0.35
C ASN D 78 10.65 -26.24 -1.24
N ALA D 79 11.21 -25.03 -1.11
CA ALA D 79 12.37 -24.58 -1.92
C ALA D 79 13.58 -25.49 -1.62
N GLY D 80 13.76 -25.90 -0.36
CA GLY D 80 14.85 -26.78 0.09
C GLY D 80 14.74 -28.17 -0.53
N TYR D 81 13.55 -28.76 -0.46
CA TYR D 81 13.27 -30.10 -1.03
C TYR D 81 13.47 -30.03 -2.55
N ASP D 82 12.88 -29.04 -3.20
CA ASP D 82 13.05 -28.78 -4.65
C ASP D 82 14.56 -28.75 -4.99
N TYR D 83 15.35 -28.02 -4.22
CA TYR D 83 16.80 -27.83 -4.47
C TYR D 83 17.52 -29.19 -4.35
N LEU D 84 17.25 -29.96 -3.30
CA LEU D 84 17.88 -31.30 -3.09
C LEU D 84 17.64 -32.16 -4.34
N ALA D 85 16.40 -32.22 -4.80
CA ALA D 85 16.00 -33.06 -5.96
C ALA D 85 16.73 -32.57 -7.22
N LEU D 86 16.70 -31.27 -7.46
CA LEU D 86 17.24 -30.68 -8.72
C LEU D 86 18.77 -30.75 -8.71
N LYS D 87 19.42 -30.51 -7.57
CA LYS D 87 20.90 -30.62 -7.44
C LYS D 87 21.32 -32.08 -7.69
N THR D 88 20.57 -33.05 -7.16
CA THR D 88 20.84 -34.49 -7.39
C THR D 88 20.75 -34.80 -8.90
N LEU D 89 19.66 -34.35 -9.54
CA LEU D 89 19.45 -34.55 -11.00
C LEU D 89 20.56 -33.82 -11.78
N SER D 90 21.02 -32.68 -11.27
CA SER D 90 22.11 -31.88 -11.91
C SER D 90 23.41 -32.68 -11.91
N SER D 91 23.74 -33.37 -10.82
CA SER D 91 24.98 -34.18 -10.70
C SER D 91 24.92 -35.39 -11.64
N ARG D 92 23.74 -35.81 -12.09
CA ARG D 92 23.58 -36.92 -13.09
C ARG D 92 23.49 -36.36 -14.51
N GLN D 93 23.73 -35.05 -14.70
CA GLN D 93 23.71 -34.34 -16.01
C GLN D 93 22.31 -34.36 -16.65
N VAL D 94 21.25 -34.50 -15.86
CA VAL D 94 19.85 -34.54 -16.37
C VAL D 94 19.30 -33.12 -16.47
N VAL D 95 19.58 -32.28 -15.47
CA VAL D 95 19.06 -30.89 -15.38
C VAL D 95 20.23 -29.95 -15.09
N GLU D 96 20.36 -28.87 -15.85
CA GLU D 96 21.32 -27.78 -15.53
C GLU D 96 20.56 -26.52 -15.13
N SER D 97 19.42 -26.24 -15.78
CA SER D 97 18.67 -24.96 -15.67
C SER D 97 17.17 -25.22 -15.51
N VAL D 98 16.49 -24.34 -14.79
CA VAL D 98 15.04 -24.42 -14.48
C VAL D 98 14.34 -23.16 -14.98
N GLY D 99 13.25 -23.33 -15.71
CA GLY D 99 12.38 -22.25 -16.18
C GLY D 99 11.21 -22.04 -15.24
N ASN D 100 10.22 -21.27 -15.67
CA ASN D 100 9.03 -20.93 -14.87
C ASN D 100 8.02 -22.07 -14.98
N GLN D 101 7.15 -22.18 -13.98
CA GLN D 101 6.00 -23.11 -14.00
C GLN D 101 5.21 -22.81 -15.27
N MET D 102 4.79 -23.84 -15.99
CA MET D 102 3.97 -23.65 -17.21
C MET D 102 2.82 -24.68 -17.27
N GLY D 103 2.49 -25.32 -16.14
CA GLY D 103 1.30 -26.18 -16.03
C GLY D 103 1.17 -26.79 -14.64
N VAL D 104 0.08 -27.53 -14.41
CA VAL D 104 -0.18 -28.29 -13.16
C VAL D 104 -0.73 -29.67 -13.53
N GLY D 105 -0.39 -30.70 -12.75
CA GLY D 105 -1.16 -31.96 -12.68
C GLY D 105 -2.15 -31.82 -11.55
N LYS D 106 -2.85 -32.89 -11.18
CA LYS D 106 -3.81 -32.84 -10.06
C LYS D 106 -3.06 -32.49 -8.76
N GLU D 107 -1.83 -33.00 -8.59
CA GLU D 107 -1.06 -32.90 -7.33
C GLU D 107 0.42 -32.59 -7.63
N SER D 108 0.69 -31.90 -8.72
CA SER D 108 2.07 -31.62 -9.19
C SER D 108 2.15 -30.28 -9.91
N ASP D 109 3.33 -29.66 -9.87
CA ASP D 109 3.66 -28.43 -10.61
C ASP D 109 4.58 -28.84 -11.75
N ILE D 110 4.35 -28.27 -12.94
CA ILE D 110 5.08 -28.63 -14.19
C ILE D 110 5.93 -27.43 -14.60
N TYR D 111 7.21 -27.66 -14.84
CA TYR D 111 8.20 -26.63 -15.22
C TYR D 111 8.94 -27.12 -16.47
N ILE D 112 9.46 -26.18 -17.24
CA ILE D 112 10.45 -26.48 -18.30
C ILE D 112 11.83 -26.41 -17.66
N VAL D 113 12.67 -27.39 -17.96
CA VAL D 113 14.10 -27.45 -17.55
C VAL D 113 14.93 -27.68 -18.82
N ALA D 114 16.25 -27.46 -18.72
CA ALA D 114 17.20 -27.70 -19.83
C ALA D 114 18.44 -28.39 -19.27
N ASN D 115 19.07 -29.24 -20.08
CA ASN D 115 20.39 -29.84 -19.78
C ASN D 115 21.47 -28.83 -20.20
N GLU D 116 22.75 -29.22 -20.09
CA GLU D 116 23.90 -28.30 -20.34
C GLU D 116 23.91 -27.84 -21.81
N GLU D 117 23.41 -28.67 -22.74
CA GLU D 117 23.39 -28.38 -24.19
C GLU D 117 22.20 -27.48 -24.56
N GLY D 118 21.28 -27.22 -23.62
CA GLY D 118 20.12 -26.34 -23.84
C GLY D 118 18.92 -27.06 -24.46
N GLN D 119 18.93 -28.40 -24.50
CA GLN D 119 17.74 -29.23 -24.86
C GLN D 119 16.70 -29.10 -23.73
N GLN D 120 15.45 -28.83 -24.08
CA GLN D 120 14.36 -28.59 -23.09
C GLN D 120 13.69 -29.93 -22.75
N PHE D 121 13.28 -30.08 -21.50
CA PHE D 121 12.52 -31.25 -20.98
C PHE D 121 11.43 -30.73 -20.06
N ALA D 122 10.48 -31.60 -19.68
CA ALA D 122 9.44 -31.29 -18.69
C ALA D 122 9.90 -31.82 -17.33
N LEU D 123 9.68 -31.01 -16.29
CA LEU D 123 9.90 -31.39 -14.87
C LEU D 123 8.54 -31.37 -14.19
N LYS D 124 8.21 -32.43 -13.48
CA LYS D 124 7.05 -32.47 -12.55
C LYS D 124 7.58 -32.57 -11.13
N LEU D 125 7.20 -31.62 -10.28
CA LEU D 125 7.46 -31.64 -8.82
C LEU D 125 6.15 -32.00 -8.14
N HIS D 126 6.11 -33.17 -7.47
CA HIS D 126 4.90 -33.70 -6.79
C HIS D 126 4.77 -32.98 -5.44
N ARG D 127 3.55 -32.54 -5.11
CA ARG D 127 3.23 -31.75 -3.90
C ARG D 127 2.03 -32.39 -3.20
N LEU D 128 2.26 -33.36 -2.33
CA LEU D 128 1.20 -34.01 -1.54
C LEU D 128 1.38 -33.62 -0.07
N GLY D 129 0.40 -33.97 0.77
CA GLY D 129 0.45 -33.67 2.22
C GLY D 129 0.30 -32.19 2.47
N ARG D 130 -0.47 -31.49 1.64
CA ARG D 130 -0.69 -30.02 1.76
C ARG D 130 -1.57 -29.75 2.98
N THR D 131 -2.56 -30.61 3.26
CA THR D 131 -3.54 -30.39 4.36
C THR D 131 -2.86 -30.71 5.69
N SER D 132 -3.10 -29.87 6.68
CA SER D 132 -2.60 -29.97 8.06
C SER D 132 -3.75 -30.51 8.94
N PHE D 133 -3.47 -31.41 9.88
CA PHE D 133 -4.48 -32.06 10.76
C PHE D 133 -4.23 -31.67 12.21
N ARG D 134 -5.20 -31.04 12.88
CA ARG D 134 -4.98 -30.42 14.22
C ARG D 134 -6.09 -30.77 15.23
N ASN D 135 -7.08 -31.59 14.86
CA ASN D 135 -8.31 -31.79 15.69
C ASN D 135 -8.25 -33.11 16.48
N LEU D 136 -7.06 -33.68 16.67
CA LEU D 136 -6.85 -35.04 17.25
C LEU D 136 -6.53 -34.94 18.75
N HIS D 147 4.49 -36.43 12.29
CA HIS D 147 3.12 -36.65 11.74
C HIS D 147 2.90 -35.83 10.46
N ASN D 148 3.10 -34.50 10.49
CA ASN D 148 2.95 -33.57 9.31
C ASN D 148 4.28 -33.45 8.55
N VAL D 149 5.09 -34.51 8.53
CA VAL D 149 6.29 -34.73 7.66
C VAL D 149 5.89 -35.70 6.55
N SER D 150 4.59 -36.00 6.45
CA SER D 150 4.02 -36.90 5.42
C SER D 150 4.37 -36.33 4.04
N TRP D 151 4.51 -35.00 3.91
CA TRP D 151 4.64 -34.33 2.59
C TRP D 151 5.93 -34.77 1.88
N LEU D 152 7.02 -35.01 2.62
CA LEU D 152 8.29 -35.54 2.04
C LEU D 152 8.02 -36.92 1.45
N TYR D 153 7.50 -37.85 2.25
CA TYR D 153 7.33 -39.28 1.89
C TYR D 153 6.29 -39.41 0.77
N LEU D 154 5.10 -38.82 0.94
CA LEU D 154 4.00 -38.92 -0.05
C LEU D 154 4.45 -38.36 -1.40
N SER D 155 5.17 -37.24 -1.40
CA SER D 155 5.59 -36.56 -2.66
C SER D 155 6.62 -37.43 -3.38
N ARG D 156 7.55 -38.00 -2.61
CA ARG D 156 8.59 -38.96 -3.10
C ARG D 156 7.89 -40.15 -3.74
N LEU D 157 6.85 -40.65 -3.08
CA LEU D 157 6.12 -41.86 -3.51
C LEU D 157 5.33 -41.58 -4.80
N SER D 158 4.64 -40.43 -4.91
CA SER D 158 3.95 -40.03 -6.17
C SER D 158 4.94 -40.03 -7.32
N ALA D 159 6.09 -39.38 -7.13
CA ALA D 159 7.09 -39.22 -8.21
C ALA D 159 7.56 -40.60 -8.66
N MET D 160 7.85 -41.48 -7.70
CA MET D 160 8.34 -42.86 -7.96
C MET D 160 7.28 -43.61 -8.78
N LYS D 161 6.01 -43.54 -8.37
CA LYS D 161 4.89 -44.25 -9.03
C LYS D 161 4.69 -43.69 -10.43
N GLU D 162 4.78 -42.36 -10.59
CA GLU D 162 4.62 -41.72 -11.91
C GLU D 162 5.74 -42.21 -12.84
N PHE D 163 6.99 -42.22 -12.38
CA PHE D 163 8.13 -42.66 -13.21
C PHE D 163 7.91 -44.11 -13.63
N ALA D 164 7.54 -44.99 -12.69
CA ALA D 164 7.36 -46.44 -12.93
C ALA D 164 6.25 -46.67 -13.96
N TYR D 165 5.08 -46.04 -13.76
CA TYR D 165 3.93 -46.17 -14.67
C TYR D 165 4.29 -45.59 -16.04
N MET D 166 4.94 -44.43 -16.06
CA MET D 166 5.30 -43.76 -17.33
C MET D 166 6.24 -44.67 -18.13
N LYS D 167 7.21 -45.30 -17.46
CA LYS D 167 8.14 -46.24 -18.12
C LYS D 167 7.37 -47.44 -18.67
N ALA D 168 6.54 -48.08 -17.85
CA ALA D 168 5.76 -49.28 -18.23
C ALA D 168 4.84 -48.95 -19.40
N LEU D 169 4.14 -47.82 -19.33
CA LEU D 169 3.19 -47.39 -20.39
C LEU D 169 3.96 -47.03 -21.66
N TYR D 170 5.08 -46.34 -21.54
CA TYR D 170 5.90 -45.94 -22.72
C TYR D 170 6.39 -47.19 -23.45
N GLU D 171 6.89 -48.19 -22.71
CA GLU D 171 7.43 -49.45 -23.30
C GLU D 171 6.30 -50.23 -23.97
N ARG D 172 5.06 -50.06 -23.53
CA ARG D 172 3.87 -50.74 -24.11
C ARG D 172 3.21 -49.85 -25.17
N LYS D 173 3.93 -48.82 -25.66
CA LYS D 173 3.56 -48.02 -26.85
C LYS D 173 2.32 -47.15 -26.55
N PHE D 174 2.08 -46.78 -25.28
CA PHE D 174 1.03 -45.80 -24.90
C PHE D 174 1.50 -44.39 -25.23
N PRO D 175 0.57 -43.44 -25.53
CA PRO D 175 0.95 -42.07 -25.81
C PRO D 175 1.20 -41.29 -24.51
N VAL D 176 2.40 -41.48 -23.95
CA VAL D 176 2.90 -40.77 -22.73
C VAL D 176 4.28 -40.24 -23.06
N PRO D 177 4.81 -39.26 -22.28
CA PRO D 177 6.16 -38.76 -22.51
C PRO D 177 7.19 -39.86 -22.17
N LYS D 178 8.31 -39.88 -22.88
CA LYS D 178 9.46 -40.76 -22.51
C LYS D 178 10.01 -40.27 -21.17
N PRO D 179 9.97 -41.10 -20.11
CA PRO D 179 10.48 -40.69 -18.81
C PRO D 179 12.00 -40.76 -18.87
N ILE D 180 12.71 -39.85 -18.20
CA ILE D 180 14.19 -39.75 -18.32
C ILE D 180 14.82 -40.11 -16.97
N ASP D 181 14.38 -39.49 -15.88
CA ASP D 181 14.96 -39.79 -14.54
C ASP D 181 14.02 -39.22 -13.49
N TYR D 182 14.23 -39.63 -12.24
CA TYR D 182 13.49 -39.10 -11.07
C TYR D 182 14.40 -39.10 -9.86
N ASN D 183 14.09 -38.21 -8.92
CA ASN D 183 14.72 -38.18 -7.57
C ASN D 183 13.73 -37.50 -6.62
N ARG D 184 13.59 -38.07 -5.43
CA ARG D 184 12.67 -37.52 -4.41
C ARG D 184 11.33 -37.26 -5.08
N HIS D 185 10.84 -36.02 -5.09
CA HIS D 185 9.48 -35.67 -5.59
C HIS D 185 9.56 -35.17 -7.04
N ALA D 186 10.72 -35.29 -7.69
CA ALA D 186 10.97 -34.73 -9.03
C ALA D 186 11.02 -35.84 -10.08
N VAL D 187 10.29 -35.66 -11.18
CA VAL D 187 10.34 -36.52 -12.39
C VAL D 187 10.70 -35.65 -13.59
N VAL D 188 11.73 -36.05 -14.34
CA VAL D 188 12.09 -35.39 -15.63
C VAL D 188 11.69 -36.32 -16.77
N MET D 189 11.12 -35.74 -17.84
CA MET D 189 10.53 -36.50 -18.97
C MET D 189 10.56 -35.63 -20.24
N GLU D 190 10.45 -36.28 -21.39
CA GLU D 190 10.26 -35.64 -22.72
C GLU D 190 9.27 -34.47 -22.56
N LEU D 191 9.63 -33.29 -23.02
CA LEU D 191 8.68 -32.15 -23.18
C LEU D 191 7.81 -32.44 -24.40
N ILE D 192 6.49 -32.39 -24.26
CA ILE D 192 5.57 -32.54 -25.42
C ILE D 192 5.16 -31.15 -25.88
N ASN D 193 5.52 -30.83 -27.12
CA ASN D 193 5.19 -29.53 -27.78
C ASN D 193 3.76 -29.61 -28.26
N GLY D 194 2.90 -28.78 -27.69
CA GLY D 194 1.48 -28.70 -28.04
C GLY D 194 0.71 -27.99 -26.95
N TYR D 195 -0.61 -28.10 -27.00
CA TYR D 195 -1.52 -27.38 -26.09
C TYR D 195 -2.35 -28.43 -25.36
N PRO D 196 -2.62 -28.25 -24.06
CA PRO D 196 -3.64 -29.04 -23.39
C PRO D 196 -4.93 -28.82 -24.18
N LEU D 197 -5.71 -29.90 -24.33
CA LEU D 197 -6.97 -29.94 -25.10
C LEU D 197 -7.87 -28.80 -24.65
N CYS D 198 -7.83 -28.46 -23.35
CA CYS D 198 -8.69 -27.42 -22.73
C CYS D 198 -8.43 -26.05 -23.38
N GLN D 199 -7.26 -25.80 -23.96
CA GLN D 199 -7.02 -24.51 -24.63
C GLN D 199 -6.91 -24.69 -26.16
N ILE D 200 -7.52 -25.73 -26.72
CA ILE D 200 -7.69 -25.89 -28.20
C ILE D 200 -9.07 -25.36 -28.59
N HIS D 201 -9.16 -24.46 -29.56
CA HIS D 201 -10.40 -23.76 -29.95
C HIS D 201 -11.08 -24.44 -31.14
N HIS D 202 -10.31 -24.93 -32.10
CA HIS D 202 -10.79 -25.61 -33.33
C HIS D 202 -9.85 -26.78 -33.64
N VAL D 203 -10.39 -27.81 -34.28
CA VAL D 203 -9.62 -28.94 -34.87
C VAL D 203 -10.23 -29.22 -36.24
N GLU D 204 -9.42 -29.53 -37.26
CA GLU D 204 -9.92 -29.84 -38.63
C GLU D 204 -10.81 -31.09 -38.53
N ASP D 205 -10.42 -32.09 -37.74
CA ASP D 205 -11.12 -33.40 -37.65
C ASP D 205 -11.33 -33.80 -36.18
N PRO D 206 -12.40 -33.32 -35.51
CA PRO D 206 -12.68 -33.71 -34.13
C PRO D 206 -12.88 -35.22 -33.92
N ALA D 207 -13.55 -35.91 -34.86
CA ALA D 207 -13.81 -37.37 -34.82
C ALA D 207 -12.51 -38.11 -34.54
N SER D 208 -11.43 -37.69 -35.20
CA SER D 208 -10.11 -38.34 -35.14
C SER D 208 -9.50 -38.19 -33.75
N VAL D 209 -9.60 -37.01 -33.14
CA VAL D 209 -9.02 -36.73 -31.79
C VAL D 209 -9.87 -37.46 -30.75
N TYR D 210 -11.20 -37.42 -30.89
CA TYR D 210 -12.17 -38.18 -30.06
C TYR D 210 -11.81 -39.67 -30.06
N ASP D 211 -11.55 -40.23 -31.24
CA ASP D 211 -11.22 -41.66 -31.41
C ASP D 211 -9.92 -41.97 -30.65
N GLU D 212 -8.88 -41.14 -30.78
CA GLU D 212 -7.60 -41.37 -30.06
C GLU D 212 -7.86 -41.41 -28.55
N ALA D 213 -8.67 -40.46 -28.04
CA ALA D 213 -8.99 -40.34 -26.61
C ALA D 213 -9.71 -41.62 -26.14
N MET D 214 -10.72 -42.06 -26.89
CA MET D 214 -11.53 -43.25 -26.53
C MET D 214 -10.68 -44.52 -26.62
N GLU D 215 -9.81 -44.63 -27.63
CA GLU D 215 -8.90 -45.80 -27.80
C GLU D 215 -7.91 -45.83 -26.63
N LEU D 216 -7.51 -44.67 -26.10
CA LEU D 216 -6.59 -44.60 -24.95
C LEU D 216 -7.29 -45.13 -23.69
N ILE D 217 -8.55 -44.77 -23.46
CA ILE D 217 -9.34 -45.30 -22.30
C ILE D 217 -9.42 -46.83 -22.40
N VAL D 218 -9.67 -47.35 -23.60
CA VAL D 218 -9.85 -48.81 -23.84
C VAL D 218 -8.52 -49.51 -23.58
N LYS D 219 -7.42 -48.95 -24.13
CA LYS D 219 -6.09 -49.58 -24.01
C LYS D 219 -5.67 -49.62 -22.54
N LEU D 220 -5.91 -48.53 -21.79
CA LEU D 220 -5.62 -48.49 -20.34
C LEU D 220 -6.39 -49.62 -19.64
N ALA D 221 -7.70 -49.73 -19.89
CA ALA D 221 -8.58 -50.73 -19.27
C ALA D 221 -8.12 -52.14 -19.64
N ASN D 222 -7.70 -52.35 -20.89
CA ASN D 222 -7.19 -53.66 -21.36
C ASN D 222 -5.91 -54.03 -20.58
N HIS D 223 -5.21 -53.04 -20.03
CA HIS D 223 -3.96 -53.23 -19.24
C HIS D 223 -4.27 -53.24 -17.74
N GLY D 224 -5.54 -53.11 -17.35
CA GLY D 224 -6.01 -53.22 -15.96
C GLY D 224 -6.24 -51.88 -15.30
N LEU D 225 -6.17 -50.77 -16.04
CA LEU D 225 -6.14 -49.40 -15.47
C LEU D 225 -7.34 -48.57 -15.95
N ILE D 226 -7.96 -47.86 -15.01
CA ILE D 226 -8.88 -46.74 -15.32
C ILE D 226 -8.22 -45.45 -14.79
N HIS D 227 -8.11 -44.46 -15.66
CA HIS D 227 -7.38 -43.20 -15.37
C HIS D 227 -7.96 -42.56 -14.11
N GLY D 228 -9.26 -42.30 -14.10
CA GLY D 228 -9.99 -41.74 -12.93
C GLY D 228 -10.13 -40.22 -12.98
N ASP D 229 -9.28 -39.54 -13.73
CA ASP D 229 -9.26 -38.06 -13.89
C ASP D 229 -9.02 -37.70 -15.36
N PHE D 230 -9.51 -38.53 -16.29
CA PHE D 230 -9.23 -38.39 -17.75
C PHE D 230 -9.95 -37.13 -18.24
N ASN D 231 -9.22 -36.10 -18.67
CA ASN D 231 -9.85 -34.82 -19.03
C ASN D 231 -8.98 -33.97 -19.96
N GLU D 232 -9.52 -32.81 -20.32
CA GLU D 232 -8.93 -31.84 -21.26
C GLU D 232 -7.72 -31.12 -20.63
N PHE D 233 -7.44 -31.33 -19.33
CA PHE D 233 -6.29 -30.70 -18.62
C PHE D 233 -5.08 -31.65 -18.60
N ASN D 234 -5.27 -32.94 -18.85
CA ASN D 234 -4.28 -34.06 -18.75
C ASN D 234 -3.79 -34.50 -20.13
N LEU D 235 -4.49 -34.09 -21.18
CA LEU D 235 -4.23 -34.55 -22.57
C LEU D 235 -3.66 -33.38 -23.37
N ILE D 236 -2.48 -33.55 -23.93
CA ILE D 236 -1.86 -32.52 -24.80
C ILE D 236 -1.97 -32.94 -26.26
N LEU D 237 -2.43 -32.02 -27.10
CA LEU D 237 -2.56 -32.18 -28.56
C LEU D 237 -1.31 -31.55 -29.21
N ASP D 238 -0.53 -32.33 -29.96
CA ASP D 238 0.72 -31.88 -30.60
C ASP D 238 0.42 -31.29 -31.99
N GLU D 239 1.47 -30.85 -32.70
CA GLU D 239 1.38 -30.12 -34.00
C GLU D 239 0.64 -30.97 -35.05
N SER D 240 0.64 -32.31 -34.93
CA SER D 240 -0.05 -33.22 -35.89
C SER D 240 -1.28 -33.87 -35.26
N ASP D 241 -1.91 -33.19 -34.28
CA ASP D 241 -3.25 -33.52 -33.73
C ASP D 241 -3.28 -34.92 -33.07
N HIS D 242 -2.15 -35.42 -32.55
CA HIS D 242 -2.08 -36.66 -31.73
C HIS D 242 -2.08 -36.27 -30.26
N ILE D 243 -2.69 -37.08 -29.39
CA ILE D 243 -2.81 -36.75 -27.94
C ILE D 243 -1.72 -37.49 -27.15
N THR D 244 -1.17 -36.83 -26.13
CA THR D 244 -0.26 -37.42 -25.13
C THR D 244 -0.87 -37.18 -23.73
N MET D 245 -0.90 -38.23 -22.92
CA MET D 245 -1.33 -38.21 -21.50
C MET D 245 -0.14 -37.76 -20.64
N ILE D 246 -0.30 -36.74 -19.78
CA ILE D 246 0.85 -36.17 -19.00
C ILE D 246 0.61 -36.21 -17.49
N ASP D 247 -0.45 -36.83 -17.00
CA ASP D 247 -0.78 -36.88 -15.55
C ASP D 247 -1.75 -38.04 -15.31
N PHE D 248 -1.41 -38.97 -14.40
CA PHE D 248 -2.25 -40.14 -14.05
C PHE D 248 -2.01 -40.50 -12.59
N PRO D 249 -2.39 -39.61 -11.64
CA PRO D 249 -2.02 -39.77 -10.24
C PRO D 249 -2.86 -40.78 -9.43
N GLN D 250 -4.13 -41.00 -9.77
CA GLN D 250 -5.06 -41.77 -8.88
C GLN D 250 -5.80 -42.86 -9.67
N MET D 251 -5.07 -43.62 -10.47
CA MET D 251 -5.64 -44.67 -11.35
C MET D 251 -6.30 -45.76 -10.49
N VAL D 252 -7.37 -46.34 -11.02
CA VAL D 252 -8.22 -47.36 -10.35
C VAL D 252 -8.03 -48.68 -11.09
N SER D 253 -8.04 -49.80 -10.38
CA SER D 253 -8.00 -51.17 -10.97
C SER D 253 -9.34 -51.46 -11.68
N THR D 254 -9.31 -52.10 -12.85
CA THR D 254 -10.53 -52.62 -13.53
C THR D 254 -11.20 -53.70 -12.66
N SER D 255 -10.52 -54.20 -11.62
CA SER D 255 -11.05 -55.21 -10.67
C SER D 255 -11.84 -54.55 -9.53
N HIS D 256 -11.79 -53.23 -9.41
CA HIS D 256 -12.58 -52.52 -8.36
C HIS D 256 -14.05 -52.89 -8.54
N PRO D 257 -14.81 -53.16 -7.46
CA PRO D 257 -16.24 -53.48 -7.58
C PRO D 257 -17.05 -52.43 -8.36
N ASN D 258 -16.62 -51.17 -8.35
CA ASN D 258 -17.33 -50.07 -9.06
C ASN D 258 -16.47 -49.57 -10.22
N ALA D 259 -15.59 -50.42 -10.74
CA ALA D 259 -14.72 -50.13 -11.90
C ALA D 259 -15.55 -49.53 -13.04
N GLU D 260 -16.70 -50.15 -13.35
CA GLU D 260 -17.54 -49.75 -14.50
C GLU D 260 -17.95 -48.28 -14.36
N TRP D 261 -18.30 -47.84 -13.16
CA TRP D 261 -18.71 -46.43 -12.92
C TRP D 261 -17.51 -45.50 -13.24
N TYR D 262 -16.29 -45.85 -12.81
CA TYR D 262 -15.09 -45.00 -13.03
C TYR D 262 -14.78 -44.95 -14.52
N PHE D 263 -14.91 -46.07 -15.21
CA PHE D 263 -14.65 -46.19 -16.66
C PHE D 263 -15.64 -45.29 -17.40
N ASP D 264 -16.93 -45.42 -17.09
CA ASP D 264 -18.01 -44.63 -17.72
C ASP D 264 -17.79 -43.13 -17.45
N ARG D 265 -17.33 -42.76 -16.25
CA ARG D 265 -17.14 -41.34 -15.86
C ARG D 265 -16.04 -40.74 -16.77
N ASP D 266 -14.93 -41.45 -16.96
CA ASP D 266 -13.84 -41.00 -17.87
C ASP D 266 -14.40 -40.83 -19.30
N VAL D 267 -15.20 -41.77 -19.78
CA VAL D 267 -15.83 -41.72 -21.14
C VAL D 267 -16.76 -40.50 -21.21
N LYS D 268 -17.63 -40.31 -20.23
CA LYS D 268 -18.62 -39.19 -20.24
C LYS D 268 -17.87 -37.85 -20.21
N CYS D 269 -16.75 -37.75 -19.51
CA CYS D 269 -15.97 -36.48 -19.39
C CYS D 269 -15.43 -36.08 -20.78
N ILE D 270 -14.86 -37.03 -21.52
CA ILE D 270 -14.39 -36.80 -22.92
C ILE D 270 -15.58 -36.41 -23.81
N LYS D 271 -16.69 -37.14 -23.74
CA LYS D 271 -17.90 -36.82 -24.57
C LYS D 271 -18.35 -35.39 -24.28
N ASP D 272 -18.44 -35.03 -23.00
CA ASP D 272 -18.97 -33.72 -22.57
C ASP D 272 -18.06 -32.63 -23.16
N PHE D 273 -16.75 -32.81 -23.09
CA PHE D 273 -15.78 -31.80 -23.58
C PHE D 273 -15.91 -31.65 -25.10
N PHE D 274 -15.95 -32.76 -25.85
CA PHE D 274 -16.02 -32.74 -27.33
C PHE D 274 -17.33 -32.09 -27.79
N MET D 275 -18.42 -32.28 -27.06
CA MET D 275 -19.71 -31.62 -27.36
C MET D 275 -19.61 -30.12 -27.07
N LYS D 276 -19.08 -29.73 -25.89
CA LYS D 276 -19.01 -28.31 -25.45
C LYS D 276 -18.11 -27.52 -26.41
N ARG D 277 -16.92 -28.04 -26.72
CA ARG D 277 -15.85 -27.27 -27.40
C ARG D 277 -15.97 -27.38 -28.93
N PHE D 278 -16.33 -28.55 -29.48
CA PHE D 278 -16.28 -28.80 -30.95
C PHE D 278 -17.66 -29.14 -31.52
N SER D 279 -18.70 -29.21 -30.70
CA SER D 279 -20.08 -29.61 -31.09
C SER D 279 -20.03 -31.00 -31.73
N TYR D 280 -19.11 -31.86 -31.27
CA TYR D 280 -18.90 -33.22 -31.81
C TYR D 280 -19.46 -34.27 -30.84
N GLU D 281 -20.22 -35.21 -31.43
CA GLU D 281 -20.96 -36.30 -30.75
C GLU D 281 -20.79 -37.56 -31.60
N SER D 282 -20.77 -38.74 -30.98
CA SER D 282 -20.54 -40.03 -31.69
C SER D 282 -21.13 -41.19 -30.90
N GLU D 283 -21.36 -42.33 -31.57
CA GLU D 283 -21.75 -43.62 -30.92
C GLU D 283 -20.52 -44.54 -30.78
N LEU D 284 -19.37 -44.15 -31.32
CA LEU D 284 -18.08 -44.91 -31.22
C LEU D 284 -17.39 -44.62 -29.88
N PHE D 285 -18.06 -44.93 -28.78
CA PHE D 285 -17.51 -44.82 -27.40
C PHE D 285 -17.63 -46.17 -26.71
N PRO D 286 -16.60 -46.56 -25.93
CA PRO D 286 -16.55 -47.89 -25.34
C PRO D 286 -17.52 -48.03 -24.16
N THR D 287 -17.95 -49.26 -23.92
CA THR D 287 -18.60 -49.70 -22.65
C THR D 287 -17.64 -50.66 -21.96
N PHE D 288 -17.79 -50.81 -20.65
CA PHE D 288 -16.91 -51.68 -19.83
C PHE D 288 -16.93 -53.12 -20.36
N LYS D 289 -18.06 -53.58 -20.90
CA LYS D 289 -18.24 -54.97 -21.43
C LYS D 289 -17.27 -55.24 -22.60
N ASP D 290 -16.81 -54.21 -23.31
CA ASP D 290 -15.87 -54.33 -24.46
C ASP D 290 -14.46 -54.70 -23.99
N ILE D 291 -14.10 -54.41 -22.74
CA ILE D 291 -12.71 -54.56 -22.21
C ILE D 291 -12.34 -56.04 -22.18
N ARG D 292 -11.19 -56.40 -22.74
CA ARG D 292 -10.60 -57.76 -22.66
C ARG D 292 -9.20 -57.62 -22.06
N ARG D 293 -9.06 -58.04 -20.80
CA ARG D 293 -7.81 -57.85 -20.03
C ARG D 293 -6.69 -58.65 -20.70
N GLU D 294 -5.56 -57.99 -20.86
CA GLU D 294 -4.37 -58.34 -21.66
C GLU D 294 -3.12 -58.23 -20.78
N ASP D 295 -3.19 -57.47 -19.68
CA ASP D 295 -2.04 -57.16 -18.79
C ASP D 295 -2.54 -56.92 -17.36
N THR D 296 -1.61 -56.76 -16.43
CA THR D 296 -1.88 -56.72 -14.96
C THR D 296 -1.15 -55.52 -14.34
N LEU D 297 -1.14 -54.36 -15.02
CA LEU D 297 -0.41 -53.14 -14.56
C LEU D 297 -1.06 -52.58 -13.29
N ASP D 298 -2.31 -52.95 -12.99
CA ASP D 298 -2.98 -52.58 -11.71
C ASP D 298 -2.38 -53.38 -10.55
N VAL D 299 -1.75 -54.53 -10.81
CA VAL D 299 -1.25 -55.43 -9.73
C VAL D 299 0.27 -55.22 -9.57
N GLU D 300 1.00 -55.19 -10.68
CA GLU D 300 2.47 -55.18 -10.69
C GLU D 300 2.94 -54.37 -11.89
N VAL D 301 3.86 -53.43 -11.67
CA VAL D 301 4.44 -52.59 -12.74
C VAL D 301 5.86 -53.12 -12.99
N SER D 302 6.09 -53.68 -14.19
CA SER D 302 7.42 -54.10 -14.71
C SER D 302 7.49 -53.85 -16.23
N GLY E 3 -33.82 -60.76 12.79
CA GLY E 3 -32.42 -61.10 13.22
C GLY E 3 -31.37 -60.25 12.51
N LYS E 4 -30.25 -59.94 13.19
CA LYS E 4 -29.22 -58.99 12.69
C LYS E 4 -28.00 -59.79 12.21
N VAL E 5 -26.97 -59.09 11.76
CA VAL E 5 -25.77 -59.67 11.10
C VAL E 5 -24.97 -60.48 12.13
N ASN E 6 -24.43 -61.62 11.71
CA ASN E 6 -23.55 -62.48 12.54
C ASN E 6 -22.21 -61.76 12.78
N VAL E 7 -21.71 -61.81 14.01
CA VAL E 7 -20.41 -61.24 14.42
C VAL E 7 -19.68 -62.31 15.24
N ALA E 8 -18.37 -62.44 15.03
CA ALA E 8 -17.48 -63.40 15.74
C ALA E 8 -16.53 -62.62 16.65
N LYS E 9 -16.41 -63.01 17.93
CA LYS E 9 -15.39 -62.51 18.88
C LYS E 9 -14.01 -62.63 18.24
N LEU E 10 -13.10 -61.68 18.49
CA LEU E 10 -11.71 -61.70 17.95
C LEU E 10 -10.98 -62.92 18.50
N ARG E 11 -10.17 -63.56 17.65
CA ARG E 11 -9.32 -64.73 18.02
C ARG E 11 -8.52 -64.36 19.26
N TYR E 12 -8.43 -65.26 20.26
CA TYR E 12 -7.56 -65.09 21.45
C TYR E 12 -6.10 -65.03 20.99
N MET E 13 -5.31 -64.17 21.61
CA MET E 13 -3.84 -64.14 21.42
C MET E 13 -3.19 -63.81 22.77
N SER E 14 -2.12 -64.53 23.13
CA SER E 14 -1.28 -64.25 24.33
C SER E 14 -0.56 -62.92 24.15
N ARG E 15 -0.09 -62.30 25.24
CA ARG E 15 0.70 -61.04 25.17
C ARG E 15 1.99 -61.32 24.40
N ASP E 16 2.59 -62.51 24.58
CA ASP E 16 3.79 -62.97 23.84
C ASP E 16 3.54 -62.94 22.33
N ASP E 17 2.52 -63.66 21.88
CA ASP E 17 2.13 -63.76 20.44
C ASP E 17 1.91 -62.34 19.91
N PHE E 18 1.20 -61.49 20.65
CA PHE E 18 0.84 -60.10 20.23
C PHE E 18 2.10 -59.23 20.18
N ARG E 19 3.06 -59.46 21.07
CA ARG E 19 4.34 -58.70 21.10
C ARG E 19 5.14 -59.02 19.83
N VAL E 20 5.22 -60.29 19.44
CA VAL E 20 5.96 -60.74 18.23
C VAL E 20 5.30 -60.13 16.99
N LEU E 21 3.97 -60.10 16.94
CA LEU E 21 3.21 -59.55 15.80
C LEU E 21 3.47 -58.04 15.69
N THR E 22 3.51 -57.35 16.84
CA THR E 22 3.85 -55.90 16.93
C THR E 22 5.32 -55.69 16.53
N ALA E 23 6.21 -56.60 16.93
CA ALA E 23 7.65 -56.56 16.58
C ALA E 23 7.81 -56.63 15.06
N VAL E 24 7.06 -57.51 14.39
CA VAL E 24 7.12 -57.65 12.91
C VAL E 24 6.71 -56.32 12.29
N GLU E 25 5.62 -55.72 12.78
CA GLU E 25 5.12 -54.40 12.33
C GLU E 25 6.21 -53.35 12.50
N MET E 26 6.81 -53.22 13.69
CA MET E 26 7.90 -52.24 13.96
C MET E 26 9.04 -52.50 12.98
N GLY E 27 9.44 -53.76 12.81
CA GLY E 27 10.53 -54.16 11.91
C GLY E 27 10.34 -53.64 10.50
N MET E 28 9.08 -53.52 10.06
CA MET E 28 8.74 -53.15 8.66
C MET E 28 8.88 -51.64 8.43
N LYS E 29 9.12 -50.83 9.48
CA LYS E 29 9.48 -49.40 9.31
C LYS E 29 10.77 -49.30 8.48
N ASN E 30 11.71 -50.24 8.64
CA ASN E 30 13.08 -50.16 8.07
C ASN E 30 13.41 -51.35 7.15
N HIS E 31 12.53 -52.34 6.99
CA HIS E 31 12.82 -53.59 6.23
C HIS E 31 11.56 -54.07 5.52
N GLU E 32 11.66 -54.41 4.23
CA GLU E 32 10.55 -55.03 3.46
C GLU E 32 10.31 -56.44 4.01
N ILE E 33 11.40 -57.15 4.31
CA ILE E 33 11.40 -58.51 4.93
C ILE E 33 12.21 -58.43 6.23
N VAL E 34 11.56 -58.69 7.37
CA VAL E 34 12.16 -58.51 8.73
C VAL E 34 12.85 -59.80 9.14
N PRO E 35 14.18 -59.80 9.33
CA PRO E 35 14.90 -60.99 9.81
C PRO E 35 14.36 -61.47 11.17
N GLY E 36 14.36 -62.78 11.39
CA GLY E 36 13.89 -63.42 12.64
C GLY E 36 14.65 -62.94 13.87
N SER E 37 15.95 -62.65 13.72
CA SER E 37 16.84 -62.14 14.80
C SER E 37 16.39 -60.74 15.21
N LEU E 38 16.05 -59.88 14.24
CA LEU E 38 15.59 -58.49 14.53
C LEU E 38 14.26 -58.54 15.27
N ILE E 39 13.34 -59.42 14.85
CA ILE E 39 11.99 -59.60 15.48
C ILE E 39 12.19 -60.02 16.93
N ALA E 40 13.11 -60.96 17.18
CA ALA E 40 13.40 -61.51 18.53
C ALA E 40 13.92 -60.40 19.45
N SER E 41 14.82 -59.54 18.96
CA SER E 41 15.45 -58.46 19.77
C SER E 41 14.45 -57.32 19.99
N ILE E 42 13.56 -57.03 19.04
CA ILE E 42 12.49 -56.01 19.19
C ILE E 42 11.44 -56.52 20.16
N ALA E 43 11.01 -57.77 20.03
CA ALA E 43 9.98 -58.39 20.88
C ALA E 43 10.52 -58.58 22.30
N SER E 44 11.81 -58.95 22.40
CA SER E 44 12.55 -59.29 23.64
C SER E 44 11.62 -60.01 24.63
N LEU E 45 11.22 -61.24 24.29
CA LEU E 45 10.33 -62.05 25.15
C LEU E 45 11.12 -62.52 26.36
N LYS E 46 10.45 -62.61 27.52
CA LYS E 46 11.07 -63.09 28.78
C LYS E 46 11.52 -64.53 28.59
N HIS E 47 10.76 -65.34 27.82
CA HIS E 47 10.92 -66.80 27.64
C HIS E 47 11.75 -67.15 26.38
N GLY E 48 11.83 -66.23 25.41
CA GLY E 48 12.63 -66.39 24.18
C GLY E 48 12.30 -67.65 23.41
N GLY E 49 11.01 -67.93 23.22
CA GLY E 49 10.51 -68.95 22.27
C GLY E 49 9.94 -68.28 21.04
N CYS E 50 10.64 -67.25 20.56
CA CYS E 50 10.17 -66.32 19.49
C CYS E 50 9.94 -67.07 18.18
N ASN E 51 10.79 -68.04 17.85
CA ASN E 51 10.73 -68.81 16.57
C ASN E 51 9.47 -69.68 16.56
N LYS E 52 9.13 -70.31 17.69
CA LYS E 52 7.89 -71.12 17.86
C LYS E 52 6.69 -70.23 17.58
N VAL E 53 6.64 -69.04 18.19
CA VAL E 53 5.54 -68.05 18.06
C VAL E 53 5.41 -67.61 16.60
N LEU E 54 6.52 -67.40 15.90
CA LEU E 54 6.51 -66.95 14.47
C LEU E 54 5.89 -68.05 13.59
N ARG E 55 6.32 -69.30 13.76
CA ARG E 55 5.76 -70.47 13.02
C ARG E 55 4.25 -70.51 13.23
N GLU E 56 3.78 -70.26 14.46
CA GLU E 56 2.34 -70.29 14.85
C GLU E 56 1.60 -69.12 14.17
N LEU E 57 2.24 -67.97 14.02
CA LEU E 57 1.65 -66.76 13.36
C LEU E 57 1.56 -67.01 11.85
N VAL E 58 2.52 -67.73 11.26
CA VAL E 58 2.46 -68.16 9.83
C VAL E 58 1.25 -69.10 9.65
N LYS E 59 1.12 -70.11 10.52
CA LYS E 59 0.02 -71.12 10.49
C LYS E 59 -1.34 -70.41 10.51
N HIS E 60 -1.48 -69.30 11.26
CA HIS E 60 -2.75 -68.55 11.38
C HIS E 60 -2.82 -67.41 10.36
N LYS E 61 -1.84 -67.31 9.44
CA LYS E 61 -1.92 -66.44 8.23
C LYS E 61 -1.75 -64.96 8.62
N LEU E 62 -1.17 -64.65 9.78
CA LEU E 62 -1.03 -63.26 10.30
C LEU E 62 0.30 -62.66 9.82
N ILE E 63 1.28 -63.50 9.53
CA ILE E 63 2.56 -63.10 8.88
C ILE E 63 2.87 -64.12 7.79
N ALA E 64 3.78 -63.79 6.88
CA ALA E 64 4.23 -64.67 5.77
C ALA E 64 5.75 -64.72 5.76
N TRP E 65 6.31 -65.88 5.46
CA TRP E 65 7.77 -66.11 5.32
C TRP E 65 8.16 -65.85 3.86
N GLU E 66 9.29 -65.21 3.61
CA GLU E 66 9.86 -64.99 2.26
C GLU E 66 11.39 -65.09 2.30
N ARG E 67 12.00 -65.66 1.25
CA ARG E 67 13.48 -65.69 1.00
C ARG E 67 13.77 -65.15 -0.41
N THR E 68 14.54 -64.05 -0.50
CA THR E 68 15.06 -63.46 -1.77
C THR E 68 16.51 -63.92 -1.95
N LYS E 69 17.27 -63.28 -2.86
CA LYS E 69 18.73 -63.48 -3.00
C LYS E 69 19.41 -62.59 -1.93
N THR E 70 19.77 -63.16 -0.77
CA THR E 70 20.60 -62.51 0.29
C THR E 70 19.76 -61.70 1.30
N VAL E 71 18.43 -61.92 1.37
CA VAL E 71 17.61 -61.61 2.58
C VAL E 71 16.51 -62.67 2.75
N GLN E 72 16.20 -63.06 3.99
CA GLN E 72 15.11 -64.03 4.31
C GLN E 72 14.57 -63.76 5.72
N GLY E 73 13.23 -63.70 5.85
CA GLY E 73 12.54 -63.40 7.11
C GLY E 73 11.02 -63.31 6.92
N TYR E 74 10.37 -62.35 7.59
CA TYR E 74 8.90 -62.31 7.76
C TYR E 74 8.36 -60.92 7.40
N ARG E 75 7.08 -60.87 7.02
CA ARG E 75 6.32 -59.63 6.81
C ARG E 75 4.88 -59.84 7.29
N LEU E 76 4.24 -58.76 7.73
CA LEU E 76 2.82 -58.70 8.10
C LEU E 76 1.98 -59.02 6.86
N THR E 77 0.91 -59.80 7.01
CA THR E 77 -0.16 -59.98 5.98
C THR E 77 -1.26 -58.97 6.26
N ASN E 78 -2.21 -58.84 5.34
CA ASN E 78 -3.41 -57.98 5.54
C ASN E 78 -4.12 -58.47 6.81
N ALA E 79 -4.25 -59.79 6.99
CA ALA E 79 -4.94 -60.38 8.16
C ALA E 79 -4.22 -59.97 9.45
N GLY E 80 -2.87 -59.94 9.42
CA GLY E 80 -2.02 -59.56 10.57
C GLY E 80 -2.25 -58.10 10.98
N TYR E 81 -2.22 -57.20 10.00
CA TYR E 81 -2.43 -55.75 10.21
C TYR E 81 -3.85 -55.54 10.73
N ASP E 82 -4.84 -56.14 10.08
CA ASP E 82 -6.26 -56.11 10.52
C ASP E 82 -6.35 -56.49 12.00
N TYR E 83 -5.70 -57.59 12.38
CA TYR E 83 -5.78 -58.13 13.76
C TYR E 83 -5.17 -57.12 14.75
N LEU E 84 -4.00 -56.56 14.44
CA LEU E 84 -3.33 -55.55 15.31
C LEU E 84 -4.30 -54.39 15.58
N ALA E 85 -4.93 -53.86 14.54
CA ALA E 85 -5.85 -52.70 14.62
C ALA E 85 -7.06 -53.09 15.48
N LEU E 86 -7.66 -54.24 15.20
CA LEU E 86 -8.93 -54.67 15.85
C LEU E 86 -8.66 -55.06 17.31
N LYS E 87 -7.53 -55.71 17.61
CA LYS E 87 -7.16 -56.07 19.00
C LYS E 87 -6.92 -54.78 19.81
N THR E 88 -6.27 -53.77 19.21
CA THR E 88 -6.04 -52.46 19.86
C THR E 88 -7.40 -51.82 20.19
N LEU E 89 -8.31 -51.77 19.22
CA LEU E 89 -9.68 -51.20 19.40
C LEU E 89 -10.44 -52.02 20.45
N SER E 90 -10.20 -53.33 20.50
CA SER E 90 -10.83 -54.25 21.48
C SER E 90 -10.39 -53.88 22.90
N SER E 91 -9.12 -53.57 23.11
CA SER E 91 -8.58 -53.22 24.45
C SER E 91 -9.15 -51.87 24.91
N ARG E 92 -9.65 -51.03 24.00
CA ARG E 92 -10.31 -49.74 24.36
C ARG E 92 -11.84 -49.92 24.47
N GLN E 93 -12.34 -51.16 24.42
CA GLN E 93 -13.79 -51.52 24.53
C GLN E 93 -14.61 -50.93 23.37
N VAL E 94 -14.00 -50.65 22.22
CA VAL E 94 -14.69 -50.09 21.03
C VAL E 94 -15.28 -51.23 20.19
N VAL E 95 -14.52 -52.32 20.04
CA VAL E 95 -14.89 -53.49 19.19
C VAL E 95 -14.68 -54.76 20.02
N GLU E 96 -15.67 -55.65 20.06
CA GLU E 96 -15.51 -57.00 20.66
C GLU E 96 -15.60 -58.05 19.55
N SER E 97 -16.47 -57.83 18.55
CA SER E 97 -16.85 -58.82 17.52
C SER E 97 -16.86 -58.19 16.12
N VAL E 98 -16.51 -58.99 15.11
CA VAL E 98 -16.40 -58.56 13.70
C VAL E 98 -17.33 -59.42 12.83
N GLY E 99 -18.13 -58.77 12.00
CA GLY E 99 -19.00 -59.42 11.02
C GLY E 99 -18.35 -59.52 9.67
N ASN E 100 -19.15 -59.86 8.66
CA ASN E 100 -18.67 -60.05 7.27
C ASN E 100 -18.62 -58.67 6.61
N GLN E 101 -17.78 -58.54 5.58
CA GLN E 101 -17.73 -57.34 4.72
C GLN E 101 -19.15 -57.12 4.18
N MET E 102 -19.63 -55.88 4.19
CA MET E 102 -20.97 -55.56 3.65
C MET E 102 -20.93 -54.26 2.83
N GLY E 103 -19.74 -53.82 2.39
CA GLY E 103 -19.58 -52.71 1.45
C GLY E 103 -18.13 -52.42 1.15
N VAL E 104 -17.88 -51.46 0.24
CA VAL E 104 -16.54 -50.95 -0.12
C VAL E 104 -16.61 -49.43 -0.23
N GLY E 105 -15.52 -48.74 0.15
CA GLY E 105 -15.24 -47.38 -0.31
C GLY E 105 -14.37 -47.47 -1.54
N LYS E 106 -13.86 -46.35 -2.03
CA LYS E 106 -12.94 -46.37 -3.19
C LYS E 106 -11.68 -47.16 -2.84
N GLU E 107 -11.19 -47.05 -1.60
CA GLU E 107 -9.89 -47.64 -1.17
C GLU E 107 -10.02 -48.28 0.21
N SER E 108 -11.20 -48.80 0.55
CA SER E 108 -11.49 -49.34 1.90
C SER E 108 -12.52 -50.47 1.79
N ASP E 109 -12.46 -51.39 2.77
CA ASP E 109 -13.46 -52.48 2.96
C ASP E 109 -14.28 -52.08 4.18
N ILE E 110 -15.60 -52.29 4.10
CA ILE E 110 -16.57 -51.89 5.17
C ILE E 110 -17.14 -53.16 5.78
N TYR E 111 -17.10 -53.25 7.10
CA TYR E 111 -17.59 -54.40 7.89
C TYR E 111 -18.52 -53.88 8.98
N ILE E 112 -19.43 -54.72 9.43
CA ILE E 112 -20.18 -54.48 10.69
C ILE E 112 -19.37 -55.08 11.83
N VAL E 113 -19.25 -54.34 12.92
CA VAL E 113 -18.64 -54.78 14.20
C VAL E 113 -19.65 -54.52 15.32
N ALA E 114 -19.41 -55.12 16.49
CA ALA E 114 -20.26 -54.94 17.68
C ALA E 114 -19.35 -54.78 18.91
N ASN E 115 -19.79 -53.99 19.88
CA ASN E 115 -19.12 -53.86 21.21
C ASN E 115 -19.62 -55.01 22.09
N GLU E 116 -19.22 -55.04 23.36
CA GLU E 116 -19.51 -56.15 24.31
C GLU E 116 -21.03 -56.25 24.54
N GLU E 117 -21.76 -55.12 24.47
CA GLU E 117 -23.23 -55.06 24.73
C GLU E 117 -24.01 -55.48 23.47
N GLY E 118 -23.34 -55.68 22.33
CA GLY E 118 -23.99 -56.17 21.09
C GLY E 118 -24.52 -55.03 20.22
N GLN E 119 -24.22 -53.77 20.54
CA GLN E 119 -24.53 -52.60 19.67
C GLN E 119 -23.65 -52.65 18.42
N GLN E 120 -24.25 -52.47 17.25
CA GLN E 120 -23.55 -52.59 15.95
C GLN E 120 -22.98 -51.23 15.55
N PHE E 121 -21.82 -51.24 14.91
CA PHE E 121 -21.12 -50.05 14.36
C PHE E 121 -20.55 -50.42 12.99
N ALA E 122 -20.12 -49.43 12.22
CA ALA E 122 -19.42 -49.64 10.93
C ALA E 122 -17.92 -49.58 11.18
N LEU E 123 -17.18 -50.48 10.55
CA LEU E 123 -15.70 -50.52 10.53
C LEU E 123 -15.27 -50.31 9.09
N LYS E 124 -14.36 -49.37 8.85
CA LYS E 124 -13.67 -49.22 7.56
C LYS E 124 -12.20 -49.58 7.76
N LEU E 125 -11.73 -50.55 6.99
CA LEU E 125 -10.29 -50.92 6.90
C LEU E 125 -9.75 -50.35 5.59
N HIS E 126 -8.82 -49.41 5.68
CA HIS E 126 -8.21 -48.72 4.52
C HIS E 126 -7.15 -49.64 3.91
N ARG E 127 -7.16 -49.77 2.59
CA ARG E 127 -6.28 -50.68 1.81
C ARG E 127 -5.64 -49.90 0.67
N LEU E 128 -4.50 -49.25 0.94
CA LEU E 128 -3.74 -48.52 -0.11
C LEU E 128 -2.44 -49.28 -0.37
N GLY E 129 -1.71 -48.89 -1.41
CA GLY E 129 -0.41 -49.50 -1.77
C GLY E 129 -0.60 -50.94 -2.25
N ARG E 130 -1.70 -51.22 -2.93
CA ARG E 130 -2.02 -52.58 -3.44
C ARG E 130 -1.07 -52.93 -4.59
N THR E 131 -0.72 -51.96 -5.44
CA THR E 131 0.13 -52.17 -6.63
C THR E 131 1.58 -52.36 -6.19
N SER E 132 2.25 -53.32 -6.81
CA SER E 132 3.67 -53.68 -6.59
C SER E 132 4.50 -53.05 -7.73
N PHE E 133 5.66 -52.48 -7.40
CA PHE E 133 6.55 -51.79 -8.38
C PHE E 133 7.87 -52.55 -8.49
N ARG E 134 8.21 -53.05 -9.68
CA ARG E 134 9.38 -53.95 -9.89
C ARG E 134 10.21 -53.53 -11.11
N ASN E 135 9.91 -52.41 -11.79
CA ASN E 135 10.57 -52.04 -13.08
C ASN E 135 11.67 -50.99 -12.89
N LEU E 136 12.19 -50.82 -11.66
CA LEU E 136 13.12 -49.71 -11.28
C LEU E 136 14.58 -50.22 -11.32
N ASN E 148 7.95 -51.18 -1.03
CA ASN E 148 6.65 -51.92 -1.07
C ASN E 148 6.14 -52.22 0.36
N VAL E 149 6.56 -51.46 1.37
CA VAL E 149 5.97 -51.40 2.75
C VAL E 149 5.12 -50.11 2.85
N SER E 150 4.92 -49.46 1.71
CA SER E 150 4.13 -48.21 1.64
C SER E 150 2.71 -48.48 2.15
N TRP E 151 2.23 -49.73 2.00
CA TRP E 151 0.81 -50.08 2.28
C TRP E 151 0.47 -49.88 3.76
N LEU E 152 1.41 -50.16 4.67
CA LEU E 152 1.19 -49.92 6.13
C LEU E 152 0.98 -48.43 6.36
N TYR E 153 1.93 -47.60 5.91
CA TYR E 153 1.94 -46.14 6.17
C TYR E 153 0.75 -45.47 5.47
N LEU E 154 0.57 -45.70 4.18
CA LEU E 154 -0.50 -45.07 3.37
C LEU E 154 -1.88 -45.42 3.97
N SER E 155 -2.08 -46.66 4.37
CA SER E 155 -3.39 -47.14 4.89
C SER E 155 -3.66 -46.48 6.25
N ARG E 156 -2.64 -46.38 7.08
CA ARG E 156 -2.67 -45.69 8.40
C ARG E 156 -3.06 -44.23 8.17
N LEU E 157 -2.47 -43.61 7.16
CA LEU E 157 -2.66 -42.18 6.86
C LEU E 157 -4.08 -41.94 6.34
N SER E 158 -4.61 -42.78 5.43
CA SER E 158 -6.02 -42.68 4.96
C SER E 158 -6.97 -42.72 6.16
N ALA E 159 -6.79 -43.68 7.06
CA ALA E 159 -7.68 -43.89 8.21
C ALA E 159 -7.65 -42.63 9.07
N MET E 160 -6.47 -42.11 9.34
CA MET E 160 -6.25 -40.90 10.18
C MET E 160 -7.01 -39.72 9.54
N LYS E 161 -6.83 -39.52 8.24
CA LYS E 161 -7.45 -38.39 7.48
C LYS E 161 -8.98 -38.56 7.49
N GLU E 162 -9.46 -39.79 7.29
CA GLU E 162 -10.92 -40.06 7.30
C GLU E 162 -11.50 -39.71 8.68
N PHE E 163 -10.84 -40.16 9.75
CA PHE E 163 -11.33 -39.89 11.12
C PHE E 163 -11.38 -38.38 11.35
N ALA E 164 -10.31 -37.67 10.98
CA ALA E 164 -10.16 -36.21 11.21
C ALA E 164 -11.25 -35.45 10.45
N TYR E 165 -11.42 -35.75 9.16
CA TYR E 165 -12.43 -35.10 8.29
C TYR E 165 -13.82 -35.44 8.82
N MET E 166 -14.06 -36.70 9.17
CA MET E 166 -15.40 -37.15 9.64
C MET E 166 -15.75 -36.38 10.92
N LYS E 167 -14.79 -36.22 11.83
CA LYS E 167 -15.00 -35.46 13.09
C LYS E 167 -15.33 -33.99 12.76
N ALA E 168 -14.51 -33.35 11.92
CA ALA E 168 -14.65 -31.92 11.55
C ALA E 168 -16.01 -31.72 10.87
N LEU E 169 -16.36 -32.59 9.92
CA LEU E 169 -17.62 -32.49 9.15
C LEU E 169 -18.80 -32.74 10.08
N TYR E 170 -18.71 -33.74 10.97
CA TYR E 170 -19.81 -34.08 11.91
C TYR E 170 -20.09 -32.88 12.83
N GLU E 171 -19.04 -32.26 13.37
CA GLU E 171 -19.16 -31.10 14.29
C GLU E 171 -19.76 -29.90 13.55
N ARG E 172 -19.59 -29.81 12.23
CA ARG E 172 -20.12 -28.71 11.39
C ARG E 172 -21.47 -29.13 10.79
N LYS E 173 -22.11 -30.18 11.34
CA LYS E 173 -23.52 -30.54 11.07
C LYS E 173 -23.66 -31.08 9.63
N PHE E 174 -22.61 -31.65 9.04
CA PHE E 174 -22.66 -32.35 7.74
C PHE E 174 -23.30 -33.72 7.93
N PRO E 175 -23.97 -34.28 6.91
CA PRO E 175 -24.56 -35.61 7.00
C PRO E 175 -23.50 -36.69 6.77
N VAL E 176 -22.73 -36.98 7.81
CA VAL E 176 -21.70 -38.06 7.85
C VAL E 176 -21.92 -38.86 9.12
N PRO E 177 -21.38 -40.10 9.22
CA PRO E 177 -21.53 -40.89 10.44
C PRO E 177 -20.76 -40.23 11.58
N LYS E 178 -21.25 -40.38 12.81
CA LYS E 178 -20.49 -39.97 14.01
C LYS E 178 -19.25 -40.86 14.11
N PRO E 179 -18.03 -40.32 14.04
CA PRO E 179 -16.82 -41.14 14.14
C PRO E 179 -16.62 -41.49 15.61
N ILE E 180 -16.13 -42.69 15.91
CA ILE E 180 -16.04 -43.19 17.30
C ILE E 180 -14.56 -43.32 17.69
N ASP E 181 -13.75 -44.01 16.89
CA ASP E 181 -12.32 -44.21 17.21
C ASP E 181 -11.61 -44.68 15.94
N TYR E 182 -10.28 -44.67 15.96
CA TYR E 182 -9.44 -45.22 14.87
C TYR E 182 -8.15 -45.74 15.47
N ASN E 183 -7.54 -46.68 14.75
CA ASN E 183 -6.18 -47.19 15.03
C ASN E 183 -5.61 -47.74 13.72
N ARG E 184 -4.35 -47.45 13.45
CA ARG E 184 -3.67 -47.90 12.21
C ARG E 184 -4.60 -47.61 11.04
N HIS E 185 -5.02 -48.63 10.28
CA HIS E 185 -5.79 -48.46 9.03
C HIS E 185 -7.30 -48.62 9.31
N ALA E 186 -7.70 -48.70 10.58
CA ALA E 186 -9.09 -48.99 11.00
C ALA E 186 -9.76 -47.73 11.54
N VAL E 187 -10.97 -47.46 11.06
CA VAL E 187 -11.88 -46.39 11.59
C VAL E 187 -13.19 -47.06 11.99
N VAL E 188 -13.64 -46.80 13.22
CA VAL E 188 -14.98 -47.24 13.72
C VAL E 188 -15.88 -46.02 13.80
N MET E 189 -17.14 -46.16 13.38
CA MET E 189 -18.10 -45.04 13.26
C MET E 189 -19.54 -45.57 13.36
N GLU E 190 -20.47 -44.67 13.67
CA GLU E 190 -21.93 -44.92 13.61
C GLU E 190 -22.25 -45.76 12.38
N LEU E 191 -22.97 -46.88 12.55
CA LEU E 191 -23.57 -47.62 11.42
C LEU E 191 -24.80 -46.84 10.94
N ILE E 192 -24.88 -46.54 9.65
CA ILE E 192 -26.09 -45.88 9.08
C ILE E 192 -26.99 -46.96 8.47
N ASN E 193 -28.19 -47.09 9.04
CA ASN E 193 -29.21 -48.08 8.63
C ASN E 193 -29.91 -47.53 7.40
N GLY E 194 -29.74 -48.22 6.28
CA GLY E 194 -30.30 -47.79 4.98
C GLY E 194 -29.56 -48.47 3.87
N TYR E 195 -29.80 -48.02 2.65
CA TYR E 195 -29.28 -48.64 1.41
C TYR E 195 -28.44 -47.60 0.69
N PRO E 196 -27.30 -48.00 0.10
CA PRO E 196 -26.61 -47.13 -0.83
C PRO E 196 -27.61 -46.79 -1.93
N LEU E 197 -27.58 -45.54 -2.39
CA LEU E 197 -28.49 -44.98 -3.41
C LEU E 197 -28.51 -45.92 -4.63
N CYS E 198 -27.35 -46.51 -4.96
CA CYS E 198 -27.18 -47.40 -6.14
C CYS E 198 -28.13 -48.59 -6.08
N GLN E 199 -28.57 -49.03 -4.89
CA GLN E 199 -29.51 -50.17 -4.84
C GLN E 199 -30.91 -49.69 -4.39
N ILE E 200 -31.26 -48.42 -4.57
CA ILE E 200 -32.65 -47.90 -4.38
C ILE E 200 -33.38 -47.91 -5.73
N HIS E 201 -34.57 -48.49 -5.81
CA HIS E 201 -35.30 -48.68 -7.09
C HIS E 201 -36.34 -47.57 -7.31
N HIS E 202 -37.01 -47.13 -6.24
CA HIS E 202 -38.04 -46.06 -6.25
C HIS E 202 -37.85 -45.18 -5.01
N VAL E 203 -38.25 -43.92 -5.13
CA VAL E 203 -38.35 -42.96 -4.00
C VAL E 203 -39.67 -42.20 -4.16
N GLU E 204 -40.38 -41.90 -3.06
CA GLU E 204 -41.66 -41.15 -3.11
C GLU E 204 -41.40 -39.77 -3.74
N ASP E 205 -40.31 -39.12 -3.35
CA ASP E 205 -40.00 -37.72 -3.76
C ASP E 205 -38.54 -37.61 -4.21
N PRO E 206 -38.22 -37.92 -5.49
CA PRO E 206 -36.84 -37.81 -5.97
C PRO E 206 -36.26 -36.38 -5.86
N ALA E 207 -37.04 -35.35 -6.16
CA ALA E 207 -36.63 -33.93 -6.08
C ALA E 207 -35.97 -33.65 -4.73
N SER E 208 -36.55 -34.19 -3.66
CA SER E 208 -36.11 -33.96 -2.27
C SER E 208 -34.72 -34.58 -2.03
N VAL E 209 -34.49 -35.80 -2.52
CA VAL E 209 -33.20 -36.52 -2.34
C VAL E 209 -32.14 -35.85 -3.21
N TYR E 210 -32.49 -35.49 -4.45
CA TYR E 210 -31.65 -34.71 -5.38
C TYR E 210 -31.18 -33.41 -4.70
N ASP E 211 -32.12 -32.69 -4.07
CA ASP E 211 -31.82 -31.40 -3.40
C ASP E 211 -30.83 -31.63 -2.26
N GLU E 212 -31.02 -32.66 -1.43
CA GLU E 212 -30.07 -32.96 -0.31
C GLU E 212 -28.66 -33.19 -0.88
N ALA E 213 -28.57 -33.96 -1.97
CA ALA E 213 -27.28 -34.30 -2.62
C ALA E 213 -26.60 -33.02 -3.10
N MET E 214 -27.35 -32.16 -3.80
CA MET E 214 -26.81 -30.91 -4.40
C MET E 214 -26.43 -29.92 -3.27
N GLU E 215 -27.22 -29.83 -2.20
CA GLU E 215 -26.92 -28.95 -1.05
C GLU E 215 -25.65 -29.45 -0.35
N LEU E 216 -25.39 -30.75 -0.35
CA LEU E 216 -24.18 -31.34 0.27
C LEU E 216 -22.95 -30.93 -0.55
N ILE E 217 -23.02 -30.98 -1.88
CA ILE E 217 -21.90 -30.54 -2.76
C ILE E 217 -21.59 -29.07 -2.47
N VAL E 218 -22.62 -28.22 -2.33
CA VAL E 218 -22.48 -26.76 -2.12
C VAL E 218 -21.84 -26.52 -0.76
N LYS E 219 -22.33 -27.21 0.28
CA LYS E 219 -21.84 -27.02 1.66
C LYS E 219 -20.37 -27.44 1.75
N LEU E 220 -19.99 -28.55 1.11
CA LEU E 220 -18.58 -29.00 1.05
C LEU E 220 -17.73 -27.90 0.42
N ALA E 221 -18.14 -27.38 -0.74
CA ALA E 221 -17.40 -26.34 -1.49
C ALA E 221 -17.29 -25.07 -0.63
N ASN E 222 -18.35 -24.70 0.08
CA ASN E 222 -18.36 -23.51 0.98
C ASN E 222 -17.32 -23.70 2.09
N HIS E 223 -16.96 -24.94 2.42
CA HIS E 223 -15.98 -25.28 3.47
C HIS E 223 -14.58 -25.53 2.86
N GLY E 224 -14.46 -25.39 1.53
CA GLY E 224 -13.16 -25.47 0.82
C GLY E 224 -12.95 -26.82 0.15
N LEU E 225 -13.95 -27.70 0.13
CA LEU E 225 -13.79 -29.12 -0.28
C LEU E 225 -14.66 -29.45 -1.49
N ILE E 226 -14.08 -30.18 -2.44
CA ILE E 226 -14.84 -30.90 -3.51
C ILE E 226 -14.60 -32.39 -3.29
N HIS E 227 -15.69 -33.16 -3.22
CA HIS E 227 -15.66 -34.60 -2.89
C HIS E 227 -14.73 -35.33 -3.87
N GLY E 228 -14.98 -35.21 -5.17
CA GLY E 228 -14.15 -35.80 -6.23
C GLY E 228 -14.65 -37.16 -6.71
N ASP E 229 -15.41 -37.87 -5.89
CA ASP E 229 -15.96 -39.23 -6.19
C ASP E 229 -17.43 -39.30 -5.73
N PHE E 230 -18.17 -38.19 -5.80
CA PHE E 230 -19.54 -38.07 -5.26
C PHE E 230 -20.47 -38.93 -6.11
N ASN E 231 -21.04 -40.00 -5.56
CA ASN E 231 -21.83 -40.95 -6.39
C ASN E 231 -22.81 -41.79 -5.54
N GLU E 232 -23.56 -42.64 -6.24
CA GLU E 232 -24.62 -43.51 -5.69
C GLU E 232 -24.03 -44.65 -4.85
N PHE E 233 -22.69 -44.82 -4.82
CA PHE E 233 -22.01 -45.88 -4.02
C PHE E 233 -21.55 -45.33 -2.66
N ASN E 234 -21.47 -44.00 -2.51
CA ASN E 234 -20.92 -43.25 -1.35
C ASN E 234 -22.03 -42.66 -0.47
N LEU E 235 -23.25 -42.61 -1.00
CA LEU E 235 -24.41 -41.96 -0.34
C LEU E 235 -25.38 -43.04 0.12
N ILE E 236 -25.69 -43.07 1.40
CA ILE E 236 -26.69 -44.02 1.94
C ILE E 236 -27.97 -43.26 2.27
N LEU E 237 -29.09 -43.82 1.81
CA LEU E 237 -30.46 -43.31 2.06
C LEU E 237 -31.04 -44.09 3.24
N ASP E 238 -31.43 -43.41 4.31
CA ASP E 238 -31.95 -44.03 5.55
C ASP E 238 -33.48 -44.18 5.44
N GLU E 239 -34.13 -44.71 6.49
CA GLU E 239 -35.57 -45.06 6.54
C GLU E 239 -36.44 -43.83 6.25
N SER E 240 -35.96 -42.61 6.54
CA SER E 240 -36.72 -41.35 6.30
C SER E 240 -36.13 -40.56 5.13
N ASP E 241 -35.50 -41.23 4.17
CA ASP E 241 -35.08 -40.68 2.85
C ASP E 241 -34.07 -39.52 2.98
N HIS E 242 -33.28 -39.47 4.07
CA HIS E 242 -32.13 -38.53 4.23
C HIS E 242 -30.84 -39.24 3.79
N ILE E 243 -29.90 -38.51 3.20
CA ILE E 243 -28.64 -39.10 2.69
C ILE E 243 -27.53 -38.87 3.72
N THR E 244 -26.65 -39.87 3.86
CA THR E 244 -25.39 -39.78 4.64
C THR E 244 -24.24 -40.13 3.70
N MET E 245 -23.19 -39.32 3.72
CA MET E 245 -21.91 -39.55 2.99
C MET E 245 -21.04 -40.50 3.83
N ILE E 246 -20.53 -41.59 3.27
CA ILE E 246 -19.78 -42.63 4.06
C ILE E 246 -18.37 -42.88 3.49
N ASP E 247 -17.91 -42.11 2.51
CA ASP E 247 -16.57 -42.28 1.89
C ASP E 247 -16.17 -40.99 1.19
N PHE E 248 -15.01 -40.41 1.53
CA PHE E 248 -14.47 -39.16 0.92
C PHE E 248 -12.95 -39.23 0.91
N PRO E 249 -12.37 -40.16 0.12
CA PRO E 249 -10.95 -40.45 0.22
C PRO E 249 -9.99 -39.48 -0.49
N GLN E 250 -10.42 -38.81 -1.55
CA GLN E 250 -9.51 -38.05 -2.47
C GLN E 250 -10.10 -36.66 -2.74
N MET E 251 -10.54 -35.97 -1.68
CA MET E 251 -11.16 -34.64 -1.80
C MET E 251 -10.13 -33.64 -2.35
N VAL E 252 -10.64 -32.68 -3.12
CA VAL E 252 -9.85 -31.63 -3.83
C VAL E 252 -10.16 -30.28 -3.19
N SER E 253 -9.17 -29.40 -3.10
CA SER E 253 -9.33 -28.00 -2.64
C SER E 253 -10.12 -27.19 -3.68
N THR E 254 -11.05 -26.33 -3.25
CA THR E 254 -11.72 -25.34 -4.15
C THR E 254 -10.70 -24.37 -4.72
N SER E 255 -9.48 -24.33 -4.19
CA SER E 255 -8.37 -23.46 -4.69
C SER E 255 -7.60 -24.14 -5.82
N HIS E 256 -7.84 -25.41 -6.10
CA HIS E 256 -7.17 -26.11 -7.21
C HIS E 256 -7.44 -25.32 -8.50
N PRO E 257 -6.44 -25.14 -9.39
CA PRO E 257 -6.69 -24.42 -10.65
C PRO E 257 -7.85 -24.99 -11.48
N ASN E 258 -8.14 -26.29 -11.36
CA ASN E 258 -9.23 -26.95 -12.13
C ASN E 258 -10.35 -27.37 -11.17
N ALA E 259 -10.47 -26.69 -10.03
CA ALA E 259 -11.52 -26.92 -9.03
C ALA E 259 -12.90 -26.99 -9.71
N GLU E 260 -13.19 -26.04 -10.59
CA GLU E 260 -14.52 -25.92 -11.23
C GLU E 260 -14.86 -27.22 -11.97
N TRP E 261 -13.88 -27.82 -12.67
CA TRP E 261 -14.11 -29.07 -13.41
C TRP E 261 -14.50 -30.19 -12.44
N TYR E 262 -13.81 -30.30 -11.29
CA TYR E 262 -14.08 -31.36 -10.29
C TYR E 262 -15.47 -31.15 -9.69
N PHE E 263 -15.82 -29.90 -9.40
CA PHE E 263 -17.14 -29.53 -8.83
C PHE E 263 -18.24 -29.94 -9.81
N ASP E 264 -18.09 -29.53 -11.07
CA ASP E 264 -19.08 -29.84 -12.14
C ASP E 264 -19.20 -31.35 -12.33
N ARG E 265 -18.10 -32.10 -12.24
CA ARG E 265 -18.10 -33.56 -12.45
C ARG E 265 -18.96 -34.23 -11.36
N ASP E 266 -18.80 -33.83 -10.11
CA ASP E 266 -19.61 -34.34 -8.98
C ASP E 266 -21.09 -34.02 -9.24
N VAL E 267 -21.42 -32.81 -9.68
CA VAL E 267 -22.81 -32.37 -9.99
C VAL E 267 -23.36 -33.24 -11.14
N LYS E 268 -22.61 -33.41 -12.23
CA LYS E 268 -23.07 -34.17 -13.42
C LYS E 268 -23.31 -35.64 -13.03
N CYS E 269 -22.51 -36.21 -12.14
CA CYS E 269 -22.63 -37.63 -11.72
C CYS E 269 -23.97 -37.84 -11.00
N ILE E 270 -24.33 -36.93 -10.07
CA ILE E 270 -25.65 -36.98 -9.38
C ILE E 270 -26.77 -36.81 -10.40
N LYS E 271 -26.69 -35.83 -11.30
CA LYS E 271 -27.73 -35.62 -12.33
C LYS E 271 -27.93 -36.90 -13.15
N ASP E 272 -26.84 -37.49 -13.60
CA ASP E 272 -26.87 -38.67 -14.51
C ASP E 272 -27.58 -39.81 -13.77
N PHE E 273 -27.26 -40.03 -12.50
CA PHE E 273 -27.85 -41.14 -11.70
C PHE E 273 -29.36 -40.90 -11.52
N PHE E 274 -29.77 -39.68 -11.15
CA PHE E 274 -31.19 -39.35 -10.89
C PHE E 274 -32.01 -39.49 -12.17
N MET E 275 -31.43 -39.18 -13.33
CA MET E 275 -32.09 -39.37 -14.64
C MET E 275 -32.21 -40.87 -14.95
N LYS E 276 -31.12 -41.64 -14.79
CA LYS E 276 -31.08 -43.09 -15.15
C LYS E 276 -32.06 -43.85 -14.25
N ARG E 277 -32.03 -43.63 -12.94
CA ARG E 277 -32.73 -44.48 -11.95
C ARG E 277 -34.17 -43.99 -11.71
N PHE E 278 -34.43 -42.69 -11.65
CA PHE E 278 -35.75 -42.13 -11.23
C PHE E 278 -36.41 -41.31 -12.33
N SER E 279 -35.77 -41.12 -13.49
CA SER E 279 -36.26 -40.28 -14.61
C SER E 279 -36.46 -38.85 -14.10
N TYR E 280 -35.64 -38.41 -13.14
CA TYR E 280 -35.72 -37.08 -12.50
C TYR E 280 -34.60 -36.16 -13.02
N GLU E 281 -35.00 -34.95 -13.40
CA GLU E 281 -34.19 -33.87 -14.02
C GLU E 281 -34.60 -32.55 -13.38
N SER E 282 -33.71 -31.57 -13.28
CA SER E 282 -33.96 -30.29 -12.57
C SER E 282 -32.98 -29.22 -13.02
N GLU E 283 -33.33 -27.95 -12.82
CA GLU E 283 -32.45 -26.77 -13.05
C GLU E 283 -31.86 -26.29 -11.72
N LEU E 284 -32.30 -26.84 -10.58
CA LEU E 284 -31.79 -26.50 -9.21
C LEU E 284 -30.50 -27.26 -8.92
N PHE E 285 -29.46 -27.01 -9.72
CA PHE E 285 -28.10 -27.59 -9.53
C PHE E 285 -27.10 -26.45 -9.48
N PRO E 286 -26.10 -26.55 -8.58
CA PRO E 286 -25.20 -25.43 -8.34
C PRO E 286 -24.18 -25.27 -9.47
N THR E 287 -23.68 -24.04 -9.65
CA THR E 287 -22.45 -23.74 -10.43
C THR E 287 -21.37 -23.29 -9.45
N PHE E 288 -20.12 -23.42 -9.85
CA PHE E 288 -18.95 -23.06 -9.00
C PHE E 288 -19.02 -21.58 -8.62
N LYS E 289 -19.58 -20.71 -9.48
CA LYS E 289 -19.69 -19.24 -9.23
C LYS E 289 -20.57 -18.96 -8.00
N ASP E 290 -21.48 -19.86 -7.62
CA ASP E 290 -22.37 -19.72 -6.44
C ASP E 290 -21.59 -19.85 -5.12
N ILE E 291 -20.43 -20.52 -5.13
CA ILE E 291 -19.69 -20.90 -3.88
C ILE E 291 -19.18 -19.64 -3.20
N ARG E 292 -19.45 -19.51 -1.90
CA ARG E 292 -18.90 -18.43 -1.04
C ARG E 292 -18.16 -19.09 0.12
N ARG E 293 -16.84 -19.03 0.09
CA ARG E 293 -15.97 -19.71 1.07
C ARG E 293 -16.23 -19.13 2.45
N GLU E 294 -16.41 -20.06 3.40
CA GLU E 294 -16.89 -19.86 4.79
C GLU E 294 -15.89 -20.50 5.76
N ASP E 295 -15.07 -21.44 5.27
CA ASP E 295 -14.14 -22.26 6.11
C ASP E 295 -12.94 -22.67 5.26
N THR E 296 -11.95 -23.30 5.90
CA THR E 296 -10.62 -23.59 5.31
C THR E 296 -10.24 -25.06 5.58
N LEU E 297 -11.20 -25.98 5.47
CA LEU E 297 -10.99 -27.41 5.80
C LEU E 297 -10.04 -28.06 4.78
N ASP E 298 -9.84 -27.43 3.62
CA ASP E 298 -8.84 -27.89 2.60
C ASP E 298 -7.43 -27.58 3.09
N VAL E 299 -7.25 -26.63 4.01
CA VAL E 299 -5.89 -26.17 4.44
C VAL E 299 -5.55 -26.82 5.78
N GLU E 300 -6.50 -26.80 6.73
CA GLU E 300 -6.28 -27.23 8.12
C GLU E 300 -7.58 -27.83 8.64
N VAL E 301 -7.51 -29.00 9.25
CA VAL E 301 -8.68 -29.70 9.85
C VAL E 301 -8.58 -29.52 11.37
N SER E 302 -9.54 -28.77 11.94
CA SER E 302 -9.69 -28.49 13.40
C SER E 302 -11.18 -28.44 13.78
N MET F 2 8.50 24.81 18.51
CA MET F 2 7.86 24.14 17.34
C MET F 2 6.48 24.79 17.10
N GLY F 3 5.87 24.50 15.94
CA GLY F 3 4.40 24.51 15.69
C GLY F 3 3.98 23.34 14.79
N LYS F 4 2.70 22.93 14.87
CA LYS F 4 2.12 21.83 14.04
C LYS F 4 1.25 22.45 12.93
N VAL F 5 0.57 21.61 12.16
CA VAL F 5 -0.18 22.03 10.94
C VAL F 5 -1.38 22.90 11.34
N ASN F 6 -1.64 23.97 10.58
CA ASN F 6 -2.79 24.88 10.76
C ASN F 6 -4.07 24.13 10.40
N VAL F 7 -5.10 24.33 11.21
CA VAL F 7 -6.47 23.75 11.02
C VAL F 7 -7.48 24.88 11.21
N ALA F 8 -8.53 24.90 10.40
CA ALA F 8 -9.65 25.88 10.46
C ALA F 8 -10.92 25.19 10.94
N LYS F 9 -11.61 25.77 11.93
CA LYS F 9 -12.96 25.34 12.39
C LYS F 9 -13.89 25.28 11.18
N LEU F 10 -14.82 24.31 11.13
CA LEU F 10 -15.84 24.19 10.06
C LEU F 10 -16.75 25.42 10.11
N ARG F 11 -17.12 25.93 8.94
CA ARG F 11 -18.11 27.03 8.76
C ARG F 11 -19.36 26.71 9.61
N TYR F 12 -19.88 27.69 10.35
CA TYR F 12 -21.17 27.57 11.07
C TYR F 12 -22.29 27.42 10.03
N MET F 13 -23.28 26.57 10.31
CA MET F 13 -24.52 26.47 9.50
C MET F 13 -25.71 26.27 10.44
N SER F 14 -26.81 26.99 10.21
CA SER F 14 -28.10 26.81 10.95
C SER F 14 -28.69 25.44 10.61
N ARG F 15 -29.59 24.93 11.45
CA ARG F 15 -30.30 23.64 11.22
C ARG F 15 -31.11 23.76 9.92
N ASP F 16 -31.70 24.93 9.65
CA ASP F 16 -32.48 25.24 8.43
C ASP F 16 -31.59 25.06 7.20
N ASP F 17 -30.46 25.78 7.15
CA ASP F 17 -29.48 25.74 6.02
C ASP F 17 -29.05 24.28 5.82
N PHE F 18 -28.74 23.56 6.90
CA PHE F 18 -28.24 22.16 6.86
C PHE F 18 -29.34 21.21 6.37
N ARG F 19 -30.59 21.50 6.70
CA ARG F 19 -31.75 20.67 6.27
C ARG F 19 -31.91 20.80 4.75
N VAL F 20 -31.80 22.02 4.20
CA VAL F 20 -31.92 22.28 2.74
C VAL F 20 -30.77 21.57 2.00
N LEU F 21 -29.56 21.61 2.55
CA LEU F 21 -28.36 20.98 1.95
C LEU F 21 -28.56 19.46 1.94
N THR F 22 -29.10 18.90 3.02
CA THR F 22 -29.45 17.45 3.14
C THR F 22 -30.59 17.12 2.16
N ALA F 23 -31.56 18.00 2.00
CA ALA F 23 -32.69 17.85 1.05
C ALA F 23 -32.13 17.73 -0.38
N VAL F 24 -31.15 18.57 -0.75
CA VAL F 24 -30.54 18.52 -2.11
C VAL F 24 -29.89 17.15 -2.29
N GLU F 25 -29.14 16.69 -1.28
CA GLU F 25 -28.49 15.35 -1.28
C GLU F 25 -29.55 14.25 -1.48
N MET F 26 -30.62 14.24 -0.68
CA MET F 26 -31.71 13.23 -0.79
C MET F 26 -32.29 13.30 -2.21
N GLY F 27 -32.56 14.51 -2.71
CA GLY F 27 -33.12 14.72 -4.07
C GLY F 27 -32.29 14.03 -5.14
N MET F 28 -30.97 13.93 -4.94
CA MET F 28 -30.01 13.42 -5.96
C MET F 28 -30.02 11.88 -6.01
N LYS F 29 -30.72 11.20 -5.09
CA LYS F 29 -30.96 9.73 -5.20
C LYS F 29 -31.69 9.45 -6.53
N ASN F 30 -32.60 10.35 -6.95
CA ASN F 30 -33.56 10.11 -8.07
C ASN F 30 -33.44 11.15 -9.19
N HIS F 31 -32.58 12.17 -9.06
CA HIS F 31 -32.48 13.30 -10.02
C HIS F 31 -31.03 13.77 -10.13
N GLU F 32 -30.52 13.96 -11.35
CA GLU F 32 -29.18 14.54 -11.61
C GLU F 32 -29.22 16.02 -11.20
N ILE F 33 -30.33 16.70 -11.53
CA ILE F 33 -30.62 18.11 -11.17
C ILE F 33 -31.94 18.13 -10.39
N VAL F 34 -31.90 18.58 -9.13
CA VAL F 34 -33.05 18.53 -8.18
C VAL F 34 -33.86 19.81 -8.32
N PRO F 35 -35.14 19.75 -8.77
CA PRO F 35 -35.98 20.95 -8.86
C PRO F 35 -36.13 21.63 -7.49
N GLY F 36 -36.24 22.96 -7.48
CA GLY F 36 -36.38 23.78 -6.26
C GLY F 36 -37.63 23.41 -5.46
N SER F 37 -38.70 23.01 -6.14
CA SER F 37 -39.99 22.59 -5.53
C SER F 37 -39.80 21.29 -4.75
N LEU F 38 -39.05 20.33 -5.32
CA LEU F 38 -38.79 19.03 -4.65
C LEU F 38 -37.94 19.26 -3.39
N ILE F 39 -36.93 20.13 -3.48
CA ILE F 39 -36.03 20.47 -2.34
C ILE F 39 -36.89 21.08 -1.22
N ALA F 40 -37.80 21.99 -1.56
CA ALA F 40 -38.68 22.69 -0.60
C ALA F 40 -39.58 21.69 0.13
N SER F 41 -40.15 20.72 -0.58
CA SER F 41 -41.10 19.72 0.00
C SER F 41 -40.33 18.69 0.83
N ILE F 42 -39.09 18.34 0.44
CA ILE F 42 -38.24 17.39 1.23
C ILE F 42 -37.75 18.11 2.50
N ALA F 43 -37.29 19.36 2.37
CA ALA F 43 -36.76 20.16 3.50
C ALA F 43 -37.89 20.52 4.46
N SER F 44 -39.07 20.83 3.90
CA SER F 44 -40.29 21.33 4.59
C SER F 44 -39.91 22.25 5.76
N LEU F 45 -39.36 23.42 5.46
CA LEU F 45 -39.12 24.48 6.47
C LEU F 45 -40.48 25.07 6.85
N GLY F 48 -40.08 29.68 -0.66
CA GLY F 48 -39.85 31.14 -0.45
C GLY F 48 -38.75 31.40 0.56
N GLY F 49 -38.91 30.83 1.77
CA GLY F 49 -37.87 30.79 2.82
C GLY F 49 -36.72 29.88 2.38
N CYS F 50 -37.11 28.75 1.77
CA CYS F 50 -36.20 27.72 1.20
C CYS F 50 -35.39 28.32 0.04
N ASN F 51 -35.99 29.19 -0.76
CA ASN F 51 -35.33 29.81 -1.94
C ASN F 51 -34.20 30.74 -1.49
N LYS F 52 -34.40 31.52 -0.41
CA LYS F 52 -33.38 32.40 0.20
C LYS F 52 -32.18 31.53 0.61
N VAL F 53 -32.44 30.42 1.32
CA VAL F 53 -31.41 29.48 1.83
C VAL F 53 -30.62 28.87 0.66
N LEU F 54 -31.30 28.53 -0.45
CA LEU F 54 -30.64 27.93 -1.64
C LEU F 54 -29.68 28.93 -2.26
N ARG F 55 -30.12 30.18 -2.47
CA ARG F 55 -29.27 31.29 -3.01
C ARG F 55 -28.00 31.41 -2.14
N GLU F 56 -28.16 31.33 -0.80
CA GLU F 56 -27.06 31.47 0.18
C GLU F 56 -26.09 30.27 0.06
N LEU F 57 -26.61 29.07 -0.22
CA LEU F 57 -25.79 27.84 -0.40
C LEU F 57 -25.01 27.91 -1.72
N VAL F 58 -25.60 28.51 -2.77
CA VAL F 58 -24.90 28.79 -4.05
C VAL F 58 -23.73 29.74 -3.77
N LYS F 59 -24.01 30.86 -3.08
CA LYS F 59 -23.01 31.92 -2.74
C LYS F 59 -21.80 31.28 -2.04
N HIS F 60 -22.01 30.28 -1.18
CA HIS F 60 -20.93 29.62 -0.41
C HIS F 60 -20.42 28.37 -1.14
N LYS F 61 -20.88 28.12 -2.37
CA LYS F 61 -20.28 27.12 -3.30
C LYS F 61 -20.58 25.68 -2.86
N LEU F 62 -21.63 25.47 -2.05
CA LEU F 62 -21.98 24.14 -1.48
C LEU F 62 -22.96 23.44 -2.41
N ILE F 63 -23.71 24.19 -3.21
CA ILE F 63 -24.56 23.64 -4.32
C ILE F 63 -24.34 24.53 -5.54
N ALA F 64 -24.74 24.05 -6.71
CA ALA F 64 -24.64 24.77 -7.99
C ALA F 64 -26.00 24.72 -8.69
N TRP F 65 -26.36 25.82 -9.37
CA TRP F 65 -27.59 25.92 -10.20
C TRP F 65 -27.26 25.47 -11.61
N GLU F 66 -28.16 24.73 -12.27
CA GLU F 66 -28.02 24.30 -13.69
C GLU F 66 -29.40 24.31 -14.37
N ARG F 67 -29.45 24.67 -15.65
CA ARG F 67 -30.65 24.57 -16.55
C ARG F 67 -30.27 23.81 -17.83
N THR F 68 -30.99 22.71 -18.13
CA THR F 68 -30.91 21.96 -19.42
C THR F 68 -32.10 22.41 -20.30
N LYS F 69 -32.45 21.65 -21.34
CA LYS F 69 -33.70 21.83 -22.12
C LYS F 69 -34.90 21.30 -21.31
N THR F 70 -34.80 20.14 -20.63
CA THR F 70 -35.97 19.43 -20.02
C THR F 70 -36.25 19.88 -18.57
N VAL F 71 -35.31 20.55 -17.89
CA VAL F 71 -35.16 20.54 -16.40
C VAL F 71 -34.29 21.74 -15.99
N GLN F 72 -34.55 22.35 -14.82
CA GLN F 72 -33.65 23.32 -14.15
C GLN F 72 -33.81 23.25 -12.63
N GLY F 73 -32.68 23.26 -11.90
CA GLY F 73 -32.63 23.17 -10.43
C GLY F 73 -31.21 23.13 -9.91
N TYR F 74 -30.94 22.31 -8.88
CA TYR F 74 -29.70 22.37 -8.06
C TYR F 74 -29.07 20.99 -7.94
N ARG F 75 -27.76 20.98 -7.69
CA ARG F 75 -26.98 19.75 -7.37
C ARG F 75 -25.92 20.11 -6.32
N LEU F 76 -25.57 19.13 -5.51
CA LEU F 76 -24.45 19.19 -4.54
C LEU F 76 -23.15 19.38 -5.31
N THR F 77 -22.25 20.23 -4.81
CA THR F 77 -20.85 20.35 -5.29
C THR F 77 -19.97 19.43 -4.43
N ASN F 78 -18.72 19.24 -4.83
CA ASN F 78 -17.73 18.49 -4.02
C ASN F 78 -17.64 19.14 -2.64
N ALA F 79 -17.61 20.47 -2.59
CA ALA F 79 -17.50 21.24 -1.33
C ALA F 79 -18.73 20.96 -0.45
N GLY F 80 -19.92 20.85 -1.07
CA GLY F 80 -21.19 20.56 -0.37
C GLY F 80 -21.18 19.18 0.25
N TYR F 81 -20.79 18.16 -0.50
CA TYR F 81 -20.70 16.76 -0.02
C TYR F 81 -19.68 16.69 1.11
N ASP F 82 -18.50 17.26 0.88
CA ASP F 82 -17.42 17.37 1.92
C ASP F 82 -18.02 17.96 3.20
N TYR F 83 -18.75 19.06 3.09
CA TYR F 83 -19.32 19.79 4.26
C TYR F 83 -20.32 18.90 5.00
N LEU F 84 -21.23 18.22 4.28
CA LEU F 84 -22.23 17.32 4.89
C LEU F 84 -21.50 16.26 5.74
N ALA F 85 -20.48 15.61 5.18
CA ALA F 85 -19.72 14.54 5.85
C ALA F 85 -19.03 15.11 7.10
N LEU F 86 -18.34 16.24 6.94
CA LEU F 86 -17.51 16.82 8.02
C LEU F 86 -18.40 17.40 9.13
N LYS F 87 -19.52 18.03 8.78
CA LYS F 87 -20.49 18.57 9.77
C LYS F 87 -21.10 17.41 10.56
N THR F 88 -21.43 16.29 9.91
CA THR F 88 -21.97 15.08 10.56
C THR F 88 -20.92 14.57 11.57
N LEU F 89 -19.67 14.41 11.14
CA LEU F 89 -18.56 13.94 12.01
C LEU F 89 -18.34 14.96 13.15
N SER F 90 -18.55 16.25 12.88
CA SER F 90 -18.41 17.33 13.89
C SER F 90 -19.46 17.15 14.99
N SER F 91 -20.70 16.81 14.64
CA SER F 91 -21.79 16.63 15.63
C SER F 91 -21.52 15.39 16.49
N ARG F 92 -20.67 14.45 16.05
CA ARG F 92 -20.28 13.26 16.85
C ARG F 92 -18.98 13.52 17.61
N GLN F 93 -18.48 14.76 17.61
CA GLN F 93 -17.23 15.20 18.32
C GLN F 93 -15.98 14.49 17.76
N VAL F 94 -16.01 14.04 16.51
CA VAL F 94 -14.87 13.35 15.85
C VAL F 94 -13.94 14.39 15.21
N VAL F 95 -14.51 15.41 14.57
CA VAL F 95 -13.77 16.47 13.82
C VAL F 95 -14.31 17.83 14.26
N GLU F 96 -13.42 18.76 14.61
CA GLU F 96 -13.81 20.18 14.84
C GLU F 96 -13.18 21.05 13.75
N SER F 97 -11.96 20.74 13.31
CA SER F 97 -11.11 21.59 12.44
C SER F 97 -10.45 20.77 11.33
N VAL F 98 -10.27 21.38 10.16
CA VAL F 98 -9.71 20.75 8.94
C VAL F 98 -8.46 21.52 8.50
N GLY F 99 -7.38 20.80 8.25
CA GLY F 99 -6.12 21.34 7.72
C GLY F 99 -6.07 21.19 6.21
N ASN F 100 -4.90 21.42 5.62
CA ASN F 100 -4.68 21.34 4.16
C ASN F 100 -4.45 19.88 3.78
N GLN F 101 -4.73 19.55 2.51
CA GLN F 101 -4.41 18.24 1.93
C GLN F 101 -2.93 17.99 2.15
N MET F 102 -2.54 16.80 2.57
CA MET F 102 -1.12 16.45 2.75
C MET F 102 -0.82 15.04 2.23
N GLY F 103 -1.69 14.48 1.39
CA GLY F 103 -1.43 13.21 0.67
C GLY F 103 -2.60 12.82 -0.22
N VAL F 104 -2.43 11.73 -0.97
CA VAL F 104 -3.47 11.10 -1.83
C VAL F 104 -3.40 9.59 -1.66
N GLY F 105 -4.56 8.91 -1.72
CA GLY F 105 -4.65 7.48 -2.03
C GLY F 105 -4.84 7.34 -3.52
N LYS F 106 -5.11 6.14 -4.02
CA LYS F 106 -5.37 5.94 -5.46
C LYS F 106 -6.62 6.74 -5.88
N GLU F 107 -7.64 6.82 -5.01
CA GLU F 107 -8.97 7.41 -5.34
C GLU F 107 -9.46 8.26 -4.16
N SER F 108 -8.57 8.85 -3.38
CA SER F 108 -8.91 9.60 -2.16
C SER F 108 -7.91 10.76 -1.92
N ASP F 109 -8.39 11.79 -1.26
CA ASP F 109 -7.56 12.94 -0.80
C ASP F 109 -7.41 12.81 0.71
N ILE F 110 -6.20 13.05 1.22
CA ILE F 110 -5.84 12.87 2.65
C ILE F 110 -5.57 14.24 3.25
N TYR F 111 -6.23 14.53 4.36
CA TYR F 111 -6.11 15.82 5.10
C TYR F 111 -5.80 15.51 6.55
N ILE F 112 -5.18 16.46 7.24
CA ILE F 112 -5.09 16.43 8.71
C ILE F 112 -6.32 17.16 9.25
N VAL F 113 -6.96 16.60 10.25
CA VAL F 113 -8.09 17.20 11.01
C VAL F 113 -7.73 17.16 12.50
N ALA F 114 -8.46 17.91 13.32
CA ALA F 114 -8.29 17.94 14.79
C ALA F 114 -9.67 17.92 15.45
N ASN F 115 -9.75 17.30 16.62
CA ASN F 115 -10.96 17.34 17.49
C ASN F 115 -10.91 18.63 18.31
N GLU F 116 -11.85 18.83 19.22
CA GLU F 116 -11.99 20.08 20.03
C GLU F 116 -10.76 20.30 20.91
N GLU F 117 -10.10 19.21 21.36
CA GLU F 117 -8.92 19.26 22.26
C GLU F 117 -7.63 19.53 21.46
N GLY F 118 -7.70 19.51 20.12
CA GLY F 118 -6.55 19.82 19.25
C GLY F 118 -5.69 18.60 18.94
N GLN F 119 -6.14 17.39 19.28
CA GLN F 119 -5.49 16.11 18.87
C GLN F 119 -5.70 15.94 17.36
N GLN F 120 -4.62 15.62 16.64
CA GLN F 120 -4.64 15.52 15.16
C GLN F 120 -5.00 14.09 14.75
N PHE F 121 -5.74 13.94 13.66
CA PHE F 121 -6.13 12.66 13.03
C PHE F 121 -5.99 12.79 11.53
N ALA F 122 -6.05 11.68 10.81
CA ALA F 122 -6.05 11.66 9.33
C ALA F 122 -7.50 11.56 8.85
N LEU F 123 -7.84 12.34 7.83
CA LEU F 123 -9.13 12.29 7.13
C LEU F 123 -8.86 11.84 5.70
N LYS F 124 -9.59 10.84 5.22
CA LYS F 124 -9.60 10.46 3.78
C LYS F 124 -11.00 10.79 3.23
N LEU F 125 -11.04 11.60 2.19
CA LEU F 125 -12.25 11.90 1.39
C LEU F 125 -12.14 11.11 0.08
N HIS F 126 -13.03 10.14 -0.13
CA HIS F 126 -13.05 9.26 -1.32
C HIS F 126 -13.70 10.02 -2.48
N ARG F 127 -13.06 9.97 -3.66
CA ARG F 127 -13.46 10.71 -4.88
C ARG F 127 -13.53 9.75 -6.05
N LEU F 128 -14.67 9.09 -6.26
CA LEU F 128 -14.87 8.18 -7.41
C LEU F 128 -15.89 8.81 -8.34
N GLY F 129 -16.07 8.21 -9.53
CA GLY F 129 -17.00 8.72 -10.56
C GLY F 129 -16.53 10.04 -11.11
N ARG F 130 -15.22 10.24 -11.23
CA ARG F 130 -14.61 11.47 -11.81
C ARG F 130 -14.89 11.51 -13.31
N THR F 131 -14.83 10.36 -13.99
CA THR F 131 -15.00 10.29 -15.48
C THR F 131 -16.47 10.45 -15.83
N SER F 132 -16.76 11.24 -16.85
CA SER F 132 -18.10 11.51 -17.41
C SER F 132 -18.23 10.70 -18.70
N PHE F 133 -19.39 10.10 -18.96
CA PHE F 133 -19.66 9.23 -20.13
C PHE F 133 -20.75 9.90 -20.99
N ARG F 134 -20.46 10.21 -22.25
CA ARG F 134 -21.36 11.02 -23.13
C ARG F 134 -21.49 10.41 -24.53
N ASN F 135 -20.91 9.22 -24.81
CA ASN F 135 -20.85 8.65 -26.20
C ASN F 135 -21.93 7.58 -26.43
N LEU F 136 -22.99 7.55 -25.60
CA LEU F 136 -23.99 6.44 -25.58
C LEU F 136 -25.22 6.80 -26.42
N HIS F 147 -27.81 9.19 -13.99
CA HIS F 147 -26.63 8.42 -14.47
C HIS F 147 -25.33 8.96 -13.81
N ASN F 148 -25.01 10.26 -13.95
CA ASN F 148 -23.75 10.90 -13.48
C ASN F 148 -23.91 11.42 -12.04
N VAL F 149 -24.75 10.77 -11.22
CA VAL F 149 -24.85 10.92 -9.73
C VAL F 149 -24.13 9.73 -9.07
N SER F 150 -23.42 8.95 -9.89
CA SER F 150 -22.66 7.77 -9.43
C SER F 150 -21.63 8.22 -8.39
N TRP F 151 -21.15 9.47 -8.47
CA TRP F 151 -19.99 9.93 -7.65
C TRP F 151 -20.38 9.95 -6.17
N LEU F 152 -21.63 10.29 -5.83
CA LEU F 152 -22.13 10.25 -4.42
C LEU F 152 -22.05 8.80 -3.91
N TYR F 153 -22.68 7.86 -4.62
CA TYR F 153 -22.84 6.45 -4.21
C TYR F 153 -21.48 5.77 -4.16
N LEU F 154 -20.69 5.85 -5.25
CA LEU F 154 -19.39 5.15 -5.36
C LEU F 154 -18.45 5.65 -4.25
N SER F 155 -18.45 6.96 -3.98
CA SER F 155 -17.52 7.57 -3.00
C SER F 155 -17.91 7.10 -1.59
N ARG F 156 -19.21 7.08 -1.32
CA ARG F 156 -19.80 6.57 -0.04
C ARG F 156 -19.38 5.11 0.15
N LEU F 157 -19.46 4.33 -0.93
CA LEU F 157 -19.18 2.88 -0.89
C LEU F 157 -17.68 2.64 -0.65
N SER F 158 -16.77 3.36 -1.31
CA SER F 158 -15.31 3.26 -1.04
C SER F 158 -15.04 3.50 0.44
N ALA F 159 -15.58 4.59 0.98
CA ALA F 159 -15.32 5.00 2.37
C ALA F 159 -15.79 3.88 3.31
N MET F 160 -16.98 3.35 3.06
CA MET F 160 -17.60 2.26 3.89
C MET F 160 -16.67 1.05 3.86
N LYS F 161 -16.21 0.65 2.67
CA LYS F 161 -15.35 -0.56 2.49
C LYS F 161 -14.01 -0.32 3.17
N GLU F 162 -13.45 0.89 3.04
CA GLU F 162 -12.15 1.23 3.68
C GLU F 162 -12.30 1.12 5.20
N PHE F 163 -13.36 1.68 5.77
CA PHE F 163 -13.58 1.65 7.24
C PHE F 163 -13.69 0.19 7.69
N ALA F 164 -14.49 -0.62 6.98
CA ALA F 164 -14.76 -2.03 7.33
C ALA F 164 -13.46 -2.84 7.29
N TYR F 165 -12.71 -2.73 6.19
CA TYR F 165 -11.42 -3.46 6.02
C TYR F 165 -10.43 -2.98 7.08
N MET F 166 -10.36 -1.67 7.30
CA MET F 166 -9.39 -1.08 8.26
C MET F 166 -9.70 -1.63 9.66
N LYS F 167 -10.97 -1.70 10.03
CA LYS F 167 -11.40 -2.27 11.33
C LYS F 167 -11.00 -3.74 11.43
N ALA F 168 -11.35 -4.54 10.43
CA ALA F 168 -11.09 -5.99 10.40
C ALA F 168 -9.58 -6.24 10.46
N LEU F 169 -8.81 -5.51 9.68
CA LEU F 169 -7.33 -5.67 9.62
C LEU F 169 -6.72 -5.22 10.95
N TYR F 170 -7.18 -4.09 11.52
CA TYR F 170 -6.65 -3.57 12.80
C TYR F 170 -6.88 -4.58 13.91
N GLU F 171 -8.09 -5.16 13.98
CA GLU F 171 -8.45 -6.15 15.04
C GLU F 171 -7.63 -7.42 14.86
N ARG F 172 -7.15 -7.73 13.66
CA ARG F 172 -6.31 -8.93 13.37
C ARG F 172 -4.83 -8.54 13.44
N LYS F 173 -4.49 -7.40 14.02
CA LYS F 173 -3.11 -6.98 14.39
C LYS F 173 -2.28 -6.69 13.12
N PHE F 174 -2.92 -6.29 12.02
CA PHE F 174 -2.23 -5.78 10.80
C PHE F 174 -1.72 -4.37 11.06
N PRO F 175 -0.62 -3.94 10.39
CA PRO F 175 -0.10 -2.58 10.54
C PRO F 175 -0.90 -1.60 9.67
N VAL F 176 -2.06 -1.19 10.17
CA VAL F 176 -2.97 -0.17 9.55
C VAL F 176 -3.32 0.84 10.63
N PRO F 177 -3.81 2.05 10.26
CA PRO F 177 -4.23 3.04 11.25
C PRO F 177 -5.46 2.50 11.99
N LYS F 178 -5.60 2.87 13.28
CA LYS F 178 -6.84 2.61 14.02
C LYS F 178 -7.95 3.46 13.39
N PRO F 179 -9.03 2.85 12.84
CA PRO F 179 -10.10 3.61 12.23
C PRO F 179 -10.95 4.17 13.38
N ILE F 180 -11.49 5.38 13.22
CA ILE F 180 -12.21 6.07 14.31
C ILE F 180 -13.69 6.17 13.95
N ASP F 181 -14.01 6.70 12.77
CA ASP F 181 -15.41 6.86 12.34
C ASP F 181 -15.44 7.12 10.84
N TYR F 182 -16.63 6.98 10.24
CA TYR F 182 -16.86 7.34 8.83
C TYR F 182 -18.26 7.89 8.67
N ASN F 183 -18.44 8.69 7.63
CA ASN F 183 -19.75 9.17 7.17
C ASN F 183 -19.65 9.50 5.68
N ARG F 184 -20.64 9.10 4.91
CA ARG F 184 -20.67 9.34 3.45
C ARG F 184 -19.30 8.93 2.88
N HIS F 185 -18.55 9.85 2.26
CA HIS F 185 -17.29 9.55 1.55
C HIS F 185 -16.09 9.82 2.46
N ALA F 186 -16.31 10.10 3.75
CA ALA F 186 -15.28 10.52 4.71
C ALA F 186 -14.95 9.39 5.68
N VAL F 187 -13.67 9.10 5.86
CA VAL F 187 -13.14 8.18 6.90
C VAL F 187 -12.14 8.95 7.77
N VAL F 188 -12.33 8.91 9.09
CA VAL F 188 -11.35 9.48 10.06
C VAL F 188 -10.63 8.32 10.74
N MET F 189 -9.31 8.45 10.92
CA MET F 189 -8.44 7.39 11.45
C MET F 189 -7.21 8.00 12.13
N GLU F 190 -6.54 7.21 12.97
CA GLU F 190 -5.22 7.51 13.57
C GLU F 190 -4.34 8.18 12.51
N LEU F 191 -3.76 9.34 12.82
CA LEU F 191 -2.68 9.94 12.00
C LEU F 191 -1.39 9.16 12.27
N ILE F 192 -0.72 8.66 11.24
CA ILE F 192 0.60 7.98 11.42
C ILE F 192 1.70 9.00 11.14
N ASN F 193 2.50 9.28 12.16
CA ASN F 193 3.59 10.28 12.12
C ASN F 193 4.78 9.59 11.47
N GLY F 194 5.18 10.08 10.31
CA GLY F 194 6.23 9.46 9.50
C GLY F 194 6.11 9.91 8.07
N TYR F 195 6.88 9.26 7.19
CA TYR F 195 7.01 9.66 5.78
C TYR F 195 6.57 8.48 4.94
N PRO F 196 5.86 8.71 3.82
CA PRO F 196 5.67 7.67 2.83
C PRO F 196 7.07 7.21 2.40
N LEU F 197 7.22 5.90 2.21
CA LEU F 197 8.49 5.24 1.84
C LEU F 197 9.11 5.96 0.64
N CYS F 198 8.28 6.44 -0.28
CA CYS F 198 8.72 7.11 -1.53
C CYS F 198 9.55 8.36 -1.21
N GLN F 199 9.38 8.99 -0.05
CA GLN F 199 10.21 10.18 0.27
C GLN F 199 11.19 9.85 1.42
N ILE F 200 11.58 8.59 1.60
CA ILE F 200 12.69 8.18 2.51
C ILE F 200 13.96 8.02 1.68
N HIS F 201 15.05 8.67 2.06
CA HIS F 201 16.31 8.72 1.29
C HIS F 201 17.32 7.66 1.76
N HIS F 202 17.39 7.42 3.07
CA HIS F 202 18.29 6.43 3.71
C HIS F 202 17.54 5.75 4.85
N VAL F 203 17.92 4.51 5.13
CA VAL F 203 17.45 3.73 6.32
C VAL F 203 18.67 3.03 6.90
N GLU F 204 18.77 2.93 8.23
CA GLU F 204 19.91 2.25 8.90
C GLU F 204 19.92 0.77 8.47
N ASP F 205 18.75 0.13 8.41
CA ASP F 205 18.61 -1.32 8.16
C ASP F 205 17.53 -1.59 7.12
N PRO F 206 17.85 -1.51 5.80
CA PRO F 206 16.85 -1.78 4.76
C PRO F 206 16.25 -3.20 4.82
N ALA F 207 17.05 -4.22 5.12
CA ALA F 207 16.62 -5.64 5.24
C ALA F 207 15.39 -5.72 6.15
N SER F 208 15.40 -4.98 7.25
CA SER F 208 14.34 -5.01 8.29
C SER F 208 13.03 -4.44 7.73
N VAL F 209 13.09 -3.33 7.00
CA VAL F 209 11.89 -2.67 6.43
C VAL F 209 11.36 -3.54 5.27
N TYR F 210 12.25 -4.06 4.43
CA TYR F 210 11.93 -5.04 3.36
C TYR F 210 11.16 -6.23 3.94
N ASP F 211 11.66 -6.79 5.05
CA ASP F 211 11.06 -7.98 5.71
C ASP F 211 9.65 -7.63 6.18
N GLU F 212 9.44 -6.46 6.81
CA GLU F 212 8.09 -6.05 7.27
C GLU F 212 7.13 -5.99 6.07
N ALA F 213 7.58 -5.41 4.96
CA ALA F 213 6.76 -5.26 3.73
C ALA F 213 6.37 -6.65 3.20
N MET F 214 7.34 -7.56 3.10
CA MET F 214 7.11 -8.91 2.55
C MET F 214 6.22 -9.72 3.50
N GLU F 215 6.39 -9.60 4.82
CA GLU F 215 5.56 -10.30 5.83
C GLU F 215 4.12 -9.76 5.73
N LEU F 216 3.93 -8.49 5.39
CA LEU F 216 2.59 -7.89 5.25
C LEU F 216 1.89 -8.49 4.03
N ILE F 217 2.60 -8.65 2.90
CA ILE F 217 2.01 -9.29 1.68
C ILE F 217 1.55 -10.71 2.04
N VAL F 218 2.37 -11.45 2.78
CA VAL F 218 2.10 -12.87 3.13
C VAL F 218 0.87 -12.92 4.05
N LYS F 219 0.85 -12.06 5.06
CA LYS F 219 -0.25 -12.04 6.06
C LYS F 219 -1.57 -11.69 5.37
N LEU F 220 -1.56 -10.72 4.45
CA LEU F 220 -2.77 -10.36 3.66
C LEU F 220 -3.25 -11.60 2.89
N ALA F 221 -2.35 -12.26 2.17
CA ALA F 221 -2.67 -13.44 1.35
C ALA F 221 -3.22 -14.57 2.23
N ASN F 222 -2.64 -14.76 3.42
CA ASN F 222 -3.10 -15.79 4.38
C ASN F 222 -4.54 -15.49 4.84
N HIS F 223 -4.97 -14.23 4.73
CA HIS F 223 -6.33 -13.78 5.13
C HIS F 223 -7.24 -13.67 3.89
N GLY F 224 -6.73 -14.03 2.70
CA GLY F 224 -7.52 -14.12 1.46
C GLY F 224 -7.33 -12.91 0.54
N LEU F 225 -6.42 -12.00 0.87
CA LEU F 225 -6.31 -10.66 0.21
C LEU F 225 -4.96 -10.49 -0.48
N ILE F 226 -5.00 -9.96 -1.69
CA ILE F 226 -3.82 -9.37 -2.39
C ILE F 226 -4.10 -7.88 -2.53
N HIS F 227 -3.15 -7.05 -2.07
CA HIS F 227 -3.31 -5.58 -2.03
C HIS F 227 -3.64 -5.06 -3.43
N GLY F 228 -2.81 -5.37 -4.42
CA GLY F 228 -3.04 -5.02 -5.84
C GLY F 228 -2.35 -3.73 -6.25
N ASP F 229 -2.04 -2.84 -5.30
CA ASP F 229 -1.37 -1.53 -5.52
C ASP F 229 -0.29 -1.32 -4.45
N PHE F 230 0.35 -2.38 -3.98
CA PHE F 230 1.31 -2.35 -2.84
C PHE F 230 2.55 -1.58 -3.27
N ASN F 231 2.81 -0.41 -2.71
CA ASN F 231 3.93 0.45 -3.19
C ASN F 231 4.41 1.45 -2.13
N GLU F 232 5.43 2.23 -2.53
CA GLU F 232 6.13 3.21 -1.69
C GLU F 232 5.24 4.45 -1.44
N PHE F 233 4.06 4.56 -2.07
CA PHE F 233 3.10 5.69 -1.88
C PHE F 233 2.03 5.34 -0.83
N ASN F 234 1.85 4.05 -0.52
CA ASN F 234 0.79 3.47 0.36
C ASN F 234 1.35 3.08 1.73
N LEU F 235 2.67 3.03 1.86
CA LEU F 235 3.35 2.54 3.08
C LEU F 235 4.03 3.73 3.76
N ILE F 236 3.69 3.99 5.01
CA ILE F 236 4.34 5.06 5.80
C ILE F 236 5.30 4.44 6.80
N LEU F 237 6.52 4.97 6.84
CA LEU F 237 7.59 4.58 7.79
C LEU F 237 7.58 5.56 8.96
N ASP F 238 7.37 5.08 10.18
CA ASP F 238 7.28 5.92 11.40
C ASP F 238 8.67 6.11 12.01
N GLU F 239 8.75 6.82 13.13
CA GLU F 239 10.01 7.26 13.80
C GLU F 239 10.87 6.04 14.18
N SER F 240 10.28 4.86 14.39
CA SER F 240 11.02 3.61 14.75
C SER F 240 11.04 2.62 13.58
N ASP F 241 10.96 3.11 12.34
CA ASP F 241 11.22 2.33 11.09
C ASP F 241 10.22 1.17 10.92
N HIS F 242 9.01 1.25 11.47
CA HIS F 242 7.90 0.29 11.22
C HIS F 242 7.00 0.85 10.11
N ILE F 243 6.44 0.00 9.27
CA ILE F 243 5.58 0.44 8.15
C ILE F 243 4.10 0.30 8.55
N THR F 244 3.30 1.27 8.12
CA THR F 244 1.82 1.24 8.21
C THR F 244 1.26 1.39 6.80
N MET F 245 0.31 0.53 6.45
CA MET F 245 -0.47 0.57 5.19
C MET F 245 -1.61 1.57 5.35
N ILE F 246 -1.78 2.54 4.44
CA ILE F 246 -2.78 3.65 4.60
C ILE F 246 -3.75 3.73 3.42
N ASP F 247 -3.73 2.79 2.48
CA ASP F 247 -4.63 2.82 1.28
C ASP F 247 -4.68 1.41 0.68
N PHE F 248 -5.87 0.83 0.52
CA PHE F 248 -6.08 -0.53 -0.05
C PHE F 248 -7.42 -0.55 -0.79
N PRO F 249 -7.56 0.22 -1.88
CA PRO F 249 -8.84 0.41 -2.53
C PRO F 249 -9.35 -0.72 -3.44
N GLN F 250 -8.46 -1.51 -4.06
CA GLN F 250 -8.83 -2.45 -5.13
C GLN F 250 -8.20 -3.82 -4.87
N MET F 251 -8.34 -4.33 -3.65
CA MET F 251 -7.77 -5.63 -3.24
C MET F 251 -8.43 -6.75 -4.06
N VAL F 252 -7.65 -7.80 -4.33
CA VAL F 252 -8.01 -8.97 -5.16
C VAL F 252 -8.09 -10.18 -4.24
N SER F 253 -9.02 -11.09 -4.51
CA SER F 253 -9.13 -12.38 -3.79
C SER F 253 -7.98 -13.30 -4.17
N THR F 254 -7.40 -14.04 -3.22
CA THR F 254 -6.41 -15.12 -3.50
C THR F 254 -7.07 -16.24 -4.33
N SER F 255 -8.39 -16.25 -4.44
CA SER F 255 -9.16 -17.23 -5.26
C SER F 255 -9.28 -16.80 -6.72
N HIS F 256 -8.90 -15.57 -7.04
CA HIS F 256 -8.91 -15.09 -8.44
C HIS F 256 -8.11 -16.07 -9.30
N PRO F 257 -8.57 -16.44 -10.51
CA PRO F 257 -7.79 -17.32 -11.38
C PRO F 257 -6.36 -16.85 -11.66
N ASN F 258 -6.10 -15.54 -11.61
CA ASN F 258 -4.77 -14.95 -11.87
C ASN F 258 -4.22 -14.36 -10.57
N ALA F 259 -4.68 -14.85 -9.43
CA ALA F 259 -4.24 -14.39 -8.08
C ALA F 259 -2.71 -14.38 -8.03
N GLU F 260 -2.06 -15.44 -8.50
CA GLU F 260 -0.60 -15.60 -8.41
C GLU F 260 0.09 -14.42 -9.09
N TRP F 261 -0.40 -13.99 -10.25
CA TRP F 261 0.17 -12.84 -11.00
C TRP F 261 0.08 -11.57 -10.15
N TYR F 262 -1.07 -11.32 -9.49
CA TYR F 262 -1.29 -10.11 -8.68
C TYR F 262 -0.35 -10.13 -7.48
N PHE F 263 -0.22 -11.29 -6.85
CA PHE F 263 0.65 -11.50 -5.67
C PHE F 263 2.09 -11.19 -6.07
N ASP F 264 2.55 -11.80 -7.15
CA ASP F 264 3.94 -11.62 -7.66
C ASP F 264 4.18 -10.15 -8.01
N ARG F 265 3.19 -9.46 -8.58
CA ARG F 265 3.33 -8.05 -9.01
C ARG F 265 3.59 -7.18 -7.77
N ASP F 266 2.84 -7.37 -6.69
CA ASP F 266 3.04 -6.64 -5.42
C ASP F 266 4.45 -6.91 -4.89
N VAL F 267 4.90 -8.17 -4.91
CA VAL F 267 6.26 -8.57 -4.45
C VAL F 267 7.32 -7.86 -5.31
N LYS F 268 7.19 -7.92 -6.64
CA LYS F 268 8.18 -7.32 -7.58
C LYS F 268 8.26 -5.81 -7.36
N CYS F 269 7.14 -5.14 -7.07
CA CYS F 269 7.08 -3.67 -6.89
C CYS F 269 7.92 -3.28 -5.66
N ILE F 270 7.77 -4.00 -4.54
CA ILE F 270 8.59 -3.79 -3.32
C ILE F 270 10.06 -4.04 -3.64
N LYS F 271 10.39 -5.15 -4.29
CA LYS F 271 11.80 -5.47 -4.64
C LYS F 271 12.40 -4.33 -5.46
N ASP F 272 11.68 -3.88 -6.48
CA ASP F 272 12.16 -2.86 -7.44
C ASP F 272 12.48 -1.58 -6.64
N PHE F 273 11.58 -1.17 -5.73
CA PHE F 273 11.75 0.07 -4.95
C PHE F 273 12.98 -0.05 -4.04
N PHE F 274 13.12 -1.16 -3.32
CA PHE F 274 14.25 -1.37 -2.36
C PHE F 274 15.59 -1.40 -3.10
N MET F 275 15.63 -1.91 -4.33
CA MET F 275 16.84 -1.92 -5.18
C MET F 275 17.13 -0.49 -5.63
N LYS F 276 16.13 0.25 -6.14
CA LYS F 276 16.31 1.62 -6.71
C LYS F 276 16.77 2.57 -5.61
N ARG F 277 16.11 2.55 -4.45
CA ARG F 277 16.28 3.60 -3.42
C ARG F 277 17.41 3.24 -2.44
N PHE F 278 17.56 1.97 -2.04
CA PHE F 278 18.51 1.57 -0.96
C PHE F 278 19.58 0.59 -1.45
N SER F 279 19.56 0.20 -2.72
CA SER F 279 20.50 -0.78 -3.32
C SER F 279 20.41 -2.09 -2.55
N TYR F 280 19.21 -2.41 -2.05
CA TYR F 280 18.96 -3.65 -1.24
C TYR F 280 18.19 -4.67 -2.07
N GLU F 281 18.68 -5.91 -2.01
CA GLU F 281 18.22 -7.10 -2.76
C GLU F 281 18.23 -8.29 -1.80
N SER F 282 17.36 -9.27 -1.96
CA SER F 282 17.24 -10.43 -1.03
C SER F 282 16.55 -11.61 -1.72
N GLU F 283 16.73 -12.81 -1.19
CA GLU F 283 16.03 -14.05 -1.61
C GLU F 283 14.87 -14.36 -0.66
N LEU F 284 14.72 -13.60 0.44
CA LEU F 284 13.64 -13.78 1.46
C LEU F 284 12.35 -13.08 0.98
N PHE F 285 11.83 -13.49 -0.18
CA PHE F 285 10.56 -12.95 -0.75
C PHE F 285 9.63 -14.12 -1.01
N PRO F 286 8.32 -13.94 -0.73
CA PRO F 286 7.37 -15.06 -0.79
C PRO F 286 7.02 -15.43 -2.22
N THR F 287 6.63 -16.69 -2.42
CA THR F 287 5.91 -17.17 -3.63
C THR F 287 4.48 -17.53 -3.20
N PHE F 288 3.57 -17.53 -4.16
CA PHE F 288 2.14 -17.81 -3.92
C PHE F 288 1.98 -19.20 -3.29
N LYS F 289 2.84 -20.17 -3.62
CA LYS F 289 2.77 -21.57 -3.11
C LYS F 289 2.96 -21.60 -1.59
N ASP F 290 3.63 -20.60 -0.99
CA ASP F 290 3.86 -20.50 0.49
C ASP F 290 2.55 -20.20 1.24
N ILE F 291 1.56 -19.59 0.59
CA ILE F 291 0.35 -19.04 1.26
C ILE F 291 -0.48 -20.20 1.78
N ARG F 292 -0.88 -20.14 3.06
CA ARG F 292 -1.83 -21.09 3.67
C ARG F 292 -3.00 -20.29 4.22
N ARG F 293 -4.16 -20.39 3.54
CA ARG F 293 -5.36 -19.62 3.88
C ARG F 293 -5.83 -19.99 5.28
N GLU F 294 -6.12 -18.95 6.05
CA GLU F 294 -6.38 -18.91 7.51
C GLU F 294 -7.70 -18.17 7.77
N ASP F 295 -8.15 -17.35 6.82
CA ASP F 295 -9.30 -16.42 6.98
C ASP F 295 -9.94 -16.18 5.61
N THR F 296 -11.08 -15.49 5.59
CA THR F 296 -11.96 -15.35 4.41
C THR F 296 -12.37 -13.89 4.21
N LEU F 297 -11.44 -12.94 4.43
CA LEU F 297 -11.73 -11.49 4.39
C LEU F 297 -12.03 -11.06 2.95
N ASP F 298 -11.68 -11.86 1.95
CA ASP F 298 -12.06 -11.62 0.53
C ASP F 298 -13.56 -11.92 0.32
N VAL F 299 -14.18 -12.72 1.18
CA VAL F 299 -15.59 -13.16 0.99
C VAL F 299 -16.52 -12.33 1.89
N GLU F 300 -16.13 -12.15 3.15
CA GLU F 300 -16.95 -11.50 4.18
C GLU F 300 -16.04 -10.77 5.15
N VAL F 301 -16.35 -9.53 5.47
CA VAL F 301 -15.58 -8.70 6.45
C VAL F 301 -16.39 -8.64 7.74
N SER F 302 -15.86 -9.26 8.81
CA SER F 302 -16.51 -9.42 10.14
C SER F 302 -15.44 -9.39 11.25
N VAL G 7 -10.94 -52.35 53.35
CA VAL G 7 -11.22 -51.40 52.25
C VAL G 7 -11.52 -52.21 50.99
N ALA G 8 -12.49 -51.78 50.19
CA ALA G 8 -12.91 -52.42 48.92
C ALA G 8 -12.54 -51.50 47.74
N LYS G 9 -11.89 -52.05 46.71
CA LYS G 9 -11.63 -51.37 45.40
C LYS G 9 -12.95 -50.82 44.85
N LEU G 10 -12.94 -49.67 44.19
CA LEU G 10 -14.16 -49.05 43.61
C LEU G 10 -14.76 -49.95 42.53
N ARG G 11 -16.10 -50.03 42.48
CA ARG G 11 -16.89 -50.73 41.44
C ARG G 11 -16.33 -50.35 40.06
N TYR G 12 -16.12 -51.34 39.17
CA TYR G 12 -15.77 -51.10 37.75
C TYR G 12 -16.95 -50.38 37.07
N MET G 13 -16.64 -49.43 36.19
CA MET G 13 -17.66 -48.79 35.31
C MET G 13 -17.03 -48.54 33.94
N SER G 14 -17.75 -48.84 32.86
CA SER G 14 -17.35 -48.53 31.46
C SER G 14 -17.35 -46.99 31.26
N ARG G 15 -16.65 -46.50 30.24
CA ARG G 15 -16.63 -45.06 29.90
C ARG G 15 -18.06 -44.63 29.53
N ASP G 16 -18.82 -45.49 28.85
CA ASP G 16 -20.24 -45.27 28.47
C ASP G 16 -21.07 -45.02 29.73
N ASP G 17 -21.06 -45.97 30.67
CA ASP G 17 -21.83 -45.91 31.93
C ASP G 17 -21.45 -44.61 32.66
N PHE G 18 -20.15 -44.30 32.75
CA PHE G 18 -19.62 -43.11 33.48
C PHE G 18 -20.05 -41.81 32.77
N ARG G 19 -20.15 -41.83 31.44
CA ARG G 19 -20.58 -40.66 30.64
C ARG G 19 -22.05 -40.35 30.95
N VAL G 20 -22.90 -41.39 31.00
CA VAL G 20 -24.36 -41.23 31.29
C VAL G 20 -24.54 -40.70 32.72
N LEU G 21 -23.75 -41.19 33.67
CA LEU G 21 -23.81 -40.77 35.08
C LEU G 21 -23.40 -39.29 35.18
N THR G 22 -22.35 -38.90 34.44
CA THR G 22 -21.89 -37.49 34.34
C THR G 22 -22.96 -36.63 33.66
N ALA G 23 -23.62 -37.17 32.62
CA ALA G 23 -24.72 -36.48 31.90
C ALA G 23 -25.85 -36.17 32.87
N VAL G 24 -26.22 -37.11 33.75
CA VAL G 24 -27.31 -36.90 34.75
C VAL G 24 -26.88 -35.74 35.67
N GLU G 25 -25.63 -35.76 36.14
CA GLU G 25 -25.05 -34.69 36.98
C GLU G 25 -25.14 -33.34 36.26
N MET G 26 -24.67 -33.24 35.02
CA MET G 26 -24.73 -31.98 34.22
C MET G 26 -26.19 -31.55 34.10
N GLY G 27 -27.10 -32.47 33.79
CA GLY G 27 -28.54 -32.20 33.64
C GLY G 27 -29.11 -31.50 34.87
N MET G 28 -28.58 -31.82 36.06
CA MET G 28 -29.12 -31.33 37.35
C MET G 28 -28.67 -29.87 37.64
N LYS G 29 -27.80 -29.28 36.82
CA LYS G 29 -27.50 -27.82 36.88
C LYS G 29 -28.81 -27.04 36.66
N ASN G 30 -29.70 -27.53 35.78
CA ASN G 30 -30.89 -26.79 35.28
C ASN G 30 -32.22 -27.51 35.58
N HIS G 31 -32.19 -28.70 36.16
CA HIS G 31 -33.41 -29.55 36.37
C HIS G 31 -33.27 -30.32 37.68
N GLU G 32 -34.32 -30.34 38.50
CA GLU G 32 -34.39 -31.19 39.73
C GLU G 32 -34.49 -32.64 39.28
N ILE G 33 -35.30 -32.90 38.24
CA ILE G 33 -35.51 -34.24 37.61
C ILE G 33 -35.15 -34.13 36.12
N VAL G 34 -34.13 -34.85 35.66
CA VAL G 34 -33.54 -34.72 34.30
C VAL G 34 -34.25 -35.66 33.35
N PRO G 35 -34.96 -35.15 32.32
CA PRO G 35 -35.61 -36.01 31.31
C PRO G 35 -34.58 -36.93 30.61
N GLY G 36 -35.00 -38.15 30.26
CA GLY G 36 -34.16 -39.16 29.61
C GLY G 36 -33.63 -38.68 28.26
N SER G 37 -34.39 -37.86 27.54
CA SER G 37 -33.99 -37.28 26.22
C SER G 37 -32.83 -36.30 26.42
N LEU G 38 -32.87 -35.48 27.47
CA LEU G 38 -31.78 -34.50 27.75
C LEU G 38 -30.50 -35.27 28.12
N ILE G 39 -30.61 -36.32 28.92
CA ILE G 39 -29.46 -37.17 29.34
C ILE G 39 -28.81 -37.79 28.09
N ALA G 40 -29.64 -38.29 27.16
CA ALA G 40 -29.18 -38.95 25.92
C ALA G 40 -28.40 -37.96 25.05
N SER G 41 -28.88 -36.73 24.91
CA SER G 41 -28.26 -35.69 24.04
C SER G 41 -26.99 -35.15 24.71
N ILE G 42 -26.95 -35.05 26.03
CA ILE G 42 -25.73 -34.61 26.78
C ILE G 42 -24.67 -35.71 26.72
N ALA G 43 -25.07 -36.97 26.94
CA ALA G 43 -24.16 -38.14 26.94
C ALA G 43 -23.66 -38.39 25.53
N SER G 44 -24.53 -38.23 24.53
CA SER G 44 -24.34 -38.58 23.09
C SER G 44 -25.72 -38.83 22.42
N CYS G 50 -28.49 -45.52 25.42
CA CYS G 50 -28.50 -44.69 26.65
C CYS G 50 -29.52 -45.22 27.66
N ASN G 51 -30.68 -45.68 27.18
CA ASN G 51 -31.81 -46.14 28.03
C ASN G 51 -31.40 -47.43 28.77
N LYS G 52 -30.70 -48.35 28.09
CA LYS G 52 -30.16 -49.61 28.69
C LYS G 52 -29.23 -49.24 29.86
N VAL G 53 -28.30 -48.31 29.61
CA VAL G 53 -27.29 -47.84 30.61
C VAL G 53 -28.01 -47.20 31.81
N LEU G 54 -29.07 -46.43 31.58
CA LEU G 54 -29.83 -45.74 32.66
C LEU G 54 -30.50 -46.80 33.56
N ARG G 55 -31.18 -47.78 32.96
CA ARG G 55 -31.83 -48.91 33.70
C ARG G 55 -30.78 -49.59 34.59
N GLU G 56 -29.57 -49.80 34.07
CA GLU G 56 -28.44 -50.47 34.77
C GLU G 56 -27.96 -49.60 35.95
N LEU G 57 -27.96 -48.27 35.78
CA LEU G 57 -27.54 -47.31 36.84
C LEU G 57 -28.62 -47.26 37.94
N VAL G 58 -29.90 -47.39 37.58
CA VAL G 58 -31.01 -47.52 38.58
C VAL G 58 -30.79 -48.81 39.39
N LYS G 59 -30.55 -49.94 38.72
CA LYS G 59 -30.36 -51.28 39.33
C LYS G 59 -29.23 -51.19 40.37
N HIS G 60 -28.16 -50.42 40.12
CA HIS G 60 -27.00 -50.28 41.03
C HIS G 60 -27.18 -49.09 41.97
N LYS G 61 -28.34 -48.41 41.95
CA LYS G 61 -28.74 -47.40 42.96
C LYS G 61 -27.92 -46.11 42.84
N LEU G 62 -27.35 -45.85 41.65
CA LEU G 62 -26.48 -44.67 41.40
C LEU G 62 -27.34 -43.50 40.90
N ILE G 63 -28.49 -43.79 40.32
CA ILE G 63 -29.53 -42.77 39.97
C ILE G 63 -30.88 -43.34 40.39
N ALA G 64 -31.89 -42.48 40.48
CA ALA G 64 -33.26 -42.86 40.85
C ALA G 64 -34.20 -42.28 39.80
N TRP G 65 -35.20 -43.08 39.41
CA TRP G 65 -36.30 -42.67 38.49
C TRP G 65 -37.42 -42.08 39.35
N GLU G 66 -38.05 -41.01 38.89
CA GLU G 66 -39.22 -40.39 39.57
C GLU G 66 -40.18 -39.87 38.50
N ARG G 67 -41.47 -40.17 38.69
CA ARG G 67 -42.58 -39.81 37.76
C ARG G 67 -43.70 -39.31 38.66
N THR G 68 -43.95 -37.99 38.63
CA THR G 68 -45.07 -37.31 39.34
C THR G 68 -46.18 -37.03 38.31
N LYS G 69 -47.12 -36.14 38.61
CA LYS G 69 -48.08 -35.58 37.61
C LYS G 69 -47.36 -34.56 36.71
N THR G 70 -46.50 -33.68 37.23
CA THR G 70 -45.94 -32.51 36.50
C THR G 70 -44.64 -32.83 35.73
N VAL G 71 -43.96 -33.94 36.01
CA VAL G 71 -42.49 -34.15 35.78
C VAL G 71 -42.21 -35.66 35.81
N GLN G 72 -41.28 -36.12 34.94
CA GLN G 72 -40.73 -37.50 34.98
C GLN G 72 -39.33 -37.56 34.34
N GLY G 73 -38.37 -38.20 35.04
CA GLY G 73 -37.01 -38.51 34.57
C GLY G 73 -36.14 -39.08 35.69
N TYR G 74 -34.87 -38.65 35.75
CA TYR G 74 -33.83 -39.25 36.62
C TYR G 74 -33.13 -38.16 37.43
N ARG G 75 -32.57 -38.57 38.57
CA ARG G 75 -31.69 -37.73 39.43
C ARG G 75 -30.59 -38.60 40.01
N LEU G 76 -29.45 -37.99 40.28
CA LEU G 76 -28.31 -38.59 40.99
C LEU G 76 -28.77 -38.97 42.40
N THR G 77 -28.35 -40.12 42.92
CA THR G 77 -28.49 -40.50 44.34
C THR G 77 -27.22 -40.10 45.06
N ASN G 78 -27.22 -40.16 46.39
CA ASN G 78 -25.99 -39.91 47.19
C ASN G 78 -24.93 -40.90 46.71
N ALA G 79 -25.26 -42.17 46.49
CA ALA G 79 -24.31 -43.21 46.04
C ALA G 79 -23.71 -42.82 44.67
N GLY G 80 -24.52 -42.25 43.78
CA GLY G 80 -24.11 -41.82 42.43
C GLY G 80 -23.08 -40.68 42.49
N TYR G 81 -23.38 -39.65 43.30
CA TYR G 81 -22.51 -38.47 43.51
C TYR G 81 -21.22 -38.94 44.15
N ASP G 82 -21.30 -39.75 45.20
CA ASP G 82 -20.14 -40.36 45.88
C ASP G 82 -19.25 -41.05 44.85
N TYR G 83 -19.84 -41.85 43.96
CA TYR G 83 -19.08 -42.64 42.96
C TYR G 83 -18.34 -41.68 41.99
N LEU G 84 -19.03 -40.65 41.49
CA LEU G 84 -18.41 -39.67 40.56
C LEU G 84 -17.15 -39.07 41.21
N ALA G 85 -17.27 -38.62 42.46
CA ALA G 85 -16.17 -37.97 43.23
C ALA G 85 -15.03 -38.97 43.41
N LEU G 86 -15.34 -40.18 43.86
CA LEU G 86 -14.32 -41.20 44.22
C LEU G 86 -13.64 -41.73 42.95
N LYS G 87 -14.37 -41.91 41.84
CA LYS G 87 -13.78 -42.36 40.55
C LYS G 87 -12.82 -41.26 40.05
N THR G 88 -13.20 -39.99 40.17
CA THR G 88 -12.35 -38.85 39.76
C THR G 88 -11.05 -38.87 40.59
N LEU G 89 -11.17 -38.99 41.92
CA LEU G 89 -10.01 -39.06 42.83
C LEU G 89 -9.17 -40.31 42.52
N SER G 90 -9.82 -41.39 42.10
CA SER G 90 -9.13 -42.65 41.73
C SER G 90 -8.25 -42.43 40.50
N SER G 91 -8.72 -41.69 39.50
CA SER G 91 -7.96 -41.42 38.25
C SER G 91 -6.76 -40.52 38.55
N ARG G 92 -6.75 -39.79 39.68
CA ARG G 92 -5.58 -38.96 40.10
C ARG G 92 -4.68 -39.74 41.06
N GLN G 93 -4.94 -41.03 41.26
CA GLN G 93 -4.15 -41.95 42.16
C GLN G 93 -4.22 -41.51 43.63
N VAL G 94 -5.28 -40.81 44.03
CA VAL G 94 -5.46 -40.34 45.43
C VAL G 94 -6.18 -41.43 46.25
N VAL G 95 -7.18 -42.08 45.65
CA VAL G 95 -8.01 -43.11 46.31
C VAL G 95 -8.10 -44.33 45.39
N GLU G 96 -7.84 -45.53 45.91
CA GLU G 96 -8.08 -46.80 45.17
C GLU G 96 -9.23 -47.57 45.84
N SER G 97 -9.31 -47.53 47.17
CA SER G 97 -10.20 -48.38 47.99
C SER G 97 -10.89 -47.57 49.07
N VAL G 98 -12.13 -47.95 49.39
CA VAL G 98 -13.01 -47.26 50.38
C VAL G 98 -13.41 -48.24 51.49
N GLY G 99 -13.25 -47.82 52.74
CA GLY G 99 -13.68 -48.57 53.93
C GLY G 99 -15.05 -48.13 54.38
N ASN G 100 -15.44 -48.55 55.58
CA ASN G 100 -16.76 -48.25 56.17
C ASN G 100 -16.68 -46.86 56.81
N GLN G 101 -17.84 -46.21 56.96
CA GLN G 101 -17.98 -44.95 57.71
C GLN G 101 -17.43 -45.20 59.11
N MET G 102 -16.63 -44.28 59.64
CA MET G 102 -16.10 -44.40 61.01
C MET G 102 -16.16 -43.06 61.75
N GLY G 103 -16.98 -42.11 61.29
CA GLY G 103 -17.26 -40.86 62.01
C GLY G 103 -18.22 -39.97 61.24
N VAL G 104 -18.60 -38.84 61.84
CA VAL G 104 -19.45 -37.78 61.23
C VAL G 104 -18.87 -36.42 61.59
N GLY G 105 -18.97 -35.44 60.69
CA GLY G 105 -18.92 -34.01 61.02
C GLY G 105 -20.33 -33.52 61.24
N LYS G 106 -20.53 -32.21 61.36
CA LYS G 106 -21.88 -31.65 61.54
C LYS G 106 -22.74 -31.96 60.31
N GLU G 107 -22.15 -31.93 59.11
CA GLU G 107 -22.86 -32.06 57.81
C GLU G 107 -22.00 -32.89 56.85
N SER G 108 -21.27 -33.88 57.36
CA SER G 108 -20.37 -34.73 56.55
C SER G 108 -20.27 -36.13 57.14
N ASP G 109 -20.01 -37.11 56.28
CA ASP G 109 -19.72 -38.51 56.68
C ASP G 109 -18.23 -38.74 56.49
N ILE G 110 -17.60 -39.44 57.43
CA ILE G 110 -16.12 -39.66 57.45
C ILE G 110 -15.87 -41.14 57.22
N TYR G 111 -15.01 -41.47 56.26
CA TYR G 111 -14.64 -42.85 55.88
C TYR G 111 -13.11 -42.96 55.88
N ILE G 112 -12.62 -44.19 56.07
CA ILE G 112 -11.20 -44.50 55.78
C ILE G 112 -11.12 -44.94 54.33
N VAL G 113 -10.13 -44.44 53.61
CA VAL G 113 -9.78 -44.84 52.21
C VAL G 113 -8.30 -45.22 52.18
N ALA G 114 -7.87 -45.87 51.11
CA ALA G 114 -6.46 -46.24 50.88
C ALA G 114 -6.09 -45.97 49.42
N ASN G 115 -4.84 -45.60 49.18
CA ASN G 115 -4.26 -45.47 47.81
C ASN G 115 -3.82 -46.87 47.36
N GLU G 116 -3.19 -46.97 46.19
CA GLU G 116 -2.80 -48.26 45.55
C GLU G 116 -1.79 -49.00 46.43
N GLU G 117 -0.95 -48.27 47.18
CA GLU G 117 0.13 -48.84 48.05
C GLU G 117 -0.46 -49.31 49.39
N GLY G 118 -1.73 -49.01 49.69
CA GLY G 118 -2.40 -49.45 50.92
C GLY G 118 -2.20 -48.50 52.09
N GLN G 119 -1.65 -47.29 51.86
CA GLN G 119 -1.58 -46.20 52.87
C GLN G 119 -3.00 -45.66 53.12
N GLN G 120 -3.38 -45.53 54.39
CA GLN G 120 -4.76 -45.13 54.77
C GLN G 120 -4.82 -43.60 54.89
N PHE G 121 -5.96 -43.03 54.50
CA PHE G 121 -6.28 -41.59 54.61
C PHE G 121 -7.72 -41.45 55.09
N ALA G 122 -8.10 -40.24 55.49
CA ALA G 122 -9.50 -39.90 55.86
C ALA G 122 -10.18 -39.29 54.63
N LEU G 123 -11.42 -39.70 54.40
CA LEU G 123 -12.31 -39.12 53.37
C LEU G 123 -13.48 -38.48 54.09
N LYS G 124 -13.80 -37.24 53.75
CA LYS G 124 -15.04 -36.56 54.20
C LYS G 124 -15.91 -36.32 52.97
N LEU G 125 -17.13 -36.84 53.02
CA LEU G 125 -18.17 -36.59 51.99
C LEU G 125 -19.18 -35.61 52.60
N HIS G 126 -19.27 -34.41 52.04
CA HIS G 126 -20.15 -33.32 52.51
C HIS G 126 -21.59 -33.60 52.02
N ARG G 127 -22.56 -33.47 52.92
CA ARG G 127 -24.00 -33.76 52.68
C ARG G 127 -24.84 -32.56 53.13
N LEU G 128 -25.03 -31.58 52.25
CA LEU G 128 -25.90 -30.41 52.55
C LEU G 128 -27.15 -30.49 51.67
N GLY G 129 -28.13 -29.62 51.91
CA GLY G 129 -29.47 -29.67 51.29
C GLY G 129 -30.21 -30.95 51.63
N SER G 150 -30.00 -28.01 44.89
CA SER G 150 -29.07 -27.23 45.74
C SER G 150 -28.05 -28.19 46.38
N TRP G 151 -28.42 -29.46 46.62
CA TRP G 151 -27.58 -30.38 47.44
C TRP G 151 -26.26 -30.67 46.72
N LEU G 152 -26.26 -30.76 45.38
CA LEU G 152 -25.02 -30.92 44.58
C LEU G 152 -24.10 -29.72 44.81
N TYR G 153 -24.59 -28.50 44.57
CA TYR G 153 -23.81 -27.24 44.62
C TYR G 153 -23.33 -26.96 46.05
N LEU G 154 -24.24 -26.98 47.03
CA LEU G 154 -23.92 -26.71 48.45
C LEU G 154 -22.86 -27.69 48.96
N SER G 155 -22.96 -28.97 48.62
CA SER G 155 -22.04 -30.03 49.12
C SER G 155 -20.66 -29.82 48.49
N ARG G 156 -20.63 -29.50 47.21
CA ARG G 156 -19.41 -29.15 46.45
C ARG G 156 -18.72 -27.95 47.12
N LEU G 157 -19.51 -26.95 47.48
CA LEU G 157 -19.02 -25.70 48.07
C LEU G 157 -18.46 -25.94 49.47
N SER G 158 -19.13 -26.73 50.32
CA SER G 158 -18.60 -27.10 51.66
C SER G 158 -17.23 -27.76 51.50
N ALA G 159 -17.11 -28.73 50.61
CA ALA G 159 -15.88 -29.50 50.41
C ALA G 159 -14.76 -28.53 50.00
N MET G 160 -15.04 -27.65 49.06
CA MET G 160 -14.07 -26.67 48.52
C MET G 160 -13.59 -25.77 49.68
N LYS G 161 -14.52 -25.25 50.50
CA LYS G 161 -14.21 -24.34 51.63
C LYS G 161 -13.40 -25.10 52.68
N GLU G 162 -13.76 -26.35 52.96
CA GLU G 162 -13.04 -27.17 53.96
C GLU G 162 -11.60 -27.37 53.46
N PHE G 163 -11.40 -27.73 52.20
CA PHE G 163 -10.04 -27.96 51.65
C PHE G 163 -9.22 -26.68 51.77
N ALA G 164 -9.80 -25.53 51.39
CA ALA G 164 -9.12 -24.22 51.36
C ALA G 164 -8.71 -23.83 52.79
N TYR G 165 -9.64 -23.90 53.73
CA TYR G 165 -9.40 -23.54 55.15
C TYR G 165 -8.36 -24.50 55.74
N MET G 166 -8.51 -25.79 55.46
CA MET G 166 -7.60 -26.83 56.01
C MET G 166 -6.18 -26.55 55.52
N LYS G 167 -6.02 -26.19 54.24
CA LYS G 167 -4.71 -25.86 53.65
C LYS G 167 -4.13 -24.62 54.36
N ALA G 168 -4.90 -23.55 54.46
CA ALA G 168 -4.48 -22.26 55.06
C ALA G 168 -4.09 -22.49 56.52
N LEU G 169 -4.91 -23.22 57.27
CA LEU G 169 -4.68 -23.48 58.70
C LEU G 169 -3.45 -24.39 58.86
N TYR G 170 -3.30 -25.41 58.02
CA TYR G 170 -2.15 -26.36 58.09
C TYR G 170 -0.86 -25.59 57.87
N GLU G 171 -0.82 -24.71 56.85
CA GLU G 171 0.39 -23.93 56.50
C GLU G 171 0.73 -22.96 57.63
N ARG G 172 -0.25 -22.54 58.43
CA ARG G 172 -0.07 -21.62 59.58
C ARG G 172 0.13 -22.42 60.88
N LYS G 173 0.43 -23.72 60.77
CA LYS G 173 0.89 -24.58 61.89
C LYS G 173 -0.25 -24.81 62.89
N PHE G 174 -1.51 -24.77 62.45
CA PHE G 174 -2.68 -25.16 63.26
C PHE G 174 -2.76 -26.68 63.36
N PRO G 175 -3.34 -27.24 64.44
CA PRO G 175 -3.50 -28.69 64.58
C PRO G 175 -4.73 -29.17 63.79
N VAL G 176 -4.56 -29.31 62.48
CA VAL G 176 -5.57 -29.85 61.54
C VAL G 176 -4.88 -30.92 60.68
N PRO G 177 -5.64 -31.82 60.02
CA PRO G 177 -5.04 -32.82 59.14
C PRO G 177 -4.42 -32.12 57.92
N LYS G 178 -3.34 -32.69 57.38
CA LYS G 178 -2.78 -32.26 56.09
C LYS G 178 -3.79 -32.58 55.00
N PRO G 179 -4.35 -31.58 54.28
CA PRO G 179 -5.30 -31.86 53.21
C PRO G 179 -4.53 -32.37 51.99
N ILE G 180 -5.09 -33.31 51.24
CA ILE G 180 -4.36 -33.97 50.12
C ILE G 180 -5.03 -33.59 48.79
N ASP G 181 -6.34 -33.74 48.66
CA ASP G 181 -7.05 -33.40 47.40
C ASP G 181 -8.54 -33.30 47.70
N TYR G 182 -9.30 -32.76 46.75
CA TYR G 182 -10.78 -32.70 46.83
C TYR G 182 -11.33 -32.78 45.41
N ASN G 183 -12.58 -33.22 45.32
CA ASN G 183 -13.40 -33.21 44.08
C ASN G 183 -14.87 -33.23 44.50
N ARG G 184 -15.68 -32.40 43.84
CA ARG G 184 -17.12 -32.30 44.15
C ARG G 184 -17.27 -32.17 45.67
N HIS G 185 -17.97 -33.10 46.33
CA HIS G 185 -18.30 -33.01 47.77
C HIS G 185 -17.28 -33.80 48.61
N ALA G 186 -16.20 -34.28 48.00
CA ALA G 186 -15.23 -35.21 48.63
C ALA G 186 -13.93 -34.48 48.93
N VAL G 187 -13.44 -34.61 50.17
CA VAL G 187 -12.11 -34.11 50.62
C VAL G 187 -11.33 -35.30 51.17
N VAL G 188 -10.10 -35.48 50.67
CA VAL G 188 -9.16 -36.51 51.20
C VAL G 188 -8.06 -35.79 51.97
N MET G 189 -7.69 -36.33 53.12
CA MET G 189 -6.76 -35.68 54.09
C MET G 189 -6.06 -36.75 54.93
N GLU G 190 -4.94 -36.39 55.54
CA GLU G 190 -4.22 -37.19 56.57
C GLU G 190 -5.24 -37.84 57.51
N LEU G 191 -5.15 -39.15 57.70
CA LEU G 191 -5.89 -39.85 58.78
C LEU G 191 -5.22 -39.55 60.11
N ILE G 192 -5.98 -39.07 61.10
CA ILE G 192 -5.43 -38.87 62.47
C ILE G 192 -5.82 -40.08 63.32
N ASN G 193 -4.81 -40.81 63.79
CA ASN G 193 -4.98 -42.00 64.66
C ASN G 193 -5.24 -41.51 66.07
N GLY G 194 -6.42 -41.79 66.59
CA GLY G 194 -6.78 -41.47 67.98
C GLY G 194 -8.27 -41.56 68.16
N TYR G 195 -8.80 -40.97 69.22
CA TYR G 195 -10.22 -41.07 69.62
C TYR G 195 -10.77 -39.65 69.65
N PRO G 196 -12.01 -39.42 69.19
CA PRO G 196 -12.69 -38.17 69.48
C PRO G 196 -12.73 -38.04 71.02
N LEU G 197 -12.52 -36.82 71.50
CA LEU G 197 -12.47 -36.47 72.94
C LEU G 197 -13.71 -37.05 73.64
N CYS G 198 -14.85 -37.05 72.96
CA CYS G 198 -16.16 -37.50 73.52
C CYS G 198 -16.08 -38.97 73.95
N GLN G 199 -15.18 -39.79 73.37
CA GLN G 199 -15.08 -41.20 73.85
C GLN G 199 -13.78 -41.43 74.62
N ILE G 200 -13.16 -40.39 75.19
CA ILE G 200 -12.01 -40.51 76.14
C ILE G 200 -12.53 -40.45 77.57
N HIS G 201 -12.26 -41.43 78.43
CA HIS G 201 -12.83 -41.48 79.82
C HIS G 201 -11.75 -41.10 80.83
N HIS G 202 -10.45 -41.28 80.58
CA HIS G 202 -9.36 -40.81 81.46
C HIS G 202 -8.23 -40.20 80.63
N VAL G 203 -7.53 -39.24 81.19
CA VAL G 203 -6.28 -38.65 80.65
C VAL G 203 -5.32 -38.48 81.83
N GLU G 204 -4.01 -38.69 81.64
CA GLU G 204 -2.99 -38.54 82.71
C GLU G 204 -3.01 -37.07 83.19
N ASP G 205 -3.10 -36.12 82.26
CA ASP G 205 -2.98 -34.66 82.54
C ASP G 205 -4.10 -33.89 81.84
N PRO G 206 -5.31 -33.78 82.43
CA PRO G 206 -6.39 -33.00 81.82
C PRO G 206 -6.04 -31.52 81.57
N ALA G 207 -5.35 -30.86 82.51
CA ALA G 207 -4.93 -29.44 82.39
C ALA G 207 -4.26 -29.20 81.03
N SER G 208 -3.42 -30.13 80.61
CA SER G 208 -2.60 -30.03 79.38
C SER G 208 -3.50 -30.07 78.14
N VAL G 209 -4.50 -30.95 78.12
CA VAL G 209 -5.42 -31.10 76.96
C VAL G 209 -6.36 -29.89 76.93
N TYR G 210 -6.86 -29.46 78.09
CA TYR G 210 -7.66 -28.21 78.27
C TYR G 210 -6.89 -27.02 77.69
N ASP G 211 -5.61 -26.89 78.02
CA ASP G 211 -4.75 -25.76 77.57
C ASP G 211 -4.64 -25.81 76.04
N GLU G 212 -4.40 -26.96 75.43
CA GLU G 212 -4.32 -27.08 73.95
C GLU G 212 -5.62 -26.59 73.31
N ALA G 213 -6.76 -27.01 73.86
CA ALA G 213 -8.10 -26.66 73.34
C ALA G 213 -8.28 -25.13 73.41
N MET G 214 -7.97 -24.53 74.57
CA MET G 214 -8.15 -23.08 74.80
C MET G 214 -7.18 -22.28 73.91
N GLU G 215 -5.93 -22.75 73.75
CA GLU G 215 -4.92 -22.08 72.88
C GLU G 215 -5.40 -22.14 71.42
N LEU G 216 -6.10 -23.22 71.04
CA LEU G 216 -6.62 -23.36 69.65
C LEU G 216 -7.72 -22.32 69.41
N ILE G 217 -8.63 -22.14 70.37
CA ILE G 217 -9.71 -21.10 70.25
C ILE G 217 -9.06 -19.72 70.07
N VAL G 218 -8.02 -19.42 70.85
CA VAL G 218 -7.33 -18.09 70.85
C VAL G 218 -6.64 -17.91 69.49
N LYS G 219 -5.93 -18.93 69.03
CA LYS G 219 -5.16 -18.84 67.76
C LYS G 219 -6.12 -18.64 66.60
N LEU G 220 -7.25 -19.35 66.59
CA LEU G 220 -8.30 -19.18 65.54
C LEU G 220 -8.78 -17.71 65.55
N ALA G 221 -9.14 -17.19 66.72
CA ALA G 221 -9.65 -15.81 66.88
C ALA G 221 -8.58 -14.80 66.44
N ASN G 222 -7.32 -15.05 66.77
CA ASN G 222 -6.19 -14.17 66.37
C ASN G 222 -6.08 -14.15 64.83
N HIS G 223 -6.58 -15.18 64.15
CA HIS G 223 -6.55 -15.29 62.67
C HIS G 223 -7.89 -14.83 62.07
N GLY G 224 -8.83 -14.40 62.90
CA GLY G 224 -10.12 -13.81 62.46
C GLY G 224 -11.28 -14.79 62.54
N LEU G 225 -11.08 -15.98 63.11
CA LEU G 225 -12.07 -17.10 63.03
C LEU G 225 -12.56 -17.50 64.43
N ILE G 226 -13.88 -17.70 64.53
CA ILE G 226 -14.50 -18.43 65.68
C ILE G 226 -15.10 -19.71 65.11
N HIS G 227 -14.74 -20.85 65.69
CA HIS G 227 -15.15 -22.18 65.19
C HIS G 227 -16.68 -22.26 65.09
N GLY G 228 -17.39 -21.99 66.18
CA GLY G 228 -18.87 -21.95 66.22
C GLY G 228 -19.50 -23.26 66.67
N ASP G 229 -18.78 -24.38 66.54
CA ASP G 229 -19.23 -25.74 66.93
C ASP G 229 -18.10 -26.47 67.64
N PHE G 230 -17.24 -25.77 68.38
CA PHE G 230 -16.02 -26.32 69.01
C PHE G 230 -16.44 -27.28 70.11
N ASN G 231 -16.17 -28.58 69.97
CA ASN G 231 -16.68 -29.58 70.93
C ASN G 231 -15.87 -30.88 70.90
N GLU G 232 -16.28 -31.81 71.77
CA GLU G 232 -15.65 -33.12 72.01
C GLU G 232 -15.90 -34.07 70.83
N PHE G 233 -16.73 -33.70 69.84
CA PHE G 233 -17.04 -34.54 68.64
C PHE G 233 -16.14 -34.14 67.46
N ASN G 234 -15.51 -32.97 67.51
CA ASN G 234 -14.69 -32.32 66.43
C ASN G 234 -13.20 -32.44 66.72
N LEU G 235 -12.83 -32.78 67.94
CA LEU G 235 -11.43 -32.79 68.41
C LEU G 235 -11.00 -34.24 68.61
N ILE G 236 -9.93 -34.66 67.93
CA ILE G 236 -9.38 -36.02 68.12
C ILE G 236 -8.09 -35.94 68.94
N LEU G 237 -8.00 -36.78 69.96
CA LEU G 237 -6.83 -36.93 70.85
C LEU G 237 -5.99 -38.11 70.33
N ASP G 238 -4.73 -37.87 69.97
CA ASP G 238 -3.83 -38.90 69.39
C ASP G 238 -3.08 -39.61 70.52
N GLU G 239 -2.19 -40.55 70.16
CA GLU G 239 -1.47 -41.46 71.10
C GLU G 239 -0.65 -40.66 72.11
N SER G 240 -0.22 -39.43 71.79
CA SER G 240 0.59 -38.57 72.70
C SER G 240 -0.25 -37.38 73.22
N ASP G 241 -1.56 -37.53 73.31
CA ASP G 241 -2.49 -36.61 74.03
C ASP G 241 -2.48 -35.19 73.40
N HIS G 242 -2.19 -35.05 72.10
CA HIS G 242 -2.34 -33.78 71.33
C HIS G 242 -3.68 -33.81 70.61
N ILE G 243 -4.35 -32.66 70.47
CA ILE G 243 -5.68 -32.58 69.81
C ILE G 243 -5.51 -32.12 68.37
N THR G 244 -6.31 -32.70 67.47
CA THR G 244 -6.45 -32.27 66.06
C THR G 244 -7.92 -31.94 65.82
N MET G 245 -8.17 -30.78 65.21
CA MET G 245 -9.50 -30.31 64.78
C MET G 245 -9.83 -30.95 63.41
N ILE G 246 -10.99 -31.61 63.26
CA ILE G 246 -11.29 -32.38 62.01
C ILE G 246 -12.60 -31.92 61.35
N ASP G 247 -13.25 -30.86 61.83
CA ASP G 247 -14.54 -30.37 61.27
C ASP G 247 -14.73 -28.91 61.69
N PHE G 248 -14.94 -28.00 60.72
CA PHE G 248 -15.15 -26.55 60.96
C PHE G 248 -16.08 -26.00 59.89
N PRO G 249 -17.35 -26.44 59.87
CA PRO G 249 -18.25 -26.13 58.76
C PRO G 249 -18.89 -24.73 58.78
N GLN G 250 -19.10 -24.11 59.94
CA GLN G 250 -19.94 -22.88 60.06
C GLN G 250 -19.20 -21.80 60.88
N MET G 251 -17.93 -21.57 60.55
CA MET G 251 -17.08 -20.60 61.28
C MET G 251 -17.64 -19.19 61.13
N VAL G 252 -17.44 -18.38 62.16
CA VAL G 252 -17.94 -16.98 62.27
C VAL G 252 -16.74 -16.04 62.26
N SER G 253 -16.86 -14.88 61.62
CA SER G 253 -15.82 -13.80 61.64
C SER G 253 -15.76 -13.18 63.05
N THR G 254 -14.56 -12.88 63.55
CA THR G 254 -14.39 -12.09 64.81
C THR G 254 -14.96 -10.68 64.63
N SER G 255 -15.27 -10.26 63.41
CA SER G 255 -15.87 -8.94 63.09
C SER G 255 -17.39 -8.97 63.20
N HIS G 256 -18.01 -10.14 63.34
CA HIS G 256 -19.47 -10.24 63.51
C HIS G 256 -19.87 -9.39 64.71
N PRO G 257 -20.98 -8.62 64.67
CA PRO G 257 -21.40 -7.84 65.81
C PRO G 257 -21.58 -8.66 67.11
N ASN G 258 -21.90 -9.95 67.00
CA ASN G 258 -22.12 -10.83 68.17
C ASN G 258 -20.99 -11.86 68.25
N ALA G 259 -19.83 -11.55 67.66
CA ALA G 259 -18.62 -12.41 67.69
C ALA G 259 -18.34 -12.86 69.13
N GLU G 260 -18.40 -11.94 70.09
CA GLU G 260 -18.01 -12.22 71.49
C GLU G 260 -18.88 -13.36 72.04
N TRP G 261 -20.17 -13.37 71.73
CA TRP G 261 -21.09 -14.43 72.20
C TRP G 261 -20.64 -15.79 71.61
N TYR G 262 -20.29 -15.85 70.33
CA TYR G 262 -19.87 -17.11 69.66
C TYR G 262 -18.57 -17.61 70.28
N PHE G 263 -17.64 -16.68 70.54
CA PHE G 263 -16.32 -16.98 71.15
C PHE G 263 -16.55 -17.59 72.54
N ASP G 264 -17.34 -16.92 73.35
CA ASP G 264 -17.66 -17.35 74.74
C ASP G 264 -18.34 -18.72 74.71
N ARG G 265 -19.23 -18.97 73.74
CA ARG G 265 -20.00 -20.24 73.64
C ARG G 265 -19.00 -21.40 73.42
N ASP G 266 -18.05 -21.23 72.50
CA ASP G 266 -17.01 -22.25 72.23
C ASP G 266 -16.21 -22.51 73.51
N VAL G 267 -15.81 -21.45 74.23
CA VAL G 267 -15.04 -21.56 75.50
C VAL G 267 -15.87 -22.33 76.53
N LYS G 268 -17.14 -21.93 76.74
CA LYS G 268 -18.01 -22.55 77.77
C LYS G 268 -18.23 -24.04 77.43
N CYS G 269 -18.31 -24.42 76.16
CA CYS G 269 -18.56 -25.82 75.73
C CYS G 269 -17.37 -26.70 76.14
N ILE G 270 -16.14 -26.24 75.91
CA ILE G 270 -14.90 -26.94 76.35
C ILE G 270 -14.88 -27.04 77.88
N LYS G 271 -15.14 -25.94 78.59
CA LYS G 271 -15.14 -25.95 80.07
C LYS G 271 -16.14 -26.99 80.57
N ASP G 272 -17.36 -26.98 80.02
CA ASP G 272 -18.47 -27.86 80.47
C ASP G 272 -18.01 -29.31 80.29
N PHE G 273 -17.41 -29.65 79.14
CA PHE G 273 -16.98 -31.04 78.84
C PHE G 273 -15.87 -31.47 79.82
N PHE G 274 -14.87 -30.63 80.06
CA PHE G 274 -13.72 -30.97 80.94
C PHE G 274 -14.20 -31.16 82.38
N MET G 275 -15.20 -30.40 82.82
CA MET G 275 -15.82 -30.55 84.15
C MET G 275 -16.60 -31.87 84.21
N LYS G 276 -17.45 -32.15 83.21
CA LYS G 276 -18.33 -33.34 83.19
C LYS G 276 -17.48 -34.63 83.14
N ARG G 277 -16.49 -34.68 82.26
CA ARG G 277 -15.76 -35.93 81.94
C ARG G 277 -14.56 -36.14 82.87
N PHE G 278 -13.82 -35.09 83.23
CA PHE G 278 -12.52 -35.23 83.97
C PHE G 278 -12.57 -34.54 85.32
N SER G 279 -13.67 -33.88 85.69
CA SER G 279 -13.81 -33.08 86.94
C SER G 279 -12.72 -32.01 86.97
N TYR G 280 -12.33 -31.49 85.80
CA TYR G 280 -11.25 -30.48 85.67
C TYR G 280 -11.85 -29.11 85.37
N GLU G 281 -11.36 -28.12 86.12
CA GLU G 281 -11.81 -26.71 86.15
C GLU G 281 -10.56 -25.83 86.21
N SER G 282 -10.60 -24.61 85.65
CA SER G 282 -9.41 -23.72 85.55
C SER G 282 -9.86 -22.28 85.33
N GLU G 283 -8.98 -21.32 85.65
CA GLU G 283 -9.16 -19.87 85.37
C GLU G 283 -8.36 -19.48 84.12
N LEU G 284 -7.56 -20.39 83.55
CA LEU G 284 -6.75 -20.15 82.31
C LEU G 284 -7.63 -20.35 81.06
N PHE G 285 -8.69 -19.55 80.94
CA PHE G 285 -9.59 -19.54 79.76
C PHE G 285 -9.66 -18.13 79.19
N PRO G 286 -9.66 -17.99 77.85
CA PRO G 286 -9.61 -16.67 77.23
C PRO G 286 -10.94 -15.93 77.32
N THR G 287 -10.88 -14.60 77.30
CA THR G 287 -12.01 -13.69 77.02
C THR G 287 -11.75 -13.02 75.66
N PHE G 288 -12.81 -12.54 75.01
CA PHE G 288 -12.72 -11.92 73.67
C PHE G 288 -11.75 -10.73 73.70
N LYS G 289 -11.66 -10.00 74.82
CA LYS G 289 -10.78 -8.79 74.97
C LYS G 289 -9.31 -9.17 74.81
N ASP G 290 -8.92 -10.42 75.07
CA ASP G 290 -7.52 -10.92 74.94
C ASP G 290 -7.09 -11.00 73.46
N ILE G 291 -8.03 -11.13 72.53
CA ILE G 291 -7.73 -11.43 71.09
C ILE G 291 -7.02 -10.23 70.47
N ARG G 292 -5.88 -10.47 69.81
CA ARG G 292 -5.16 -9.45 69.01
C ARG G 292 -5.03 -9.99 67.59
N ARG G 293 -5.79 -9.39 66.68
CA ARG G 293 -5.88 -9.85 65.28
C ARG G 293 -4.51 -9.73 64.62
N GLU G 294 -4.13 -10.79 63.93
CA GLU G 294 -2.81 -11.13 63.36
C GLU G 294 -2.96 -11.49 61.89
N ASP G 295 -4.17 -11.86 61.46
CA ASP G 295 -4.46 -12.39 60.10
C ASP G 295 -5.91 -12.09 59.75
N THR G 296 -6.30 -12.37 58.50
CA THR G 296 -7.61 -11.98 57.91
C THR G 296 -8.26 -13.19 57.21
N LEU G 297 -8.16 -14.37 57.81
CA LEU G 297 -8.66 -15.64 57.21
C LEU G 297 -10.19 -15.63 57.12
N ASP G 298 -10.86 -14.76 57.87
CA ASP G 298 -12.33 -14.55 57.76
C ASP G 298 -12.67 -13.80 56.47
N VAL G 299 -11.73 -13.06 55.89
CA VAL G 299 -11.99 -12.20 54.70
C VAL G 299 -11.50 -12.90 53.44
N GLU G 300 -10.28 -13.46 53.49
CA GLU G 300 -9.59 -14.03 52.31
C GLU G 300 -8.73 -15.19 52.78
N VAL G 301 -8.85 -16.33 52.10
CA VAL G 301 -8.08 -17.56 52.41
C VAL G 301 -6.99 -17.69 51.34
N SER G 302 -5.73 -17.56 51.75
CA SER G 302 -4.52 -17.69 50.90
C SER G 302 -3.38 -18.36 51.67
N LYS H 4 32.04 -8.48 -39.09
CA LYS H 4 33.08 -7.39 -39.26
C LYS H 4 33.19 -7.08 -40.76
N VAL H 5 34.34 -6.58 -41.23
CA VAL H 5 34.71 -6.43 -42.67
C VAL H 5 34.73 -7.80 -43.36
N ASN H 6 34.24 -7.84 -44.59
CA ASN H 6 34.26 -9.05 -45.47
C ASN H 6 35.71 -9.40 -45.85
N VAL H 7 36.03 -10.69 -45.79
CA VAL H 7 37.36 -11.25 -46.17
C VAL H 7 37.10 -12.47 -47.06
N ALA H 8 37.93 -12.66 -48.09
CA ALA H 8 37.86 -13.79 -49.04
C ALA H 8 39.09 -14.71 -48.83
N LYS H 9 38.87 -16.02 -48.71
CA LYS H 9 39.94 -17.06 -48.71
C LYS H 9 40.82 -16.87 -49.95
N LEU H 10 42.12 -17.12 -49.84
CA LEU H 10 43.08 -16.98 -50.99
C LEU H 10 42.72 -17.94 -52.11
N ARG H 11 42.82 -17.48 -53.36
CA ARG H 11 42.60 -18.29 -54.58
C ARG H 11 43.42 -19.60 -54.46
N TYR H 12 42.81 -20.75 -54.77
CA TYR H 12 43.51 -22.06 -54.84
C TYR H 12 44.56 -21.99 -55.96
N MET H 13 45.73 -22.59 -55.72
CA MET H 13 46.76 -22.79 -56.77
C MET H 13 47.41 -24.16 -56.54
N SER H 14 47.61 -24.93 -57.63
CA SER H 14 48.34 -26.22 -57.64
C SER H 14 49.82 -25.96 -57.31
N ARG H 15 50.54 -27.00 -56.89
CA ARG H 15 52.00 -26.91 -56.60
C ARG H 15 52.72 -26.53 -57.91
N ASP H 16 52.26 -27.06 -59.06
CA ASP H 16 52.78 -26.74 -60.41
C ASP H 16 52.68 -25.22 -60.66
N ASP H 17 51.47 -24.68 -60.58
CA ASP H 17 51.18 -23.24 -60.83
C ASP H 17 52.07 -22.41 -59.89
N PHE H 18 52.17 -22.78 -58.61
CA PHE H 18 52.95 -22.05 -57.59
C PHE H 18 54.46 -22.12 -57.88
N ARG H 19 54.92 -23.25 -58.42
CA ARG H 19 56.34 -23.46 -58.77
C ARG H 19 56.71 -22.51 -59.92
N VAL H 20 55.86 -22.41 -60.94
CA VAL H 20 56.09 -21.55 -62.13
C VAL H 20 56.12 -20.10 -61.70
N LEU H 21 55.22 -19.70 -60.79
CA LEU H 21 55.14 -18.31 -60.29
C LEU H 21 56.40 -17.98 -59.50
N THR H 22 56.89 -18.92 -58.69
CA THR H 22 58.16 -18.81 -57.93
C THR H 22 59.34 -18.77 -58.91
N ALA H 23 59.29 -19.57 -59.98
CA ALA H 23 60.34 -19.59 -61.03
C ALA H 23 60.44 -18.21 -61.68
N VAL H 24 59.32 -17.56 -61.98
CA VAL H 24 59.31 -16.20 -62.60
C VAL H 24 59.99 -15.25 -61.63
N GLU H 25 59.64 -15.31 -60.35
CA GLU H 25 60.26 -14.49 -59.28
C GLU H 25 61.78 -14.70 -59.26
N MET H 26 62.24 -15.95 -59.18
CA MET H 26 63.70 -16.28 -59.17
C MET H 26 64.34 -15.70 -60.44
N GLY H 27 63.72 -15.90 -61.61
CA GLY H 27 64.21 -15.42 -62.90
C GLY H 27 64.49 -13.91 -62.88
N MET H 28 63.71 -13.16 -62.11
CA MET H 28 63.77 -11.68 -62.10
C MET H 28 64.95 -11.17 -61.26
N LYS H 29 65.68 -12.04 -60.53
CA LYS H 29 66.95 -11.66 -59.87
C LYS H 29 67.94 -11.16 -60.95
N ASN H 30 67.92 -11.76 -62.15
CA ASN H 30 68.95 -11.55 -63.19
C ASN H 30 68.36 -11.02 -64.51
N HIS H 31 67.05 -10.85 -64.64
CA HIS H 31 66.38 -10.49 -65.92
C HIS H 31 65.15 -9.60 -65.63
N GLU H 32 65.01 -8.50 -66.37
CA GLU H 32 63.82 -7.62 -66.30
C GLU H 32 62.62 -8.38 -66.88
N ILE H 33 62.85 -9.11 -67.97
CA ILE H 33 61.88 -10.01 -68.65
C ILE H 33 62.48 -11.40 -68.71
N VAL H 34 61.80 -12.38 -68.08
CA VAL H 34 62.31 -13.78 -67.91
C VAL H 34 61.87 -14.60 -69.10
N PRO H 35 62.82 -15.12 -69.92
CA PRO H 35 62.47 -15.98 -71.05
C PRO H 35 61.71 -17.23 -70.58
N GLY H 36 60.80 -17.74 -71.40
CA GLY H 36 59.97 -18.92 -71.11
C GLY H 36 60.80 -20.17 -70.87
N SER H 37 61.95 -20.29 -71.57
CA SER H 37 62.89 -21.42 -71.45
C SER H 37 63.55 -21.40 -70.06
N LEU H 38 63.94 -20.23 -69.57
CA LEU H 38 64.58 -20.08 -68.24
C LEU H 38 63.56 -20.45 -67.15
N ILE H 39 62.31 -20.00 -67.29
CA ILE H 39 61.21 -20.29 -66.33
C ILE H 39 61.00 -21.81 -66.26
N ALA H 40 60.99 -22.47 -67.42
CA ALA H 40 60.75 -23.93 -67.55
C ALA H 40 61.88 -24.71 -66.84
N SER H 41 63.14 -24.29 -67.01
CA SER H 41 64.31 -24.99 -66.44
C SER H 41 64.40 -24.72 -64.94
N ILE H 42 64.01 -23.54 -64.47
CA ILE H 42 63.98 -23.22 -63.01
C ILE H 42 62.83 -23.97 -62.33
N ALA H 43 61.65 -23.98 -62.96
CA ALA H 43 60.43 -24.64 -62.43
C ALA H 43 60.62 -26.16 -62.46
N SER H 44 61.27 -26.66 -63.52
CA SER H 44 61.50 -28.09 -63.87
C SER H 44 60.27 -28.91 -63.48
N LEU H 45 59.16 -28.71 -64.20
CA LEU H 45 57.93 -29.51 -64.01
C LEU H 45 58.18 -30.92 -64.57
N LYS H 46 57.58 -31.93 -63.93
CA LYS H 46 57.77 -33.36 -64.30
C LYS H 46 57.24 -33.57 -65.72
N HIS H 47 56.13 -32.91 -66.10
CA HIS H 47 55.40 -33.13 -67.39
C HIS H 47 55.73 -32.02 -68.41
N GLY H 48 56.28 -30.88 -67.97
CA GLY H 48 56.75 -29.81 -68.88
C GLY H 48 55.63 -29.29 -69.78
N GLY H 49 54.46 -29.00 -69.19
CA GLY H 49 53.40 -28.13 -69.74
C GLY H 49 53.47 -26.79 -69.02
N CYS H 50 54.69 -26.27 -68.91
CA CYS H 50 55.05 -24.98 -68.30
C CYS H 50 54.38 -23.83 -69.05
N ASN H 51 54.29 -23.91 -70.39
CA ASN H 51 53.72 -22.83 -71.24
C ASN H 51 52.21 -22.72 -70.99
N LYS H 52 51.51 -23.84 -70.81
CA LYS H 52 50.06 -23.89 -70.45
C LYS H 52 49.86 -23.13 -69.13
N VAL H 53 50.67 -23.44 -68.12
CA VAL H 53 50.61 -22.84 -66.76
C VAL H 53 50.88 -21.33 -66.86
N LEU H 54 51.82 -20.90 -67.70
CA LEU H 54 52.16 -19.46 -67.88
C LEU H 54 50.96 -18.72 -68.46
N ARG H 55 50.35 -19.24 -69.53
CA ARG H 55 49.14 -18.65 -70.17
C ARG H 55 48.04 -18.48 -69.12
N GLU H 56 47.88 -19.47 -68.23
CA GLU H 56 46.85 -19.48 -67.15
C GLU H 56 47.17 -18.39 -66.11
N LEU H 57 48.47 -18.17 -65.82
CA LEU H 57 48.92 -17.13 -64.84
C LEU H 57 48.73 -15.74 -65.46
N VAL H 58 48.91 -15.59 -66.77
CA VAL H 58 48.59 -14.32 -67.50
C VAL H 58 47.09 -14.03 -67.37
N LYS H 59 46.25 -15.03 -67.66
CA LYS H 59 44.76 -14.94 -67.62
C LYS H 59 44.31 -14.44 -66.23
N HIS H 60 44.98 -14.88 -65.17
CA HIS H 60 44.63 -14.51 -63.77
C HIS H 60 45.44 -13.30 -63.30
N LYS H 61 46.23 -12.68 -64.19
CA LYS H 61 46.85 -11.34 -63.98
C LYS H 61 48.00 -11.40 -62.96
N LEU H 62 48.59 -12.58 -62.76
CA LEU H 62 49.66 -12.82 -61.74
C LEU H 62 51.03 -12.59 -62.39
N ILE H 63 51.12 -12.75 -63.71
CA ILE H 63 52.33 -12.38 -64.51
C ILE H 63 51.84 -11.65 -65.76
N ALA H 64 52.74 -10.96 -66.42
CA ALA H 64 52.46 -10.17 -67.66
C ALA H 64 53.50 -10.56 -68.69
N TRP H 65 53.06 -10.59 -69.94
CA TRP H 65 53.91 -10.87 -71.13
C TRP H 65 54.46 -9.52 -71.63
N GLU H 66 55.72 -9.49 -72.06
CA GLU H 66 56.37 -8.31 -72.69
C GLU H 66 57.34 -8.78 -73.78
N ARG H 67 57.46 -8.01 -74.87
CA ARG H 67 58.46 -8.16 -75.97
C ARG H 67 59.21 -6.83 -76.16
N THR H 68 60.54 -6.83 -76.07
CA THR H 68 61.45 -5.72 -76.49
C THR H 68 62.01 -6.05 -77.89
N LYS H 69 63.05 -5.34 -78.32
CA LYS H 69 63.81 -5.67 -79.57
C LYS H 69 64.81 -6.76 -79.20
N THR H 70 64.49 -8.04 -79.46
CA THR H 70 65.40 -9.22 -79.34
C THR H 70 65.40 -9.81 -77.91
N VAL H 71 64.42 -9.51 -77.05
CA VAL H 71 64.06 -10.36 -75.87
C VAL H 71 62.55 -10.32 -75.65
N GLN H 72 61.94 -11.46 -75.29
CA GLN H 72 60.46 -11.56 -75.06
C GLN H 72 60.18 -12.71 -74.09
N GLY H 73 59.35 -12.45 -73.08
CA GLY H 73 59.06 -13.38 -71.98
C GLY H 73 58.10 -12.77 -70.96
N TYR H 74 58.33 -13.06 -69.67
CA TYR H 74 57.34 -12.83 -68.59
C TYR H 74 57.97 -12.07 -67.43
N ARG H 75 57.14 -11.36 -66.67
CA ARG H 75 57.51 -10.70 -65.39
C ARG H 75 56.34 -10.84 -64.42
N LEU H 76 56.65 -10.86 -63.13
CA LEU H 76 55.69 -10.82 -62.01
C LEU H 76 54.92 -9.50 -62.09
N THR H 77 53.62 -9.52 -61.85
CA THR H 77 52.78 -8.30 -61.63
C THR H 77 52.73 -8.03 -60.13
N ASN H 78 52.21 -6.87 -59.72
CA ASN H 78 52.01 -6.58 -58.29
C ASN H 78 51.10 -7.69 -57.72
N ALA H 79 50.04 -8.09 -58.43
CA ALA H 79 49.10 -9.13 -57.97
C ALA H 79 49.85 -10.46 -57.76
N GLY H 80 50.80 -10.78 -58.63
CA GLY H 80 51.62 -12.01 -58.54
C GLY H 80 52.50 -12.02 -57.30
N TYR H 81 53.21 -10.92 -57.06
CA TYR H 81 54.10 -10.73 -55.88
C TYR H 81 53.24 -10.82 -54.61
N ASP H 82 52.13 -10.08 -54.59
CA ASP H 82 51.14 -10.12 -53.47
C ASP H 82 50.75 -11.57 -53.18
N TYR H 83 50.42 -12.33 -54.22
CA TYR H 83 49.94 -13.73 -54.07
C TYR H 83 51.05 -14.60 -53.45
N LEU H 84 52.28 -14.49 -53.94
CA LEU H 84 53.43 -15.25 -53.40
C LEU H 84 53.56 -14.98 -51.90
N ALA H 85 53.53 -13.72 -51.49
CA ALA H 85 53.69 -13.29 -50.08
C ALA H 85 52.54 -13.86 -49.26
N LEU H 86 51.31 -13.69 -49.72
CA LEU H 86 50.09 -14.08 -48.95
C LEU H 86 49.99 -15.61 -48.86
N LYS H 87 50.32 -16.34 -49.94
CA LYS H 87 50.30 -17.84 -49.92
C LYS H 87 51.38 -18.32 -48.91
N THR H 88 52.55 -17.70 -48.88
CA THR H 88 53.64 -18.04 -47.94
C THR H 88 53.14 -17.83 -46.50
N LEU H 89 52.54 -16.66 -46.22
CA LEU H 89 51.98 -16.34 -44.88
C LEU H 89 50.85 -17.30 -44.54
N SER H 90 50.09 -17.74 -45.55
CA SER H 90 48.99 -18.71 -45.37
C SER H 90 49.54 -20.06 -44.89
N SER H 91 50.64 -20.52 -45.46
CA SER H 91 51.25 -21.83 -45.09
C SER H 91 51.83 -21.76 -43.67
N ARG H 92 52.08 -20.57 -43.12
CA ARG H 92 52.54 -20.41 -41.71
C ARG H 92 51.35 -20.15 -40.77
N GLN H 93 50.12 -20.28 -41.26
CA GLN H 93 48.84 -20.09 -40.50
C GLN H 93 48.71 -18.65 -39.98
N VAL H 94 49.32 -17.67 -40.63
CA VAL H 94 49.26 -16.24 -40.23
C VAL H 94 48.03 -15.59 -40.90
N VAL H 95 47.80 -15.90 -42.15
CA VAL H 95 46.72 -15.29 -42.98
C VAL H 95 45.94 -16.42 -43.68
N GLU H 96 44.62 -16.42 -43.59
CA GLU H 96 43.76 -17.33 -44.37
C GLU H 96 42.96 -16.52 -45.40
N SER H 97 42.52 -15.31 -45.03
CA SER H 97 41.55 -14.50 -45.81
C SER H 97 42.01 -13.04 -45.88
N VAL H 98 41.70 -12.39 -47.00
CA VAL H 98 42.10 -10.99 -47.29
C VAL H 98 40.84 -10.16 -47.56
N GLY H 99 40.74 -9.00 -46.91
CA GLY H 99 39.67 -8.01 -47.12
C GLY H 99 40.10 -6.98 -48.15
N ASN H 100 39.31 -5.91 -48.28
CA ASN H 100 39.59 -4.80 -49.23
C ASN H 100 40.62 -3.86 -48.59
N GLN H 101 41.34 -3.11 -49.42
CA GLN H 101 42.24 -2.03 -48.98
C GLN H 101 41.42 -1.08 -48.11
N MET H 102 41.95 -0.65 -46.97
CA MET H 102 41.25 0.30 -46.09
C MET H 102 42.21 1.38 -45.58
N GLY H 103 43.37 1.56 -46.21
CA GLY H 103 44.28 2.68 -45.93
C GLY H 103 45.54 2.62 -46.79
N VAL H 104 46.39 3.63 -46.65
CA VAL H 104 47.72 3.73 -47.33
C VAL H 104 48.73 4.24 -46.30
N GLY H 105 49.98 3.78 -46.40
CA GLY H 105 51.14 4.46 -45.84
C GLY H 105 51.72 5.36 -46.92
N LYS H 106 52.87 5.98 -46.68
CA LYS H 106 53.51 6.82 -47.72
C LYS H 106 53.87 5.95 -48.94
N GLU H 107 54.28 4.69 -48.73
CA GLU H 107 54.77 3.80 -49.82
C GLU H 107 54.21 2.39 -49.63
N SER H 108 52.99 2.25 -49.12
CA SER H 108 52.38 0.94 -48.79
C SER H 108 50.86 1.00 -48.89
N ASP H 109 50.25 -0.14 -49.19
CA ASP H 109 48.78 -0.33 -49.18
C ASP H 109 48.43 -1.15 -47.94
N ILE H 110 47.35 -0.80 -47.26
CA ILE H 110 46.93 -1.40 -45.96
C ILE H 110 45.61 -2.13 -46.19
N TYR H 111 45.55 -3.40 -45.79
CA TYR H 111 44.37 -4.28 -45.94
C TYR H 111 44.06 -4.89 -44.58
N ILE H 112 42.81 -5.28 -44.38
CA ILE H 112 42.43 -6.17 -43.25
C ILE H 112 42.55 -7.60 -43.75
N VAL H 113 43.14 -8.47 -42.94
CA VAL H 113 43.23 -9.93 -43.17
C VAL H 113 42.69 -10.65 -41.92
N ALA H 114 42.41 -11.94 -42.04
CA ALA H 114 41.97 -12.80 -40.93
C ALA H 114 42.71 -14.13 -40.99
N ASN H 115 42.96 -14.74 -39.83
CA ASN H 115 43.48 -16.13 -39.71
C ASN H 115 42.29 -17.09 -39.81
N GLU H 116 42.53 -18.39 -39.65
CA GLU H 116 41.50 -19.45 -39.84
C GLU H 116 40.37 -19.28 -38.81
N GLU H 117 40.68 -18.77 -37.61
CA GLU H 117 39.71 -18.60 -36.50
C GLU H 117 38.89 -17.31 -36.69
N GLY H 118 39.21 -16.48 -37.68
CA GLY H 118 38.44 -15.26 -38.02
C GLY H 118 38.89 -14.04 -37.24
N GLN H 119 40.01 -14.12 -36.50
CA GLN H 119 40.64 -12.95 -35.83
C GLN H 119 41.25 -12.03 -36.90
N GLN H 120 40.97 -10.73 -36.82
CA GLN H 120 41.38 -9.73 -37.83
C GLN H 120 42.76 -9.18 -37.47
N PHE H 121 43.56 -8.89 -38.49
CA PHE H 121 44.89 -8.27 -38.38
C PHE H 121 45.03 -7.24 -39.50
N ALA H 122 46.05 -6.39 -39.42
CA ALA H 122 46.40 -5.44 -40.48
C ALA H 122 47.50 -6.05 -41.34
N LEU H 123 47.39 -5.89 -42.65
CA LEU H 123 48.41 -6.28 -43.64
C LEU H 123 48.90 -5.01 -44.31
N LYS H 124 50.21 -4.80 -44.38
CA LYS H 124 50.82 -3.73 -45.19
C LYS H 124 51.62 -4.39 -46.30
N LEU H 125 51.31 -4.04 -47.53
CA LEU H 125 52.06 -4.44 -48.75
C LEU H 125 52.86 -3.24 -49.22
N HIS H 126 54.19 -3.34 -49.16
CA HIS H 126 55.13 -2.25 -49.52
C HIS H 126 55.25 -2.18 -51.04
N ARG H 127 55.18 -0.97 -51.58
CA ARG H 127 55.17 -0.68 -53.04
C ARG H 127 56.23 0.37 -53.35
N LEU H 128 57.47 -0.02 -53.55
CA LEU H 128 58.57 0.91 -53.95
C LEU H 128 58.97 0.59 -55.40
N GLY H 129 59.76 1.46 -56.02
CA GLY H 129 60.05 1.42 -57.47
C GLY H 129 58.81 1.59 -58.32
N ASN H 148 65.16 -2.25 -63.90
CA ASN H 148 63.93 -1.77 -63.21
C ASN H 148 63.19 -2.95 -62.55
N VAL H 149 63.95 -3.89 -61.98
CA VAL H 149 63.47 -5.00 -61.09
C VAL H 149 63.83 -4.61 -59.63
N SER H 150 64.23 -3.36 -59.45
CA SER H 150 64.48 -2.77 -58.11
C SER H 150 63.21 -2.92 -57.26
N TRP H 151 62.00 -2.94 -57.86
CA TRP H 151 60.73 -2.89 -57.09
C TRP H 151 60.58 -4.14 -56.20
N LEU H 152 61.03 -5.31 -56.66
CA LEU H 152 60.99 -6.55 -55.83
C LEU H 152 61.88 -6.35 -54.61
N TYR H 153 63.15 -5.99 -54.81
CA TYR H 153 64.19 -5.88 -53.74
C TYR H 153 63.82 -4.75 -52.78
N LEU H 154 63.55 -3.54 -53.28
CA LEU H 154 63.23 -2.35 -52.45
C LEU H 154 61.99 -2.62 -51.61
N SER H 155 60.97 -3.25 -52.16
CA SER H 155 59.69 -3.50 -51.45
C SER H 155 59.92 -4.52 -50.33
N ARG H 156 60.71 -5.55 -50.63
CA ARG H 156 61.13 -6.59 -49.66
C ARG H 156 61.89 -5.92 -48.51
N LEU H 157 62.77 -4.99 -48.85
CA LEU H 157 63.64 -4.30 -47.87
C LEU H 157 62.81 -3.37 -46.99
N SER H 158 61.85 -2.60 -47.54
CA SER H 158 60.92 -1.76 -46.74
C SER H 158 60.20 -2.62 -45.72
N ALA H 159 59.64 -3.75 -46.16
CA ALA H 159 58.83 -4.63 -45.29
C ALA H 159 59.72 -5.12 -44.14
N MET H 160 60.94 -5.56 -44.47
CA MET H 160 61.91 -6.10 -43.49
C MET H 160 62.22 -5.00 -42.45
N LYS H 161 62.49 -3.79 -42.91
CA LYS H 161 62.86 -2.63 -42.04
C LYS H 161 61.66 -2.27 -41.16
N GLU H 162 60.46 -2.26 -41.73
CA GLU H 162 59.23 -1.94 -40.97
C GLU H 162 59.04 -2.97 -39.86
N PHE H 163 59.17 -4.25 -40.18
CA PHE H 163 58.98 -5.33 -39.18
C PHE H 163 60.00 -5.16 -38.06
N ALA H 164 61.28 -4.92 -38.41
CA ALA H 164 62.40 -4.81 -37.45
C ALA H 164 62.17 -3.62 -36.51
N TYR H 165 61.86 -2.46 -37.07
CA TYR H 165 61.63 -1.21 -36.31
C TYR H 165 60.38 -1.41 -35.45
N MET H 166 59.32 -1.97 -36.01
CA MET H 166 58.04 -2.16 -35.26
C MET H 166 58.31 -3.08 -34.06
N LYS H 167 59.08 -4.14 -34.24
CA LYS H 167 59.45 -5.06 -33.13
C LYS H 167 60.24 -4.31 -32.06
N ALA H 168 61.30 -3.59 -32.46
CA ALA H 168 62.20 -2.86 -31.55
C ALA H 168 61.39 -1.81 -30.78
N LEU H 169 60.54 -1.06 -31.47
CA LEU H 169 59.74 0.01 -30.87
C LEU H 169 58.69 -0.61 -29.93
N TYR H 170 58.04 -1.70 -30.34
CA TYR H 170 57.00 -2.36 -29.52
C TYR H 170 57.63 -2.86 -28.20
N GLU H 171 58.81 -3.49 -28.27
CA GLU H 171 59.50 -4.04 -27.08
C GLU H 171 59.93 -2.90 -26.15
N ARG H 172 60.13 -1.69 -26.68
CA ARG H 172 60.53 -0.49 -25.90
C ARG H 172 59.29 0.32 -25.52
N LYS H 173 58.09 -0.29 -25.61
CA LYS H 173 56.82 0.26 -25.05
C LYS H 173 56.38 1.50 -25.84
N PHE H 174 56.75 1.63 -27.11
CA PHE H 174 56.24 2.69 -28.02
C PHE H 174 54.82 2.37 -28.47
N PRO H 175 53.98 3.37 -28.79
CA PRO H 175 52.63 3.13 -29.27
C PRO H 175 52.65 2.79 -30.76
N VAL H 176 52.97 1.53 -31.07
CA VAL H 176 52.96 0.94 -32.43
C VAL H 176 52.21 -0.38 -32.35
N PRO H 177 51.73 -0.93 -33.49
CA PRO H 177 51.07 -2.22 -33.49
C PRO H 177 52.07 -3.33 -33.12
N LYS H 178 51.61 -4.39 -32.46
CA LYS H 178 52.42 -5.61 -32.25
C LYS H 178 52.66 -6.25 -33.62
N PRO H 179 53.91 -6.37 -34.09
CA PRO H 179 54.19 -7.01 -35.38
C PRO H 179 54.07 -8.52 -35.20
N ILE H 180 53.57 -9.22 -36.20
CA ILE H 180 53.28 -10.69 -36.09
C ILE H 180 54.23 -11.46 -37.00
N ASP H 181 54.31 -11.10 -38.27
CA ASP H 181 55.18 -11.82 -39.23
C ASP H 181 55.38 -10.94 -40.47
N TYR H 182 56.33 -11.31 -41.31
CA TYR H 182 56.56 -10.66 -42.62
C TYR H 182 57.11 -11.69 -43.60
N ASN H 183 56.89 -11.43 -44.88
CA ASN H 183 57.43 -12.19 -46.01
C ASN H 183 57.47 -11.27 -47.22
N ARG H 184 58.58 -11.29 -47.96
CA ARG H 184 58.76 -10.44 -49.15
C ARG H 184 58.34 -9.01 -48.76
N HIS H 185 57.35 -8.43 -49.42
CA HIS H 185 56.95 -7.02 -49.26
C HIS H 185 55.77 -6.91 -48.27
N ALA H 186 55.40 -8.00 -47.60
CA ALA H 186 54.18 -8.09 -46.76
C ALA H 186 54.58 -8.11 -45.29
N VAL H 187 53.93 -7.26 -44.49
CA VAL H 187 54.03 -7.25 -43.01
C VAL H 187 52.63 -7.45 -42.44
N VAL H 188 52.47 -8.42 -41.54
CA VAL H 188 51.20 -8.63 -40.78
C VAL H 188 51.44 -8.15 -39.33
N MET H 189 50.46 -7.44 -38.77
CA MET H 189 50.56 -6.79 -37.45
C MET H 189 49.18 -6.64 -36.83
N GLU H 190 49.13 -6.45 -35.52
CA GLU H 190 47.92 -6.06 -34.75
C GLU H 190 47.12 -5.03 -35.55
N LEU H 191 45.83 -5.29 -35.76
CA LEU H 191 44.88 -4.27 -36.27
C LEU H 191 44.56 -3.30 -35.12
N ILE H 192 44.72 -2.00 -35.34
CA ILE H 192 44.33 -0.97 -34.35
C ILE H 192 42.97 -0.43 -34.74
N ASN H 193 41.99 -0.66 -33.87
CA ASN H 193 40.57 -0.25 -34.06
C ASN H 193 40.48 1.24 -33.70
N GLY H 194 40.16 2.05 -34.69
CA GLY H 194 39.98 3.50 -34.51
C GLY H 194 40.04 4.18 -35.85
N TYR H 195 40.24 5.49 -35.83
CA TYR H 195 40.21 6.36 -37.04
C TYR H 195 41.58 7.03 -37.14
N PRO H 196 42.12 7.20 -38.36
CA PRO H 196 43.25 8.09 -38.54
C PRO H 196 42.79 9.48 -38.03
N LEU H 197 43.69 10.18 -37.34
CA LEU H 197 43.48 11.50 -36.72
C LEU H 197 42.85 12.44 -37.77
N CYS H 198 43.26 12.32 -39.03
CA CYS H 198 42.81 13.19 -40.14
C CYS H 198 41.29 13.10 -40.32
N GLN H 199 40.64 12.02 -39.91
CA GLN H 199 39.15 11.95 -40.04
C GLN H 199 38.48 12.01 -38.67
N ILE H 200 39.13 12.57 -37.64
CA ILE H 200 38.51 12.88 -36.32
C ILE H 200 38.06 14.34 -36.31
N HIS H 201 36.80 14.63 -35.99
CA HIS H 201 36.24 16.01 -36.04
C HIS H 201 36.16 16.62 -34.63
N HIS H 202 35.98 15.84 -33.57
CA HIS H 202 35.95 16.32 -32.17
C HIS H 202 36.74 15.39 -31.26
N VAL H 203 37.35 15.95 -30.23
CA VAL H 203 37.97 15.21 -29.11
C VAL H 203 37.58 15.99 -27.83
N GLU H 204 37.24 15.27 -26.76
CA GLU H 204 36.80 15.92 -25.48
C GLU H 204 37.99 16.71 -24.92
N ASP H 205 39.21 16.16 -25.02
CA ASP H 205 40.44 16.75 -24.43
C ASP H 205 41.57 16.79 -25.46
N PRO H 206 41.63 17.82 -26.34
CA PRO H 206 42.69 17.90 -27.33
C PRO H 206 44.11 17.98 -26.73
N ALA H 207 44.28 18.68 -25.62
CA ALA H 207 45.57 18.84 -24.90
C ALA H 207 46.19 17.46 -24.67
N SER H 208 45.38 16.49 -24.29
CA SER H 208 45.81 15.12 -23.94
C SER H 208 46.34 14.39 -25.19
N VAL H 209 45.66 14.52 -26.33
CA VAL H 209 46.06 13.84 -27.60
C VAL H 209 47.31 14.55 -28.16
N TYR H 210 47.34 15.88 -28.09
CA TYR H 210 48.51 16.73 -28.46
C TYR H 210 49.73 16.27 -27.65
N ASP H 211 49.58 16.09 -26.34
CA ASP H 211 50.67 15.68 -25.43
C ASP H 211 51.18 14.30 -25.84
N GLU H 212 50.31 13.33 -26.13
CA GLU H 212 50.76 11.98 -26.56
C GLU H 212 51.60 12.11 -27.84
N ALA H 213 51.15 12.92 -28.80
CA ALA H 213 51.82 13.11 -30.10
C ALA H 213 53.23 13.70 -29.83
N MET H 214 53.31 14.74 -29.02
CA MET H 214 54.58 15.45 -28.73
C MET H 214 55.53 14.55 -27.93
N GLU H 215 55.00 13.76 -26.98
CA GLU H 215 55.80 12.80 -26.17
C GLU H 215 56.35 11.71 -27.11
N LEU H 216 55.60 11.34 -28.15
CA LEU H 216 56.04 10.31 -29.12
C LEU H 216 57.22 10.85 -29.94
N ILE H 217 57.16 12.10 -30.38
CA ILE H 217 58.28 12.74 -31.13
C ILE H 217 59.54 12.75 -30.24
N VAL H 218 59.37 13.09 -28.95
CA VAL H 218 60.50 13.19 -27.98
C VAL H 218 61.10 11.80 -27.76
N LYS H 219 60.23 10.82 -27.53
CA LYS H 219 60.69 9.43 -27.22
C LYS H 219 61.43 8.85 -28.44
N LEU H 220 60.93 9.09 -29.64
CA LEU H 220 61.62 8.65 -30.89
C LEU H 220 63.03 9.28 -30.93
N ALA H 221 63.12 10.60 -30.73
CA ALA H 221 64.39 11.35 -30.77
C ALA H 221 65.34 10.85 -29.68
N ASN H 222 64.81 10.55 -28.50
CA ASN H 222 65.61 10.00 -27.36
C ASN H 222 66.20 8.64 -27.76
N HIS H 223 65.59 7.94 -28.72
CA HIS H 223 66.03 6.61 -29.20
C HIS H 223 66.85 6.75 -30.49
N GLY H 224 67.08 7.98 -30.96
CA GLY H 224 67.95 8.28 -32.11
C GLY H 224 67.19 8.54 -33.39
N LEU H 225 65.85 8.60 -33.35
CA LEU H 225 64.99 8.61 -34.56
C LEU H 225 64.16 9.89 -34.66
N ILE H 226 64.10 10.45 -35.85
CA ILE H 226 63.08 11.47 -36.23
C ILE H 226 62.19 10.85 -37.31
N HIS H 227 60.88 10.89 -37.11
CA HIS H 227 59.89 10.22 -37.98
C HIS H 227 60.06 10.71 -39.42
N GLY H 228 59.99 12.03 -39.63
CA GLY H 228 60.18 12.65 -40.96
C GLY H 228 58.89 12.91 -41.70
N ASP H 229 57.83 12.18 -41.39
CA ASP H 229 56.49 12.28 -42.03
C ASP H 229 55.40 12.21 -40.96
N PHE H 230 55.66 12.73 -39.77
CA PHE H 230 54.76 12.62 -38.59
C PHE H 230 53.49 13.44 -38.86
N ASN H 231 52.34 12.80 -39.00
CA ASN H 231 51.11 13.53 -39.38
C ASN H 231 49.83 12.78 -39.01
N GLU H 232 48.71 13.43 -39.31
CA GLU H 232 47.33 12.99 -39.01
C GLU H 232 46.94 11.79 -39.90
N PHE H 233 47.76 11.38 -40.88
CA PHE H 233 47.49 10.22 -41.77
C PHE H 233 48.19 8.96 -41.25
N ASN H 234 49.16 9.10 -40.35
CA ASN H 234 50.05 8.03 -39.80
C ASN H 234 49.64 7.64 -38.37
N LEU H 235 48.81 8.45 -37.73
CA LEU H 235 48.43 8.29 -36.31
C LEU H 235 46.97 7.84 -36.27
N ILE H 236 46.70 6.70 -35.63
CA ILE H 236 45.31 6.24 -35.42
C ILE H 236 44.90 6.47 -33.96
N LEU H 237 43.73 7.07 -33.79
CA LEU H 237 43.10 7.36 -32.48
C LEU H 237 42.10 6.23 -32.19
N ASP H 238 42.28 5.51 -31.08
CA ASP H 238 41.43 4.38 -30.68
C ASP H 238 40.26 4.90 -29.84
N GLU H 239 39.39 3.98 -29.38
CA GLU H 239 38.10 4.31 -28.70
C GLU H 239 38.35 5.12 -27.42
N SER H 240 39.53 5.01 -26.80
CA SER H 240 39.89 5.77 -25.56
C SER H 240 40.91 6.88 -25.85
N ASP H 241 40.92 7.41 -27.08
CA ASP H 241 41.64 8.66 -27.47
C ASP H 241 43.17 8.52 -27.29
N HIS H 242 43.73 7.31 -27.37
CA HIS H 242 45.20 7.06 -27.39
C HIS H 242 45.63 6.91 -28.86
N ILE H 243 46.84 7.39 -29.20
CA ILE H 243 47.34 7.35 -30.60
C ILE H 243 48.27 6.15 -30.76
N THR H 244 48.20 5.51 -31.94
CA THR H 244 49.15 4.48 -32.40
C THR H 244 49.74 4.96 -33.72
N MET H 245 51.06 4.87 -33.85
CA MET H 245 51.82 5.13 -35.09
C MET H 245 51.78 3.89 -35.97
N ILE H 246 51.39 4.01 -37.25
CA ILE H 246 51.20 2.81 -38.15
C ILE H 246 52.05 2.92 -39.42
N ASP H 247 52.92 3.91 -39.57
CA ASP H 247 53.76 4.08 -40.79
C ASP H 247 54.97 4.96 -40.44
N PHE H 248 56.18 4.48 -40.69
CA PHE H 248 57.45 5.21 -40.42
C PHE H 248 58.49 4.81 -41.46
N PRO H 249 58.26 5.15 -42.74
CA PRO H 249 59.07 4.64 -43.83
C PRO H 249 60.44 5.30 -44.05
N GLN H 250 60.61 6.57 -43.72
CA GLN H 250 61.80 7.38 -44.13
C GLN H 250 62.39 8.12 -42.93
N MET H 251 62.55 7.42 -41.81
CA MET H 251 63.04 8.01 -40.54
C MET H 251 64.48 8.53 -40.73
N VAL H 252 64.81 9.59 -40.03
CA VAL H 252 66.13 10.31 -40.08
C VAL H 252 66.85 10.10 -38.76
N SER H 253 68.17 9.97 -38.77
CA SER H 253 69.01 9.88 -37.54
C SER H 253 69.04 11.25 -36.87
N THR H 254 68.97 11.31 -35.53
CA THR H 254 69.17 12.56 -34.76
C THR H 254 70.61 13.07 -34.95
N SER H 255 71.50 12.24 -35.52
CA SER H 255 72.92 12.62 -35.82
C SER H 255 73.04 13.35 -37.16
N HIS H 256 71.99 13.38 -37.98
CA HIS H 256 72.03 14.12 -39.25
C HIS H 256 72.40 15.59 -38.95
N PRO H 257 73.27 16.24 -39.73
CA PRO H 257 73.59 17.65 -39.49
C PRO H 257 72.38 18.58 -39.47
N ASN H 258 71.29 18.23 -40.15
CA ASN H 258 70.04 19.04 -40.19
C ASN H 258 68.93 18.30 -39.46
N ALA H 259 69.28 17.42 -38.53
CA ALA H 259 68.33 16.69 -37.66
C ALA H 259 67.34 17.69 -37.03
N GLU H 260 67.85 18.82 -36.51
CA GLU H 260 67.00 19.80 -35.80
C GLU H 260 65.86 20.28 -36.71
N TRP H 261 66.14 20.54 -37.98
CA TRP H 261 65.12 20.99 -38.95
C TRP H 261 64.03 19.91 -39.11
N TYR H 262 64.41 18.64 -39.22
CA TYR H 262 63.46 17.52 -39.40
C TYR H 262 62.60 17.37 -38.15
N PHE H 263 63.22 17.49 -36.98
CA PHE H 263 62.53 17.41 -35.67
C PHE H 263 61.49 18.52 -35.58
N ASP H 264 61.91 19.75 -35.86
CA ASP H 264 61.02 20.94 -35.80
C ASP H 264 59.87 20.77 -36.80
N ARG H 265 60.13 20.22 -37.99
CA ARG H 265 59.11 20.07 -39.05
C ARG H 265 58.01 19.12 -38.54
N ASP H 266 58.38 17.99 -37.95
CA ASP H 266 57.41 17.02 -37.36
C ASP H 266 56.58 17.74 -36.28
N VAL H 267 57.22 18.52 -35.40
CA VAL H 267 56.53 19.27 -34.31
C VAL H 267 55.56 20.28 -34.95
N LYS H 268 56.00 21.07 -35.93
CA LYS H 268 55.16 22.13 -36.56
C LYS H 268 53.95 21.47 -37.24
N CYS H 269 54.11 20.29 -37.84
CA CYS H 269 53.00 19.59 -38.57
C CYS H 269 51.90 19.21 -37.58
N ILE H 270 52.24 18.65 -36.43
CA ILE H 270 51.28 18.34 -35.33
C ILE H 270 50.61 19.62 -34.85
N LYS H 271 51.38 20.68 -34.56
CA LYS H 271 50.80 21.96 -34.10
C LYS H 271 49.79 22.47 -35.12
N ASP H 272 50.15 22.47 -36.40
CA ASP H 272 49.33 23.03 -37.50
C ASP H 272 48.01 22.25 -37.53
N PHE H 273 48.04 20.92 -37.42
CA PHE H 273 46.84 20.07 -37.48
C PHE H 273 45.94 20.36 -36.27
N PHE H 274 46.49 20.43 -35.06
CA PHE H 274 45.71 20.64 -33.82
C PHE H 274 45.05 22.03 -33.84
N MET H 275 45.71 23.03 -34.43
CA MET H 275 45.14 24.39 -34.60
C MET H 275 44.02 24.34 -35.64
N LYS H 276 44.24 23.72 -36.80
CA LYS H 276 43.27 23.69 -37.94
C LYS H 276 42.00 22.93 -37.49
N ARG H 277 42.16 21.76 -36.89
CA ARG H 277 41.04 20.81 -36.66
C ARG H 277 40.34 21.09 -35.33
N PHE H 278 41.06 21.42 -34.26
CA PHE H 278 40.49 21.51 -32.89
C PHE H 278 40.62 22.93 -32.31
N SER H 279 41.24 23.88 -33.02
CA SER H 279 41.53 25.25 -32.52
C SER H 279 42.35 25.16 -31.24
N TYR H 280 43.21 24.15 -31.12
CA TYR H 280 44.05 23.88 -29.93
C TYR H 280 45.50 24.28 -30.22
N GLU H 281 46.07 25.03 -29.27
CA GLU H 281 47.42 25.65 -29.31
C GLU H 281 48.04 25.45 -27.92
N SER H 282 49.36 25.30 -27.84
CA SER H 282 50.06 25.03 -26.55
C SER H 282 51.52 25.46 -26.62
N GLU H 283 52.14 25.67 -25.47
CA GLU H 283 53.60 25.96 -25.32
C GLU H 283 54.34 24.66 -24.91
N LEU H 284 53.63 23.57 -24.64
CA LEU H 284 54.20 22.26 -24.21
C LEU H 284 54.60 21.46 -25.47
N PHE H 285 55.51 22.02 -26.28
CA PHE H 285 56.08 21.37 -27.47
C PHE H 285 57.60 21.34 -27.33
N PRO H 286 58.24 20.23 -27.74
CA PRO H 286 59.66 20.06 -27.54
C PRO H 286 60.48 20.90 -28.52
N THR H 287 61.70 21.24 -28.11
CA THR H 287 62.81 21.71 -28.99
C THR H 287 63.87 20.62 -29.00
N PHE H 288 64.70 20.60 -30.02
CA PHE H 288 65.77 19.59 -30.19
C PHE H 288 66.72 19.60 -28.99
N LYS H 289 66.95 20.74 -28.34
CA LYS H 289 67.85 20.88 -27.14
C LYS H 289 67.33 20.02 -25.98
N ASP H 290 66.05 19.71 -25.91
CA ASP H 290 65.42 18.87 -24.84
C ASP H 290 65.82 17.40 -24.97
N ILE H 291 66.23 16.95 -26.16
CA ILE H 291 66.50 15.52 -26.45
C ILE H 291 67.72 15.06 -25.64
N ARG H 292 67.59 13.96 -24.92
CA ARG H 292 68.71 13.27 -24.21
C ARG H 292 68.77 11.83 -24.72
N ARG H 293 69.77 11.54 -25.55
CA ARG H 293 69.88 10.23 -26.24
C ARG H 293 70.09 9.14 -25.19
N GLU H 294 69.32 8.07 -25.35
CA GLU H 294 69.07 6.95 -24.43
C GLU H 294 69.32 5.62 -25.17
N ASP H 295 69.27 5.64 -26.50
CA ASP H 295 69.38 4.43 -27.35
C ASP H 295 69.96 4.80 -28.71
N THR H 296 70.23 3.80 -29.54
CA THR H 296 70.99 3.90 -30.81
C THR H 296 70.23 3.18 -31.92
N LEU H 297 68.91 3.31 -31.98
CA LEU H 297 68.03 2.61 -32.95
C LEU H 297 68.29 3.15 -34.36
N ASP H 298 68.89 4.32 -34.50
CA ASP H 298 69.32 4.88 -35.81
C ASP H 298 70.54 4.11 -36.33
N VAL H 299 71.30 3.45 -35.48
CA VAL H 299 72.57 2.78 -35.87
C VAL H 299 72.33 1.27 -36.02
N GLU H 300 71.65 0.68 -35.06
CA GLU H 300 71.49 -0.79 -34.95
C GLU H 300 70.12 -1.08 -34.35
N VAL H 301 69.36 -1.97 -35.00
CA VAL H 301 68.02 -2.39 -34.52
C VAL H 301 68.16 -3.78 -33.91
N SER H 302 67.97 -3.89 -32.59
CA SER H 302 68.13 -5.12 -31.76
C SER H 302 67.10 -5.15 -30.62
N ALA H 303 67.00 -6.27 -29.90
CA ALA H 303 65.97 -6.60 -28.87
C ALA H 303 65.85 -5.47 -27.82
N GLY I 3 -17.03 49.03 -3.71
CA GLY I 3 -16.35 49.64 -2.55
C GLY I 3 -15.12 50.46 -2.94
N LYS I 4 -14.49 51.06 -1.94
CA LYS I 4 -13.32 51.98 -2.07
C LYS I 4 -12.07 51.23 -1.60
N VAL I 5 -10.94 51.94 -1.50
CA VAL I 5 -9.60 51.34 -1.19
C VAL I 5 -9.61 50.82 0.25
N ASN I 6 -8.99 49.65 0.47
CA ASN I 6 -8.81 49.03 1.80
C ASN I 6 -7.82 49.87 2.61
N VAL I 7 -8.13 50.07 3.89
CA VAL I 7 -7.27 50.81 4.87
C VAL I 7 -7.20 49.96 6.14
N ALA I 8 -6.04 49.91 6.80
CA ALA I 8 -5.81 49.19 8.06
C ALA I 8 -5.56 50.20 9.19
N LYS I 9 -6.23 50.06 10.33
CA LYS I 9 -5.95 50.82 11.59
C LYS I 9 -4.46 50.69 11.91
N LEU I 10 -3.84 51.75 12.46
CA LEU I 10 -2.42 51.73 12.89
C LEU I 10 -2.24 50.70 14.01
N ARG I 11 -1.13 49.95 13.98
CA ARG I 11 -0.72 48.99 15.03
C ARG I 11 -0.84 49.70 16.39
N TYR I 12 -1.42 49.04 17.39
CA TYR I 12 -1.44 49.51 18.80
C TYR I 12 0.00 49.54 19.30
N MET I 13 0.36 50.55 20.09
CA MET I 13 1.65 50.60 20.82
C MET I 13 1.41 51.20 22.20
N SER I 14 1.99 50.60 23.26
CA SER I 14 1.96 51.14 24.63
C SER I 14 2.74 52.47 24.69
N ARG I 15 2.46 53.31 25.70
CA ARG I 15 3.18 54.59 25.86
C ARG I 15 4.66 54.30 26.11
N ASP I 16 4.98 53.22 26.83
CA ASP I 16 6.37 52.73 27.08
C ASP I 16 7.08 52.47 25.76
N ASP I 17 6.52 51.58 24.93
CA ASP I 17 7.09 51.19 23.61
C ASP I 17 7.29 52.47 22.78
N PHE I 18 6.31 53.37 22.74
CA PHE I 18 6.35 54.62 21.94
C PHE I 18 7.42 55.58 22.49
N ARG I 19 7.62 55.59 23.80
CA ARG I 19 8.65 56.44 24.44
C ARG I 19 10.05 55.98 24.04
N VAL I 20 10.28 54.67 24.04
CA VAL I 20 11.60 54.08 23.63
C VAL I 20 11.85 54.37 22.16
N LEU I 21 10.84 54.29 21.31
CA LEU I 21 10.95 54.55 19.85
C LEU I 21 11.29 56.04 19.64
N THR I 22 10.66 56.93 20.41
CA THR I 22 10.93 58.39 20.41
C THR I 22 12.35 58.64 20.95
N ALA I 23 12.77 57.90 21.97
CA ALA I 23 14.13 57.99 22.55
C ALA I 23 15.17 57.64 21.47
N VAL I 24 14.94 56.61 20.67
CA VAL I 24 15.88 56.21 19.58
C VAL I 24 15.97 57.37 18.59
N GLU I 25 14.83 57.96 18.21
CA GLU I 25 14.77 59.12 17.31
C GLU I 25 15.58 60.29 17.89
N MET I 26 15.34 60.67 19.15
CA MET I 26 16.08 61.77 19.83
C MET I 26 17.58 61.44 19.81
N GLY I 27 17.95 60.20 20.15
CA GLY I 27 19.34 59.74 20.17
C GLY I 27 20.05 59.99 18.85
N MET I 28 19.32 59.93 17.74
CA MET I 28 19.90 60.01 16.38
C MET I 28 20.21 61.47 15.98
N LYS I 29 19.82 62.46 16.80
CA LYS I 29 20.27 63.87 16.62
C LYS I 29 21.80 63.91 16.72
N ASN I 30 22.41 63.09 17.59
CA ASN I 30 23.85 63.17 17.95
C ASN I 30 24.62 61.88 17.64
N HIS I 31 23.96 60.81 17.18
CA HIS I 31 24.59 59.48 16.98
C HIS I 31 23.99 58.79 15.75
N GLU I 32 24.81 58.19 14.88
CA GLU I 32 24.33 57.35 13.76
C GLU I 32 23.74 56.07 14.35
N ILE I 33 24.42 55.52 15.37
CA ILE I 33 24.00 54.31 16.11
C ILE I 33 23.87 54.68 17.60
N VAL I 34 22.65 54.56 18.15
CA VAL I 34 22.32 55.04 19.52
C VAL I 34 22.57 53.91 20.50
N PRO I 35 23.52 54.05 21.45
CA PRO I 35 23.76 53.04 22.48
C PRO I 35 22.50 52.74 23.30
N GLY I 36 22.33 51.50 23.74
CA GLY I 36 21.19 51.04 24.56
C GLY I 36 21.09 51.80 25.88
N SER I 37 22.23 52.17 26.47
CA SER I 37 22.33 52.94 27.74
C SER I 37 21.78 54.36 27.52
N LEU I 38 22.12 54.99 26.40
CA LEU I 38 21.64 56.35 26.08
C LEU I 38 20.12 56.33 25.86
N ILE I 39 19.61 55.32 25.18
CA ILE I 39 18.15 55.13 24.91
C ILE I 39 17.42 55.00 26.25
N ALA I 40 17.98 54.22 27.18
CA ALA I 40 17.38 53.96 28.51
C ALA I 40 17.30 55.26 29.31
N SER I 41 18.35 56.09 29.29
CA SER I 41 18.43 57.36 30.06
C SER I 41 17.51 58.41 29.42
N ILE I 42 17.38 58.43 28.09
CA ILE I 42 16.47 59.38 27.39
C ILE I 42 15.02 58.96 27.61
N ALA I 43 14.73 57.67 27.50
CA ALA I 43 13.36 57.11 27.67
C ALA I 43 12.93 57.23 29.12
N SER I 44 13.87 57.00 30.04
CA SER I 44 13.68 56.93 31.52
C SER I 44 12.31 56.31 31.85
N LEU I 45 12.16 55.02 31.56
CA LEU I 45 10.95 54.23 31.93
C LEU I 45 10.93 54.05 33.45
N LYS I 46 9.73 54.06 34.05
CA LYS I 46 9.55 54.00 35.53
C LYS I 46 10.12 52.67 36.02
N HIS I 47 9.91 51.57 35.29
CA HIS I 47 10.23 50.18 35.75
C HIS I 47 11.43 49.63 34.96
N GLY I 48 11.98 50.34 33.98
CA GLY I 48 13.34 50.06 33.44
C GLY I 48 13.45 48.66 32.86
N GLY I 49 12.48 48.26 32.04
CA GLY I 49 12.58 47.07 31.18
C GLY I 49 12.82 47.50 29.73
N CYS I 50 13.72 48.46 29.56
CA CYS I 50 14.02 49.16 28.29
C CYS I 50 14.55 48.17 27.24
N ASN I 51 15.39 47.22 27.66
CA ASN I 51 16.01 46.20 26.77
C ASN I 51 14.95 45.27 26.18
N LYS I 52 13.96 44.85 26.98
CA LYS I 52 12.81 44.01 26.55
C LYS I 52 12.07 44.76 25.44
N VAL I 53 11.75 46.05 25.68
CA VAL I 53 11.00 46.93 24.73
C VAL I 53 11.78 47.07 23.43
N LEU I 54 13.11 47.21 23.49
CA LEU I 54 13.98 47.38 22.29
C LEU I 54 13.93 46.10 21.44
N ARG I 55 14.09 44.93 22.06
CA ARG I 55 14.01 43.61 21.38
C ARG I 55 12.67 43.51 20.64
N GLU I 56 11.58 43.96 21.28
CA GLU I 56 10.21 43.92 20.74
C GLU I 56 10.08 44.87 19.54
N LEU I 57 10.76 46.03 19.58
CA LEU I 57 10.74 47.02 18.47
C LEU I 57 11.55 46.48 17.29
N VAL I 58 12.64 45.74 17.54
CA VAL I 58 13.41 45.03 16.47
C VAL I 58 12.49 43.99 15.80
N LYS I 59 11.81 43.17 16.59
CA LYS I 59 10.90 42.08 16.13
C LYS I 59 9.84 42.68 15.19
N HIS I 60 9.34 43.89 15.46
CA HIS I 60 8.29 44.57 14.65
C HIS I 60 8.91 45.48 13.60
N LYS I 61 10.25 45.47 13.43
CA LYS I 61 10.95 46.08 12.28
C LYS I 61 10.96 47.62 12.37
N LEU I 62 10.75 48.18 13.56
CA LEU I 62 10.62 49.66 13.77
C LEU I 62 12.01 50.25 14.07
N ILE I 63 12.93 49.44 14.60
CA ILE I 63 14.36 49.82 14.78
C ILE I 63 15.21 48.62 14.34
N ALA I 64 16.50 48.83 14.11
CA ALA I 64 17.47 47.79 13.75
C ALA I 64 18.69 47.88 14.66
N TRP I 65 19.27 46.73 15.00
CA TRP I 65 20.52 46.62 15.80
C TRP I 65 21.71 46.62 14.85
N GLU I 66 22.81 47.29 15.19
CA GLU I 66 24.09 47.30 14.42
C GLU I 66 25.28 47.34 15.38
N ARG I 67 26.37 46.64 15.04
CA ARG I 67 27.69 46.69 15.76
C ARG I 67 28.82 46.99 14.75
N THR I 68 29.53 48.12 14.91
CA THR I 68 30.72 48.50 14.11
C THR I 68 31.98 48.18 14.94
N LYS I 69 33.14 48.70 14.54
CA LYS I 69 34.39 48.64 15.34
C LYS I 69 34.33 49.78 16.37
N THR I 70 33.91 49.51 17.59
CA THR I 70 33.96 50.45 18.76
C THR I 70 32.69 51.32 18.87
N VAL I 71 31.57 50.95 18.21
CA VAL I 71 30.20 51.40 18.60
C VAL I 71 29.19 50.27 18.31
N GLN I 72 28.19 50.08 19.18
CA GLN I 72 27.09 49.11 18.96
C GLN I 72 25.81 49.57 19.67
N GLY I 73 24.68 49.53 18.96
CA GLY I 73 23.36 49.99 19.44
C GLY I 73 22.30 49.93 18.37
N TYR I 74 21.40 50.93 18.32
CA TYR I 74 20.12 50.89 17.56
C TYR I 74 19.97 52.13 16.68
N ARG I 75 19.18 52.00 15.62
CA ARG I 75 18.77 53.11 14.73
C ARG I 75 17.32 52.87 14.28
N LEU I 76 16.62 53.97 14.01
CA LEU I 76 15.26 53.98 13.43
C LEU I 76 15.32 53.36 12.03
N THR I 77 14.34 52.55 11.66
CA THR I 77 14.10 52.07 10.27
C THR I 77 13.11 53.04 9.61
N ASN I 78 12.91 52.92 8.29
CA ASN I 78 11.89 53.71 7.57
C ASN I 78 10.52 53.41 8.21
N ALA I 79 10.25 52.15 8.54
CA ALA I 79 8.96 51.73 9.15
C ALA I 79 8.79 52.44 10.50
N GLY I 80 9.88 52.57 11.28
CA GLY I 80 9.89 53.24 12.59
C GLY I 80 9.54 54.72 12.48
N TYR I 81 10.21 55.42 11.56
CA TYR I 81 9.98 56.86 11.29
C TYR I 81 8.54 57.06 10.80
N ASP I 82 8.11 56.26 9.84
CA ASP I 82 6.71 56.26 9.32
C ASP I 82 5.73 56.15 10.49
N TYR I 83 5.97 55.20 11.40
CA TYR I 83 5.06 54.92 12.54
C TYR I 83 5.01 56.14 13.47
N LEU I 84 6.16 56.72 13.82
CA LEU I 84 6.23 57.94 14.69
C LEU I 84 5.34 59.04 14.10
N ALA I 85 5.49 59.32 12.81
CA ALA I 85 4.75 60.39 12.11
C ALA I 85 3.26 60.08 12.13
N LEU I 86 2.89 58.86 11.77
CA LEU I 86 1.46 58.46 11.61
C LEU I 86 0.79 58.38 12.99
N LYS I 87 1.48 57.88 14.01
CA LYS I 87 0.94 57.81 15.40
C LYS I 87 0.72 59.25 15.92
N THR I 88 1.64 60.16 15.65
CA THR I 88 1.51 61.60 16.02
C THR I 88 0.26 62.19 15.35
N LEU I 89 0.12 61.98 14.04
CA LEU I 89 -1.05 62.46 13.26
C LEU I 89 -2.34 61.79 13.78
N SER I 90 -2.24 60.54 14.22
CA SER I 90 -3.38 59.78 14.78
C SER I 90 -3.87 60.44 16.07
N SER I 91 -2.96 60.88 16.95
CA SER I 91 -3.32 61.53 18.22
C SER I 91 -3.97 62.90 17.98
N ARG I 92 -3.79 63.50 16.80
CA ARG I 92 -4.45 64.79 16.42
C ARG I 92 -5.75 64.51 15.63
N GLN I 93 -6.18 63.26 15.53
CA GLN I 93 -7.42 62.80 14.83
C GLN I 93 -7.35 63.08 13.32
N VAL I 94 -6.15 63.17 12.75
CA VAL I 94 -5.95 63.45 11.29
C VAL I 94 -5.97 62.13 10.52
N VAL I 95 -5.33 61.09 11.06
CA VAL I 95 -5.19 59.76 10.41
C VAL I 95 -5.59 58.68 11.43
N GLU I 96 -6.47 57.76 11.04
CA GLU I 96 -6.75 56.55 11.85
C GLU I 96 -6.24 55.30 11.12
N SER I 97 -6.34 55.27 9.79
CA SER I 97 -6.12 54.05 8.95
C SER I 97 -5.28 54.41 7.72
N VAL I 98 -4.45 53.47 7.28
CA VAL I 98 -3.50 53.63 6.15
C VAL I 98 -3.78 52.56 5.09
N GLY I 99 -3.90 52.99 3.84
CA GLY I 99 -4.06 52.10 2.68
C GLY I 99 -2.73 51.82 2.01
N ASN I 100 -2.77 51.24 0.82
CA ASN I 100 -1.56 50.87 0.06
C ASN I 100 -1.04 52.10 -0.68
N GLN I 101 0.25 52.10 -1.00
CA GLN I 101 0.87 53.13 -1.86
C GLN I 101 0.07 53.16 -3.17
N MET I 102 -0.26 54.34 -3.68
CA MET I 102 -0.98 54.46 -4.96
C MET I 102 -0.39 55.61 -5.81
N GLY I 103 0.83 56.05 -5.52
CA GLY I 103 1.57 56.99 -6.38
C GLY I 103 2.93 57.33 -5.80
N VAL I 104 3.71 58.12 -6.54
CA VAL I 104 5.03 58.67 -6.12
C VAL I 104 5.10 60.14 -6.52
N GLY I 105 5.77 60.96 -5.72
CA GLY I 105 6.35 62.24 -6.16
C GLY I 105 7.77 62.01 -6.58
N LYS I 106 8.53 63.05 -6.87
CA LYS I 106 9.95 62.92 -7.23
C LYS I 106 10.73 62.28 -6.07
N GLU I 107 10.38 62.62 -4.81
CA GLU I 107 11.15 62.21 -3.61
C GLU I 107 10.18 61.78 -2.49
N SER I 108 9.00 61.30 -2.83
CA SER I 108 7.93 60.97 -1.85
C SER I 108 7.10 59.77 -2.33
N ASP I 109 6.54 59.04 -1.37
CA ASP I 109 5.58 57.94 -1.59
C ASP I 109 4.20 58.45 -1.19
N ILE I 110 3.19 58.14 -1.99
CA ILE I 110 1.79 58.65 -1.82
C ILE I 110 0.91 57.48 -1.44
N TYR I 111 0.15 57.63 -0.37
CA TYR I 111 -0.78 56.60 0.17
C TYR I 111 -2.15 57.24 0.35
N ILE I 112 -3.19 56.41 0.32
CA ILE I 112 -4.53 56.83 0.79
C ILE I 112 -4.60 56.50 2.27
N VAL I 113 -5.11 57.44 3.08
CA VAL I 113 -5.40 57.27 4.53
C VAL I 113 -6.85 57.66 4.77
N ALA I 114 -7.37 57.31 5.93
CA ALA I 114 -8.75 57.68 6.36
C ALA I 114 -8.71 58.13 7.82
N ASN I 115 -9.60 59.05 8.17
CA ASN I 115 -9.83 59.47 9.59
C ASN I 115 -10.82 58.47 10.20
N GLU I 116 -11.24 58.70 11.45
CA GLU I 116 -12.10 57.77 12.23
C GLU I 116 -13.46 57.61 11.54
N GLU I 117 -13.95 58.64 10.85
CA GLU I 117 -15.28 58.64 10.16
C GLU I 117 -15.18 57.94 8.80
N GLY I 118 -13.99 57.57 8.34
CA GLY I 118 -13.80 56.84 7.07
C GLY I 118 -13.68 57.76 5.85
N GLN I 119 -13.55 59.08 6.06
CA GLN I 119 -13.23 60.06 4.97
C GLN I 119 -11.79 59.82 4.50
N GLN I 120 -11.58 59.74 3.20
CA GLN I 120 -10.25 59.43 2.61
C GLN I 120 -9.47 60.74 2.39
N PHE I 121 -8.16 60.69 2.58
CA PHE I 121 -7.22 61.80 2.34
C PHE I 121 -5.97 61.22 1.67
N ALA I 122 -5.12 62.09 1.13
CA ALA I 122 -3.81 61.68 0.58
C ALA I 122 -2.74 61.90 1.65
N LEU I 123 -1.83 60.94 1.77
CA LEU I 123 -0.63 61.03 2.63
C LEU I 123 0.60 60.99 1.72
N LYS I 124 1.51 61.94 1.89
CA LYS I 124 2.85 61.90 1.24
C LYS I 124 3.90 61.70 2.35
N LEU I 125 4.69 60.65 2.21
CA LEU I 125 5.86 60.36 3.08
C LEU I 125 7.12 60.71 2.26
N HIS I 126 7.86 61.72 2.71
CA HIS I 126 9.08 62.23 2.04
C HIS I 126 10.25 61.31 2.38
N ARG I 127 11.02 60.94 1.36
CA ARG I 127 12.15 59.96 1.44
C ARG I 127 13.39 60.59 0.80
N LEU I 128 14.18 61.35 1.54
CA LEU I 128 15.44 61.95 1.04
C LEU I 128 16.60 61.30 1.78
N GLY I 129 17.83 61.59 1.35
CA GLY I 129 19.05 61.03 1.97
C GLY I 129 19.14 59.54 1.73
N ARG I 130 18.66 59.05 0.57
CA ARG I 130 18.67 57.62 0.22
C ARG I 130 20.11 57.20 -0.06
N THR I 131 20.90 58.06 -0.70
CA THR I 131 22.30 57.74 -1.11
C THR I 131 23.19 57.79 0.13
N SER I 132 24.09 56.84 0.25
CA SER I 132 25.09 56.67 1.31
C SER I 132 26.45 57.12 0.75
N PHE I 133 27.25 57.86 1.52
CA PHE I 133 28.55 58.42 1.09
C PHE I 133 29.66 57.80 1.91
N ARG I 134 30.60 57.07 1.29
CA ARG I 134 31.63 56.27 2.00
C ARG I 134 33.02 56.44 1.39
N ASN I 135 33.21 57.37 0.44
CA ASN I 135 34.51 57.59 -0.26
C ASN I 135 35.30 58.77 0.35
N LEU I 136 34.98 59.20 1.58
CA LEU I 136 35.52 60.44 2.20
C LEU I 136 36.70 60.09 3.14
N HIS I 147 27.12 61.53 9.96
CA HIS I 147 26.92 61.95 8.56
C HIS I 147 25.56 61.44 8.03
N ASN I 148 25.30 60.11 8.05
CA ASN I 148 24.21 59.44 7.29
C ASN I 148 22.93 59.33 8.14
N VAL I 149 22.69 60.30 9.03
CA VAL I 149 21.37 60.55 9.73
C VAL I 149 20.67 61.73 9.03
N SER I 150 21.23 62.14 7.89
CA SER I 150 20.69 63.25 7.08
C SER I 150 19.24 62.91 6.68
N TRP I 151 18.90 61.62 6.54
CA TRP I 151 17.60 61.19 5.95
C TRP I 151 16.44 61.63 6.85
N LEU I 152 16.62 61.63 8.18
CA LEU I 152 15.60 62.13 9.13
C LEU I 152 15.35 63.61 8.86
N TYR I 153 16.40 64.42 8.91
CA TYR I 153 16.33 65.90 8.82
C TYR I 153 15.84 66.33 7.43
N LEU I 154 16.46 65.82 6.36
CA LEU I 154 16.11 66.19 4.96
C LEU I 154 14.65 65.84 4.68
N SER I 155 14.18 64.69 5.14
CA SER I 155 12.79 64.21 4.87
C SER I 155 11.80 65.10 5.60
N ARG I 156 12.12 65.44 6.85
CA ARG I 156 11.34 66.38 7.69
C ARG I 156 11.24 67.73 6.99
N LEU I 157 12.35 68.19 6.43
CA LEU I 157 12.46 69.51 5.78
C LEU I 157 11.65 69.53 4.48
N SER I 158 11.71 68.48 3.64
CA SER I 158 10.87 68.38 2.42
C SER I 158 9.40 68.51 2.81
N ALA I 159 8.96 67.75 3.81
CA ALA I 159 7.54 67.71 4.23
C ALA I 159 7.11 69.12 4.65
N MET I 160 7.94 69.78 5.44
CA MET I 160 7.69 71.15 5.96
C MET I 160 7.53 72.11 4.76
N LYS I 161 8.45 72.06 3.81
CA LYS I 161 8.47 72.94 2.61
C LYS I 161 7.23 72.66 1.76
N GLU I 162 6.88 71.39 1.58
CA GLU I 162 5.69 71.01 0.79
C GLU I 162 4.44 71.58 1.44
N PHE I 163 4.30 71.43 2.76
CA PHE I 163 3.11 71.93 3.49
C PHE I 163 3.02 73.46 3.31
N ALA I 164 4.13 74.16 3.49
CA ALA I 164 4.22 75.64 3.41
C ALA I 164 3.83 76.11 2.00
N TYR I 165 4.44 75.54 0.96
CA TYR I 165 4.19 75.90 -0.45
C TYR I 165 2.71 75.59 -0.76
N MET I 166 2.23 74.42 -0.33
CA MET I 166 0.86 73.98 -0.66
C MET I 166 -0.13 74.96 -0.04
N LYS I 167 0.12 75.39 1.20
CA LYS I 167 -0.73 76.37 1.90
C LYS I 167 -0.71 77.72 1.13
N ALA I 168 0.47 78.24 0.80
CA ALA I 168 0.65 79.54 0.11
C ALA I 168 -0.06 79.50 -1.25
N LEU I 169 0.14 78.41 -2.02
CA LEU I 169 -0.47 78.28 -3.36
C LEU I 169 -2.00 78.12 -3.22
N TYR I 170 -2.46 77.33 -2.25
CA TYR I 170 -3.90 77.09 -2.03
C TYR I 170 -4.61 78.41 -1.70
N GLU I 171 -4.02 79.21 -0.81
CA GLU I 171 -4.59 80.51 -0.36
C GLU I 171 -4.64 81.48 -1.54
N ARG I 172 -3.76 81.34 -2.53
CA ARG I 172 -3.71 82.21 -3.74
C ARG I 172 -4.50 81.57 -4.88
N LYS I 173 -5.36 80.60 -4.57
CA LYS I 173 -6.40 80.05 -5.49
C LYS I 173 -5.73 79.25 -6.62
N PHE I 174 -4.53 78.68 -6.38
CA PHE I 174 -3.87 77.75 -7.31
C PHE I 174 -4.54 76.39 -7.23
N PRO I 175 -4.52 75.60 -8.32
CA PRO I 175 -5.10 74.26 -8.31
C PRO I 175 -4.13 73.26 -7.68
N VAL I 176 -4.12 73.22 -6.35
CA VAL I 176 -3.34 72.26 -5.51
C VAL I 176 -4.27 71.67 -4.48
N PRO I 177 -3.94 70.54 -3.84
CA PRO I 177 -4.78 69.98 -2.79
C PRO I 177 -4.79 70.92 -1.56
N LYS I 178 -5.90 70.98 -0.85
CA LYS I 178 -5.97 71.67 0.46
C LYS I 178 -5.07 70.91 1.43
N PRO I 179 -4.00 71.53 1.98
CA PRO I 179 -3.13 70.84 2.93
C PRO I 179 -3.86 70.80 4.26
N ILE I 180 -3.71 69.71 5.03
CA ILE I 180 -4.49 69.51 6.29
C ILE I 180 -3.53 69.56 7.48
N ASP I 181 -2.45 68.79 7.45
CA ASP I 181 -1.49 68.75 8.58
C ASP I 181 -0.19 68.11 8.10
N TYR I 182 0.86 68.22 8.89
CA TYR I 182 2.15 67.56 8.64
C TYR I 182 2.82 67.27 9.99
N ASN I 183 3.68 66.26 9.98
CA ASN I 183 4.55 65.90 11.12
C ASN I 183 5.75 65.13 10.55
N ARG I 184 6.94 65.47 11.03
CA ARG I 184 8.19 64.84 10.56
C ARG I 184 8.16 64.83 9.03
N HIS I 185 8.22 63.66 8.39
CA HIS I 185 8.33 63.53 6.91
C HIS I 185 6.96 63.31 6.29
N ALA I 186 5.87 63.44 7.05
CA ALA I 186 4.50 63.11 6.61
C ALA I 186 3.69 64.38 6.39
N VAL I 187 3.02 64.47 5.24
CA VAL I 187 2.05 65.55 4.90
C VAL I 187 0.71 64.89 4.57
N VAL I 188 -0.36 65.33 5.21
CA VAL I 188 -1.75 64.90 4.89
C VAL I 188 -2.46 66.06 4.19
N MET I 189 -3.21 65.74 3.13
CA MET I 189 -3.87 66.75 2.27
C MET I 189 -5.13 66.14 1.63
N GLU I 190 -6.02 67.00 1.14
CA GLU I 190 -7.18 66.63 0.28
C GLU I 190 -6.74 65.55 -0.71
N LEU I 191 -7.48 64.44 -0.78
CA LEU I 191 -7.35 63.44 -1.87
C LEU I 191 -8.03 64.02 -3.12
N ILE I 192 -7.33 64.08 -4.25
CA ILE I 192 -7.94 64.51 -5.53
C ILE I 192 -8.35 63.28 -6.33
N ASN I 193 -9.66 63.17 -6.57
CA ASN I 193 -10.26 62.08 -7.36
C ASN I 193 -10.04 62.38 -8.83
N GLY I 194 -9.26 61.52 -9.47
CA GLY I 194 -8.98 61.59 -10.91
C GLY I 194 -7.76 60.76 -11.23
N TYR I 195 -7.20 60.98 -12.41
CA TYR I 195 -6.09 60.17 -12.95
C TYR I 195 -4.94 61.11 -13.22
N PRO I 196 -3.67 60.70 -12.96
CA PRO I 196 -2.54 61.45 -13.46
C PRO I 196 -2.71 61.50 -14.99
N LEU I 197 -2.36 62.65 -15.58
CA LEU I 197 -2.46 62.92 -17.03
C LEU I 197 -1.79 61.78 -17.80
N CYS I 198 -0.71 61.22 -17.27
CA CYS I 198 0.09 60.16 -17.93
C CYS I 198 -0.79 58.92 -18.19
N GLN I 199 -1.85 58.67 -17.41
CA GLN I 199 -2.72 57.51 -17.69
C GLN I 199 -4.09 57.95 -18.25
N ILE I 200 -4.19 59.13 -18.87
CA ILE I 200 -5.40 59.57 -19.63
C ILE I 200 -5.17 59.26 -21.12
N HIS I 201 -6.10 58.57 -21.77
CA HIS I 201 -5.95 58.08 -23.16
C HIS I 201 -6.63 59.03 -24.16
N HIS I 202 -7.75 59.62 -23.79
CA HIS I 202 -8.55 60.55 -24.63
C HIS I 202 -9.10 61.65 -23.72
N VAL I 203 -9.30 62.82 -24.31
CA VAL I 203 -10.02 63.97 -23.70
C VAL I 203 -10.95 64.52 -24.77
N GLU I 204 -12.15 64.98 -24.39
CA GLU I 204 -13.14 65.55 -25.35
C GLU I 204 -12.52 66.79 -26.01
N ASP I 205 -11.83 67.63 -25.23
CA ASP I 205 -11.28 68.94 -25.71
C ASP I 205 -9.83 69.09 -25.24
N PRO I 206 -8.84 68.55 -25.97
CA PRO I 206 -7.43 68.71 -25.57
C PRO I 206 -6.97 70.18 -25.45
N ALA I 207 -7.37 71.05 -26.39
CA ALA I 207 -7.02 72.50 -26.38
C ALA I 207 -7.28 73.10 -25.00
N SER I 208 -8.41 72.73 -24.39
CA SER I 208 -8.88 73.29 -23.10
C SER I 208 -7.95 72.85 -21.97
N VAL I 209 -7.53 71.58 -21.94
CA VAL I 209 -6.65 71.03 -20.87
C VAL I 209 -5.23 71.61 -21.07
N TYR I 210 -4.77 71.68 -22.31
CA TYR I 210 -3.49 72.34 -22.70
C TYR I 210 -3.47 73.78 -22.17
N ASP I 211 -4.55 74.53 -22.40
CA ASP I 211 -4.67 75.95 -21.96
C ASP I 211 -4.59 76.02 -20.44
N GLU I 212 -5.28 75.16 -19.69
CA GLU I 212 -5.21 75.15 -18.20
C GLU I 212 -3.74 74.95 -17.77
N ALA I 213 -3.05 73.99 -18.38
CA ALA I 213 -1.65 73.65 -18.04
C ALA I 213 -0.76 74.88 -18.29
N MET I 214 -0.90 75.51 -19.46
CA MET I 214 -0.06 76.67 -19.86
C MET I 214 -0.38 77.88 -18.97
N GLU I 215 -1.65 78.10 -18.64
CA GLU I 215 -2.08 79.22 -17.74
C GLU I 215 -1.53 78.97 -16.33
N LEU I 216 -1.38 77.71 -15.92
CA LEU I 216 -0.81 77.37 -14.59
C LEU I 216 0.67 77.73 -14.57
N ILE I 217 1.42 77.42 -15.62
CA ILE I 217 2.86 77.80 -15.73
C ILE I 217 2.98 79.33 -15.63
N VAL I 218 2.12 80.06 -16.32
CA VAL I 218 2.12 81.56 -16.38
C VAL I 218 1.81 82.11 -14.99
N LYS I 219 0.78 81.58 -14.33
CA LYS I 219 0.32 82.06 -13.00
C LYS I 219 1.44 81.81 -11.98
N LEU I 220 2.11 80.65 -12.03
CA LEU I 220 3.25 80.35 -11.15
C LEU I 220 4.33 81.40 -11.36
N ALA I 221 4.72 81.64 -12.62
CA ALA I 221 5.80 82.59 -12.98
C ALA I 221 5.41 84.00 -12.53
N ASN I 222 4.14 84.39 -12.69
CA ASN I 222 3.63 85.72 -12.25
C ASN I 222 3.76 85.84 -10.73
N HIS I 223 3.84 84.74 -10.00
CA HIS I 223 4.00 84.72 -8.52
C HIS I 223 5.47 84.51 -8.12
N GLY I 224 6.36 84.40 -9.10
CA GLY I 224 7.81 84.28 -8.89
C GLY I 224 8.34 82.87 -8.97
N LEU I 225 7.51 81.90 -9.39
CA LEU I 225 7.84 80.46 -9.31
C LEU I 225 7.87 79.81 -10.69
N ILE I 226 8.87 78.95 -10.89
CA ILE I 226 8.89 77.95 -11.99
C ILE I 226 8.87 76.57 -11.32
N HIS I 227 7.95 75.72 -11.74
CA HIS I 227 7.73 74.37 -11.13
C HIS I 227 9.04 73.58 -11.19
N GLY I 228 9.64 73.43 -12.37
CA GLY I 228 10.92 72.74 -12.57
C GLY I 228 10.79 71.27 -12.93
N ASP I 229 9.66 70.65 -12.61
CA ASP I 229 9.37 69.21 -12.89
C ASP I 229 7.92 69.07 -13.40
N PHE I 230 7.40 70.07 -14.12
CA PHE I 230 5.98 70.15 -14.55
C PHE I 230 5.73 69.06 -15.59
N ASN I 231 4.94 68.04 -15.28
CA ASN I 231 4.77 66.88 -16.21
C ASN I 231 3.46 66.12 -15.97
N GLU I 232 3.26 65.10 -16.79
CA GLU I 232 2.03 64.25 -16.82
C GLU I 232 1.98 63.33 -15.59
N PHE I 233 3.03 63.28 -14.75
CA PHE I 233 3.07 62.45 -13.52
C PHE I 233 2.66 63.27 -12.27
N ASN I 234 2.68 64.59 -12.36
CA ASN I 234 2.46 65.59 -11.26
C ASN I 234 1.09 66.23 -11.36
N LEU I 235 0.42 66.10 -12.49
CA LEU I 235 -0.86 66.78 -12.78
C LEU I 235 -1.96 65.73 -12.80
N ILE I 236 -2.97 65.89 -11.95
CA ILE I 236 -4.13 64.98 -11.92
C ILE I 236 -5.33 65.68 -12.56
N LEU I 237 -5.99 64.96 -13.47
CA LEU I 237 -7.19 65.40 -14.20
C LEU I 237 -8.41 64.80 -13.48
N ASP I 238 -9.32 65.64 -13.00
CA ASP I 238 -10.54 65.19 -12.26
C ASP I 238 -11.67 64.92 -13.27
N GLU I 239 -12.84 64.54 -12.76
CA GLU I 239 -14.02 64.07 -13.54
C GLU I 239 -14.48 65.16 -14.54
N SER I 240 -14.22 66.44 -14.25
CA SER I 240 -14.63 67.58 -15.13
C SER I 240 -13.40 68.21 -15.81
N ASP I 241 -12.34 67.42 -16.04
CA ASP I 241 -11.20 67.76 -16.92
C ASP I 241 -10.42 69.00 -16.41
N HIS I 242 -10.44 69.29 -15.11
CA HIS I 242 -9.59 70.34 -14.47
C HIS I 242 -8.34 69.67 -13.89
N ILE I 243 -7.20 70.35 -13.97
CA ILE I 243 -5.90 69.77 -13.51
C ILE I 243 -5.58 70.28 -12.10
N THR I 244 -5.02 69.42 -11.25
CA THR I 244 -4.49 69.73 -9.91
C THR I 244 -3.02 69.29 -9.87
N MET I 245 -2.16 70.16 -9.38
CA MET I 245 -0.71 69.91 -9.15
C MET I 245 -0.54 69.19 -7.80
N ILE I 246 0.16 68.06 -7.72
CA ILE I 246 0.26 67.26 -6.46
C ILE I 246 1.72 67.03 -6.01
N ASP I 247 2.71 67.64 -6.67
CA ASP I 247 4.14 67.49 -6.32
C ASP I 247 4.92 68.66 -6.94
N PHE I 248 5.67 69.41 -6.13
CA PHE I 248 6.47 70.60 -6.53
C PHE I 248 7.67 70.69 -5.59
N PRO I 249 8.60 69.71 -5.64
CA PRO I 249 9.70 69.66 -4.67
C PRO I 249 10.88 70.61 -4.90
N GLN I 250 11.17 71.00 -6.14
CA GLN I 250 12.40 71.76 -6.49
C GLN I 250 12.07 73.00 -7.32
N MET I 251 11.10 73.79 -6.90
CA MET I 251 10.68 75.02 -7.63
C MET I 251 11.84 76.03 -7.67
N VAL I 252 11.91 76.77 -8.77
CA VAL I 252 13.00 77.72 -9.11
C VAL I 252 12.42 79.13 -9.08
N SER I 253 13.21 80.11 -8.63
CA SER I 253 12.83 81.54 -8.68
C SER I 253 12.85 82.03 -10.13
N THR I 254 11.92 82.87 -10.57
CA THR I 254 11.97 83.58 -11.87
C THR I 254 13.17 84.53 -11.91
N SER I 255 13.82 84.80 -10.77
CA SER I 255 15.04 85.65 -10.67
C SER I 255 16.32 84.83 -10.89
N HIS I 256 16.23 83.51 -10.95
CA HIS I 256 17.39 82.64 -11.21
C HIS I 256 18.04 83.09 -12.51
N PRO I 257 19.38 83.16 -12.61
CA PRO I 257 20.03 83.56 -13.85
C PRO I 257 19.61 82.72 -15.08
N ASN I 258 19.21 81.47 -14.88
CA ASN I 258 18.81 80.56 -15.98
C ASN I 258 17.31 80.28 -15.89
N ALA I 259 16.55 81.17 -15.24
CA ALA I 259 15.09 81.06 -15.06
C ALA I 259 14.42 80.74 -16.40
N GLU I 260 14.79 81.47 -17.45
CA GLU I 260 14.13 81.35 -18.77
C GLU I 260 14.24 79.90 -19.27
N TRP I 261 15.39 79.27 -19.10
CA TRP I 261 15.61 77.88 -19.54
C TRP I 261 14.65 76.95 -18.78
N TYR I 262 14.49 77.13 -17.46
CA TYR I 262 13.63 76.27 -16.62
C TYR I 262 12.17 76.46 -17.04
N PHE I 263 11.77 77.70 -17.31
CA PHE I 263 10.40 78.06 -17.74
C PHE I 263 10.10 77.37 -19.06
N ASP I 264 11.00 77.53 -20.03
CA ASP I 264 10.86 76.93 -21.38
C ASP I 264 10.79 75.40 -21.27
N ARG I 265 11.58 74.80 -20.38
CA ARG I 265 11.64 73.32 -20.23
C ARG I 265 10.26 72.81 -19.78
N ASP I 266 9.66 73.46 -18.78
CA ASP I 266 8.29 73.09 -18.29
C ASP I 266 7.29 73.22 -19.46
N VAL I 267 7.35 74.29 -20.24
CA VAL I 267 6.45 74.53 -21.40
C VAL I 267 6.67 73.41 -22.44
N LYS I 268 7.93 73.11 -22.81
CA LYS I 268 8.24 72.10 -23.85
C LYS I 268 7.73 70.72 -23.38
N CYS I 269 7.82 70.40 -22.09
CA CYS I 269 7.40 69.09 -21.55
C CYS I 269 5.90 68.90 -21.75
N ILE I 270 5.09 69.91 -21.43
CA ILE I 270 3.63 69.90 -21.67
C ILE I 270 3.35 69.76 -23.17
N LYS I 271 3.99 70.56 -24.02
CA LYS I 271 3.79 70.48 -25.49
C LYS I 271 4.05 69.06 -25.98
N ASP I 272 5.19 68.49 -25.55
CA ASP I 272 5.66 67.17 -26.03
C ASP I 272 4.58 66.13 -25.66
N PHE I 273 4.06 66.18 -24.42
CA PHE I 273 3.08 65.19 -23.94
C PHE I 273 1.77 65.33 -24.73
N PHE I 274 1.28 66.55 -24.94
CA PHE I 274 -0.01 66.80 -25.65
C PHE I 274 0.09 66.35 -27.11
N MET I 275 1.26 66.49 -27.73
CA MET I 275 1.50 66.01 -29.11
C MET I 275 1.52 64.48 -29.11
N LYS I 276 2.27 63.85 -28.20
CA LYS I 276 2.45 62.36 -28.16
C LYS I 276 1.10 61.69 -27.89
N ARG I 277 0.36 62.15 -26.88
CA ARG I 277 -0.82 61.44 -26.34
C ARG I 277 -2.11 61.83 -27.09
N PHE I 278 -2.30 63.09 -27.47
CA PHE I 278 -3.58 63.60 -28.03
C PHE I 278 -3.42 64.14 -29.46
N SER I 279 -2.21 64.13 -30.02
CA SER I 279 -1.90 64.70 -31.36
C SER I 279 -2.31 66.18 -31.39
N TYR I 280 -2.20 66.86 -30.24
CA TYR I 280 -2.60 68.29 -30.11
C TYR I 280 -1.36 69.18 -30.03
N GLU I 281 -1.39 70.24 -30.84
CA GLU I 281 -0.31 71.21 -31.09
C GLU I 281 -0.96 72.59 -31.13
N SER I 282 -0.25 73.65 -30.74
CA SER I 282 -0.80 75.02 -30.63
C SER I 282 0.34 76.04 -30.62
N GLU I 283 0.03 77.31 -30.95
CA GLU I 283 0.95 78.47 -30.84
C GLU I 283 0.63 79.28 -29.57
N LEU I 284 -0.44 78.93 -28.85
CA LEU I 284 -0.86 79.61 -27.58
C LEU I 284 -0.08 79.03 -26.40
N PHE I 285 1.25 79.18 -26.43
CA PHE I 285 2.16 78.78 -25.32
C PHE I 285 2.99 79.98 -24.92
N PRO I 286 3.23 80.17 -23.62
CA PRO I 286 3.89 81.36 -23.13
C PRO I 286 5.40 81.36 -23.42
N THR I 287 5.98 82.55 -23.53
CA THR I 287 7.44 82.81 -23.45
C THR I 287 7.72 83.57 -22.17
N PHE I 288 8.96 83.49 -21.69
CA PHE I 288 9.39 84.14 -20.43
C PHE I 288 9.10 85.64 -20.46
N LYS I 289 9.22 86.29 -21.63
CA LYS I 289 9.01 87.76 -21.81
C LYS I 289 7.57 88.16 -21.46
N ASP I 290 6.60 87.24 -21.55
CA ASP I 290 5.16 87.50 -21.22
C ASP I 290 4.96 87.71 -19.72
N ILE I 291 5.85 87.18 -18.87
CA ILE I 291 5.65 87.14 -17.39
C ILE I 291 5.68 88.56 -16.83
N ARG I 292 4.67 88.93 -16.03
CA ARG I 292 4.64 90.21 -15.28
C ARG I 292 4.47 89.88 -13.79
N ARG I 293 5.53 90.09 -13.04
CA ARG I 293 5.60 89.70 -11.61
C ARG I 293 4.55 90.48 -10.81
N GLU I 294 3.81 89.74 -9.99
CA GLU I 294 2.60 90.12 -9.24
C GLU I 294 2.78 89.77 -7.75
N ASP I 295 3.71 88.87 -7.43
CA ASP I 295 3.92 88.36 -6.06
C ASP I 295 5.38 87.91 -5.87
N THR I 296 5.75 87.53 -4.65
CA THR I 296 7.14 87.23 -4.24
C THR I 296 7.19 85.88 -3.49
N LEU I 297 6.45 84.87 -3.96
CA LEU I 297 6.41 83.52 -3.33
C LEU I 297 7.75 82.80 -3.41
N ASP I 298 8.64 83.23 -4.29
CA ASP I 298 10.03 82.71 -4.38
C ASP I 298 10.85 83.23 -3.21
N VAL I 299 10.46 84.34 -2.59
CA VAL I 299 11.26 85.00 -1.51
C VAL I 299 10.70 84.59 -0.15
N GLU I 300 9.38 84.51 0.03
CA GLU I 300 8.77 83.63 1.08
C GLU I 300 7.38 83.23 0.62
N GLY J 3 -43.08 11.07 65.63
CA GLY J 3 -42.85 10.35 64.35
C GLY J 3 -42.22 8.98 64.55
N LYS J 4 -42.23 8.16 63.50
CA LYS J 4 -41.65 6.78 63.45
C LYS J 4 -40.34 6.83 62.65
N VAL J 5 -39.79 5.67 62.25
CA VAL J 5 -38.49 5.58 61.53
C VAL J 5 -38.64 6.19 60.13
N ASN J 6 -37.61 6.94 59.69
CA ASN J 6 -37.57 7.56 58.34
C ASN J 6 -37.36 6.44 57.30
N VAL J 7 -38.07 6.54 56.19
CA VAL J 7 -37.98 5.59 55.05
C VAL J 7 -37.88 6.42 53.76
N ALA J 8 -37.06 5.99 52.80
CA ALA J 8 -36.86 6.62 51.49
C ALA J 8 -37.45 5.73 50.39
N LYS J 9 -38.26 6.30 49.50
CA LYS J 9 -38.77 5.63 48.26
C LYS J 9 -37.56 5.07 47.50
N LEU J 10 -37.71 3.91 46.85
CA LEU J 10 -36.66 3.30 45.98
C LEU J 10 -36.40 4.23 44.80
N ARG J 11 -35.14 4.36 44.39
CA ARG J 11 -34.71 5.11 43.17
C ARG J 11 -35.60 4.68 42.00
N TYR J 12 -36.10 5.63 41.19
CA TYR J 12 -36.82 5.34 39.93
C TYR J 12 -35.85 4.65 38.96
N MET J 13 -36.32 3.66 38.21
CA MET J 13 -35.55 3.04 37.11
C MET J 13 -36.47 2.76 35.93
N SER J 14 -36.04 3.09 34.70
CA SER J 14 -36.74 2.75 33.43
C SER J 14 -36.67 1.22 33.23
N ARG J 15 -37.57 0.67 32.40
CA ARG J 15 -37.58 -0.77 32.04
C ARG J 15 -36.25 -1.12 31.37
N ASP J 16 -35.72 -0.21 30.53
CA ASP J 16 -34.40 -0.35 29.85
C ASP J 16 -33.29 -0.54 30.88
N ASP J 17 -33.14 0.43 31.79
CA ASP J 17 -32.10 0.41 32.85
C ASP J 17 -32.24 -0.90 33.64
N PHE J 18 -33.46 -1.29 34.02
CA PHE J 18 -33.73 -2.49 34.83
C PHE J 18 -33.41 -3.77 34.05
N ARG J 19 -33.61 -3.76 32.73
CA ARG J 19 -33.30 -4.91 31.86
C ARG J 19 -31.79 -5.12 31.81
N VAL J 20 -31.01 -4.05 31.69
CA VAL J 20 -29.51 -4.12 31.64
C VAL J 20 -28.99 -4.63 32.98
N LEU J 21 -29.58 -4.19 34.09
CA LEU J 21 -29.18 -4.60 35.46
C LEU J 21 -29.48 -6.10 35.63
N THR J 22 -30.64 -6.56 35.13
CA THR J 22 -31.04 -7.99 35.12
C THR J 22 -30.11 -8.78 34.20
N ALA J 23 -29.72 -8.21 33.06
CA ALA J 23 -28.78 -8.84 32.10
C ALA J 23 -27.44 -9.10 32.81
N VAL J 24 -26.94 -8.13 33.58
CA VAL J 24 -25.66 -8.28 34.33
C VAL J 24 -25.81 -9.46 35.30
N GLU J 25 -26.93 -9.50 36.03
CA GLU J 25 -27.25 -10.60 36.98
C GLU J 25 -27.24 -11.95 36.23
N MET J 26 -27.98 -12.07 35.12
CA MET J 26 -28.03 -13.32 34.31
C MET J 26 -26.60 -13.69 33.87
N GLY J 27 -25.85 -12.71 33.36
CA GLY J 27 -24.45 -12.90 32.90
C GLY J 27 -23.59 -13.55 33.97
N MET J 28 -23.86 -13.29 35.25
CA MET J 28 -23.02 -13.74 36.38
C MET J 28 -23.29 -15.22 36.73
N LYS J 29 -24.30 -15.86 36.12
CA LYS J 29 -24.48 -17.34 36.22
C LYS J 29 -23.23 -18.04 35.68
N ASN J 30 -22.59 -17.48 34.65
CA ASN J 30 -21.50 -18.16 33.88
C ASN J 30 -20.19 -17.36 33.88
N HIS J 31 -20.14 -16.16 34.46
CA HIS J 31 -18.96 -15.25 34.39
C HIS J 31 -18.82 -14.48 35.70
N GLU J 32 -17.61 -14.40 36.27
CA GLU J 32 -17.31 -13.57 37.46
C GLU J 32 -17.39 -12.10 37.03
N ILE J 33 -16.88 -11.80 35.83
CA ILE J 33 -16.92 -10.45 35.18
C ILE J 33 -17.61 -10.60 33.82
N VAL J 34 -18.75 -9.92 33.63
CA VAL J 34 -19.63 -10.08 32.44
C VAL J 34 -19.19 -9.09 31.37
N PRO J 35 -18.72 -9.56 30.19
CA PRO J 35 -18.35 -8.66 29.09
C PRO J 35 -19.53 -7.77 28.67
N GLY J 36 -19.25 -6.54 28.24
CA GLY J 36 -20.25 -5.56 27.80
C GLY J 36 -21.06 -6.05 26.60
N SER J 37 -20.43 -6.83 25.71
CA SER J 37 -21.06 -7.42 24.51
C SER J 37 -22.10 -8.46 24.94
N LEU J 38 -21.79 -9.30 25.94
CA LEU J 38 -22.72 -10.34 26.43
C LEU J 38 -23.93 -9.66 27.08
N ILE J 39 -23.71 -8.59 27.86
CA ILE J 39 -24.79 -7.83 28.54
C ILE J 39 -25.72 -7.25 27.47
N ALA J 40 -25.16 -6.69 26.41
CA ALA J 40 -25.93 -6.05 25.30
C ALA J 40 -26.82 -7.09 24.61
N SER J 41 -26.30 -8.30 24.35
CA SER J 41 -27.03 -9.36 23.61
C SER J 41 -28.08 -9.99 24.54
N ILE J 42 -27.83 -10.10 25.85
CA ILE J 42 -28.83 -10.62 26.83
C ILE J 42 -29.94 -9.58 27.02
N ALA J 43 -29.58 -8.31 27.18
CA ALA J 43 -30.53 -7.20 27.40
C ALA J 43 -31.36 -6.97 26.12
N SER J 44 -30.71 -7.08 24.97
CA SER J 44 -31.24 -6.80 23.60
C SER J 44 -32.24 -5.64 23.63
N LEU J 45 -31.76 -4.43 23.88
CA LEU J 45 -32.59 -3.20 23.89
C LEU J 45 -33.02 -2.88 22.46
N LYS J 46 -34.23 -2.34 22.29
CA LYS J 46 -34.80 -1.96 20.97
C LYS J 46 -33.91 -0.88 20.34
N HIS J 47 -33.37 0.05 21.13
CA HIS J 47 -32.62 1.26 20.67
C HIS J 47 -31.09 1.08 20.81
N GLY J 48 -30.63 0.06 21.55
CA GLY J 48 -29.20 -0.32 21.62
C GLY J 48 -28.31 0.81 22.08
N GLY J 49 -28.70 1.49 23.16
CA GLY J 49 -27.84 2.44 23.91
C GLY J 49 -27.38 1.80 25.20
N CYS J 50 -26.99 0.53 25.13
CA CYS J 50 -26.66 -0.34 26.29
C CYS J 50 -25.46 0.22 27.06
N ASN J 51 -24.45 0.75 26.35
CA ASN J 51 -23.20 1.27 26.96
C ASN J 51 -23.51 2.52 27.79
N LYS J 52 -24.38 3.41 27.31
CA LYS J 52 -24.85 4.63 28.03
C LYS J 52 -25.48 4.18 29.35
N VAL J 53 -26.40 3.20 29.29
CA VAL J 53 -27.14 2.67 30.47
C VAL J 53 -26.16 2.06 31.48
N LEU J 54 -25.12 1.35 31.01
CA LEU J 54 -24.11 0.71 31.90
C LEU J 54 -23.33 1.81 32.66
N ARG J 55 -22.85 2.83 31.96
CA ARG J 55 -22.13 3.99 32.57
C ARG J 55 -23.01 4.60 33.67
N GLU J 56 -24.32 4.74 33.41
CA GLU J 56 -25.32 5.33 34.35
C GLU J 56 -25.49 4.41 35.58
N LEU J 57 -25.43 3.09 35.40
CA LEU J 57 -25.57 2.10 36.49
C LEU J 57 -24.30 2.10 37.36
N VAL J 58 -23.13 2.33 36.74
CA VAL J 58 -21.84 2.53 37.49
C VAL J 58 -21.97 3.78 38.36
N LYS J 59 -22.42 4.90 37.77
CA LYS J 59 -22.58 6.22 38.44
C LYS J 59 -23.47 6.06 39.69
N HIS J 60 -24.50 5.21 39.63
CA HIS J 60 -25.45 4.98 40.76
C HIS J 60 -24.99 3.79 41.63
N LYS J 61 -23.82 3.21 41.36
CA LYS J 61 -23.14 2.25 42.27
C LYS J 61 -23.86 0.88 42.27
N LEU J 62 -24.63 0.58 41.23
CA LEU J 62 -25.45 -0.66 41.14
C LEU J 62 -24.63 -1.76 40.47
N ILE J 63 -23.66 -1.39 39.63
CA ILE J 63 -22.66 -2.33 39.05
C ILE J 63 -21.29 -1.68 39.16
N ALA J 64 -20.23 -2.47 39.00
CA ALA J 64 -18.83 -2.00 39.04
C ALA J 64 -18.10 -2.53 37.81
N TRP J 65 -17.20 -1.72 37.25
CA TRP J 65 -16.32 -2.08 36.12
C TRP J 65 -15.03 -2.70 36.68
N GLU J 66 -14.51 -3.75 36.06
CA GLU J 66 -13.22 -4.39 36.43
C GLU J 66 -12.49 -4.86 35.17
N ARG J 67 -11.16 -4.73 35.14
CA ARG J 67 -10.26 -5.31 34.09
C ARG J 67 -9.16 -6.14 34.76
N THR J 68 -9.10 -7.45 34.48
CA THR J 68 -8.05 -8.40 34.96
C THR J 68 -7.06 -8.62 33.81
N LYS J 69 -6.20 -9.64 33.91
CA LYS J 69 -5.33 -10.10 32.79
C LYS J 69 -6.18 -11.00 31.89
N THR J 70 -6.74 -10.47 30.80
CA THR J 70 -7.43 -11.23 29.71
C THR J 70 -8.94 -11.42 30.00
N VAL J 71 -9.55 -10.65 30.92
CA VAL J 71 -11.02 -10.39 30.95
C VAL J 71 -11.29 -8.97 31.43
N GLN J 72 -12.29 -8.29 30.87
CA GLN J 72 -12.74 -6.94 31.33
C GLN J 72 -14.23 -6.73 31.03
N GLY J 73 -14.99 -6.26 32.03
CA GLY J 73 -16.45 -6.05 31.95
C GLY J 73 -17.03 -5.59 33.29
N TYR J 74 -18.22 -6.09 33.64
CA TYR J 74 -19.07 -5.56 34.75
C TYR J 74 -19.51 -6.68 35.68
N ARG J 75 -19.81 -6.32 36.92
CA ARG J 75 -20.40 -7.22 37.94
C ARG J 75 -21.39 -6.42 38.79
N LEU J 76 -22.41 -7.11 39.29
CA LEU J 76 -23.40 -6.58 40.26
C LEU J 76 -22.65 -6.20 41.54
N THR J 77 -23.00 -5.07 42.16
CA THR J 77 -22.56 -4.69 43.52
C THR J 77 -23.61 -5.18 44.52
N ASN J 78 -23.31 -5.10 45.81
CA ASN J 78 -24.30 -5.41 46.88
C ASN J 78 -25.52 -4.48 46.67
N ALA J 79 -25.27 -3.20 46.38
CA ALA J 79 -26.35 -2.21 46.18
C ALA J 79 -27.22 -2.62 44.98
N GLY J 80 -26.60 -3.15 43.92
CA GLY J 80 -27.29 -3.63 42.70
C GLY J 80 -28.21 -4.79 42.98
N TYR J 81 -27.70 -5.81 43.69
CA TYR J 81 -28.47 -7.01 44.08
C TYR J 81 -29.61 -6.58 44.99
N ASP J 82 -29.32 -5.77 46.01
CA ASP J 82 -30.35 -5.18 46.92
C ASP J 82 -31.46 -4.54 46.09
N TYR J 83 -31.09 -3.72 45.10
CA TYR J 83 -32.05 -2.95 44.28
C TYR J 83 -32.92 -3.91 43.47
N LEU J 84 -32.34 -4.92 42.82
CA LEU J 84 -33.10 -5.92 42.02
C LEU J 84 -34.17 -6.56 42.91
N ALA J 85 -33.80 -7.01 44.11
CA ALA J 85 -34.71 -7.68 45.07
C ALA J 85 -35.83 -6.72 45.47
N LEU J 86 -35.46 -5.52 45.87
CA LEU J 86 -36.42 -4.52 46.43
C LEU J 86 -37.33 -3.98 45.32
N LYS J 87 -36.82 -3.77 44.11
CA LYS J 87 -37.63 -3.30 42.95
C LYS J 87 -38.64 -4.40 42.59
N THR J 88 -38.23 -5.68 42.61
CA THR J 88 -39.14 -6.83 42.34
C THR J 88 -40.25 -6.83 43.39
N LEU J 89 -39.90 -6.72 44.68
CA LEU J 89 -40.89 -6.69 45.79
C LEU J 89 -41.77 -5.45 45.65
N SER J 90 -41.23 -4.34 45.14
CA SER J 90 -41.97 -3.08 44.93
C SER J 90 -43.06 -3.29 43.88
N SER J 91 -42.76 -4.01 42.79
CA SER J 91 -43.74 -4.26 41.70
C SER J 91 -44.86 -5.19 42.21
N ARG J 92 -44.65 -5.94 43.30
CA ARG J 92 -45.72 -6.80 43.91
C ARG J 92 -46.42 -6.05 45.04
N GLN J 93 -46.15 -4.74 45.22
CA GLN J 93 -46.76 -3.84 46.25
C GLN J 93 -46.41 -4.29 47.67
N VAL J 94 -45.29 -4.98 47.86
CA VAL J 94 -44.83 -5.46 49.19
C VAL J 94 -43.99 -4.37 49.86
N VAL J 95 -43.13 -3.70 49.10
CA VAL J 95 -42.19 -2.66 49.63
C VAL J 95 -42.27 -1.42 48.73
N GLU J 96 -42.40 -0.23 49.29
CA GLU J 96 -42.30 1.04 48.54
C GLU J 96 -41.06 1.81 49.02
N SER J 97 -40.74 1.75 50.31
CA SER J 97 -39.73 2.60 50.98
C SER J 97 -38.85 1.77 51.93
N VAL J 98 -37.58 2.16 52.05
CA VAL J 98 -36.55 1.45 52.88
C VAL J 98 -35.98 2.43 53.92
N GLY J 99 -35.94 1.99 55.17
CA GLY J 99 -35.32 2.73 56.28
C GLY J 99 -33.89 2.27 56.51
N ASN J 100 -33.32 2.69 57.63
CA ASN J 100 -31.93 2.36 58.02
C ASN J 100 -31.90 0.97 58.64
N GLN J 101 -30.73 0.33 58.56
CA GLN J 101 -30.45 -0.94 59.25
C GLN J 101 -30.75 -0.72 60.74
N MET J 102 -31.45 -1.65 61.37
CA MET J 102 -31.74 -1.56 62.81
C MET J 102 -31.56 -2.93 63.50
N GLY J 103 -30.84 -3.86 62.87
CA GLY J 103 -30.41 -5.11 63.51
C GLY J 103 -29.60 -6.00 62.56
N VAL J 104 -29.13 -7.14 63.06
CA VAL J 104 -28.41 -8.19 62.28
C VAL J 104 -28.93 -9.56 62.71
N GLY J 105 -28.99 -10.51 61.78
CA GLY J 105 -29.01 -11.94 62.09
C GLY J 105 -27.59 -12.46 62.05
N LYS J 106 -27.38 -13.76 62.16
CA LYS J 106 -26.04 -14.39 62.05
C LYS J 106 -25.43 -14.04 60.69
N GLU J 107 -26.21 -14.00 59.61
CA GLU J 107 -25.71 -13.87 58.21
C GLU J 107 -26.63 -12.94 57.42
N SER J 108 -27.27 -11.98 58.08
CA SER J 108 -28.28 -11.10 57.44
C SER J 108 -28.28 -9.71 58.09
N ASP J 109 -28.68 -8.71 57.33
CA ASP J 109 -28.89 -7.32 57.79
C ASP J 109 -30.40 -7.09 57.85
N ILE J 110 -30.87 -6.42 58.90
CA ILE J 110 -32.31 -6.21 59.17
C ILE J 110 -32.60 -4.72 59.03
N TYR J 111 -33.61 -4.39 58.23
CA TYR J 111 -34.04 -2.99 57.95
C TYR J 111 -35.55 -2.89 58.20
N ILE J 112 -36.01 -1.70 58.51
CA ILE J 112 -37.46 -1.39 58.46
C ILE J 112 -37.77 -0.91 57.04
N VAL J 113 -38.88 -1.41 56.48
CA VAL J 113 -39.44 -0.98 55.17
C VAL J 113 -40.90 -0.61 55.37
N ALA J 114 -41.50 0.07 54.40
CA ALA J 114 -42.94 0.43 54.42
C ALA J 114 -43.54 0.17 53.04
N ASN J 115 -44.82 -0.21 53.00
CA ASN J 115 -45.61 -0.33 51.74
C ASN J 115 -46.13 1.06 51.38
N GLU J 116 -46.94 1.17 50.33
CA GLU J 116 -47.44 2.46 49.79
C GLU J 116 -48.32 3.16 50.84
N GLU J 117 -49.02 2.40 51.68
CA GLU J 117 -49.94 2.94 52.72
C GLU J 117 -49.18 3.39 53.98
N GLY J 118 -47.87 3.12 54.05
CA GLY J 118 -47.01 3.56 55.17
C GLY J 118 -46.99 2.58 56.34
N GLN J 119 -47.55 1.38 56.18
CA GLN J 119 -47.43 0.26 57.17
C GLN J 119 -45.99 -0.24 57.17
N GLN J 120 -45.40 -0.40 58.35
CA GLN J 120 -43.98 -0.80 58.52
C GLN J 120 -43.89 -2.32 58.57
N PHE J 121 -42.83 -2.87 58.00
CA PHE J 121 -42.50 -4.31 58.02
C PHE J 121 -41.00 -4.46 58.26
N ALA J 122 -40.54 -5.67 58.56
CA ALA J 122 -39.11 -5.99 58.69
C ALA J 122 -38.62 -6.57 57.36
N LEU J 123 -37.44 -6.15 56.93
CA LEU J 123 -36.72 -6.68 55.75
C LEU J 123 -35.44 -7.32 56.26
N LYS J 124 -35.17 -8.56 55.85
CA LYS J 124 -33.86 -9.22 56.06
C LYS J 124 -33.22 -9.40 54.69
N LEU J 125 -32.01 -8.86 54.53
CA LEU J 125 -31.14 -9.06 53.35
C LEU J 125 -30.04 -10.04 53.76
N HIS J 126 -30.02 -11.22 53.15
CA HIS J 126 -29.07 -12.31 53.44
C HIS J 126 -27.75 -12.01 52.73
N ARG J 127 -26.64 -12.15 53.46
CA ARG J 127 -25.28 -11.80 52.99
C ARG J 127 -24.35 -12.98 53.25
N LEU J 128 -24.27 -13.93 52.32
CA LEU J 128 -23.34 -15.08 52.43
C LEU J 128 -22.27 -14.94 51.35
N GLY J 129 -21.26 -15.80 51.38
CA GLY J 129 -20.14 -15.77 50.43
C GLY J 129 -19.31 -14.51 50.60
N ARG J 130 -19.17 -14.02 51.83
CA ARG J 130 -18.36 -12.83 52.15
C ARG J 130 -16.88 -13.19 52.00
N THR J 131 -16.48 -14.41 52.37
CA THR J 131 -15.07 -14.87 52.33
C THR J 131 -14.69 -15.16 50.88
N SER J 132 -13.50 -14.72 50.49
CA SER J 132 -12.91 -14.90 49.15
C SER J 132 -11.86 -16.02 49.24
N PHE J 133 -11.81 -16.91 48.25
CA PHE J 133 -10.89 -18.08 48.22
C PHE J 133 -9.95 -17.90 47.03
N ARG J 134 -8.63 -17.83 47.28
CA ARG J 134 -7.61 -17.58 46.23
C ARG J 134 -6.44 -18.59 46.30
N ASN J 135 -6.50 -19.61 47.15
CA ASN J 135 -5.35 -20.53 47.45
C ASN J 135 -5.47 -21.86 46.69
N LEU J 136 -6.26 -21.92 45.60
CA LEU J 136 -6.65 -23.20 44.94
C LEU J 136 -5.74 -23.51 43.74
N HIS J 147 -16.01 -18.99 40.39
CA HIS J 147 -15.90 -19.45 41.81
C HIS J 147 -16.61 -18.45 42.75
N ASN J 148 -16.21 -17.16 42.75
CA ASN J 148 -16.59 -16.13 43.77
C ASN J 148 -17.86 -15.37 43.34
N VAL J 149 -18.77 -16.04 42.60
CA VAL J 149 -20.18 -15.60 42.32
C VAL J 149 -21.13 -16.39 43.23
N SER J 150 -20.54 -17.13 44.17
CA SER J 150 -21.28 -17.95 45.16
C SER J 150 -22.22 -17.03 45.95
N TRP J 151 -21.87 -15.76 46.14
CA TRP J 151 -22.60 -14.85 47.07
C TRP J 151 -24.02 -14.61 46.57
N LEU J 152 -24.24 -14.54 45.26
CA LEU J 152 -25.60 -14.42 44.66
C LEU J 152 -26.43 -15.64 45.05
N TYR J 153 -25.93 -16.84 44.73
CA TYR J 153 -26.67 -18.12 44.89
C TYR J 153 -26.89 -18.42 46.38
N LEU J 154 -25.84 -18.39 47.19
CA LEU J 154 -25.90 -18.70 48.64
C LEU J 154 -26.88 -17.75 49.34
N SER J 155 -26.86 -16.46 48.99
CA SER J 155 -27.70 -15.44 49.67
C SER J 155 -29.18 -15.69 49.30
N ARG J 156 -29.42 -16.00 48.03
CA ARG J 156 -30.75 -16.38 47.49
C ARG J 156 -31.28 -17.59 48.26
N LEU J 157 -30.41 -18.57 48.47
CA LEU J 157 -30.76 -19.85 49.11
C LEU J 157 -31.07 -19.63 50.60
N SER J 158 -30.29 -18.82 51.33
CA SER J 158 -30.59 -18.48 52.74
C SER J 158 -31.98 -17.87 52.84
N ALA J 159 -32.28 -16.89 51.98
CA ALA J 159 -33.55 -16.15 52.02
C ALA J 159 -34.71 -17.15 51.81
N MET J 160 -34.56 -18.02 50.81
CA MET J 160 -35.57 -19.05 50.47
C MET J 160 -35.81 -19.96 51.68
N LYS J 161 -34.75 -20.44 52.32
CA LYS J 161 -34.81 -21.36 53.48
C LYS J 161 -35.46 -20.63 54.67
N GLU J 162 -35.10 -19.37 54.89
CA GLU J 162 -35.69 -18.58 55.99
C GLU J 162 -37.20 -18.42 55.77
N PHE J 163 -37.61 -18.07 54.55
CA PHE J 163 -39.04 -17.89 54.23
C PHE J 163 -39.79 -19.20 54.49
N ALA J 164 -39.26 -20.33 54.01
CA ALA J 164 -39.87 -21.68 54.12
C ALA J 164 -40.02 -22.07 55.61
N TYR J 165 -38.94 -21.96 56.38
CA TYR J 165 -38.92 -22.30 57.83
C TYR J 165 -39.93 -21.38 58.56
N MET J 166 -39.90 -20.07 58.23
CA MET J 166 -40.73 -19.08 58.93
C MET J 166 -42.20 -19.42 58.68
N LYS J 167 -42.55 -19.78 57.44
CA LYS J 167 -43.92 -20.17 57.06
C LYS J 167 -44.33 -21.43 57.84
N ALA J 168 -43.50 -22.48 57.83
CA ALA J 168 -43.79 -23.77 58.49
C ALA J 168 -44.00 -23.55 59.99
N LEU J 169 -43.10 -22.78 60.62
CA LEU J 169 -43.19 -22.54 62.08
C LEU J 169 -44.43 -21.66 62.38
N TYR J 170 -44.68 -20.63 61.57
CA TYR J 170 -45.82 -19.73 61.78
C TYR J 170 -47.14 -20.52 61.71
N GLU J 171 -47.28 -21.39 60.72
CA GLU J 171 -48.51 -22.20 60.51
C GLU J 171 -48.71 -23.16 61.69
N ARG J 172 -47.62 -23.56 62.38
CA ARG J 172 -47.68 -24.46 63.55
C ARG J 172 -47.72 -23.66 64.85
N LYS J 173 -48.05 -22.37 64.76
CA LYS J 173 -48.39 -21.49 65.92
C LYS J 173 -47.14 -21.22 66.76
N PHE J 174 -45.94 -21.26 66.17
CA PHE J 174 -44.67 -20.85 66.83
C PHE J 174 -44.58 -19.34 66.93
N PRO J 175 -43.88 -18.79 67.95
CA PRO J 175 -43.71 -17.35 68.07
C PRO J 175 -42.58 -16.88 67.13
N VAL J 176 -42.93 -16.71 65.85
CA VAL J 176 -42.05 -16.14 64.78
C VAL J 176 -42.85 -15.07 64.06
N PRO J 177 -42.22 -14.17 63.30
CA PRO J 177 -42.93 -13.17 62.53
C PRO J 177 -43.72 -13.86 61.41
N LYS J 178 -44.89 -13.30 61.05
CA LYS J 178 -45.63 -13.74 59.85
C LYS J 178 -44.78 -13.39 58.62
N PRO J 179 -44.34 -14.37 57.81
CA PRO J 179 -43.57 -14.08 56.62
C PRO J 179 -44.53 -13.56 55.55
N ILE J 180 -44.12 -12.60 54.74
CA ILE J 180 -45.03 -11.93 53.77
C ILE J 180 -44.60 -12.30 52.35
N ASP J 181 -43.33 -12.12 52.01
CA ASP J 181 -42.84 -12.44 50.65
C ASP J 181 -41.32 -12.50 50.69
N TYR J 182 -40.73 -13.03 49.63
CA TYR J 182 -39.25 -13.06 49.45
C TYR J 182 -38.95 -12.95 47.96
N ASN J 183 -37.75 -12.47 47.67
CA ASN J 183 -37.17 -12.46 46.31
C ASN J 183 -35.65 -12.40 46.46
N ARG J 184 -34.95 -13.20 45.67
CA ARG J 184 -33.48 -13.27 45.70
C ARG J 184 -33.06 -13.40 47.18
N HIS J 185 -32.28 -12.47 47.70
CA HIS J 185 -31.68 -12.55 49.07
C HIS J 185 -32.54 -11.80 50.08
N ALA J 186 -33.73 -11.33 49.68
CA ALA J 186 -34.61 -10.46 50.49
C ALA J 186 -35.81 -11.24 51.02
N VAL J 187 -36.08 -11.14 52.32
CA VAL J 187 -37.31 -11.66 52.97
C VAL J 187 -38.01 -10.50 53.65
N VAL J 188 -39.30 -10.32 53.38
CA VAL J 188 -40.14 -9.32 54.09
C VAL J 188 -41.10 -10.06 55.02
N MET J 189 -41.28 -9.54 56.23
CA MET J 189 -42.06 -10.21 57.31
C MET J 189 -42.62 -9.17 58.26
N GLU J 190 -43.64 -9.55 59.03
CA GLU J 190 -44.19 -8.78 60.17
C GLU J 190 -43.04 -8.13 60.95
N LEU J 191 -43.10 -6.83 61.18
CA LEU J 191 -42.21 -6.13 62.15
C LEU J 191 -42.69 -6.47 63.56
N ILE J 192 -41.81 -6.96 64.43
CA ILE J 192 -42.15 -7.21 65.85
C ILE J 192 -41.68 -6.02 66.67
N ASN J 193 -42.62 -5.34 67.31
CA ASN J 193 -42.39 -4.16 68.15
C ASN J 193 -41.90 -4.65 69.51
N GLY J 194 -40.66 -4.34 69.85
CA GLY J 194 -40.03 -4.74 71.11
C GLY J 194 -38.53 -4.63 71.01
N TYR J 195 -37.82 -5.21 71.96
CA TYR J 195 -36.36 -5.10 72.11
C TYR J 195 -35.79 -6.50 72.06
N PRO J 196 -34.63 -6.72 71.42
CA PRO J 196 -33.90 -7.96 71.59
C PRO J 196 -33.62 -8.09 73.09
N LEU J 197 -33.72 -9.32 73.60
CA LEU J 197 -33.52 -9.68 75.03
C LEU J 197 -32.20 -9.09 75.51
N CYS J 198 -31.18 -9.06 74.64
CA CYS J 198 -29.82 -8.58 74.98
C CYS J 198 -29.86 -7.12 75.44
N GLN J 199 -30.84 -6.32 75.02
CA GLN J 199 -30.90 -4.91 75.51
C GLN J 199 -32.09 -4.71 76.46
N ILE J 200 -32.57 -5.76 77.14
CA ILE J 200 -33.57 -5.65 78.25
C ILE J 200 -32.82 -5.64 79.58
N HIS J 201 -33.09 -4.66 80.44
CA HIS J 201 -32.33 -4.45 81.70
C HIS J 201 -33.06 -5.07 82.90
N HIS J 202 -34.40 -4.96 82.93
CA HIS J 202 -35.28 -5.49 83.98
C HIS J 202 -36.53 -6.08 83.32
N VAL J 203 -37.10 -7.08 83.99
CA VAL J 203 -38.44 -7.67 83.69
C VAL J 203 -39.16 -7.84 85.03
N GLU J 204 -40.48 -7.68 85.07
CA GLU J 204 -41.29 -7.86 86.31
C GLU J 204 -41.11 -9.30 86.82
N ASP J 205 -41.15 -10.27 85.92
CA ASP J 205 -41.15 -11.72 86.26
C ASP J 205 -40.16 -12.47 85.37
N PRO J 206 -38.87 -12.54 85.73
CA PRO J 206 -37.89 -13.31 84.95
C PRO J 206 -38.23 -14.79 84.76
N ALA J 207 -38.71 -15.47 85.81
CA ALA J 207 -39.12 -16.91 85.76
C ALA J 207 -40.03 -17.15 84.54
N SER J 208 -40.95 -16.24 84.30
CA SER J 208 -41.98 -16.35 83.24
C SER J 208 -41.34 -16.27 81.86
N VAL J 209 -40.39 -15.37 81.65
CA VAL J 209 -39.69 -15.18 80.34
C VAL J 209 -38.76 -16.37 80.11
N TYR J 210 -38.05 -16.80 81.16
CA TYR J 210 -37.20 -18.04 81.17
C TYR J 210 -38.05 -19.24 80.73
N ASP J 211 -39.24 -19.39 81.30
CA ASP J 211 -40.16 -20.52 81.00
C ASP J 211 -40.56 -20.45 79.52
N GLU J 212 -40.93 -19.28 78.98
CA GLU J 212 -41.29 -19.15 77.54
C GLU J 212 -40.12 -19.62 76.67
N ALA J 213 -38.90 -19.19 76.99
CA ALA J 213 -37.68 -19.54 76.24
C ALA J 213 -37.48 -21.05 76.26
N MET J 214 -37.57 -21.67 77.44
CA MET J 214 -37.34 -23.13 77.61
C MET J 214 -38.46 -23.91 76.92
N GLU J 215 -39.72 -23.46 77.01
CA GLU J 215 -40.88 -24.13 76.35
C GLU J 215 -40.71 -24.02 74.82
N LEU J 216 -40.09 -22.95 74.32
CA LEU J 216 -39.85 -22.78 72.86
C LEU J 216 -38.81 -23.81 72.41
N ILE J 217 -37.74 -24.02 73.16
CA ILE J 217 -36.71 -25.05 72.84
C ILE J 217 -37.40 -26.44 72.78
N VAL J 218 -38.27 -26.73 73.74
CA VAL J 218 -38.99 -28.03 73.86
C VAL J 218 -39.93 -28.20 72.67
N LYS J 219 -40.70 -27.17 72.35
CA LYS J 219 -41.71 -27.22 71.25
C LYS J 219 -40.98 -27.43 69.91
N LEU J 220 -39.84 -26.74 69.71
CA LEU J 220 -39.01 -26.94 68.50
C LEU J 220 -38.60 -28.41 68.42
N ALA J 221 -38.03 -28.94 69.50
CA ALA J 221 -37.50 -30.33 69.55
C ALA J 221 -38.65 -31.31 69.33
N ASN J 222 -39.83 -31.05 69.89
CA ASN J 222 -41.03 -31.91 69.72
C ASN J 222 -41.45 -31.93 68.24
N HIS J 223 -41.06 -30.91 67.47
CA HIS J 223 -41.37 -30.83 66.01
C HIS J 223 -40.18 -31.31 65.17
N GLY J 224 -39.09 -31.74 65.81
CA GLY J 224 -37.90 -32.32 65.15
C GLY J 224 -36.75 -31.34 64.98
N LEU J 225 -36.83 -30.14 65.58
CA LEU J 225 -35.86 -29.03 65.33
C LEU J 225 -35.11 -28.62 66.61
N ILE J 226 -33.82 -28.37 66.47
CA ILE J 226 -32.99 -27.64 67.46
C ILE J 226 -32.51 -26.35 66.80
N HIS J 227 -32.73 -25.20 67.45
CA HIS J 227 -32.42 -23.86 66.88
C HIS J 227 -30.94 -23.80 66.49
N GLY J 228 -30.03 -24.09 67.41
CA GLY J 228 -28.57 -24.14 67.16
C GLY J 228 -27.84 -22.84 67.48
N ASP J 229 -28.55 -21.72 67.50
CA ASP J 229 -28.01 -20.36 67.81
C ASP J 229 -28.96 -19.61 68.75
N PHE J 230 -29.68 -20.32 69.62
CA PHE J 230 -30.75 -19.76 70.48
C PHE J 230 -30.13 -18.80 71.49
N ASN J 231 -30.39 -17.50 71.39
CA ASN J 231 -29.70 -16.51 72.27
C ASN J 231 -30.47 -15.20 72.38
N GLU J 232 -29.92 -14.29 73.18
CA GLU J 232 -30.51 -12.98 73.53
C GLU J 232 -30.45 -12.00 72.33
N PHE J 233 -29.80 -12.37 71.22
CA PHE J 233 -29.70 -11.51 70.00
C PHE J 233 -30.79 -11.89 68.98
N ASN J 234 -31.40 -13.08 69.11
CA ASN J 234 -32.37 -13.71 68.18
C ASN J 234 -33.81 -13.63 68.72
N LEU J 235 -33.95 -13.30 69.99
CA LEU J 235 -35.26 -13.32 70.69
C LEU J 235 -35.66 -11.89 70.99
N ILE J 236 -36.82 -11.47 70.49
CA ILE J 236 -37.38 -10.13 70.77
C ILE J 236 -38.49 -10.24 71.80
N LEU J 237 -38.43 -9.40 72.82
CA LEU J 237 -39.44 -9.28 73.90
C LEU J 237 -40.36 -8.12 73.54
N ASP J 238 -41.66 -8.37 73.42
CA ASP J 238 -42.67 -7.35 73.02
C ASP J 238 -43.20 -6.66 74.29
N GLU J 239 -44.14 -5.72 74.10
CA GLU J 239 -44.70 -4.84 75.17
C GLU J 239 -45.32 -5.67 76.30
N SER J 240 -45.79 -6.90 76.04
CA SER J 240 -46.41 -7.79 77.06
C SER J 240 -45.49 -8.97 77.41
N ASP J 241 -44.17 -8.79 77.28
CA ASP J 241 -43.12 -9.72 77.79
C ASP J 241 -43.21 -11.12 77.15
N HIS J 242 -43.74 -11.24 75.92
CA HIS J 242 -43.71 -12.50 75.13
C HIS J 242 -42.52 -12.44 74.17
N ILE J 243 -41.87 -13.59 73.93
CA ILE J 243 -40.65 -13.65 73.07
C ILE J 243 -41.04 -14.10 71.66
N THR J 244 -40.42 -13.52 70.64
CA THR J 244 -40.52 -13.89 69.21
C THR J 244 -39.11 -14.20 68.70
N MET J 245 -38.96 -15.31 68.00
CA MET J 245 -37.71 -15.75 67.34
C MET J 245 -37.61 -15.06 65.96
N ILE J 246 -36.50 -14.38 65.63
CA ILE J 246 -36.39 -13.58 64.38
C ILE J 246 -35.20 -14.02 63.51
N ASP J 247 -34.48 -15.08 63.86
CA ASP J 247 -33.32 -15.58 63.08
C ASP J 247 -33.05 -17.04 63.46
N PHE J 248 -33.03 -17.94 62.49
CA PHE J 248 -32.83 -19.41 62.68
C PHE J 248 -32.15 -19.97 61.43
N PRO J 249 -30.90 -19.56 61.17
CA PRO J 249 -30.23 -19.95 59.92
C PRO J 249 -29.66 -21.37 59.86
N GLN J 250 -29.28 -21.98 60.98
CA GLN J 250 -28.56 -23.29 60.96
C GLN J 250 -29.21 -24.29 61.91
N MET J 251 -30.53 -24.47 61.80
CA MET J 251 -31.29 -25.43 62.66
C MET J 251 -30.80 -26.86 62.40
N VAL J 252 -30.83 -27.68 63.45
CA VAL J 252 -30.32 -29.08 63.48
C VAL J 252 -31.51 -30.01 63.65
N SER J 253 -31.49 -31.19 63.03
CA SER J 253 -32.51 -32.26 63.23
C SER J 253 -32.28 -32.89 64.62
N THR J 254 -33.33 -33.21 65.37
CA THR J 254 -33.25 -34.01 66.63
C THR J 254 -32.72 -35.41 66.33
N SER J 255 -32.67 -35.82 65.06
CA SER J 255 -32.09 -37.13 64.61
C SER J 255 -30.58 -37.05 64.40
N HIS J 256 -29.98 -35.87 64.44
CA HIS J 256 -28.52 -35.69 64.30
C HIS J 256 -27.84 -36.56 65.35
N PRO J 257 -26.74 -37.27 65.02
CA PRO J 257 -26.03 -38.08 66.02
C PRO J 257 -25.62 -37.31 67.28
N ASN J 258 -25.39 -36.00 67.17
CA ASN J 258 -24.96 -35.15 68.32
C ASN J 258 -26.08 -34.19 68.69
N ALA J 259 -27.33 -34.52 68.34
CA ALA J 259 -28.52 -33.68 68.60
C ALA J 259 -28.53 -33.23 70.08
N GLU J 260 -28.29 -34.16 71.00
CA GLU J 260 -28.40 -33.89 72.45
C GLU J 260 -27.44 -32.75 72.83
N TRP J 261 -26.22 -32.74 72.27
CA TRP J 261 -25.23 -31.67 72.57
C TRP J 261 -25.77 -30.33 72.10
N TYR J 262 -26.37 -30.25 70.91
CA TYR J 262 -26.90 -28.98 70.34
C TYR J 262 -28.07 -28.50 71.19
N PHE J 263 -28.94 -29.42 71.61
CA PHE J 263 -30.11 -29.12 72.46
C PHE J 263 -29.62 -28.53 73.79
N ASP J 264 -28.67 -29.21 74.44
CA ASP J 264 -28.11 -28.78 75.74
C ASP J 264 -27.44 -27.41 75.59
N ARG J 265 -26.75 -27.16 74.47
CA ARG J 265 -26.01 -25.89 74.24
C ARG J 265 -27.02 -24.73 74.21
N ASP J 266 -28.13 -24.89 73.48
CA ASP J 266 -29.20 -23.86 73.42
C ASP J 266 -29.74 -23.62 74.84
N VAL J 267 -29.99 -24.68 75.63
CA VAL J 267 -30.50 -24.57 77.02
C VAL J 267 -29.48 -23.83 77.88
N LYS J 268 -28.19 -24.20 77.82
CA LYS J 268 -27.13 -23.58 78.66
C LYS J 268 -27.00 -22.09 78.32
N CYS J 269 -27.17 -21.72 77.06
CA CYS J 269 -27.02 -20.31 76.59
C CYS J 269 -28.11 -19.44 77.23
N ILE J 270 -29.35 -19.91 77.23
CA ILE J 270 -30.49 -19.23 77.91
C ILE J 270 -30.22 -19.14 79.41
N LYS J 271 -29.82 -20.24 80.05
CA LYS J 271 -29.54 -20.23 81.51
C LYS J 271 -28.48 -19.17 81.81
N ASP J 272 -27.40 -19.15 81.05
CA ASP J 272 -26.23 -18.26 81.28
C ASP J 272 -26.72 -16.81 81.20
N PHE J 273 -27.54 -16.48 80.19
CA PHE J 273 -28.04 -15.10 79.99
C PHE J 273 -28.95 -14.68 81.16
N PHE J 274 -29.87 -15.55 81.56
CA PHE J 274 -30.84 -15.22 82.64
C PHE J 274 -30.13 -15.03 83.98
N MET J 275 -29.04 -15.78 84.21
CA MET J 275 -28.20 -15.62 85.42
C MET J 275 -27.44 -14.27 85.34
N LYS J 276 -26.80 -13.97 84.21
CA LYS J 276 -25.96 -12.76 84.02
C LYS J 276 -26.83 -11.51 84.15
N ARG J 277 -27.97 -11.46 83.45
CA ARG J 277 -28.76 -10.22 83.29
C ARG J 277 -29.78 -10.03 84.43
N PHE J 278 -30.43 -11.10 84.91
CA PHE J 278 -31.56 -10.99 85.86
C PHE J 278 -31.28 -11.70 87.19
N SER J 279 -30.10 -12.32 87.34
CA SER J 279 -29.71 -13.11 88.55
C SER J 279 -30.75 -14.21 88.77
N TYR J 280 -31.32 -14.75 87.69
CA TYR J 280 -32.38 -15.78 87.75
C TYR J 280 -31.81 -17.14 87.34
N GLU J 281 -32.11 -18.14 88.16
CA GLU J 281 -31.63 -19.55 88.08
C GLU J 281 -32.83 -20.45 88.40
N SER J 282 -32.88 -21.65 87.84
CA SER J 282 -34.04 -22.58 87.97
C SER J 282 -33.62 -24.01 87.67
N GLU J 283 -34.41 -24.98 88.14
CA GLU J 283 -34.26 -26.43 87.83
C GLU J 283 -35.28 -26.83 86.76
N LEU J 284 -36.22 -25.94 86.38
CA LEU J 284 -37.24 -26.18 85.32
C LEU J 284 -36.61 -25.91 83.93
N PHE J 285 -35.59 -26.70 83.58
CA PHE J 285 -34.96 -26.67 82.23
C PHE J 285 -35.00 -28.07 81.65
N PRO J 286 -35.26 -28.20 80.34
CA PRO J 286 -35.47 -29.51 79.73
C PRO J 286 -34.15 -30.26 79.54
N THR J 287 -34.24 -31.59 79.51
CA THR J 287 -33.19 -32.51 79.02
C THR J 287 -33.72 -33.15 77.74
N PHE J 288 -32.82 -33.63 76.89
CA PHE J 288 -33.17 -34.25 75.59
C PHE J 288 -34.13 -35.43 75.79
N LYS J 289 -33.99 -36.17 76.91
CA LYS J 289 -34.82 -37.37 77.21
C LYS J 289 -36.30 -37.00 77.34
N ASP J 290 -36.64 -35.74 77.68
CA ASP J 290 -38.02 -35.24 77.84
C ASP J 290 -38.74 -35.15 76.49
N ILE J 291 -38.00 -35.02 75.38
CA ILE J 291 -38.59 -34.70 74.05
C ILE J 291 -39.44 -35.88 73.57
N ARG J 292 -40.68 -35.61 73.16
CA ARG J 292 -41.60 -36.61 72.55
C ARG J 292 -41.99 -36.09 71.16
N ARG J 293 -41.45 -36.73 70.12
CA ARG J 293 -41.62 -36.27 68.72
C ARG J 293 -43.09 -36.35 68.34
N GLU J 294 -43.57 -35.27 67.74
CA GLU J 294 -44.97 -34.91 67.44
C GLU J 294 -45.11 -34.54 65.97
N ASP J 295 -43.99 -34.18 65.31
CA ASP J 295 -43.98 -33.69 63.91
C ASP J 295 -42.61 -34.02 63.27
N THR J 296 -42.48 -33.73 61.98
CA THR J 296 -41.31 -34.09 61.14
C THR J 296 -40.83 -32.86 60.35
N LEU J 297 -40.80 -31.68 60.98
CA LEU J 297 -40.38 -30.39 60.35
C LEU J 297 -38.91 -30.44 59.94
N ASP J 298 -38.11 -31.33 60.51
CA ASP J 298 -36.70 -31.55 60.12
C ASP J 298 -36.63 -32.28 58.78
N VAL J 299 -37.69 -32.98 58.38
CA VAL J 299 -37.69 -33.83 57.15
C VAL J 299 -38.37 -33.07 56.01
N GLU J 300 -39.47 -32.36 56.27
CA GLU J 300 -39.90 -31.24 55.32
C GLU J 300 -38.89 -30.12 55.04
N VAL J 301 -38.11 -29.59 56.01
CA VAL J 301 -37.27 -28.39 55.75
C VAL J 301 -35.78 -28.81 55.75
N SER J 302 -35.44 -30.06 56.07
CA SER J 302 -34.19 -30.52 56.75
C SER J 302 -33.68 -29.52 57.81
#